data_2K4E
#
_entry.id   2K4E
#
_entity_poly.entity_id   1
_entity_poly.type   'polypeptide(L)'
_entity_poly.pdbx_seq_one_letter_code
;GARNSVLRGKKADELERIRLRPGGKKKYRLKHIVWAANKLDRFGLAESLLESKEGCQKILTVLDPMVPTGSENLKSLFNT
VCVIWCIHAEEKVKDTEGAKQIVRRHLVAETGTAEKMPSTSRPTAPSSEKGGNY
;
_entity_poly.pdbx_strand_id   A
#
# COMPACT_ATOMS: atom_id res chain seq x y z
N GLY A 1 0.95 -28.33 3.52
CA GLY A 1 1.07 -27.13 2.71
C GLY A 1 0.08 -27.09 1.57
N ALA A 2 -0.26 -25.88 1.13
CA ALA A 2 -1.21 -25.71 0.04
C ALA A 2 -0.73 -24.66 -0.95
N ARG A 3 0.55 -24.73 -1.31
CA ARG A 3 1.13 -23.77 -2.25
C ARG A 3 0.98 -22.35 -1.73
N ASN A 4 1.47 -21.38 -2.50
CA ASN A 4 1.39 -19.98 -2.12
C ASN A 4 0.44 -19.22 -3.05
N SER A 5 0.34 -17.91 -2.84
CA SER A 5 -0.53 -17.07 -3.64
C SER A 5 -0.16 -15.60 -3.50
N VAL A 6 -0.29 -15.08 -2.29
CA VAL A 6 0.03 -13.68 -2.01
C VAL A 6 1.53 -13.45 -2.05
N LEU A 7 2.28 -14.31 -1.36
CA LEU A 7 3.73 -14.20 -1.32
C LEU A 7 4.39 -15.55 -1.63
N ARG A 8 5.34 -15.53 -2.55
CA ARG A 8 6.05 -16.75 -2.94
C ARG A 8 7.20 -17.03 -1.98
N GLY A 9 8.04 -18.00 -2.35
CA GLY A 9 9.17 -18.35 -1.51
C GLY A 9 10.14 -17.20 -1.32
N LYS A 10 10.44 -16.51 -2.42
CA LYS A 10 11.36 -15.37 -2.37
C LYS A 10 10.71 -14.19 -1.64
N LYS A 11 9.45 -13.93 -1.95
CA LYS A 11 8.74 -12.83 -1.33
C LYS A 11 8.58 -13.05 0.17
N ALA A 12 8.37 -14.30 0.56
CA ALA A 12 8.21 -14.65 1.97
C ALA A 12 9.35 -14.07 2.80
N ASP A 13 10.57 -14.16 2.28
CA ASP A 13 11.75 -13.64 2.98
C ASP A 13 11.57 -12.17 3.32
N GLU A 14 11.23 -11.37 2.32
CA GLU A 14 11.03 -9.94 2.52
C GLU A 14 10.04 -9.67 3.65
N LEU A 15 8.99 -10.48 3.69
CA LEU A 15 7.97 -10.34 4.72
C LEU A 15 8.56 -10.50 6.12
N GLU A 16 9.20 -11.64 6.35
CA GLU A 16 9.83 -11.92 7.64
C GLU A 16 10.93 -10.89 7.94
N ARG A 17 11.39 -10.21 6.91
CA ARG A 17 12.45 -9.21 7.05
C ARG A 17 11.88 -7.91 7.63
N ILE A 18 10.81 -7.43 7.02
CA ILE A 18 10.17 -6.20 7.48
C ILE A 18 9.78 -6.28 8.94
N ARG A 19 10.13 -5.24 9.70
CA ARG A 19 9.82 -5.19 11.12
C ARG A 19 8.46 -4.55 11.36
N LEU A 20 7.69 -5.11 12.29
CA LEU A 20 6.37 -4.59 12.61
C LEU A 20 6.45 -3.15 13.08
N ARG A 21 7.50 -2.84 13.84
CA ARG A 21 7.69 -1.49 14.36
C ARG A 21 9.11 -1.01 14.09
N PRO A 22 9.30 0.32 14.08
CA PRO A 22 10.61 0.93 13.85
C PRO A 22 11.57 0.71 15.01
N GLY A 23 11.03 0.66 16.23
CA GLY A 23 11.86 0.45 17.39
C GLY A 23 11.55 -0.86 18.09
N GLY A 24 10.99 -1.81 17.34
CA GLY A 24 10.66 -3.11 17.91
C GLY A 24 11.62 -4.20 17.46
N LYS A 25 11.32 -5.44 17.84
CA LYS A 25 12.16 -6.56 17.47
C LYS A 25 11.32 -7.68 16.83
N LYS A 26 10.08 -7.36 16.48
CA LYS A 26 9.19 -8.33 15.87
C LYS A 26 8.98 -8.01 14.39
N LYS A 27 8.80 -9.05 13.59
CA LYS A 27 8.59 -8.88 12.15
C LYS A 27 7.20 -9.37 11.75
N TYR A 28 6.80 -9.07 10.52
CA TYR A 28 5.50 -9.47 10.01
C TYR A 28 5.44 -10.98 9.80
N ARG A 29 4.25 -11.55 9.96
CA ARG A 29 4.06 -12.98 9.79
C ARG A 29 2.77 -13.27 9.02
N LEU A 30 2.67 -14.48 8.48
CA LEU A 30 1.49 -14.88 7.73
C LEU A 30 0.21 -14.47 8.44
N LYS A 31 0.18 -14.67 9.76
CA LYS A 31 -0.98 -14.31 10.56
C LYS A 31 -1.45 -12.89 10.24
N HIS A 32 -0.50 -11.97 10.16
CA HIS A 32 -0.80 -10.57 9.86
C HIS A 32 -1.39 -10.44 8.47
N ILE A 33 -1.01 -11.27 7.51
CA ILE A 33 -1.54 -11.18 6.16
C ILE A 33 -3.01 -11.60 6.12
N VAL A 34 -3.37 -12.59 6.92
CA VAL A 34 -4.74 -13.08 6.98
C VAL A 34 -5.69 -11.99 7.48
N TRP A 35 -5.41 -11.48 8.67
CA TRP A 35 -6.23 -10.43 9.27
C TRP A 35 -6.56 -9.35 8.25
N ALA A 36 -5.57 -9.01 7.42
CA ALA A 36 -5.75 -8.00 6.40
C ALA A 36 -6.69 -8.47 5.30
N ALA A 37 -6.36 -9.61 4.70
CA ALA A 37 -7.19 -10.18 3.63
C ALA A 37 -8.64 -10.32 4.08
N ASN A 38 -8.83 -10.67 5.35
CA ASN A 38 -10.17 -10.83 5.89
C ASN A 38 -10.89 -9.49 6.02
N LYS A 39 -10.25 -8.55 6.70
CA LYS A 39 -10.81 -7.22 6.89
C LYS A 39 -11.33 -6.67 5.57
N LEU A 40 -10.65 -7.00 4.48
CA LEU A 40 -11.05 -6.53 3.16
C LEU A 40 -12.40 -7.11 2.75
N ASP A 41 -12.44 -8.41 2.53
CA ASP A 41 -13.67 -9.09 2.14
C ASP A 41 -14.84 -8.61 2.98
N ARG A 42 -14.63 -8.49 4.29
CA ARG A 42 -15.67 -8.04 5.20
C ARG A 42 -16.10 -6.62 4.87
N PHE A 43 -15.16 -5.69 4.92
CA PHE A 43 -15.44 -4.29 4.61
C PHE A 43 -16.14 -4.16 3.26
N GLY A 44 -15.66 -4.90 2.27
CA GLY A 44 -16.23 -4.85 0.94
C GLY A 44 -15.20 -4.99 -0.15
N LEU A 45 -13.93 -4.93 0.23
CA LEU A 45 -12.84 -5.05 -0.73
C LEU A 45 -12.42 -6.51 -0.91
N ALA A 46 -11.84 -6.81 -2.06
CA ALA A 46 -11.40 -8.17 -2.35
C ALA A 46 -10.17 -8.54 -1.54
N GLU A 47 -9.72 -9.79 -1.66
CA GLU A 47 -8.55 -10.25 -0.93
C GLU A 47 -7.43 -10.64 -1.90
N SER A 48 -7.81 -11.08 -3.10
CA SER A 48 -6.85 -11.48 -4.10
C SER A 48 -6.13 -10.27 -4.69
N LEU A 49 -6.59 -9.08 -4.31
CA LEU A 49 -6.00 -7.85 -4.80
C LEU A 49 -4.69 -7.53 -4.07
N LEU A 50 -4.34 -8.40 -3.12
CA LEU A 50 -3.11 -8.21 -2.35
C LEU A 50 -1.93 -8.89 -3.04
N GLU A 51 -2.22 -9.65 -4.10
CA GLU A 51 -1.18 -10.35 -4.85
C GLU A 51 -0.48 -9.41 -5.81
N SER A 52 -1.26 -8.65 -6.58
CA SER A 52 -0.70 -7.71 -7.54
C SER A 52 -0.52 -6.33 -6.90
N LYS A 53 0.57 -5.66 -7.26
CA LYS A 53 0.86 -4.33 -6.74
C LYS A 53 -0.19 -3.33 -7.19
N GLU A 54 -0.68 -3.51 -8.42
CA GLU A 54 -1.70 -2.61 -8.97
C GLU A 54 -2.95 -2.61 -8.11
N GLY A 55 -3.48 -3.79 -7.83
CA GLY A 55 -4.68 -3.90 -7.02
C GLY A 55 -4.52 -3.23 -5.67
N CYS A 56 -3.32 -3.33 -5.10
CA CYS A 56 -3.05 -2.74 -3.79
C CYS A 56 -3.18 -1.22 -3.85
N GLN A 57 -2.90 -0.65 -5.02
CA GLN A 57 -2.99 0.80 -5.21
C GLN A 57 -4.42 1.29 -5.01
N LYS A 58 -5.38 0.43 -5.35
CA LYS A 58 -6.79 0.78 -5.21
C LYS A 58 -7.23 0.66 -3.76
N ILE A 59 -6.52 -0.14 -2.98
CA ILE A 59 -6.84 -0.35 -1.58
C ILE A 59 -6.20 0.74 -0.71
N LEU A 60 -5.04 1.22 -1.13
CA LEU A 60 -4.32 2.26 -0.40
C LEU A 60 -4.92 3.63 -0.69
N THR A 61 -5.43 3.82 -1.90
CA THR A 61 -6.03 5.08 -2.30
C THR A 61 -7.31 5.36 -1.52
N VAL A 62 -8.06 4.30 -1.23
CA VAL A 62 -9.31 4.42 -0.49
C VAL A 62 -9.05 4.62 0.99
N LEU A 63 -8.18 3.79 1.56
CA LEU A 63 -7.83 3.87 2.97
C LEU A 63 -6.98 5.10 3.25
N ASP A 64 -6.36 5.64 2.20
CA ASP A 64 -5.51 6.83 2.33
C ASP A 64 -6.27 7.96 3.02
N PRO A 65 -7.33 8.44 2.36
CA PRO A 65 -8.16 9.53 2.89
C PRO A 65 -8.98 9.11 4.11
N MET A 66 -8.96 7.82 4.39
CA MET A 66 -9.71 7.28 5.52
C MET A 66 -8.81 7.16 6.76
N VAL A 67 -7.51 7.14 6.53
CA VAL A 67 -6.54 7.03 7.62
C VAL A 67 -6.87 8.01 8.75
N PRO A 68 -6.92 9.31 8.40
CA PRO A 68 -7.22 10.37 9.37
C PRO A 68 -8.67 10.34 9.82
N THR A 69 -9.58 10.05 8.89
CA THR A 69 -11.00 9.99 9.19
C THR A 69 -11.48 8.55 9.30
N GLY A 70 -10.69 7.72 9.97
CA GLY A 70 -11.06 6.31 10.13
C GLY A 70 -10.61 5.75 11.47
N SER A 71 -11.47 4.94 12.08
CA SER A 71 -11.15 4.33 13.37
C SER A 71 -9.83 3.58 13.31
N GLU A 72 -9.33 3.19 14.48
CA GLU A 72 -8.07 2.46 14.57
C GLU A 72 -8.13 1.17 13.74
N ASN A 73 -9.30 0.52 13.77
CA ASN A 73 -9.49 -0.72 13.03
C ASN A 73 -9.19 -0.53 11.55
N LEU A 74 -9.30 0.71 11.08
CA LEU A 74 -9.04 1.03 9.69
C LEU A 74 -7.57 1.43 9.48
N LYS A 75 -6.93 1.86 10.56
CA LYS A 75 -5.53 2.27 10.49
C LYS A 75 -4.62 1.06 10.36
N SER A 76 -4.95 -0.01 11.09
CA SER A 76 -4.16 -1.24 11.05
C SER A 76 -4.27 -1.90 9.69
N LEU A 77 -5.44 -1.82 9.07
CA LEU A 77 -5.66 -2.42 7.76
C LEU A 77 -4.93 -1.65 6.68
N PHE A 78 -4.62 -0.39 6.95
CA PHE A 78 -3.93 0.47 6.00
C PHE A 78 -2.42 0.25 6.09
N ASN A 79 -1.89 0.31 7.31
CA ASN A 79 -0.45 0.13 7.52
C ASN A 79 0.02 -1.21 6.97
N THR A 80 -0.89 -2.19 6.96
CA THR A 80 -0.57 -3.52 6.46
C THR A 80 -0.46 -3.51 4.93
N VAL A 81 -1.43 -2.88 4.27
CA VAL A 81 -1.43 -2.82 2.81
C VAL A 81 -0.19 -2.11 2.30
N CYS A 82 0.19 -1.03 2.97
CA CYS A 82 1.36 -0.26 2.56
C CYS A 82 2.60 -1.15 2.47
N VAL A 83 2.68 -2.12 3.37
CA VAL A 83 3.81 -3.05 3.40
C VAL A 83 3.70 -4.07 2.27
N ILE A 84 2.50 -4.59 2.07
CA ILE A 84 2.25 -5.58 1.03
C ILE A 84 2.60 -5.02 -0.35
N TRP A 85 2.17 -3.79 -0.61
CA TRP A 85 2.44 -3.14 -1.89
C TRP A 85 3.94 -2.93 -2.09
N CYS A 86 4.62 -2.55 -1.02
CA CYS A 86 6.05 -2.31 -1.07
C CYS A 86 6.81 -3.58 -1.46
N ILE A 87 6.42 -4.70 -0.85
CA ILE A 87 7.06 -5.98 -1.13
C ILE A 87 6.93 -6.34 -2.60
N HIS A 88 5.76 -6.06 -3.18
CA HIS A 88 5.51 -6.35 -4.59
C HIS A 88 6.18 -5.31 -5.49
N ALA A 89 6.15 -4.03 -5.14
CA ALA A 89 6.76 -3.00 -5.97
C ALA A 89 8.28 -3.12 -5.94
N GLU A 90 8.79 -4.05 -5.12
CA GLU A 90 10.22 -4.25 -4.99
C GLU A 90 10.89 -3.07 -4.31
N GLU A 91 10.27 -2.60 -3.22
CA GLU A 91 10.80 -1.47 -2.47
C GLU A 91 11.33 -1.92 -1.11
N LYS A 92 12.61 -1.66 -0.86
CA LYS A 92 13.24 -2.04 0.40
C LYS A 92 12.75 -1.14 1.53
N VAL A 93 12.22 -1.75 2.58
CA VAL A 93 11.72 -1.02 3.74
C VAL A 93 12.19 -1.65 5.05
N LYS A 94 12.68 -0.82 5.96
CA LYS A 94 13.16 -1.30 7.25
C LYS A 94 12.00 -1.62 8.17
N ASP A 95 11.01 -0.72 8.21
CA ASP A 95 9.84 -0.92 9.06
C ASP A 95 8.60 -0.33 8.40
N THR A 96 7.48 -0.38 9.11
CA THR A 96 6.22 0.14 8.60
C THR A 96 6.34 1.62 8.27
N GLU A 97 6.84 2.40 9.22
CA GLU A 97 7.00 3.84 9.03
C GLU A 97 7.73 4.13 7.71
N GLY A 98 8.68 3.27 7.36
CA GLY A 98 9.42 3.47 6.13
C GLY A 98 8.63 3.03 4.91
N ALA A 99 7.81 2.00 5.06
CA ALA A 99 7.00 1.51 3.96
C ALA A 99 5.95 2.53 3.55
N LYS A 100 5.41 3.25 4.52
CA LYS A 100 4.39 4.26 4.27
C LYS A 100 4.99 5.46 3.54
N GLN A 101 6.10 5.97 4.06
CA GLN A 101 6.77 7.11 3.45
C GLN A 101 7.02 6.87 1.96
N ILE A 102 7.45 5.67 1.62
CA ILE A 102 7.72 5.31 0.24
C ILE A 102 6.43 5.29 -0.59
N VAL A 103 5.36 4.76 0.00
CA VAL A 103 4.08 4.68 -0.68
C VAL A 103 3.53 6.09 -0.97
N ARG A 104 3.29 6.84 0.09
CA ARG A 104 2.76 8.20 -0.05
C ARG A 104 3.61 9.02 -1.01
N ARG A 105 4.93 8.83 -0.93
CA ARG A 105 5.85 9.56 -1.80
C ARG A 105 5.44 9.43 -3.26
N HIS A 106 5.08 8.21 -3.66
CA HIS A 106 4.66 7.96 -5.04
C HIS A 106 3.34 8.64 -5.34
N LEU A 107 2.48 8.89 -4.36
CA LEU A 107 1.20 9.54 -4.61
C LEU A 107 1.36 11.07 -4.64
N VAL A 108 2.02 11.60 -3.62
CA VAL A 108 2.25 13.04 -3.54
C VAL A 108 2.91 13.57 -4.81
N ALA A 109 3.89 12.83 -5.32
CA ALA A 109 4.60 13.22 -6.52
C ALA A 109 3.63 13.51 -7.66
N GLU A 110 2.52 12.78 -7.69
CA GLU A 110 1.51 12.96 -8.73
C GLU A 110 0.48 13.99 -8.31
N THR A 111 0.23 14.08 -7.01
CA THR A 111 -0.74 15.03 -6.48
C THR A 111 -0.29 16.47 -6.73
N GLY A 112 1.02 16.68 -6.77
CA GLY A 112 1.55 18.00 -7.01
C GLY A 112 0.96 18.65 -8.25
N THR A 113 0.73 17.84 -9.27
CA THR A 113 0.17 18.34 -10.53
C THR A 113 -1.33 18.05 -10.61
N ALA A 114 -1.77 17.03 -9.91
CA ALA A 114 -3.18 16.65 -9.89
C ALA A 114 -4.02 17.67 -9.13
N GLU A 115 -3.38 18.37 -8.20
CA GLU A 115 -4.06 19.38 -7.39
C GLU A 115 -3.41 20.75 -7.57
N LYS A 116 -3.00 21.04 -8.79
CA LYS A 116 -2.36 22.32 -9.09
C LYS A 116 -3.27 23.48 -8.73
N MET A 117 -4.58 23.25 -8.79
CA MET A 117 -5.56 24.28 -8.46
C MET A 117 -5.47 25.44 -9.44
N PRO A 118 -6.54 26.23 -9.52
CA PRO A 118 -6.61 27.39 -10.40
C PRO A 118 -5.69 28.53 -9.95
N SER A 119 -5.81 29.68 -10.61
CA SER A 119 -4.99 30.84 -10.27
C SER A 119 -5.37 31.40 -8.90
N THR A 120 -4.77 32.53 -8.55
CA THR A 120 -5.05 33.17 -7.27
C THR A 120 -6.47 33.72 -7.22
N SER A 121 -7.33 33.07 -6.44
CA SER A 121 -8.71 33.49 -6.31
C SER A 121 -9.35 32.91 -5.05
N ARG A 122 -9.85 33.80 -4.19
CA ARG A 122 -10.48 33.38 -2.94
C ARG A 122 -11.84 32.73 -3.21
N PRO A 123 -12.22 31.78 -2.34
CA PRO A 123 -13.50 31.07 -2.46
C PRO A 123 -14.69 31.96 -2.15
N THR A 124 -15.54 32.19 -3.15
CA THR A 124 -16.72 33.02 -2.99
C THR A 124 -17.96 32.18 -2.68
N ALA A 125 -18.07 31.73 -1.44
CA ALA A 125 -19.20 30.92 -1.02
C ALA A 125 -20.52 31.67 -1.21
N PRO A 126 -21.58 30.92 -1.55
CA PRO A 126 -22.90 31.50 -1.77
C PRO A 126 -23.54 31.99 -0.48
N SER A 127 -24.61 32.78 -0.62
CA SER A 127 -25.31 33.32 0.54
C SER A 127 -26.36 32.34 1.05
N SER A 128 -26.33 32.09 2.35
CA SER A 128 -27.27 31.16 2.97
C SER A 128 -27.29 31.34 4.49
N GLU A 129 -28.41 30.97 5.11
CA GLU A 129 -28.55 31.08 6.55
C GLU A 129 -29.87 30.49 7.02
N LYS A 130 -30.01 30.31 8.32
CA LYS A 130 -31.23 29.75 8.90
C LYS A 130 -31.82 30.69 9.94
N GLY A 131 -33.03 30.38 10.41
CA GLY A 131 -33.68 31.20 11.40
C GLY A 131 -34.85 30.50 12.06
N GLY A 132 -35.11 30.85 13.32
CA GLY A 132 -36.20 30.24 14.05
C GLY A 132 -36.49 30.94 15.36
N ASN A 133 -36.97 32.18 15.28
CA ASN A 133 -37.28 32.96 16.47
C ASN A 133 -38.52 33.82 16.25
N TYR A 134 -38.95 34.51 17.30
CA TYR A 134 -40.12 35.38 17.22
C TYR A 134 -39.82 36.64 16.42
N GLY A 1 -3.46 -25.48 -13.82
CA GLY A 1 -2.38 -25.87 -12.94
C GLY A 1 -1.71 -24.66 -12.29
N ALA A 2 -0.44 -24.83 -11.93
CA ALA A 2 0.33 -23.75 -11.31
C ALA A 2 -0.26 -23.39 -9.95
N ARG A 3 0.56 -22.79 -9.09
CA ARG A 3 0.13 -22.39 -7.76
C ARG A 3 0.55 -20.96 -7.46
N ASN A 4 -0.38 -20.03 -7.60
CA ASN A 4 -0.10 -18.62 -7.34
C ASN A 4 -0.64 -18.19 -5.98
N SER A 5 0.20 -17.54 -5.20
CA SER A 5 -0.19 -17.08 -3.86
C SER A 5 0.16 -15.61 -3.67
N VAL A 6 0.04 -15.13 -2.43
CA VAL A 6 0.35 -13.75 -2.12
C VAL A 6 1.84 -13.48 -2.15
N LEU A 7 2.58 -14.23 -1.34
CA LEU A 7 4.03 -14.08 -1.27
C LEU A 7 4.74 -15.38 -1.67
N ARG A 8 5.69 -15.26 -2.57
CA ARG A 8 6.44 -16.42 -3.04
C ARG A 8 7.56 -16.78 -2.07
N GLY A 9 8.42 -17.71 -2.47
CA GLY A 9 9.52 -18.12 -1.61
C GLY A 9 10.47 -16.99 -1.30
N LYS A 10 10.81 -16.21 -2.31
CA LYS A 10 11.72 -15.08 -2.14
C LYS A 10 11.03 -13.95 -1.37
N LYS A 11 9.78 -13.68 -1.71
CA LYS A 11 9.02 -12.64 -1.05
C LYS A 11 8.81 -12.96 0.42
N ALA A 12 8.61 -14.24 0.72
CA ALA A 12 8.40 -14.67 2.10
C ALA A 12 9.49 -14.13 3.02
N ASP A 13 10.73 -14.18 2.55
CA ASP A 13 11.87 -13.69 3.33
C ASP A 13 11.67 -12.23 3.73
N GLU A 14 11.43 -11.38 2.73
CA GLU A 14 11.22 -9.96 2.96
C GLU A 14 10.15 -9.74 4.03
N LEU A 15 9.06 -10.48 3.93
CA LEU A 15 7.96 -10.36 4.87
C LEU A 15 8.45 -10.57 6.30
N GLU A 16 9.08 -11.72 6.54
CA GLU A 16 9.60 -12.05 7.86
C GLU A 16 10.72 -11.09 8.26
N ARG A 17 11.30 -10.43 7.27
CA ARG A 17 12.38 -9.49 7.51
C ARG A 17 11.83 -8.15 8.00
N ILE A 18 10.77 -7.68 7.36
CA ILE A 18 10.16 -6.41 7.74
C ILE A 18 9.74 -6.41 9.20
N ARG A 19 10.07 -5.34 9.91
CA ARG A 19 9.74 -5.21 11.32
C ARG A 19 8.44 -4.43 11.50
N LEU A 20 7.59 -4.91 12.39
CA LEU A 20 6.31 -4.24 12.66
C LEU A 20 6.54 -2.81 13.13
N ARG A 21 7.62 -2.59 13.86
CA ARG A 21 7.94 -1.26 14.37
C ARG A 21 9.38 -0.87 14.01
N PRO A 22 9.67 0.43 14.05
CA PRO A 22 10.99 0.96 13.72
C PRO A 22 12.03 0.60 14.77
N GLY A 23 11.60 0.50 16.03
CA GLY A 23 12.51 0.16 17.10
C GLY A 23 12.05 -1.06 17.88
N GLY A 24 11.21 -1.88 17.26
CA GLY A 24 10.71 -3.07 17.93
C GLY A 24 11.51 -4.31 17.58
N LYS A 25 11.03 -5.46 18.03
CA LYS A 25 11.71 -6.73 17.76
C LYS A 25 10.75 -7.72 17.09
N LYS A 26 9.56 -7.26 16.77
CA LYS A 26 8.56 -8.10 16.12
C LYS A 26 8.56 -7.89 14.61
N LYS A 27 8.50 -8.99 13.87
CA LYS A 27 8.50 -8.94 12.41
C LYS A 27 7.16 -9.43 11.86
N TYR A 28 6.84 -9.01 10.64
CA TYR A 28 5.59 -9.41 10.00
C TYR A 28 5.57 -10.91 9.73
N ARG A 29 4.40 -11.51 9.83
CA ARG A 29 4.23 -12.94 9.60
C ARG A 29 2.95 -13.23 8.84
N LEU A 30 2.84 -14.45 8.33
CA LEU A 30 1.65 -14.86 7.56
C LEU A 30 0.38 -14.41 8.27
N LYS A 31 0.34 -14.59 9.59
CA LYS A 31 -0.81 -14.22 10.38
C LYS A 31 -1.28 -12.80 10.03
N HIS A 32 -0.32 -11.88 9.95
CA HIS A 32 -0.62 -10.49 9.62
C HIS A 32 -1.22 -10.38 8.22
N ILE A 33 -0.83 -11.22 7.27
CA ILE A 33 -1.37 -11.16 5.92
C ILE A 33 -2.84 -11.58 5.90
N VAL A 34 -3.18 -12.57 6.72
CA VAL A 34 -4.55 -13.06 6.80
C VAL A 34 -5.50 -11.98 7.29
N TRP A 35 -5.23 -11.47 8.48
CA TRP A 35 -6.06 -10.42 9.08
C TRP A 35 -6.37 -9.33 8.04
N ALA A 36 -5.37 -8.97 7.25
CA ALA A 36 -5.54 -7.95 6.22
C ALA A 36 -6.58 -8.36 5.19
N ALA A 37 -6.37 -9.53 4.59
CA ALA A 37 -7.29 -10.04 3.58
C ALA A 37 -8.71 -10.16 4.14
N ASN A 38 -8.81 -10.56 5.40
CA ASN A 38 -10.11 -10.71 6.05
C ASN A 38 -10.79 -9.35 6.21
N LYS A 39 -10.13 -8.43 6.89
CA LYS A 39 -10.67 -7.10 7.11
C LYS A 39 -11.23 -6.51 5.81
N LEU A 40 -10.58 -6.84 4.70
CA LEU A 40 -11.00 -6.36 3.39
C LEU A 40 -12.39 -6.89 3.04
N ASP A 41 -12.47 -8.20 2.84
CA ASP A 41 -13.74 -8.84 2.50
C ASP A 41 -14.88 -8.29 3.36
N ARG A 42 -14.62 -8.15 4.65
CA ARG A 42 -15.62 -7.64 5.59
C ARG A 42 -16.03 -6.22 5.21
N PHE A 43 -15.06 -5.31 5.23
CA PHE A 43 -15.32 -3.90 4.90
C PHE A 43 -16.03 -3.79 3.55
N GLY A 44 -15.56 -4.57 2.58
CA GLY A 44 -16.15 -4.55 1.25
C GLY A 44 -15.13 -4.74 0.15
N LEU A 45 -13.85 -4.72 0.53
CA LEU A 45 -12.77 -4.90 -0.43
C LEU A 45 -12.43 -6.37 -0.62
N ALA A 46 -11.89 -6.72 -1.78
CA ALA A 46 -11.52 -8.10 -2.08
C ALA A 46 -10.28 -8.51 -1.29
N GLU A 47 -9.83 -9.75 -1.51
CA GLU A 47 -8.65 -10.26 -0.82
C GLU A 47 -7.54 -10.59 -1.80
N SER A 48 -7.93 -10.98 -3.01
CA SER A 48 -6.97 -11.34 -4.06
C SER A 48 -6.27 -10.09 -4.60
N LEU A 49 -6.77 -8.92 -4.19
CA LEU A 49 -6.20 -7.65 -4.64
C LEU A 49 -4.87 -7.39 -3.96
N LEU A 50 -4.51 -8.23 -3.01
CA LEU A 50 -3.26 -8.09 -2.27
C LEU A 50 -2.12 -8.82 -2.99
N GLU A 51 -2.48 -9.59 -4.01
CA GLU A 51 -1.49 -10.35 -4.78
C GLU A 51 -0.72 -9.43 -5.72
N SER A 52 -1.44 -8.58 -6.44
CA SER A 52 -0.83 -7.65 -7.37
C SER A 52 -0.64 -6.27 -6.74
N LYS A 53 0.48 -5.64 -7.04
CA LYS A 53 0.78 -4.31 -6.50
C LYS A 53 -0.23 -3.28 -7.00
N GLU A 54 -0.65 -3.43 -8.25
CA GLU A 54 -1.61 -2.50 -8.84
C GLU A 54 -2.91 -2.49 -8.03
N GLY A 55 -3.42 -3.67 -7.71
CA GLY A 55 -4.65 -3.77 -6.95
C GLY A 55 -4.56 -3.06 -5.61
N CYS A 56 -3.40 -3.15 -4.97
CA CYS A 56 -3.19 -2.52 -3.68
C CYS A 56 -3.27 -0.99 -3.80
N GLN A 57 -2.88 -0.48 -4.97
CA GLN A 57 -2.90 0.95 -5.21
C GLN A 57 -4.31 1.52 -5.05
N LYS A 58 -5.30 0.67 -5.30
CA LYS A 58 -6.69 1.08 -5.18
C LYS A 58 -7.19 0.93 -3.75
N ILE A 59 -6.44 0.18 -2.94
CA ILE A 59 -6.80 -0.04 -1.55
C ILE A 59 -6.25 1.07 -0.66
N LEU A 60 -5.07 1.57 -1.00
CA LEU A 60 -4.43 2.63 -0.25
C LEU A 60 -5.07 3.98 -0.55
N THR A 61 -5.55 4.14 -1.78
CA THR A 61 -6.18 5.38 -2.19
C THR A 61 -7.51 5.59 -1.47
N VAL A 62 -8.22 4.50 -1.21
CA VAL A 62 -9.50 4.57 -0.52
C VAL A 62 -9.31 4.77 0.97
N LEU A 63 -8.42 3.98 1.56
CA LEU A 63 -8.14 4.08 2.99
C LEU A 63 -7.34 5.33 3.31
N ASP A 64 -6.75 5.92 2.28
CA ASP A 64 -5.95 7.14 2.45
C ASP A 64 -6.78 8.24 3.11
N PRO A 65 -7.83 8.69 2.41
CA PRO A 65 -8.72 9.74 2.90
C PRO A 65 -9.58 9.28 4.08
N MET A 66 -9.54 7.98 4.34
CA MET A 66 -10.32 7.40 5.44
C MET A 66 -9.47 7.30 6.71
N VAL A 67 -8.15 7.30 6.54
CA VAL A 67 -7.24 7.21 7.67
C VAL A 67 -7.72 8.06 8.84
N PRO A 68 -7.92 9.35 8.59
CA PRO A 68 -8.39 10.30 9.61
C PRO A 68 -9.85 10.06 10.00
N THR A 69 -10.64 9.61 9.04
CA THR A 69 -12.05 9.34 9.28
C THR A 69 -12.36 7.84 9.15
N GLY A 70 -11.55 7.03 9.83
CA GLY A 70 -11.76 5.59 9.79
C GLY A 70 -11.42 4.92 11.11
N SER A 71 -12.20 3.90 11.46
CA SER A 71 -11.98 3.18 12.71
C SER A 71 -10.53 2.74 12.84
N GLU A 72 -10.17 2.29 14.04
CA GLU A 72 -8.80 1.86 14.31
C GLU A 72 -8.42 0.70 13.38
N ASN A 73 -9.38 -0.21 13.16
CA ASN A 73 -9.14 -1.36 12.30
C ASN A 73 -8.74 -0.93 10.90
N LEU A 74 -9.09 0.30 10.54
CA LEU A 74 -8.77 0.84 9.23
C LEU A 74 -7.35 1.40 9.19
N LYS A 75 -6.89 1.88 10.35
CA LYS A 75 -5.55 2.43 10.45
C LYS A 75 -4.49 1.33 10.39
N SER A 76 -4.69 0.27 11.16
CA SER A 76 -3.76 -0.85 11.18
C SER A 76 -3.66 -1.50 9.80
N LEU A 77 -4.81 -1.76 9.19
CA LEU A 77 -4.84 -2.37 7.86
C LEU A 77 -4.16 -1.48 6.82
N PHE A 78 -4.46 -0.19 6.89
CA PHE A 78 -3.89 0.78 5.96
C PHE A 78 -2.37 0.69 5.97
N ASN A 79 -1.77 0.85 7.14
CA ASN A 79 -0.32 0.80 7.28
C ASN A 79 0.23 -0.53 6.76
N THR A 80 -0.50 -1.61 7.02
CA THR A 80 -0.10 -2.93 6.58
C THR A 80 -0.11 -3.04 5.05
N VAL A 81 -1.12 -2.43 4.43
CA VAL A 81 -1.25 -2.45 2.99
C VAL A 81 0.00 -1.89 2.31
N CYS A 82 0.47 -0.75 2.80
CA CYS A 82 1.66 -0.11 2.25
C CYS A 82 2.83 -1.08 2.21
N VAL A 83 2.90 -1.96 3.20
CA VAL A 83 3.98 -2.94 3.27
C VAL A 83 3.86 -3.97 2.15
N ILE A 84 2.65 -4.47 1.95
CA ILE A 84 2.39 -5.46 0.90
C ILE A 84 2.77 -4.91 -0.47
N TRP A 85 2.35 -3.69 -0.75
CA TRP A 85 2.65 -3.04 -2.03
C TRP A 85 4.15 -2.94 -2.24
N CYS A 86 4.87 -2.54 -1.19
CA CYS A 86 6.32 -2.39 -1.27
C CYS A 86 6.98 -3.70 -1.66
N ILE A 87 6.71 -4.75 -0.88
CA ILE A 87 7.29 -6.06 -1.15
C ILE A 87 7.07 -6.47 -2.61
N HIS A 88 5.89 -6.16 -3.14
CA HIS A 88 5.55 -6.50 -4.52
C HIS A 88 6.27 -5.56 -5.48
N ALA A 89 6.31 -4.25 -5.24
CA ALA A 89 6.98 -3.32 -6.14
C ALA A 89 8.50 -3.50 -6.07
N GLU A 90 8.95 -4.37 -5.18
CA GLU A 90 10.37 -4.64 -5.02
C GLU A 90 11.06 -3.47 -4.31
N GLU A 91 10.33 -2.84 -3.38
CA GLU A 91 10.86 -1.71 -2.64
C GLU A 91 11.44 -2.17 -1.30
N LYS A 92 12.75 -2.03 -1.14
CA LYS A 92 13.42 -2.42 0.09
C LYS A 92 12.92 -1.60 1.28
N VAL A 93 12.48 -2.29 2.32
CA VAL A 93 11.98 -1.62 3.52
C VAL A 93 12.44 -2.33 4.78
N LYS A 94 12.73 -1.56 5.82
CA LYS A 94 13.19 -2.11 7.09
C LYS A 94 12.04 -2.21 8.09
N ASP A 95 11.17 -1.20 8.08
CA ASP A 95 10.02 -1.18 8.98
C ASP A 95 8.80 -0.58 8.29
N THR A 96 7.65 -0.67 8.96
CA THR A 96 6.41 -0.14 8.41
C THR A 96 6.57 1.31 7.97
N GLU A 97 7.13 2.13 8.86
CA GLU A 97 7.35 3.54 8.55
C GLU A 97 8.07 3.71 7.22
N GLY A 98 8.99 2.80 6.92
CA GLY A 98 9.73 2.86 5.67
C GLY A 98 8.88 2.47 4.47
N ALA A 99 8.00 1.49 4.67
CA ALA A 99 7.14 1.02 3.60
C ALA A 99 6.20 2.12 3.13
N LYS A 100 5.67 2.89 4.08
CA LYS A 100 4.76 3.98 3.77
C LYS A 100 5.49 5.12 3.07
N GLN A 101 6.61 5.55 3.66
CA GLN A 101 7.40 6.63 3.08
C GLN A 101 7.66 6.40 1.61
N ILE A 102 8.08 5.18 1.26
CA ILE A 102 8.35 4.83 -0.13
C ILE A 102 7.10 4.95 -0.99
N VAL A 103 5.98 4.50 -0.45
CA VAL A 103 4.71 4.57 -1.17
C VAL A 103 4.32 6.01 -1.48
N ARG A 104 4.19 6.82 -0.43
CA ARG A 104 3.82 8.22 -0.60
C ARG A 104 4.74 8.90 -1.60
N ARG A 105 6.04 8.64 -1.49
CA ARG A 105 7.02 9.23 -2.40
C ARG A 105 6.63 8.99 -3.85
N HIS A 106 6.37 7.74 -4.20
CA HIS A 106 6.00 7.37 -5.56
C HIS A 106 4.67 8.03 -5.94
N LEU A 107 3.86 8.48 -4.99
CA LEU A 107 2.58 9.11 -5.31
C LEU A 107 2.76 10.60 -5.54
N VAL A 108 3.34 11.29 -4.57
CA VAL A 108 3.56 12.72 -4.67
C VAL A 108 4.40 13.06 -5.91
N ALA A 109 5.45 12.28 -6.14
CA ALA A 109 6.32 12.49 -7.28
C ALA A 109 5.52 12.51 -8.58
N GLU A 110 4.68 11.50 -8.77
CA GLU A 110 3.86 11.39 -9.98
C GLU A 110 2.95 12.61 -10.11
N THR A 111 2.46 13.10 -8.99
CA THR A 111 1.57 14.27 -8.98
C THR A 111 2.34 15.54 -9.30
N GLY A 112 3.63 15.55 -8.99
CA GLY A 112 4.45 16.71 -9.24
C GLY A 112 5.24 16.59 -10.53
N THR A 113 4.72 15.80 -11.47
CA THR A 113 5.38 15.60 -12.75
C THR A 113 4.85 16.55 -13.81
N ALA A 114 3.57 16.90 -13.70
CA ALA A 114 2.94 17.81 -14.64
C ALA A 114 2.83 19.21 -14.05
N GLU A 115 3.72 19.53 -13.12
CA GLU A 115 3.72 20.84 -12.48
C GLU A 115 5.14 21.40 -12.39
N LYS A 116 5.98 21.04 -13.36
CA LYS A 116 7.36 21.51 -13.38
C LYS A 116 8.00 21.23 -14.73
N MET A 117 7.73 20.05 -15.28
CA MET A 117 8.28 19.66 -16.58
C MET A 117 7.16 19.37 -17.58
N PRO A 118 6.56 20.42 -18.13
CA PRO A 118 5.47 20.29 -19.11
C PRO A 118 5.95 19.75 -20.45
N SER A 119 5.01 19.47 -21.34
CA SER A 119 5.34 18.93 -22.65
C SER A 119 5.93 20.01 -23.55
N THR A 120 7.20 19.84 -23.92
CA THR A 120 7.89 20.80 -24.77
C THR A 120 8.79 20.10 -25.79
N SER A 121 9.19 20.83 -26.82
CA SER A 121 10.04 20.28 -27.86
C SER A 121 11.38 19.82 -27.28
N ARG A 122 12.08 18.97 -28.02
CA ARG A 122 13.37 18.45 -27.58
C ARG A 122 14.41 19.57 -27.54
N PRO A 123 15.37 19.45 -26.61
CA PRO A 123 16.44 20.44 -26.45
C PRO A 123 17.43 20.42 -27.61
N THR A 124 18.47 21.24 -27.51
CA THR A 124 19.49 21.31 -28.55
C THR A 124 20.44 20.12 -28.48
N ALA A 125 20.65 19.47 -29.62
CA ALA A 125 21.54 18.32 -29.69
C ALA A 125 21.94 18.03 -31.13
N PRO A 126 23.12 17.42 -31.30
CA PRO A 126 23.66 17.07 -32.62
C PRO A 126 22.87 15.94 -33.27
N SER A 127 23.23 15.61 -34.51
CA SER A 127 22.56 14.55 -35.25
C SER A 127 22.99 13.18 -34.74
N SER A 128 22.02 12.31 -34.51
CA SER A 128 22.30 10.97 -34.02
C SER A 128 21.25 9.97 -34.51
N GLU A 129 21.21 9.77 -35.82
CA GLU A 129 20.25 8.84 -36.42
C GLU A 129 20.89 8.06 -37.56
N LYS A 130 22.15 7.68 -37.38
CA LYS A 130 22.88 6.93 -38.40
C LYS A 130 22.90 5.44 -38.05
N GLY A 131 23.36 4.63 -39.00
CA GLY A 131 23.42 3.19 -38.78
C GLY A 131 23.05 2.40 -40.02
N GLY A 132 21.81 1.91 -40.05
CA GLY A 132 21.36 1.13 -41.18
C GLY A 132 21.31 1.94 -42.47
N ASN A 133 20.57 1.45 -43.45
CA ASN A 133 20.45 2.13 -44.73
C ASN A 133 18.98 2.27 -45.14
N TYR A 134 18.74 2.93 -46.27
CA TYR A 134 17.39 3.12 -46.77
C TYR A 134 16.50 3.76 -45.70
N GLY A 1 -6.86 -27.39 0.28
CA GLY A 1 -7.99 -27.00 -0.55
C GLY A 1 -7.64 -25.90 -1.54
N ALA A 2 -8.47 -24.87 -1.58
CA ALA A 2 -8.24 -23.74 -2.48
C ALA A 2 -7.80 -22.50 -1.72
N ARG A 3 -6.58 -22.05 -1.99
CA ARG A 3 -6.04 -20.87 -1.32
C ARG A 3 -5.30 -19.98 -2.31
N ASN A 4 -5.18 -18.69 -1.97
CA ASN A 4 -4.50 -17.74 -2.84
C ASN A 4 -3.04 -17.56 -2.41
N SER A 5 -2.16 -17.40 -3.39
CA SER A 5 -0.73 -17.23 -3.10
C SER A 5 -0.34 -15.76 -3.26
N VAL A 6 -0.29 -15.04 -2.14
CA VAL A 6 0.08 -13.64 -2.14
C VAL A 6 1.59 -13.47 -2.19
N LEU A 7 2.29 -14.15 -1.29
CA LEU A 7 3.75 -14.07 -1.23
C LEU A 7 4.38 -15.42 -1.55
N ARG A 8 5.31 -15.43 -2.49
CA ARG A 8 5.99 -16.66 -2.89
C ARG A 8 7.10 -17.00 -1.90
N GLY A 9 7.91 -18.01 -2.25
CA GLY A 9 9.00 -18.42 -1.39
C GLY A 9 9.99 -17.30 -1.15
N LYS A 10 10.45 -16.66 -2.22
CA LYS A 10 11.41 -15.57 -2.12
C LYS A 10 10.79 -14.35 -1.44
N LYS A 11 9.55 -14.05 -1.79
CA LYS A 11 8.84 -12.91 -1.22
C LYS A 11 8.62 -13.12 0.28
N ALA A 12 8.33 -14.36 0.67
CA ALA A 12 8.09 -14.69 2.07
C ALA A 12 9.24 -14.19 2.95
N ASP A 13 10.47 -14.35 2.45
CA ASP A 13 11.65 -13.91 3.19
C ASP A 13 11.55 -12.43 3.54
N GLU A 14 11.37 -11.59 2.52
CA GLU A 14 11.26 -10.16 2.72
C GLU A 14 10.23 -9.83 3.80
N LEU A 15 9.15 -10.61 3.84
CA LEU A 15 8.09 -10.41 4.83
C LEU A 15 8.63 -10.57 6.24
N GLU A 16 9.24 -11.73 6.52
CA GLU A 16 9.78 -12.01 7.83
C GLU A 16 10.88 -11.01 8.19
N ARG A 17 11.42 -10.35 7.17
CA ARG A 17 12.48 -9.38 7.36
C ARG A 17 11.91 -8.05 7.86
N ILE A 18 10.82 -7.62 7.25
CA ILE A 18 10.18 -6.37 7.64
C ILE A 18 9.80 -6.37 9.11
N ARG A 19 10.14 -5.29 9.81
CA ARG A 19 9.84 -5.17 11.23
C ARG A 19 8.50 -4.48 11.43
N LEU A 20 7.69 -5.04 12.34
CA LEU A 20 6.38 -4.48 12.64
C LEU A 20 6.49 -3.04 13.11
N ARG A 21 7.54 -2.73 13.86
CA ARG A 21 7.77 -1.39 14.37
C ARG A 21 9.19 -0.92 14.07
N PRO A 22 9.40 0.40 14.10
CA PRO A 22 10.71 1.01 13.84
C PRO A 22 11.72 0.71 14.94
N GLY A 23 11.23 0.60 16.17
CA GLY A 23 12.11 0.32 17.29
C GLY A 23 11.72 -0.95 18.03
N GLY A 24 11.13 -1.89 17.30
CA GLY A 24 10.72 -3.14 17.91
C GLY A 24 11.62 -4.30 17.52
N LYS A 25 11.27 -5.50 17.97
CA LYS A 25 12.05 -6.69 17.66
C LYS A 25 11.18 -7.77 17.03
N LYS A 26 9.99 -7.38 16.59
CA LYS A 26 9.06 -8.31 15.96
C LYS A 26 8.88 -7.97 14.48
N LYS A 27 8.78 -9.01 13.66
CA LYS A 27 8.61 -8.83 12.22
C LYS A 27 7.24 -9.33 11.77
N TYR A 28 6.84 -8.93 10.56
CA TYR A 28 5.55 -9.34 10.02
C TYR A 28 5.50 -10.85 9.79
N ARG A 29 4.32 -11.42 9.95
CA ARG A 29 4.14 -12.86 9.77
C ARG A 29 2.84 -13.14 9.03
N LEU A 30 2.72 -14.37 8.51
CA LEU A 30 1.52 -14.77 7.78
C LEU A 30 0.26 -14.34 8.50
N LYS A 31 0.25 -14.50 9.83
CA LYS A 31 -0.89 -14.12 10.64
C LYS A 31 -1.35 -12.70 10.31
N HIS A 32 -0.39 -11.79 10.20
CA HIS A 32 -0.70 -10.40 9.87
C HIS A 32 -1.30 -10.27 8.47
N ILE A 33 -0.97 -11.16 7.54
CA ILE A 33 -1.50 -11.09 6.19
C ILE A 33 -2.97 -11.51 6.17
N VAL A 34 -3.32 -12.50 6.98
CA VAL A 34 -4.68 -12.99 7.06
C VAL A 34 -5.65 -11.87 7.46
N TRP A 35 -5.40 -11.27 8.62
CA TRP A 35 -6.24 -10.19 9.12
C TRP A 35 -6.51 -9.17 8.02
N ALA A 36 -5.49 -8.87 7.22
CA ALA A 36 -5.62 -7.91 6.13
C ALA A 36 -6.58 -8.42 5.06
N ALA A 37 -6.25 -9.57 4.48
CA ALA A 37 -7.09 -10.17 3.44
C ALA A 37 -8.53 -10.31 3.90
N ASN A 38 -8.70 -10.65 5.18
CA ASN A 38 -10.04 -10.83 5.76
C ASN A 38 -10.73 -9.47 5.90
N LYS A 39 -10.07 -8.54 6.57
CA LYS A 39 -10.62 -7.21 6.79
C LYS A 39 -11.19 -6.64 5.50
N LEU A 40 -10.55 -6.96 4.38
CA LEU A 40 -11.00 -6.48 3.08
C LEU A 40 -12.37 -7.07 2.72
N ASP A 41 -12.41 -8.38 2.53
CA ASP A 41 -13.65 -9.06 2.19
C ASP A 41 -14.81 -8.56 3.05
N ARG A 42 -14.55 -8.41 4.35
CA ARG A 42 -15.57 -7.93 5.27
C ARG A 42 -16.02 -6.52 4.90
N PHE A 43 -15.07 -5.60 4.86
CA PHE A 43 -15.36 -4.21 4.52
C PHE A 43 -16.07 -4.12 3.18
N GLY A 44 -15.60 -4.89 2.21
CA GLY A 44 -16.21 -4.88 0.88
C GLY A 44 -15.19 -5.07 -0.22
N LEU A 45 -13.91 -5.03 0.14
CA LEU A 45 -12.83 -5.19 -0.83
C LEU A 45 -12.45 -6.66 -0.97
N ALA A 46 -11.97 -7.02 -2.16
CA ALA A 46 -11.57 -8.40 -2.42
C ALA A 46 -10.37 -8.81 -1.56
N GLU A 47 -9.95 -10.06 -1.69
CA GLU A 47 -8.82 -10.57 -0.93
C GLU A 47 -7.60 -10.79 -1.83
N SER A 48 -7.86 -11.17 -3.07
CA SER A 48 -6.79 -11.42 -4.03
C SER A 48 -6.16 -10.11 -4.49
N LEU A 49 -6.74 -8.99 -4.04
CA LEU A 49 -6.23 -7.67 -4.41
C LEU A 49 -4.83 -7.45 -3.87
N LEU A 50 -4.42 -8.31 -2.94
CA LEU A 50 -3.10 -8.20 -2.33
C LEU A 50 -2.06 -8.94 -3.17
N GLU A 51 -2.52 -9.66 -4.18
CA GLU A 51 -1.64 -10.41 -5.06
C GLU A 51 -0.86 -9.47 -5.98
N SER A 52 -1.59 -8.60 -6.67
CA SER A 52 -0.97 -7.65 -7.59
C SER A 52 -0.77 -6.30 -6.92
N LYS A 53 0.41 -5.71 -7.13
CA LYS A 53 0.73 -4.41 -6.54
C LYS A 53 -0.24 -3.34 -7.02
N GLU A 54 -0.75 -3.52 -8.23
CA GLU A 54 -1.69 -2.58 -8.82
C GLU A 54 -2.99 -2.51 -8.00
N GLY A 55 -3.52 -3.68 -7.67
CA GLY A 55 -4.75 -3.75 -6.90
C GLY A 55 -4.63 -3.02 -5.57
N CYS A 56 -3.50 -3.18 -4.91
CA CYS A 56 -3.27 -2.54 -3.62
C CYS A 56 -3.33 -1.02 -3.75
N GLN A 57 -2.95 -0.52 -4.93
CA GLN A 57 -2.95 0.92 -5.18
C GLN A 57 -4.36 1.49 -5.01
N LYS A 58 -5.37 0.65 -5.21
CA LYS A 58 -6.75 1.08 -5.07
C LYS A 58 -7.24 0.92 -3.63
N ILE A 59 -6.49 0.16 -2.84
CA ILE A 59 -6.83 -0.07 -1.45
C ILE A 59 -6.26 1.03 -0.55
N LEU A 60 -5.08 1.52 -0.91
CA LEU A 60 -4.43 2.58 -0.15
C LEU A 60 -5.04 3.94 -0.46
N THR A 61 -5.51 4.10 -1.69
CA THR A 61 -6.12 5.35 -2.12
C THR A 61 -7.44 5.60 -1.40
N VAL A 62 -8.17 4.52 -1.13
CA VAL A 62 -9.46 4.62 -0.45
C VAL A 62 -9.26 4.81 1.05
N LEU A 63 -8.36 4.03 1.63
CA LEU A 63 -8.08 4.11 3.07
C LEU A 63 -7.26 5.35 3.38
N ASP A 64 -6.65 5.93 2.36
CA ASP A 64 -5.84 7.13 2.53
C ASP A 64 -6.65 8.25 3.17
N PRO A 65 -7.71 8.69 2.46
CA PRO A 65 -8.59 9.75 2.94
C PRO A 65 -9.44 9.32 4.13
N MET A 66 -9.44 8.03 4.41
CA MET A 66 -10.21 7.47 5.53
C MET A 66 -9.36 7.39 6.78
N VAL A 67 -8.03 7.41 6.60
CA VAL A 67 -7.11 7.33 7.73
C VAL A 67 -7.59 8.18 8.90
N PRO A 68 -7.80 9.48 8.65
CA PRO A 68 -8.27 10.42 9.67
C PRO A 68 -9.72 10.17 10.06
N THR A 69 -10.52 9.73 9.10
CA THR A 69 -11.93 9.44 9.35
C THR A 69 -12.22 7.94 9.27
N GLY A 70 -11.40 7.15 9.95
CA GLY A 70 -11.58 5.71 9.93
C GLY A 70 -11.25 5.08 11.26
N SER A 71 -12.02 4.06 11.64
CA SER A 71 -11.80 3.37 12.91
C SER A 71 -10.34 2.94 13.05
N GLU A 72 -9.94 2.62 14.28
CA GLU A 72 -8.57 2.20 14.54
C GLU A 72 -8.20 1.00 13.67
N ASN A 73 -9.14 0.09 13.48
CA ASN A 73 -8.91 -1.10 12.67
C ASN A 73 -8.59 -0.72 11.23
N LEU A 74 -8.93 0.51 10.86
CA LEU A 74 -8.69 1.00 9.51
C LEU A 74 -7.28 1.57 9.38
N LYS A 75 -6.74 2.07 10.49
CA LYS A 75 -5.40 2.64 10.51
C LYS A 75 -4.34 1.55 10.39
N SER A 76 -4.50 0.49 11.18
CA SER A 76 -3.56 -0.62 11.16
C SER A 76 -3.52 -1.28 9.79
N LEU A 77 -4.69 -1.44 9.18
CA LEU A 77 -4.79 -2.05 7.85
C LEU A 77 -4.09 -1.20 6.80
N PHE A 78 -4.34 0.10 6.83
CA PHE A 78 -3.73 1.02 5.88
C PHE A 78 -2.21 0.88 5.89
N ASN A 79 -1.62 0.93 7.08
CA ASN A 79 -0.18 0.81 7.23
C ASN A 79 0.31 -0.54 6.72
N THR A 80 -0.46 -1.58 7.01
CA THR A 80 -0.11 -2.93 6.58
C THR A 80 -0.13 -3.05 5.06
N VAL A 81 -1.16 -2.48 4.44
CA VAL A 81 -1.30 -2.53 2.99
C VAL A 81 -0.07 -1.95 2.30
N CYS A 82 0.49 -0.90 2.89
CA CYS A 82 1.68 -0.26 2.33
C CYS A 82 2.85 -1.23 2.26
N VAL A 83 2.94 -2.11 3.26
CA VAL A 83 4.01 -3.09 3.31
C VAL A 83 3.89 -4.10 2.16
N ILE A 84 2.68 -4.60 1.95
CA ILE A 84 2.43 -5.56 0.88
C ILE A 84 2.79 -4.98 -0.48
N TRP A 85 2.28 -3.79 -0.77
CA TRP A 85 2.56 -3.12 -2.03
C TRP A 85 4.05 -2.99 -2.27
N CYS A 86 4.79 -2.62 -1.22
CA CYS A 86 6.23 -2.46 -1.31
C CYS A 86 6.91 -3.78 -1.70
N ILE A 87 6.61 -4.83 -0.96
CA ILE A 87 7.18 -6.15 -1.22
C ILE A 87 7.01 -6.53 -2.69
N HIS A 88 5.85 -6.23 -3.24
CA HIS A 88 5.56 -6.53 -4.64
C HIS A 88 6.25 -5.54 -5.57
N ALA A 89 6.21 -4.24 -5.28
CA ALA A 89 6.85 -3.25 -6.14
C ALA A 89 8.37 -3.40 -6.11
N GLU A 90 8.86 -4.26 -5.23
CA GLU A 90 10.29 -4.50 -5.09
C GLU A 90 10.97 -3.32 -4.39
N GLU A 91 10.36 -2.85 -3.32
CA GLU A 91 10.90 -1.72 -2.56
C GLU A 91 11.45 -2.19 -1.21
N LYS A 92 12.72 -1.94 -0.97
CA LYS A 92 13.37 -2.33 0.27
C LYS A 92 12.86 -1.48 1.44
N VAL A 93 12.38 -2.16 2.48
CA VAL A 93 11.86 -1.47 3.66
C VAL A 93 12.32 -2.14 4.93
N LYS A 94 12.65 -1.34 5.94
CA LYS A 94 13.12 -1.86 7.22
C LYS A 94 11.95 -2.03 8.19
N ASP A 95 11.02 -1.08 8.17
CA ASP A 95 9.86 -1.14 9.05
C ASP A 95 8.63 -0.52 8.37
N THR A 96 7.49 -0.60 9.03
CA THR A 96 6.25 -0.05 8.49
C THR A 96 6.43 1.42 8.09
N GLU A 97 6.92 2.22 9.03
CA GLU A 97 7.14 3.64 8.77
C GLU A 97 7.89 3.84 7.46
N GLY A 98 8.88 2.98 7.20
CA GLY A 98 9.66 3.09 5.99
C GLY A 98 8.87 2.67 4.76
N ALA A 99 8.00 1.69 4.92
CA ALA A 99 7.18 1.20 3.81
C ALA A 99 6.24 2.29 3.31
N LYS A 100 5.56 2.95 4.22
CA LYS A 100 4.62 4.02 3.87
C LYS A 100 5.35 5.16 3.16
N GLN A 101 6.48 5.58 3.72
CA GLN A 101 7.26 6.66 3.13
C GLN A 101 7.50 6.42 1.64
N ILE A 102 7.93 5.20 1.31
CA ILE A 102 8.19 4.85 -0.08
C ILE A 102 6.93 4.96 -0.93
N VAL A 103 5.80 4.52 -0.36
CA VAL A 103 4.52 4.58 -1.07
C VAL A 103 4.11 6.03 -1.36
N ARG A 104 3.95 6.81 -0.29
CA ARG A 104 3.56 8.21 -0.43
C ARG A 104 4.46 8.93 -1.43
N ARG A 105 5.76 8.67 -1.34
CA ARG A 105 6.73 9.29 -2.23
C ARG A 105 6.32 9.10 -3.69
N HIS A 106 5.82 7.91 -4.01
CA HIS A 106 5.39 7.60 -5.38
C HIS A 106 4.05 8.26 -5.68
N LEU A 107 3.26 8.65 -4.69
CA LEU A 107 1.97 9.30 -4.94
C LEU A 107 2.14 10.81 -5.07
N VAL A 108 2.95 11.39 -4.19
CA VAL A 108 3.18 12.83 -4.21
C VAL A 108 3.82 13.26 -5.53
N ALA A 109 4.71 12.43 -6.04
CA ALA A 109 5.39 12.72 -7.30
C ALA A 109 4.39 12.92 -8.44
N GLU A 110 3.22 12.30 -8.30
CA GLU A 110 2.17 12.41 -9.31
C GLU A 110 1.13 13.44 -8.92
N THR A 111 0.99 13.66 -7.61
CA THR A 111 0.02 14.62 -7.10
C THR A 111 0.71 15.88 -6.59
N GLY A 112 1.78 16.28 -7.28
CA GLY A 112 2.52 17.46 -6.89
C GLY A 112 2.81 18.38 -8.06
N THR A 113 2.02 18.25 -9.12
CA THR A 113 2.19 19.07 -10.31
C THR A 113 0.99 19.99 -10.52
N ALA A 114 0.30 20.32 -9.43
CA ALA A 114 -0.87 21.20 -9.50
C ALA A 114 -1.30 21.62 -8.11
N GLU A 115 -0.36 22.12 -7.32
CA GLU A 115 -0.65 22.56 -5.96
C GLU A 115 -0.80 24.08 -5.91
N LYS A 116 -1.28 24.66 -7.01
CA LYS A 116 -1.47 26.10 -7.09
C LYS A 116 -2.34 26.61 -5.95
N MET A 117 -3.20 25.73 -5.44
CA MET A 117 -4.10 26.08 -4.34
C MET A 117 -5.03 27.22 -4.74
N PRO A 118 -6.07 26.88 -5.53
CA PRO A 118 -7.06 27.86 -6.00
C PRO A 118 -7.94 28.36 -4.88
N SER A 119 -8.81 29.33 -5.20
CA SER A 119 -9.71 29.91 -4.22
C SER A 119 -10.58 28.82 -3.56
N THR A 120 -10.33 28.57 -2.29
CA THR A 120 -11.07 27.55 -1.56
C THR A 120 -10.95 27.76 -0.05
N SER A 121 -11.87 27.17 0.70
CA SER A 121 -11.87 27.30 2.16
C SER A 121 -11.25 26.06 2.80
N ARG A 122 -11.22 26.06 4.13
CA ARG A 122 -10.66 24.93 4.89
C ARG A 122 -11.77 24.09 5.51
N PRO A 123 -11.54 22.77 5.60
CA PRO A 123 -12.51 21.84 6.17
C PRO A 123 -12.65 22.01 7.68
N THR A 124 -13.83 21.71 8.20
CA THR A 124 -14.10 21.82 9.62
C THR A 124 -14.69 20.54 10.18
N ALA A 125 -14.07 20.01 11.24
CA ALA A 125 -14.53 18.78 11.86
C ALA A 125 -15.97 18.92 12.34
N PRO A 126 -16.70 17.79 12.37
CA PRO A 126 -18.09 17.77 12.81
C PRO A 126 -18.24 18.02 14.31
N SER A 127 -19.45 18.36 14.74
CA SER A 127 -19.72 18.63 16.14
C SER A 127 -20.73 17.63 16.70
N SER A 128 -20.23 16.48 17.12
CA SER A 128 -21.09 15.43 17.67
C SER A 128 -21.29 15.65 19.17
N GLU A 129 -22.53 15.44 19.62
CA GLU A 129 -22.86 15.60 21.03
C GLU A 129 -24.26 15.06 21.33
N LYS A 130 -24.35 14.19 22.34
CA LYS A 130 -25.62 13.60 22.72
C LYS A 130 -26.55 14.65 23.32
N GLY A 131 -27.80 14.26 23.54
CA GLY A 131 -28.77 15.19 24.11
C GLY A 131 -30.00 14.47 24.64
N GLY A 132 -30.09 14.36 25.97
CA GLY A 132 -31.22 13.70 26.58
C GLY A 132 -32.25 14.68 27.10
N ASN A 133 -33.22 15.03 26.25
CA ASN A 133 -34.28 15.96 26.63
C ASN A 133 -35.42 15.92 25.63
N TYR A 134 -35.13 16.29 24.38
CA TYR A 134 -36.15 16.28 23.34
C TYR A 134 -37.28 17.24 23.68
N GLY A 1 10.71 -22.54 -7.23
CA GLY A 1 10.82 -21.47 -8.18
C GLY A 1 9.56 -20.62 -8.25
N ALA A 2 9.45 -19.64 -7.37
CA ALA A 2 8.29 -18.75 -7.34
C ALA A 2 7.03 -19.54 -6.98
N ARG A 3 5.95 -18.81 -6.70
CA ARG A 3 4.68 -19.43 -6.33
C ARG A 3 3.51 -18.62 -6.85
N ASN A 4 2.29 -19.10 -6.58
CA ASN A 4 1.09 -18.40 -7.02
C ASN A 4 0.45 -17.64 -5.86
N SER A 5 0.84 -18.01 -4.64
CA SER A 5 0.30 -17.36 -3.44
C SER A 5 0.60 -15.86 -3.46
N VAL A 6 0.23 -15.18 -2.39
CA VAL A 6 0.46 -13.74 -2.27
C VAL A 6 1.95 -13.42 -2.27
N LEU A 7 2.71 -14.17 -1.49
CA LEU A 7 4.16 -13.97 -1.39
C LEU A 7 4.90 -15.24 -1.79
N ARG A 8 5.83 -15.10 -2.73
CA ARG A 8 6.62 -16.23 -3.21
C ARG A 8 7.77 -16.53 -2.23
N GLY A 9 8.68 -17.40 -2.65
CA GLY A 9 9.80 -17.77 -1.81
C GLY A 9 10.70 -16.59 -1.50
N LYS A 10 11.09 -15.86 -2.55
CA LYS A 10 11.96 -14.70 -2.39
C LYS A 10 11.24 -13.57 -1.66
N LYS A 11 9.93 -13.46 -1.90
CA LYS A 11 9.12 -12.43 -1.25
C LYS A 11 8.93 -12.73 0.23
N ALA A 12 8.73 -14.00 0.54
CA ALA A 12 8.54 -14.42 1.93
C ALA A 12 9.65 -13.91 2.83
N ASP A 13 10.89 -13.95 2.31
CA ASP A 13 12.04 -13.48 3.06
C ASP A 13 11.89 -12.01 3.44
N GLU A 14 11.69 -11.16 2.43
CA GLU A 14 11.53 -9.73 2.66
C GLU A 14 10.49 -9.47 3.74
N LEU A 15 9.44 -10.27 3.74
CA LEU A 15 8.36 -10.12 4.73
C LEU A 15 8.89 -10.33 6.15
N GLU A 16 9.50 -11.49 6.38
CA GLU A 16 10.05 -11.80 7.70
C GLU A 16 11.12 -10.78 8.10
N ARG A 17 11.68 -10.10 7.11
CA ARG A 17 12.70 -9.09 7.36
C ARG A 17 12.09 -7.81 7.90
N ILE A 18 10.97 -7.40 7.31
CA ILE A 18 10.28 -6.19 7.73
C ILE A 18 9.88 -6.26 9.20
N ARG A 19 10.27 -5.25 9.97
CA ARG A 19 9.95 -5.20 11.39
C ARG A 19 8.61 -4.49 11.63
N LEU A 20 7.79 -5.07 12.50
CA LEU A 20 6.49 -4.50 12.81
C LEU A 20 6.63 -3.09 13.36
N ARG A 21 7.68 -2.86 14.14
CA ARG A 21 7.92 -1.56 14.73
C ARG A 21 9.33 -1.06 14.39
N PRO A 22 9.55 0.25 14.54
CA PRO A 22 10.84 0.88 14.25
C PRO A 22 11.92 0.48 15.27
N GLY A 23 11.50 0.26 16.51
CA GLY A 23 12.44 -0.11 17.55
C GLY A 23 12.02 -1.39 18.27
N GLY A 24 11.41 -2.30 17.52
CA GLY A 24 10.96 -3.57 18.11
C GLY A 24 11.80 -4.74 17.66
N LYS A 25 11.43 -5.93 18.12
CA LYS A 25 12.16 -7.14 17.75
C LYS A 25 11.23 -8.16 17.09
N LYS A 26 10.07 -7.68 16.65
CA LYS A 26 9.09 -8.54 15.99
C LYS A 26 8.90 -8.14 14.53
N LYS A 27 8.83 -9.13 13.66
CA LYS A 27 8.64 -8.88 12.23
C LYS A 27 7.29 -9.39 11.76
N TYR A 28 6.88 -8.98 10.56
CA TYR A 28 5.60 -9.39 10.00
C TYR A 28 5.58 -10.90 9.76
N ARG A 29 4.39 -11.49 9.86
CA ARG A 29 4.23 -12.92 9.66
C ARG A 29 2.93 -13.22 8.90
N LEU A 30 2.84 -14.44 8.35
CA LEU A 30 1.67 -14.84 7.60
C LEU A 30 0.39 -14.47 8.34
N LYS A 31 0.38 -14.68 9.65
CA LYS A 31 -0.79 -14.36 10.47
C LYS A 31 -1.29 -12.95 10.19
N HIS A 32 -0.36 -12.01 10.07
CA HIS A 32 -0.70 -10.62 9.79
C HIS A 32 -1.30 -10.48 8.39
N ILE A 33 -0.89 -11.29 7.42
CA ILE A 33 -1.45 -11.19 6.07
C ILE A 33 -2.91 -11.63 6.04
N VAL A 34 -3.24 -12.63 6.84
CA VAL A 34 -4.61 -13.14 6.90
C VAL A 34 -5.56 -12.06 7.39
N TRP A 35 -5.29 -11.50 8.56
CA TRP A 35 -6.14 -10.46 9.13
C TRP A 35 -6.47 -9.40 8.09
N ALA A 36 -5.46 -8.99 7.31
CA ALA A 36 -5.65 -7.99 6.28
C ALA A 36 -6.69 -8.44 5.26
N ALA A 37 -6.45 -9.60 4.65
CA ALA A 37 -7.35 -10.14 3.65
C ALA A 37 -8.78 -10.21 4.20
N ASN A 38 -8.90 -10.50 5.48
CA ASN A 38 -10.21 -10.61 6.13
C ASN A 38 -10.89 -9.24 6.20
N LYS A 39 -10.20 -8.27 6.78
CA LYS A 39 -10.73 -6.92 6.91
C LYS A 39 -11.29 -6.43 5.58
N LEU A 40 -10.64 -6.81 4.49
CA LEU A 40 -11.08 -6.41 3.15
C LEU A 40 -12.44 -7.01 2.83
N ASP A 41 -12.48 -8.33 2.66
CA ASP A 41 -13.72 -9.02 2.34
C ASP A 41 -14.86 -8.50 3.21
N ARG A 42 -14.59 -8.36 4.50
CA ARG A 42 -15.60 -7.89 5.44
C ARG A 42 -16.10 -6.49 5.06
N PHE A 43 -15.17 -5.53 5.03
CA PHE A 43 -15.51 -4.16 4.68
C PHE A 43 -16.24 -4.11 3.34
N GLY A 44 -15.77 -4.88 2.37
CA GLY A 44 -16.39 -4.91 1.06
C GLY A 44 -15.37 -5.06 -0.06
N LEU A 45 -14.09 -4.98 0.29
CA LEU A 45 -13.02 -5.11 -0.69
C LEU A 45 -12.55 -6.55 -0.81
N ALA A 46 -11.95 -6.87 -1.95
CA ALA A 46 -11.45 -8.22 -2.19
C ALA A 46 -10.11 -8.45 -1.51
N GLU A 47 -9.62 -9.68 -1.56
CA GLU A 47 -8.34 -10.03 -0.94
C GLU A 47 -7.37 -10.57 -1.98
N SER A 48 -7.91 -11.09 -3.08
CA SER A 48 -7.08 -11.66 -4.13
C SER A 48 -6.23 -10.58 -4.80
N LEU A 49 -6.64 -9.32 -4.63
CA LEU A 49 -5.91 -8.19 -5.21
C LEU A 49 -4.69 -7.85 -4.36
N LEU A 50 -4.35 -8.73 -3.44
CA LEU A 50 -3.20 -8.53 -2.56
C LEU A 50 -1.93 -9.12 -3.18
N GLU A 51 -2.10 -9.85 -4.27
CA GLU A 51 -0.97 -10.47 -4.96
C GLU A 51 -0.28 -9.47 -5.88
N SER A 52 -1.07 -8.76 -6.68
CA SER A 52 -0.53 -7.78 -7.61
C SER A 52 -0.46 -6.39 -6.96
N LYS A 53 0.56 -5.62 -7.32
CA LYS A 53 0.74 -4.29 -6.77
C LYS A 53 -0.37 -3.36 -7.25
N GLU A 54 -0.81 -3.55 -8.48
CA GLU A 54 -1.88 -2.73 -9.05
C GLU A 54 -3.14 -2.83 -8.22
N GLY A 55 -3.58 -4.06 -7.96
CA GLY A 55 -4.79 -4.28 -7.17
C GLY A 55 -4.75 -3.55 -5.85
N CYS A 56 -3.60 -3.59 -5.19
CA CYS A 56 -3.44 -2.94 -3.89
C CYS A 56 -3.48 -1.42 -4.04
N GLN A 57 -3.10 -0.93 -5.22
CA GLN A 57 -3.09 0.49 -5.49
C GLN A 57 -4.50 1.07 -5.39
N LYS A 58 -5.49 0.26 -5.75
CA LYS A 58 -6.89 0.69 -5.70
C LYS A 58 -7.44 0.60 -4.29
N ILE A 59 -6.67 -0.03 -3.40
CA ILE A 59 -7.09 -0.19 -2.01
C ILE A 59 -6.53 0.95 -1.14
N LEU A 60 -5.26 1.23 -1.31
CA LEU A 60 -4.60 2.30 -0.54
C LEU A 60 -5.19 3.66 -0.90
N THR A 61 -5.73 3.77 -2.11
CA THR A 61 -6.31 5.02 -2.56
C THR A 61 -7.60 5.33 -1.81
N VAL A 62 -8.40 4.28 -1.55
CA VAL A 62 -9.65 4.45 -0.83
C VAL A 62 -9.41 4.66 0.66
N LEU A 63 -8.52 3.86 1.23
CA LEU A 63 -8.20 3.95 2.64
C LEU A 63 -7.29 5.15 2.92
N ASP A 64 -6.73 5.72 1.85
CA ASP A 64 -5.85 6.88 1.98
C ASP A 64 -6.55 8.01 2.73
N PRO A 65 -7.64 8.53 2.15
CA PRO A 65 -8.41 9.62 2.74
C PRO A 65 -9.17 9.18 3.99
N MET A 66 -9.15 7.88 4.26
CA MET A 66 -9.84 7.33 5.42
C MET A 66 -8.87 7.16 6.59
N VAL A 67 -7.58 7.11 6.28
CA VAL A 67 -6.56 6.96 7.31
C VAL A 67 -6.75 7.97 8.44
N PRO A 68 -6.72 9.26 8.07
CA PRO A 68 -6.88 10.36 9.03
C PRO A 68 -8.31 10.44 9.58
N THR A 69 -9.29 10.24 8.70
CA THR A 69 -10.69 10.29 9.10
C THR A 69 -11.26 8.89 9.31
N GLY A 70 -10.45 8.02 9.91
CA GLY A 70 -10.89 6.66 10.17
C GLY A 70 -10.41 6.14 11.51
N SER A 71 -11.23 5.31 12.15
CA SER A 71 -10.90 4.74 13.45
C SER A 71 -9.63 3.90 13.36
N GLU A 72 -9.08 3.56 14.52
CA GLU A 72 -7.86 2.74 14.57
C GLU A 72 -8.05 1.43 13.81
N ASN A 73 -9.23 0.85 13.94
CA ASN A 73 -9.55 -0.40 13.27
C ASN A 73 -9.32 -0.28 11.76
N LEU A 74 -9.44 0.94 11.25
CA LEU A 74 -9.25 1.20 9.83
C LEU A 74 -7.80 1.53 9.52
N LYS A 75 -7.04 1.90 10.55
CA LYS A 75 -5.64 2.24 10.39
C LYS A 75 -4.78 1.00 10.25
N SER A 76 -5.05 0.00 11.10
CA SER A 76 -4.30 -1.25 11.07
C SER A 76 -4.43 -1.92 9.71
N LEU A 77 -5.60 -1.82 9.11
CA LEU A 77 -5.85 -2.42 7.80
C LEU A 77 -5.13 -1.65 6.70
N PHE A 78 -4.80 -0.39 6.99
CA PHE A 78 -4.10 0.46 6.01
C PHE A 78 -2.59 0.24 6.10
N ASN A 79 -2.06 0.27 7.31
CA ASN A 79 -0.63 0.08 7.53
C ASN A 79 -0.18 -1.27 6.98
N THR A 80 -1.07 -2.26 7.04
CA THR A 80 -0.75 -3.59 6.55
C THR A 80 -0.66 -3.61 5.03
N VAL A 81 -1.57 -2.90 4.37
CA VAL A 81 -1.60 -2.82 2.92
C VAL A 81 -0.33 -2.16 2.38
N CYS A 82 0.00 -1.00 2.92
CA CYS A 82 1.19 -0.26 2.49
C CYS A 82 2.40 -1.19 2.41
N VAL A 83 2.53 -2.07 3.40
CA VAL A 83 3.65 -3.01 3.43
C VAL A 83 3.56 -4.02 2.30
N ILE A 84 2.34 -4.48 2.02
CA ILE A 84 2.12 -5.45 0.95
C ILE A 84 2.47 -4.86 -0.41
N TRP A 85 1.89 -3.71 -0.73
CA TRP A 85 2.16 -3.04 -1.99
C TRP A 85 3.65 -2.80 -2.18
N CYS A 86 4.32 -2.41 -1.11
CA CYS A 86 5.76 -2.14 -1.15
C CYS A 86 6.53 -3.39 -1.56
N ILE A 87 6.32 -4.48 -0.83
CA ILE A 87 6.99 -5.74 -1.12
C ILE A 87 6.84 -6.11 -2.59
N HIS A 88 5.67 -5.84 -3.16
CA HIS A 88 5.41 -6.15 -4.56
C HIS A 88 6.01 -5.08 -5.47
N ALA A 89 6.02 -3.81 -5.08
CA ALA A 89 6.59 -2.76 -5.92
C ALA A 89 8.11 -2.82 -5.92
N GLU A 90 8.67 -3.78 -5.17
CA GLU A 90 10.11 -3.94 -5.08
C GLU A 90 10.74 -2.77 -4.32
N GLU A 91 10.05 -2.29 -3.31
CA GLU A 91 10.54 -1.17 -2.50
C GLU A 91 11.22 -1.67 -1.24
N LYS A 92 12.52 -1.36 -1.11
CA LYS A 92 13.29 -1.78 0.06
C LYS A 92 12.88 -0.98 1.30
N VAL A 93 12.50 -1.70 2.36
CA VAL A 93 12.09 -1.06 3.60
C VAL A 93 12.77 -1.71 4.80
N LYS A 94 12.38 -1.28 5.99
CA LYS A 94 12.95 -1.83 7.22
C LYS A 94 11.86 -2.09 8.25
N ASP A 95 10.87 -1.20 8.31
CA ASP A 95 9.77 -1.33 9.26
C ASP A 95 8.48 -0.75 8.67
N THR A 96 7.41 -0.79 9.46
CA THR A 96 6.12 -0.27 9.02
C THR A 96 6.21 1.22 8.71
N GLU A 97 6.82 1.98 9.61
CA GLU A 97 6.98 3.41 9.43
C GLU A 97 7.69 3.73 8.11
N GLY A 98 8.67 2.90 7.77
CA GLY A 98 9.41 3.10 6.54
C GLY A 98 8.62 2.69 5.31
N ALA A 99 7.92 1.57 5.42
CA ALA A 99 7.12 1.06 4.31
C ALA A 99 6.06 2.08 3.89
N LYS A 100 5.47 2.75 4.87
CA LYS A 100 4.45 3.75 4.60
C LYS A 100 5.04 5.00 3.96
N GLN A 101 6.12 5.51 4.56
CA GLN A 101 6.78 6.70 4.05
C GLN A 101 7.06 6.57 2.55
N ILE A 102 7.53 5.40 2.14
CA ILE A 102 7.83 5.15 0.73
C ILE A 102 6.56 5.21 -0.11
N VAL A 103 5.47 4.68 0.42
CA VAL A 103 4.19 4.69 -0.29
C VAL A 103 3.69 6.11 -0.50
N ARG A 104 3.42 6.81 0.60
CA ARG A 104 2.93 8.18 0.54
C ARG A 104 3.81 9.02 -0.37
N ARG A 105 5.12 8.80 -0.31
CA ARG A 105 6.07 9.56 -1.13
C ARG A 105 5.66 9.51 -2.60
N HIS A 106 5.14 8.36 -3.03
CA HIS A 106 4.72 8.19 -4.42
C HIS A 106 3.41 8.94 -4.68
N LEU A 107 2.54 9.11 -3.68
CA LEU A 107 1.28 9.81 -3.88
C LEU A 107 1.49 11.32 -3.87
N VAL A 108 2.27 11.80 -2.91
CA VAL A 108 2.56 13.22 -2.81
C VAL A 108 3.15 13.77 -4.10
N ALA A 109 3.97 12.95 -4.76
CA ALA A 109 4.60 13.36 -6.01
C ALA A 109 3.57 13.64 -7.08
N GLU A 110 2.42 12.97 -6.99
CA GLU A 110 1.35 13.15 -7.96
C GLU A 110 0.28 14.10 -7.42
N THR A 111 0.69 15.01 -6.54
CA THR A 111 -0.22 15.97 -5.94
C THR A 111 -0.05 17.34 -6.57
N GLY A 112 1.14 17.61 -7.09
CA GLY A 112 1.41 18.90 -7.71
C GLY A 112 0.43 19.22 -8.82
N THR A 113 -0.17 18.18 -9.40
CA THR A 113 -1.12 18.35 -10.49
C THR A 113 -2.56 18.35 -9.96
N ALA A 114 -2.71 18.73 -8.69
CA ALA A 114 -4.03 18.77 -8.07
C ALA A 114 -3.94 19.29 -6.63
N GLU A 115 -3.27 20.43 -6.46
CA GLU A 115 -3.11 21.02 -5.14
C GLU A 115 -3.54 22.49 -5.15
N LYS A 116 -4.72 22.76 -5.70
CA LYS A 116 -5.25 24.11 -5.78
C LYS A 116 -5.27 24.76 -4.41
N MET A 117 -5.38 23.95 -3.37
CA MET A 117 -5.41 24.44 -2.00
C MET A 117 -6.56 25.44 -1.80
N PRO A 118 -7.79 24.92 -1.72
CA PRO A 118 -8.98 25.74 -1.54
C PRO A 118 -9.05 26.38 -0.15
N SER A 119 -10.18 27.00 0.17
CA SER A 119 -10.36 27.64 1.46
C SER A 119 -10.21 26.64 2.59
N THR A 120 -9.39 26.98 3.58
CA THR A 120 -9.16 26.12 4.73
C THR A 120 -8.49 26.86 5.86
N SER A 121 -8.35 26.20 7.01
CA SER A 121 -7.74 26.82 8.18
C SER A 121 -6.57 25.97 8.69
N ARG A 122 -5.66 26.61 9.41
CA ARG A 122 -4.50 25.91 9.95
C ARG A 122 -4.06 26.54 11.27
N PRO A 123 -3.54 25.70 12.18
CA PRO A 123 -3.08 26.14 13.50
C PRO A 123 -1.82 26.99 13.41
N THR A 124 -1.27 27.36 14.57
CA THR A 124 -0.07 28.17 14.63
C THR A 124 0.40 28.35 16.06
N ALA A 125 1.71 28.23 16.26
CA ALA A 125 2.30 28.38 17.60
C ALA A 125 3.81 28.57 17.51
N PRO A 126 4.35 29.38 18.43
CA PRO A 126 5.79 29.66 18.48
C PRO A 126 6.60 28.45 18.93
N SER A 127 7.91 28.50 18.68
CA SER A 127 8.80 27.40 19.05
C SER A 127 10.23 27.91 19.25
N SER A 128 10.97 27.25 20.13
CA SER A 128 12.35 27.62 20.41
C SER A 128 13.10 26.47 21.07
N GLU A 129 14.25 26.12 20.50
CA GLU A 129 15.07 25.04 21.04
C GLU A 129 16.50 25.51 21.28
N LYS A 130 17.11 25.00 22.34
CA LYS A 130 18.48 25.36 22.69
C LYS A 130 19.14 24.27 23.53
N GLY A 131 20.44 24.05 23.30
CA GLY A 131 21.15 23.03 24.04
C GLY A 131 22.00 23.63 25.14
N GLY A 132 23.15 23.01 25.40
CA GLY A 132 24.04 23.50 26.44
C GLY A 132 24.94 22.41 26.99
N ASN A 133 26.01 22.82 27.67
CA ASN A 133 26.96 21.87 28.24
C ASN A 133 26.60 21.54 29.68
N TYR A 134 27.19 20.47 30.20
CA TYR A 134 26.92 20.04 31.57
C TYR A 134 25.43 19.89 31.82
N GLY A 1 -5.60 -28.01 0.67
CA GLY A 1 -6.83 -27.43 0.16
C GLY A 1 -6.90 -25.93 0.36
N ALA A 2 -5.76 -25.33 0.72
CA ALA A 2 -5.70 -23.89 0.95
C ALA A 2 -5.21 -23.17 -0.31
N ARG A 3 -6.14 -22.50 -0.99
CA ARG A 3 -5.81 -21.77 -2.21
C ARG A 3 -5.34 -20.36 -1.88
N ASN A 4 -4.13 -20.01 -2.33
CA ASN A 4 -3.58 -18.69 -2.08
C ASN A 4 -2.24 -18.51 -2.81
N SER A 5 -2.06 -17.34 -3.41
CA SER A 5 -0.83 -17.05 -4.15
C SER A 5 -0.47 -15.58 -4.04
N VAL A 6 -0.20 -15.13 -2.82
CA VAL A 6 0.16 -13.74 -2.57
C VAL A 6 1.68 -13.56 -2.52
N LEU A 7 2.31 -14.25 -1.58
CA LEU A 7 3.77 -14.18 -1.42
C LEU A 7 4.40 -15.54 -1.62
N ARG A 8 5.40 -15.60 -2.50
CA ARG A 8 6.10 -16.84 -2.79
C ARG A 8 7.18 -17.12 -1.74
N GLY A 9 8.03 -18.10 -2.02
CA GLY A 9 9.09 -18.44 -1.09
C GLY A 9 10.10 -17.32 -0.92
N LYS A 10 10.51 -16.73 -2.05
CA LYS A 10 11.49 -15.64 -2.02
C LYS A 10 10.86 -14.37 -1.45
N LYS A 11 9.55 -14.25 -1.58
CA LYS A 11 8.83 -13.08 -1.08
C LYS A 11 8.53 -13.22 0.40
N ALA A 12 8.18 -14.42 0.83
CA ALA A 12 7.88 -14.69 2.23
C ALA A 12 9.01 -14.20 3.14
N ASP A 13 10.24 -14.37 2.68
CA ASP A 13 11.41 -13.94 3.45
C ASP A 13 11.36 -12.44 3.70
N GLU A 14 11.36 -11.66 2.63
CA GLU A 14 11.33 -10.21 2.74
C GLU A 14 10.26 -9.77 3.74
N LEU A 15 9.14 -10.47 3.75
CA LEU A 15 8.04 -10.15 4.65
C LEU A 15 8.46 -10.31 6.11
N GLU A 16 8.98 -11.49 6.44
CA GLU A 16 9.43 -11.77 7.80
C GLU A 16 10.58 -10.84 8.19
N ARG A 17 11.24 -10.27 7.19
CA ARG A 17 12.36 -9.37 7.43
C ARG A 17 11.86 -7.99 7.84
N ILE A 18 10.69 -7.60 7.32
CA ILE A 18 10.11 -6.31 7.64
C ILE A 18 9.73 -6.22 9.11
N ARG A 19 10.09 -5.11 9.74
CA ARG A 19 9.79 -4.89 11.15
C ARG A 19 8.44 -4.20 11.32
N LEU A 20 7.64 -4.70 12.24
CA LEU A 20 6.32 -4.13 12.50
C LEU A 20 6.44 -2.69 13.00
N ARG A 21 7.43 -2.45 13.85
CA ARG A 21 7.65 -1.11 14.39
C ARG A 21 9.07 -0.64 14.10
N PRO A 22 9.28 0.68 14.20
CA PRO A 22 10.59 1.29 13.95
C PRO A 22 11.60 0.95 15.04
N GLY A 23 11.12 0.80 16.27
CA GLY A 23 12.01 0.47 17.38
C GLY A 23 11.54 -0.76 18.14
N GLY A 24 10.96 -1.72 17.41
CA GLY A 24 10.49 -2.94 18.05
C GLY A 24 11.32 -4.14 17.67
N LYS A 25 10.91 -5.31 18.17
CA LYS A 25 11.64 -6.55 17.89
C LYS A 25 10.70 -7.59 17.29
N LYS A 26 9.61 -7.13 16.69
CA LYS A 26 8.64 -8.03 16.06
C LYS A 26 8.49 -7.72 14.58
N LYS A 27 8.57 -8.75 13.75
CA LYS A 27 8.44 -8.58 12.31
C LYS A 27 7.12 -9.17 11.81
N TYR A 28 6.71 -8.78 10.61
CA TYR A 28 5.47 -9.26 10.03
C TYR A 28 5.51 -10.77 9.83
N ARG A 29 4.33 -11.40 9.87
CA ARG A 29 4.23 -12.84 9.69
C ARG A 29 2.96 -13.21 8.95
N LEU A 30 2.87 -14.47 8.51
CA LEU A 30 1.71 -14.95 7.78
C LEU A 30 0.42 -14.53 8.48
N LYS A 31 0.42 -14.58 9.81
CA LYS A 31 -0.75 -14.20 10.60
C LYS A 31 -1.28 -12.85 10.16
N HIS A 32 -0.38 -11.90 9.94
CA HIS A 32 -0.76 -10.56 9.50
C HIS A 32 -1.36 -10.58 8.10
N ILE A 33 -0.89 -11.45 7.21
CA ILE A 33 -1.44 -11.52 5.86
C ILE A 33 -2.89 -11.98 5.88
N VAL A 34 -3.20 -12.91 6.76
CA VAL A 34 -4.56 -13.43 6.88
C VAL A 34 -5.54 -12.33 7.29
N TRP A 35 -5.24 -11.66 8.40
CA TRP A 35 -6.09 -10.59 8.89
C TRP A 35 -6.40 -9.58 7.79
N ALA A 36 -5.37 -9.21 7.04
CA ALA A 36 -5.52 -8.25 5.95
C ALA A 36 -6.56 -8.73 4.94
N ALA A 37 -6.28 -9.88 4.32
CA ALA A 37 -7.19 -10.45 3.34
C ALA A 37 -8.58 -10.68 3.93
N ASN A 38 -8.61 -11.03 5.22
CA ASN A 38 -9.88 -11.27 5.91
C ASN A 38 -10.70 -10.00 6.02
N LYS A 39 -10.13 -8.99 6.66
CA LYS A 39 -10.81 -7.71 6.83
C LYS A 39 -11.39 -7.22 5.51
N LEU A 40 -10.70 -7.53 4.42
CA LEU A 40 -11.13 -7.12 3.09
C LEU A 40 -12.47 -7.76 2.73
N ASP A 41 -12.46 -9.08 2.58
CA ASP A 41 -13.68 -9.82 2.25
C ASP A 41 -14.85 -9.38 3.13
N ARG A 42 -14.58 -9.24 4.43
CA ARG A 42 -15.60 -8.83 5.38
C ARG A 42 -16.11 -7.43 5.07
N PHE A 43 -15.22 -6.44 5.18
CA PHE A 43 -15.58 -5.06 4.90
C PHE A 43 -16.33 -4.94 3.58
N GLY A 44 -15.83 -5.64 2.56
CA GLY A 44 -16.46 -5.59 1.25
C GLY A 44 -15.47 -5.75 0.12
N LEU A 45 -14.20 -5.51 0.41
CA LEU A 45 -13.14 -5.63 -0.59
C LEU A 45 -12.75 -7.08 -0.80
N ALA A 46 -12.19 -7.38 -1.97
CA ALA A 46 -11.78 -8.73 -2.30
C ALA A 46 -10.26 -8.89 -2.13
N GLU A 47 -9.78 -10.12 -2.33
CA GLU A 47 -8.35 -10.40 -2.19
C GLU A 47 -7.63 -10.24 -3.53
N SER A 48 -8.30 -9.59 -4.48
CA SER A 48 -7.73 -9.37 -5.81
C SER A 48 -6.73 -8.21 -5.78
N LEU A 49 -6.67 -7.52 -4.65
CA LEU A 49 -5.75 -6.39 -4.50
C LEU A 49 -4.59 -6.76 -3.59
N LEU A 50 -4.19 -8.02 -3.62
CA LEU A 50 -3.08 -8.50 -2.80
C LEU A 50 -2.03 -9.18 -3.66
N GLU A 51 -2.48 -9.84 -4.72
CA GLU A 51 -1.58 -10.54 -5.63
C GLU A 51 -0.83 -9.56 -6.53
N SER A 52 -1.58 -8.65 -7.15
CA SER A 52 -1.00 -7.67 -8.04
C SER A 52 -0.75 -6.35 -7.31
N LYS A 53 0.45 -5.82 -7.47
CA LYS A 53 0.83 -4.56 -6.82
C LYS A 53 -0.12 -3.44 -7.23
N GLU A 54 -0.56 -3.46 -8.48
CA GLU A 54 -1.48 -2.45 -8.99
C GLU A 54 -2.80 -2.47 -8.21
N GLY A 55 -3.22 -3.66 -7.81
CA GLY A 55 -4.46 -3.79 -7.07
C GLY A 55 -4.37 -3.19 -5.67
N CYS A 56 -3.30 -3.50 -4.97
CA CYS A 56 -3.09 -3.00 -3.62
C CYS A 56 -3.20 -1.47 -3.59
N GLN A 57 -2.71 -0.83 -4.64
CA GLN A 57 -2.76 0.63 -4.73
C GLN A 57 -4.19 1.13 -4.70
N LYS A 58 -5.13 0.24 -4.99
CA LYS A 58 -6.55 0.59 -4.99
C LYS A 58 -7.11 0.59 -3.58
N ILE A 59 -6.40 -0.05 -2.65
CA ILE A 59 -6.82 -0.12 -1.26
C ILE A 59 -6.31 1.07 -0.47
N LEU A 60 -5.00 1.30 -0.54
CA LEU A 60 -4.39 2.41 0.17
C LEU A 60 -4.96 3.75 -0.29
N THR A 61 -5.37 3.80 -1.55
CA THR A 61 -5.94 5.02 -2.11
C THR A 61 -7.29 5.34 -1.47
N VAL A 62 -8.05 4.30 -1.16
CA VAL A 62 -9.36 4.47 -0.53
C VAL A 62 -9.22 4.82 0.95
N LEU A 63 -8.42 4.04 1.66
CA LEU A 63 -8.20 4.27 3.08
C LEU A 63 -7.30 5.49 3.31
N ASP A 64 -6.68 5.97 2.24
CA ASP A 64 -5.81 7.13 2.33
C ASP A 64 -6.54 8.32 2.95
N PRO A 65 -7.57 8.82 2.26
CA PRO A 65 -8.38 9.95 2.73
C PRO A 65 -9.23 9.59 3.94
N MET A 66 -9.24 8.31 4.31
CA MET A 66 -10.01 7.84 5.45
C MET A 66 -9.12 7.68 6.67
N VAL A 67 -7.81 7.67 6.46
CA VAL A 67 -6.86 7.52 7.55
C VAL A 67 -7.21 8.44 8.72
N PRO A 68 -7.29 9.74 8.43
CA PRO A 68 -7.62 10.76 9.45
C PRO A 68 -9.07 10.67 9.90
N THR A 69 -9.95 10.35 8.97
CA THR A 69 -11.37 10.24 9.28
C THR A 69 -11.78 8.78 9.50
N GLY A 70 -10.88 8.00 10.08
CA GLY A 70 -11.15 6.60 10.34
C GLY A 70 -10.63 6.14 11.68
N SER A 71 -11.25 5.11 12.23
CA SER A 71 -10.85 4.57 13.53
C SER A 71 -9.52 3.84 13.43
N GLU A 72 -9.01 3.40 14.57
CA GLU A 72 -7.73 2.68 14.61
C GLU A 72 -7.77 1.45 13.70
N ASN A 73 -8.93 0.81 13.63
CA ASN A 73 -9.10 -0.39 12.80
C ASN A 73 -8.82 -0.06 11.34
N LEU A 74 -8.88 1.21 11.00
CA LEU A 74 -8.62 1.65 9.62
C LEU A 74 -7.16 2.01 9.43
N LYS A 75 -6.48 2.33 10.53
CA LYS A 75 -5.07 2.69 10.49
C LYS A 75 -4.18 1.45 10.52
N SER A 76 -4.46 0.54 11.44
CA SER A 76 -3.69 -0.69 11.58
C SER A 76 -3.58 -1.40 10.23
N LEU A 77 -4.71 -1.57 9.57
CA LEU A 77 -4.75 -2.25 8.27
C LEU A 77 -4.06 -1.40 7.20
N PHE A 78 -4.20 -0.08 7.32
CA PHE A 78 -3.59 0.85 6.37
C PHE A 78 -2.08 0.69 6.35
N ASN A 79 -1.49 0.57 7.55
CA ASN A 79 -0.04 0.42 7.67
C ASN A 79 0.41 -0.95 7.17
N THR A 80 -0.45 -1.95 7.32
CA THR A 80 -0.15 -3.29 6.87
C THR A 80 -0.26 -3.41 5.36
N VAL A 81 -1.27 -2.77 4.79
CA VAL A 81 -1.49 -2.80 3.34
C VAL A 81 -0.30 -2.23 2.60
N CYS A 82 0.32 -1.19 3.17
CA CYS A 82 1.47 -0.56 2.55
C CYS A 82 2.63 -1.54 2.41
N VAL A 83 2.74 -2.45 3.38
CA VAL A 83 3.81 -3.45 3.36
C VAL A 83 3.62 -4.43 2.22
N ILE A 84 2.39 -4.86 1.99
CA ILE A 84 2.08 -5.79 0.93
C ILE A 84 2.43 -5.21 -0.44
N TRP A 85 2.06 -3.95 -0.65
CA TRP A 85 2.35 -3.28 -1.90
C TRP A 85 3.85 -3.11 -2.12
N CYS A 86 4.57 -2.87 -1.02
CA CYS A 86 6.01 -2.70 -1.10
C CYS A 86 6.69 -3.97 -1.57
N ILE A 87 6.35 -5.10 -0.96
CA ILE A 87 6.92 -6.38 -1.32
C ILE A 87 6.83 -6.62 -2.83
N HIS A 88 5.70 -6.25 -3.41
CA HIS A 88 5.48 -6.42 -4.84
C HIS A 88 6.11 -5.27 -5.63
N ALA A 89 6.05 -4.03 -5.14
CA ALA A 89 6.64 -2.91 -5.85
C ALA A 89 8.15 -3.07 -5.98
N GLU A 90 8.71 -3.98 -5.21
CA GLU A 90 10.15 -4.24 -5.23
C GLU A 90 10.91 -3.08 -4.59
N GLU A 91 10.44 -2.63 -3.44
CA GLU A 91 11.07 -1.54 -2.72
C GLU A 91 11.64 -2.02 -1.38
N LYS A 92 12.86 -1.58 -1.07
CA LYS A 92 13.52 -1.96 0.17
C LYS A 92 12.94 -1.18 1.34
N VAL A 93 12.49 -1.91 2.36
CA VAL A 93 11.92 -1.28 3.56
C VAL A 93 12.47 -1.91 4.83
N LYS A 94 12.58 -1.10 5.88
CA LYS A 94 13.10 -1.57 7.16
C LYS A 94 11.96 -1.88 8.12
N ASP A 95 10.95 -1.02 8.14
CA ASP A 95 9.80 -1.20 9.01
C ASP A 95 8.52 -0.68 8.35
N THR A 96 7.42 -0.71 9.09
CA THR A 96 6.14 -0.25 8.57
C THR A 96 6.18 1.24 8.25
N GLU A 97 6.76 2.02 9.15
CA GLU A 97 6.86 3.46 8.96
C GLU A 97 7.56 3.79 7.64
N GLY A 98 8.62 3.04 7.34
CA GLY A 98 9.36 3.25 6.12
C GLY A 98 8.63 2.73 4.89
N ALA A 99 7.92 1.62 5.06
CA ALA A 99 7.18 1.01 3.96
C ALA A 99 6.11 1.97 3.44
N LYS A 100 5.57 2.79 4.33
CA LYS A 100 4.54 3.75 3.96
C LYS A 100 5.14 4.92 3.19
N GLN A 101 6.18 5.52 3.75
CA GLN A 101 6.85 6.66 3.12
C GLN A 101 7.14 6.36 1.65
N ILE A 102 7.62 5.15 1.38
CA ILE A 102 7.93 4.74 0.01
C ILE A 102 6.69 4.73 -0.86
N VAL A 103 5.58 4.29 -0.29
CA VAL A 103 4.31 4.23 -1.02
C VAL A 103 3.82 5.62 -1.39
N ARG A 104 3.59 6.45 -0.37
CA ARG A 104 3.13 7.82 -0.59
C ARG A 104 4.02 8.54 -1.59
N ARG A 105 5.33 8.34 -1.46
CA ARG A 105 6.30 8.99 -2.35
C ARG A 105 5.90 8.78 -3.81
N HIS A 106 5.49 7.57 -4.14
CA HIS A 106 5.09 7.24 -5.50
C HIS A 106 3.77 7.93 -5.87
N LEU A 107 2.90 8.21 -4.91
CA LEU A 107 1.63 8.88 -5.20
C LEU A 107 1.84 10.35 -5.56
N VAL A 108 2.71 11.01 -4.78
CA VAL A 108 3.01 12.42 -5.02
C VAL A 108 3.61 12.64 -6.40
N ALA A 109 4.36 11.64 -6.87
CA ALA A 109 4.99 11.72 -8.19
C ALA A 109 3.95 11.68 -9.30
N GLU A 110 2.82 11.03 -9.02
CA GLU A 110 1.74 10.93 -10.00
C GLU A 110 0.65 11.94 -9.72
N THR A 111 1.02 13.06 -9.10
CA THR A 111 0.07 14.11 -8.76
C THR A 111 0.32 15.36 -9.61
N GLY A 112 0.86 15.16 -10.80
CA GLY A 112 1.14 16.28 -11.68
C GLY A 112 0.61 16.06 -13.08
N THR A 113 -0.39 15.19 -13.21
CA THR A 113 -0.99 14.89 -14.50
C THR A 113 -2.50 14.73 -14.39
N ALA A 114 -3.12 15.64 -13.65
CA ALA A 114 -4.58 15.61 -13.46
C ALA A 114 -5.26 16.62 -14.36
N GLU A 115 -4.70 16.83 -15.54
CA GLU A 115 -5.28 17.78 -16.50
C GLU A 115 -6.16 17.06 -17.51
N LYS A 116 -6.72 15.92 -17.11
CA LYS A 116 -7.58 15.14 -17.99
C LYS A 116 -9.01 15.13 -17.45
N MET A 117 -9.40 16.21 -16.78
CA MET A 117 -10.75 16.32 -16.23
C MET A 117 -11.00 15.24 -15.18
N PRO A 118 -11.99 15.47 -14.31
CA PRO A 118 -12.34 14.55 -13.23
C PRO A 118 -12.97 13.27 -13.77
N SER A 119 -13.17 12.29 -12.87
CA SER A 119 -13.77 11.02 -13.25
C SER A 119 -15.01 10.73 -12.41
N THR A 120 -15.53 9.52 -12.56
CA THR A 120 -16.72 9.11 -11.82
C THR A 120 -16.47 9.15 -10.32
N SER A 121 -16.88 10.24 -9.67
CA SER A 121 -16.70 10.40 -8.24
C SER A 121 -17.41 11.65 -7.74
N ARG A 122 -17.69 11.68 -6.43
CA ARG A 122 -18.37 12.82 -5.83
C ARG A 122 -17.37 13.84 -5.30
N PRO A 123 -17.72 15.12 -5.40
CA PRO A 123 -16.86 16.22 -4.94
C PRO A 123 -16.75 16.26 -3.42
N THR A 124 -15.84 17.09 -2.93
CA THR A 124 -15.63 17.23 -1.48
C THR A 124 -15.48 18.69 -1.08
N ALA A 125 -16.26 19.10 -0.09
CA ALA A 125 -16.22 20.47 0.39
C ALA A 125 -15.24 20.62 1.55
N PRO A 126 -14.60 21.80 1.64
CA PRO A 126 -13.62 22.10 2.69
C PRO A 126 -14.28 22.23 4.07
N SER A 127 -13.89 21.35 4.99
CA SER A 127 -14.44 21.37 6.33
C SER A 127 -13.34 21.46 7.38
N SER A 128 -13.20 22.63 7.98
CA SER A 128 -12.17 22.87 8.99
C SER A 128 -12.80 23.13 10.36
N GLU A 129 -12.63 22.17 11.27
CA GLU A 129 -13.19 22.30 12.61
C GLU A 129 -12.31 21.57 13.63
N LYS A 130 -11.72 22.35 14.54
CA LYS A 130 -10.85 21.79 15.57
C LYS A 130 -11.26 22.29 16.95
N GLY A 131 -12.55 22.56 17.13
CA GLY A 131 -13.04 23.03 18.41
C GLY A 131 -14.22 23.98 18.25
N GLY A 132 -14.12 25.16 18.87
CA GLY A 132 -15.18 26.13 18.80
C GLY A 132 -14.97 27.30 19.73
N ASN A 133 -13.74 27.80 19.78
CA ASN A 133 -13.41 28.93 20.65
C ASN A 133 -12.33 29.80 20.01
N TYR A 134 -12.73 30.98 19.55
CA TYR A 134 -11.80 31.91 18.92
C TYR A 134 -11.03 31.23 17.79
N GLY A 1 3.02 -26.94 4.22
CA GLY A 1 1.85 -26.51 3.49
C GLY A 1 2.15 -26.22 2.03
N ALA A 2 1.16 -25.73 1.30
CA ALA A 2 1.32 -25.41 -0.11
C ALA A 2 0.07 -24.77 -0.68
N ARG A 3 -0.33 -23.63 -0.11
CA ARG A 3 -1.51 -22.93 -0.57
C ARG A 3 -1.31 -21.41 -0.46
N ASN A 4 -0.14 -20.95 -0.89
CA ASN A 4 0.18 -19.53 -0.84
C ASN A 4 -0.32 -18.83 -2.10
N SER A 5 -0.60 -17.53 -1.99
CA SER A 5 -1.08 -16.74 -3.12
C SER A 5 -0.62 -15.29 -3.00
N VAL A 6 -0.78 -14.73 -1.80
CA VAL A 6 -0.38 -13.34 -1.55
C VAL A 6 1.12 -13.17 -1.71
N LEU A 7 1.89 -14.08 -1.13
CA LEU A 7 3.35 -14.02 -1.22
C LEU A 7 3.93 -15.41 -1.42
N ARG A 8 4.80 -15.54 -2.42
CA ARG A 8 5.43 -16.82 -2.72
C ARG A 8 6.56 -17.11 -1.73
N GLY A 9 7.27 -18.21 -1.95
CA GLY A 9 8.37 -18.59 -1.07
C GLY A 9 9.53 -17.61 -1.14
N LYS A 10 9.57 -16.83 -2.22
CA LYS A 10 10.64 -15.85 -2.41
C LYS A 10 10.20 -14.47 -1.92
N LYS A 11 8.90 -14.20 -2.00
CA LYS A 11 8.36 -12.91 -1.57
C LYS A 11 8.32 -12.83 -0.05
N ALA A 12 7.88 -13.92 0.59
CA ALA A 12 7.80 -13.96 2.04
C ALA A 12 9.13 -13.53 2.68
N ASP A 13 10.23 -13.87 2.03
CA ASP A 13 11.55 -13.53 2.53
C ASP A 13 11.66 -12.02 2.77
N GLU A 14 10.96 -11.25 1.96
CA GLU A 14 10.98 -9.80 2.08
C GLU A 14 10.09 -9.33 3.23
N LEU A 15 8.92 -9.96 3.36
CA LEU A 15 7.98 -9.61 4.42
C LEU A 15 8.60 -9.87 5.79
N GLU A 16 9.08 -11.08 5.99
CA GLU A 16 9.69 -11.46 7.27
C GLU A 16 10.82 -10.49 7.64
N ARG A 17 11.43 -9.90 6.62
CA ARG A 17 12.52 -8.95 6.83
C ARG A 17 12.00 -7.64 7.43
N ILE A 18 10.76 -7.30 7.09
CA ILE A 18 10.15 -6.07 7.60
C ILE A 18 9.74 -6.22 9.06
N ARG A 19 10.05 -5.21 9.86
CA ARG A 19 9.72 -5.22 11.28
C ARG A 19 8.34 -4.63 11.52
N LEU A 20 7.59 -5.21 12.44
CA LEU A 20 6.25 -4.73 12.76
C LEU A 20 6.29 -3.31 13.31
N ARG A 21 7.29 -3.04 14.14
CA ARG A 21 7.45 -1.71 14.73
C ARG A 21 8.86 -1.18 14.49
N PRO A 22 8.99 0.16 14.46
CA PRO A 22 10.28 0.82 14.24
C PRO A 22 11.21 0.67 15.43
N GLY A 23 10.64 0.62 16.63
CA GLY A 23 11.44 0.47 17.84
C GLY A 23 11.53 -0.97 18.30
N GLY A 24 10.41 -1.67 18.25
CA GLY A 24 10.39 -3.06 18.66
C GLY A 24 11.33 -3.93 17.85
N LYS A 25 11.21 -5.25 18.01
CA LYS A 25 12.05 -6.19 17.28
C LYS A 25 11.23 -7.35 16.75
N LYS A 26 9.95 -7.10 16.49
CA LYS A 26 9.06 -8.13 15.97
C LYS A 26 9.03 -8.10 14.44
N LYS A 27 8.90 -9.27 13.83
CA LYS A 27 8.86 -9.38 12.39
C LYS A 27 7.49 -9.83 11.91
N TYR A 28 7.07 -9.35 10.75
CA TYR A 28 5.77 -9.71 10.19
C TYR A 28 5.65 -11.23 10.02
N ARG A 29 4.45 -11.74 10.20
CA ARG A 29 4.20 -13.17 10.06
C ARG A 29 2.88 -13.43 9.32
N LEU A 30 2.73 -14.65 8.81
CA LEU A 30 1.51 -15.02 8.09
C LEU A 30 0.27 -14.56 8.83
N LYS A 31 0.28 -14.72 10.15
CA LYS A 31 -0.84 -14.33 10.99
C LYS A 31 -1.31 -12.92 10.64
N HIS A 32 -0.35 -12.04 10.36
CA HIS A 32 -0.66 -10.66 10.01
C HIS A 32 -1.26 -10.57 8.61
N ILE A 33 -0.83 -11.39 7.66
CA ILE A 33 -1.38 -11.35 6.31
C ILE A 33 -2.84 -11.75 6.30
N VAL A 34 -3.18 -12.79 7.06
CA VAL A 34 -4.55 -13.27 7.14
C VAL A 34 -5.50 -12.16 7.56
N TRP A 35 -5.23 -11.56 8.71
CA TRP A 35 -6.07 -10.48 9.22
C TRP A 35 -6.36 -9.46 8.13
N ALA A 36 -5.36 -9.16 7.31
CA ALA A 36 -5.52 -8.20 6.23
C ALA A 36 -6.46 -8.73 5.16
N ALA A 37 -6.13 -9.89 4.59
CA ALA A 37 -6.96 -10.51 3.56
C ALA A 37 -8.41 -10.62 4.02
N ASN A 38 -8.60 -10.88 5.31
CA ASN A 38 -9.95 -11.01 5.86
C ASN A 38 -10.61 -9.64 6.00
N LYS A 39 -9.90 -8.71 6.62
CA LYS A 39 -10.43 -7.37 6.82
C LYS A 39 -10.99 -6.80 5.52
N LEU A 40 -10.38 -7.18 4.40
CA LEU A 40 -10.83 -6.72 3.09
C LEU A 40 -12.22 -7.25 2.77
N ASP A 41 -12.32 -8.56 2.58
CA ASP A 41 -13.60 -9.19 2.27
C ASP A 41 -14.71 -8.63 3.16
N ARG A 42 -14.41 -8.48 4.44
CA ARG A 42 -15.39 -7.97 5.40
C ARG A 42 -15.80 -6.54 5.03
N PHE A 43 -14.83 -5.65 4.95
CA PHE A 43 -15.10 -4.26 4.60
C PHE A 43 -15.83 -4.16 3.26
N GLY A 44 -15.40 -4.95 2.29
CA GLY A 44 -16.02 -4.94 0.99
C GLY A 44 -15.03 -5.18 -0.14
N LEU A 45 -13.75 -5.14 0.20
CA LEU A 45 -12.70 -5.35 -0.79
C LEU A 45 -12.35 -6.84 -0.92
N ALA A 46 -11.84 -7.22 -2.09
CA ALA A 46 -11.48 -8.61 -2.34
C ALA A 46 -10.22 -8.98 -1.57
N GLU A 47 -9.79 -10.24 -1.70
CA GLU A 47 -8.61 -10.72 -1.01
C GLU A 47 -7.48 -11.01 -2.01
N SER A 48 -7.86 -11.38 -3.23
CA SER A 48 -6.89 -11.69 -4.27
C SER A 48 -6.25 -10.41 -4.81
N LEU A 49 -6.77 -9.26 -4.37
CA LEU A 49 -6.25 -7.97 -4.81
C LEU A 49 -4.92 -7.67 -4.13
N LEU A 50 -4.51 -8.52 -3.21
CA LEU A 50 -3.26 -8.34 -2.49
C LEU A 50 -2.12 -9.07 -3.20
N GLU A 51 -2.47 -9.85 -4.22
CA GLU A 51 -1.48 -10.60 -4.99
C GLU A 51 -0.83 -9.71 -6.04
N SER A 52 -1.59 -8.73 -6.52
CA SER A 52 -1.09 -7.82 -7.55
C SER A 52 -0.86 -6.42 -6.97
N LYS A 53 0.20 -5.76 -7.42
CA LYS A 53 0.52 -4.42 -6.95
C LYS A 53 -0.58 -3.43 -7.34
N GLU A 54 -0.99 -3.48 -8.61
CA GLU A 54 -2.03 -2.59 -9.11
C GLU A 54 -3.26 -2.64 -8.20
N GLY A 55 -3.67 -3.85 -7.84
CA GLY A 55 -4.83 -4.01 -6.98
C GLY A 55 -4.69 -3.30 -5.65
N CYS A 56 -3.50 -3.42 -5.05
CA CYS A 56 -3.24 -2.77 -3.77
C CYS A 56 -3.23 -1.25 -3.91
N GLN A 57 -2.81 -0.78 -5.07
CA GLN A 57 -2.75 0.66 -5.32
C GLN A 57 -4.12 1.30 -5.15
N LYS A 58 -5.17 0.50 -5.33
CA LYS A 58 -6.53 0.98 -5.19
C LYS A 58 -7.02 0.85 -3.76
N ILE A 59 -6.30 0.06 -2.96
CA ILE A 59 -6.66 -0.15 -1.57
C ILE A 59 -6.03 0.93 -0.67
N LEU A 60 -4.86 1.40 -1.06
CA LEU A 60 -4.16 2.43 -0.30
C LEU A 60 -4.73 3.81 -0.60
N THR A 61 -5.23 3.98 -1.82
CA THR A 61 -5.81 5.26 -2.24
C THR A 61 -7.11 5.54 -1.49
N VAL A 62 -7.87 4.49 -1.20
CA VAL A 62 -9.13 4.63 -0.49
C VAL A 62 -8.90 4.85 1.01
N LEU A 63 -8.01 4.03 1.58
CA LEU A 63 -7.70 4.14 3.00
C LEU A 63 -6.86 5.37 3.29
N ASP A 64 -6.23 5.91 2.24
CA ASP A 64 -5.40 7.09 2.38
C ASP A 64 -6.18 8.24 3.03
N PRO A 65 -7.24 8.70 2.34
CA PRO A 65 -8.09 9.79 2.84
C PRO A 65 -8.93 9.38 4.04
N MET A 66 -9.01 8.08 4.27
CA MET A 66 -9.79 7.55 5.38
C MET A 66 -8.95 7.54 6.67
N VAL A 67 -7.63 7.64 6.51
CA VAL A 67 -6.73 7.64 7.65
C VAL A 67 -7.10 8.72 8.66
N PRO A 68 -7.14 9.98 8.18
CA PRO A 68 -7.48 11.13 9.03
C PRO A 68 -8.95 11.14 9.42
N THR A 69 -9.68 10.10 9.00
CA THR A 69 -11.10 10.00 9.31
C THR A 69 -11.54 8.54 9.34
N GLY A 70 -10.77 7.71 10.05
CA GLY A 70 -11.11 6.30 10.15
C GLY A 70 -10.69 5.70 11.49
N SER A 71 -11.48 4.76 11.97
CA SER A 71 -11.21 4.11 13.25
C SER A 71 -9.81 3.51 13.26
N GLU A 72 -9.41 2.97 14.41
CA GLU A 72 -8.09 2.36 14.55
C GLU A 72 -7.91 1.21 13.57
N ASN A 73 -8.95 0.37 13.46
CA ASN A 73 -8.91 -0.78 12.56
C ASN A 73 -8.51 -0.36 11.16
N LEU A 74 -9.05 0.78 10.71
CA LEU A 74 -8.76 1.29 9.38
C LEU A 74 -7.31 1.76 9.28
N LYS A 75 -6.73 2.14 10.42
CA LYS A 75 -5.35 2.60 10.47
C LYS A 75 -4.39 1.42 10.49
N SER A 76 -4.78 0.36 11.18
CA SER A 76 -3.94 -0.84 11.29
C SER A 76 -3.82 -1.53 9.94
N LEU A 77 -4.92 -1.63 9.21
CA LEU A 77 -4.94 -2.26 7.90
C LEU A 77 -4.16 -1.43 6.89
N PHE A 78 -4.39 -0.12 6.91
CA PHE A 78 -3.71 0.79 5.99
C PHE A 78 -2.19 0.59 6.06
N ASN A 79 -1.69 0.34 7.26
CA ASN A 79 -0.26 0.15 7.47
C ASN A 79 0.19 -1.20 6.89
N THR A 80 -0.66 -2.21 7.04
CA THR A 80 -0.35 -3.53 6.53
C THR A 80 -0.31 -3.55 5.01
N VAL A 81 -1.23 -2.83 4.39
CA VAL A 81 -1.30 -2.76 2.93
C VAL A 81 -0.02 -2.15 2.35
N CYS A 82 0.38 -1.01 2.91
CA CYS A 82 1.58 -0.32 2.45
C CYS A 82 2.77 -1.27 2.40
N VAL A 83 2.77 -2.26 3.29
CA VAL A 83 3.84 -3.24 3.34
C VAL A 83 3.75 -4.23 2.18
N ILE A 84 2.52 -4.64 1.86
CA ILE A 84 2.30 -5.58 0.77
C ILE A 84 2.66 -4.96 -0.58
N TRP A 85 2.05 -3.81 -0.87
CA TRP A 85 2.31 -3.11 -2.12
C TRP A 85 3.80 -2.94 -2.36
N CYS A 86 4.52 -2.58 -1.30
CA CYS A 86 5.96 -2.37 -1.40
C CYS A 86 6.66 -3.62 -1.92
N ILE A 87 6.36 -4.76 -1.29
CA ILE A 87 6.96 -6.02 -1.70
C ILE A 87 6.81 -6.25 -3.20
N HIS A 88 5.62 -5.99 -3.73
CA HIS A 88 5.34 -6.16 -5.14
C HIS A 88 6.03 -5.06 -5.95
N ALA A 89 5.94 -3.80 -5.55
CA ALA A 89 6.58 -2.72 -6.31
C ALA A 89 8.09 -2.90 -6.35
N GLU A 90 8.60 -3.84 -5.55
CA GLU A 90 10.03 -4.10 -5.50
C GLU A 90 10.74 -3.07 -4.63
N GLU A 91 10.16 -2.76 -3.49
CA GLU A 91 10.74 -1.79 -2.56
C GLU A 91 11.18 -2.47 -1.26
N LYS A 92 12.25 -1.95 -0.68
CA LYS A 92 12.77 -2.49 0.58
C LYS A 92 12.51 -1.55 1.74
N VAL A 93 12.01 -2.10 2.84
CA VAL A 93 11.72 -1.30 4.03
C VAL A 93 12.19 -2.00 5.29
N LYS A 94 12.45 -1.22 6.34
CA LYS A 94 12.90 -1.77 7.61
C LYS A 94 11.74 -1.95 8.58
N ASP A 95 10.81 -0.99 8.55
CA ASP A 95 9.64 -1.05 9.42
C ASP A 95 8.40 -0.50 8.70
N THR A 96 7.24 -0.67 9.33
CA THR A 96 5.99 -0.20 8.75
C THR A 96 6.05 1.29 8.44
N GLU A 97 6.35 2.09 9.46
CA GLU A 97 6.44 3.54 9.29
C GLU A 97 7.27 3.90 8.06
N GLY A 98 8.35 3.14 7.85
CA GLY A 98 9.22 3.39 6.71
C GLY A 98 8.55 3.04 5.39
N ALA A 99 7.74 1.99 5.40
CA ALA A 99 7.05 1.55 4.20
C ALA A 99 6.12 2.65 3.66
N LYS A 100 5.32 3.22 4.57
CA LYS A 100 4.39 4.27 4.19
C LYS A 100 5.12 5.45 3.55
N GLN A 101 6.20 5.88 4.19
CA GLN A 101 6.99 7.00 3.68
C GLN A 101 7.31 6.81 2.20
N ILE A 102 7.72 5.60 1.84
CA ILE A 102 8.06 5.28 0.46
C ILE A 102 6.83 5.41 -0.45
N VAL A 103 5.69 4.95 0.05
CA VAL A 103 4.44 5.01 -0.71
C VAL A 103 3.99 6.45 -0.91
N ARG A 104 3.67 7.12 0.20
CA ARG A 104 3.22 8.51 0.13
C ARG A 104 4.17 9.36 -0.70
N ARG A 105 5.47 9.20 -0.45
CA ARG A 105 6.48 9.96 -1.18
C ARG A 105 6.27 9.84 -2.69
N HIS A 106 5.96 8.62 -3.14
CA HIS A 106 5.73 8.37 -4.56
C HIS A 106 4.45 9.06 -5.03
N LEU A 107 3.48 9.31 -4.16
CA LEU A 107 2.23 9.96 -4.56
C LEU A 107 2.38 11.48 -4.54
N VAL A 108 3.01 11.98 -3.48
CA VAL A 108 3.23 13.42 -3.34
C VAL A 108 3.99 13.99 -4.53
N ALA A 109 4.98 13.24 -5.01
CA ALA A 109 5.78 13.66 -6.14
C ALA A 109 4.91 13.91 -7.36
N GLU A 110 3.76 13.26 -7.42
CA GLU A 110 2.83 13.41 -8.53
C GLU A 110 1.65 14.30 -8.15
N THR A 111 1.90 15.24 -7.23
CA THR A 111 0.86 16.15 -6.77
C THR A 111 1.37 17.59 -6.74
N GLY A 112 2.58 17.77 -6.21
CA GLY A 112 3.17 19.09 -6.12
C GLY A 112 3.31 19.75 -7.48
N THR A 113 3.31 18.93 -8.54
CA THR A 113 3.45 19.45 -9.90
C THR A 113 2.09 19.62 -10.56
N ALA A 114 1.06 19.82 -9.75
CA ALA A 114 -0.29 20.00 -10.26
C ALA A 114 -0.99 21.15 -9.55
N GLU A 115 -0.22 22.09 -9.03
CA GLU A 115 -0.76 23.25 -8.34
C GLU A 115 0.23 24.41 -8.32
N LYS A 116 0.98 24.54 -9.40
CA LYS A 116 1.97 25.60 -9.53
C LYS A 116 1.32 26.97 -9.28
N MET A 117 0.09 27.12 -9.73
CA MET A 117 -0.64 28.38 -9.55
C MET A 117 0.15 29.55 -10.13
N PRO A 118 0.20 29.63 -11.47
CA PRO A 118 0.92 30.69 -12.17
C PRO A 118 0.24 32.06 -12.01
N SER A 119 -1.04 32.03 -11.66
CA SER A 119 -1.81 33.26 -11.49
C SER A 119 -1.33 34.02 -10.25
N THR A 120 -0.74 35.19 -10.46
CA THR A 120 -0.25 36.01 -9.37
C THR A 120 -0.28 37.49 -9.73
N SER A 121 -0.57 38.33 -8.75
CA SER A 121 -0.64 39.77 -8.97
C SER A 121 0.56 40.47 -8.33
N ARG A 122 1.56 40.79 -9.15
CA ARG A 122 2.76 41.45 -8.66
C ARG A 122 3.25 42.49 -9.66
N PRO A 123 3.93 43.53 -9.16
CA PRO A 123 4.48 44.60 -10.00
C PRO A 123 5.63 44.13 -10.87
N THR A 124 5.52 44.36 -12.18
CA THR A 124 6.56 43.96 -13.12
C THR A 124 7.87 44.66 -12.82
N ALA A 125 8.90 43.88 -12.56
CA ALA A 125 10.23 44.42 -12.27
C ALA A 125 11.33 43.46 -12.68
N PRO A 126 12.48 44.01 -13.08
CA PRO A 126 13.64 43.22 -13.51
C PRO A 126 14.29 42.45 -12.36
N SER A 127 15.36 41.73 -12.67
CA SER A 127 16.07 40.95 -11.65
C SER A 127 17.55 40.89 -11.98
N SER A 128 18.39 41.22 -10.99
CA SER A 128 19.83 41.19 -11.16
C SER A 128 20.41 39.86 -10.68
N GLU A 129 21.43 39.38 -11.38
CA GLU A 129 22.07 38.13 -11.02
C GLU A 129 23.53 38.11 -11.48
N LYS A 130 24.14 39.30 -11.56
CA LYS A 130 25.52 39.42 -11.98
C LYS A 130 26.41 39.88 -10.82
N GLY A 131 27.70 39.60 -10.92
CA GLY A 131 28.63 40.00 -9.88
C GLY A 131 30.02 40.25 -10.41
N GLY A 132 30.88 39.24 -10.32
CA GLY A 132 32.25 39.40 -10.80
C GLY A 132 33.27 38.91 -9.79
N ASN A 133 33.58 37.62 -9.84
CA ASN A 133 34.55 37.03 -8.92
C ASN A 133 35.97 37.20 -9.45
N TYR A 134 36.94 37.03 -8.56
CA TYR A 134 38.35 37.17 -8.92
C TYR A 134 38.62 38.55 -9.53
N GLY A 1 -6.83 -24.90 3.81
CA GLY A 1 -7.92 -24.46 2.96
C GLY A 1 -7.97 -22.96 2.79
N ALA A 2 -6.90 -22.40 2.26
CA ALA A 2 -6.83 -20.96 2.04
C ALA A 2 -6.32 -20.63 0.64
N ARG A 3 -5.05 -20.94 0.39
CA ARG A 3 -4.44 -20.69 -0.91
C ARG A 3 -4.46 -19.20 -1.24
N ASN A 4 -3.64 -18.43 -0.53
CA ASN A 4 -3.57 -16.99 -0.75
C ASN A 4 -2.77 -16.67 -2.01
N SER A 5 -1.55 -17.19 -2.08
CA SER A 5 -0.69 -16.95 -3.23
C SER A 5 -0.35 -15.47 -3.37
N VAL A 6 -0.11 -14.82 -2.22
CA VAL A 6 0.21 -13.40 -2.22
C VAL A 6 1.72 -13.19 -2.30
N LEU A 7 2.46 -13.93 -1.48
CA LEU A 7 3.92 -13.82 -1.45
C LEU A 7 4.57 -15.14 -1.85
N ARG A 8 5.49 -15.08 -2.79
CA ARG A 8 6.19 -16.27 -3.26
C ARG A 8 7.32 -16.66 -2.29
N GLY A 9 8.12 -17.63 -2.70
CA GLY A 9 9.23 -18.08 -1.85
C GLY A 9 10.23 -16.97 -1.57
N LYS A 10 10.59 -16.22 -2.61
CA LYS A 10 11.53 -15.13 -2.47
C LYS A 10 10.91 -13.96 -1.71
N LYS A 11 9.67 -13.64 -2.04
CA LYS A 11 8.96 -12.54 -1.40
C LYS A 11 8.74 -12.83 0.08
N ALA A 12 8.50 -14.10 0.40
CA ALA A 12 8.27 -14.51 1.78
C ALA A 12 9.40 -14.01 2.69
N ASP A 13 10.64 -14.13 2.22
CA ASP A 13 11.79 -13.69 2.99
C ASP A 13 11.67 -12.21 3.35
N GLU A 14 11.42 -11.38 2.34
CA GLU A 14 11.29 -9.94 2.55
C GLU A 14 10.23 -9.65 3.62
N LEU A 15 9.14 -10.40 3.59
CA LEU A 15 8.05 -10.23 4.55
C LEU A 15 8.55 -10.42 5.97
N GLU A 16 9.16 -11.56 6.23
CA GLU A 16 9.68 -11.87 7.56
C GLU A 16 10.79 -10.89 7.95
N ARG A 17 11.32 -10.18 6.96
CA ARG A 17 12.38 -9.21 7.20
C ARG A 17 11.81 -7.92 7.78
N ILE A 18 10.77 -7.39 7.14
CA ILE A 18 10.13 -6.17 7.60
C ILE A 18 9.73 -6.27 9.07
N ARG A 19 10.09 -5.25 9.85
CA ARG A 19 9.76 -5.23 11.27
C ARG A 19 8.40 -4.56 11.49
N LEU A 20 7.64 -5.11 12.43
CA LEU A 20 6.32 -4.57 12.76
C LEU A 20 6.42 -3.11 13.20
N ARG A 21 7.47 -2.80 13.96
CA ARG A 21 7.69 -1.44 14.44
C ARG A 21 9.12 -0.98 14.16
N PRO A 22 9.32 0.34 14.16
CA PRO A 22 10.64 0.93 13.90
C PRO A 22 11.61 0.69 15.05
N GLY A 23 11.09 0.66 16.27
CA GLY A 23 11.93 0.43 17.43
C GLY A 23 11.61 -0.88 18.13
N GLY A 24 11.00 -1.80 17.40
CA GLY A 24 10.65 -3.09 17.98
C GLY A 24 11.61 -4.19 17.58
N LYS A 25 11.26 -5.43 17.92
CA LYS A 25 12.10 -6.57 17.58
C LYS A 25 11.28 -7.70 16.96
N LYS A 26 10.04 -7.37 16.60
CA LYS A 26 9.15 -8.35 15.98
C LYS A 26 8.99 -8.08 14.49
N LYS A 27 8.84 -9.15 13.71
CA LYS A 27 8.67 -9.02 12.26
C LYS A 27 7.28 -9.47 11.84
N TYR A 28 6.94 -9.23 10.58
CA TYR A 28 5.63 -9.60 10.05
C TYR A 28 5.55 -11.11 9.85
N ARG A 29 4.36 -11.66 10.06
CA ARG A 29 4.15 -13.10 9.90
C ARG A 29 2.83 -13.36 9.17
N LEU A 30 2.67 -14.60 8.69
CA LEU A 30 1.46 -14.99 7.97
C LEU A 30 0.22 -14.49 8.70
N LYS A 31 0.20 -14.68 10.02
CA LYS A 31 -0.93 -14.24 10.83
C LYS A 31 -1.34 -12.82 10.48
N HIS A 32 -0.37 -11.94 10.36
CA HIS A 32 -0.63 -10.54 10.02
C HIS A 32 -1.23 -10.42 8.63
N ILE A 33 -0.86 -11.27 7.68
CA ILE A 33 -1.41 -11.21 6.33
C ILE A 33 -2.89 -11.59 6.32
N VAL A 34 -3.24 -12.58 7.14
CA VAL A 34 -4.62 -13.04 7.22
C VAL A 34 -5.55 -11.91 7.64
N TRP A 35 -5.31 -11.35 8.82
CA TRP A 35 -6.13 -10.26 9.34
C TRP A 35 -6.45 -9.25 8.23
N ALA A 36 -5.45 -8.95 7.40
CA ALA A 36 -5.63 -8.01 6.31
C ALA A 36 -6.60 -8.55 5.27
N ALA A 37 -6.30 -9.72 4.73
CA ALA A 37 -7.14 -10.35 3.73
C ALA A 37 -8.59 -10.41 4.19
N ASN A 38 -8.79 -10.73 5.47
CA ASN A 38 -10.13 -10.83 6.03
C ASN A 38 -10.81 -9.46 6.06
N LYS A 39 -10.15 -8.49 6.70
CA LYS A 39 -10.69 -7.14 6.79
C LYS A 39 -11.25 -6.69 5.44
N LEU A 40 -10.59 -7.08 4.37
CA LEU A 40 -11.02 -6.70 3.02
C LEU A 40 -12.38 -7.32 2.70
N ASP A 41 -12.41 -8.65 2.61
CA ASP A 41 -13.65 -9.36 2.30
C ASP A 41 -14.82 -8.78 3.10
N ARG A 42 -14.60 -8.60 4.40
CA ARG A 42 -15.64 -8.05 5.27
C ARG A 42 -16.08 -6.67 4.80
N PHE A 43 -15.14 -5.74 4.78
CA PHE A 43 -15.42 -4.37 4.35
C PHE A 43 -16.12 -4.36 2.99
N GLY A 44 -15.64 -5.19 2.08
CA GLY A 44 -16.22 -5.26 0.75
C GLY A 44 -15.19 -5.47 -0.34
N LEU A 45 -13.92 -5.47 0.05
CA LEU A 45 -12.83 -5.66 -0.90
C LEU A 45 -12.42 -7.13 -0.98
N ALA A 46 -11.86 -7.52 -2.12
CA ALA A 46 -11.42 -8.89 -2.31
C ALA A 46 -9.97 -9.07 -1.89
N GLU A 47 -9.68 -10.18 -1.22
CA GLU A 47 -8.32 -10.47 -0.75
C GLU A 47 -7.40 -10.76 -1.93
N SER A 48 -7.99 -11.10 -3.08
CA SER A 48 -7.21 -11.40 -4.27
C SER A 48 -6.52 -10.15 -4.80
N LEU A 49 -6.93 -8.99 -4.30
CA LEU A 49 -6.35 -7.73 -4.72
C LEU A 49 -4.96 -7.53 -4.12
N LEU A 50 -4.60 -8.41 -3.19
CA LEU A 50 -3.29 -8.34 -2.53
C LEU A 50 -2.25 -9.10 -3.33
N GLU A 51 -2.70 -9.82 -4.35
CA GLU A 51 -1.80 -10.59 -5.20
C GLU A 51 -1.38 -9.80 -6.44
N SER A 52 -1.49 -8.47 -6.35
CA SER A 52 -1.15 -7.60 -7.46
C SER A 52 -0.90 -6.18 -6.97
N LYS A 53 0.26 -5.63 -7.34
CA LYS A 53 0.62 -4.27 -6.93
C LYS A 53 -0.46 -3.27 -7.35
N GLU A 54 -0.97 -3.43 -8.57
CA GLU A 54 -2.01 -2.55 -9.08
C GLU A 54 -3.21 -2.50 -8.13
N GLY A 55 -3.62 -3.67 -7.66
CA GLY A 55 -4.75 -3.75 -6.74
C GLY A 55 -4.50 -3.00 -5.46
N CYS A 56 -3.33 -3.20 -4.86
CA CYS A 56 -2.98 -2.54 -3.62
C CYS A 56 -3.07 -1.01 -3.77
N GLN A 57 -2.86 -0.54 -5.00
CA GLN A 57 -2.90 0.90 -5.27
C GLN A 57 -4.32 1.43 -5.10
N LYS A 58 -5.31 0.59 -5.38
CA LYS A 58 -6.71 0.98 -5.25
C LYS A 58 -7.18 0.85 -3.81
N ILE A 59 -6.47 0.04 -3.03
CA ILE A 59 -6.82 -0.17 -1.63
C ILE A 59 -6.18 0.90 -0.74
N LEU A 60 -4.98 1.32 -1.11
CA LEU A 60 -4.26 2.34 -0.35
C LEU A 60 -4.82 3.73 -0.63
N THR A 61 -5.29 3.92 -1.86
CA THR A 61 -5.85 5.21 -2.27
C THR A 61 -7.14 5.51 -1.52
N VAL A 62 -7.91 4.46 -1.24
CA VAL A 62 -9.18 4.61 -0.52
C VAL A 62 -8.93 4.82 0.98
N LEU A 63 -8.09 3.98 1.56
CA LEU A 63 -7.77 4.07 2.98
C LEU A 63 -6.88 5.28 3.27
N ASP A 64 -6.26 5.80 2.22
CA ASP A 64 -5.38 6.96 2.35
C ASP A 64 -6.12 8.12 3.02
N PRO A 65 -7.15 8.63 2.34
CA PRO A 65 -7.96 9.75 2.85
C PRO A 65 -8.81 9.34 4.05
N MET A 66 -8.84 8.06 4.36
CA MET A 66 -9.61 7.55 5.47
C MET A 66 -8.74 7.41 6.72
N VAL A 67 -7.43 7.33 6.51
CA VAL A 67 -6.49 7.19 7.62
C VAL A 67 -6.84 8.14 8.76
N PRO A 68 -6.90 9.45 8.45
CA PRO A 68 -7.23 10.48 9.44
C PRO A 68 -8.69 10.42 9.87
N THR A 69 -9.57 10.07 8.94
CA THR A 69 -10.99 9.98 9.22
C THR A 69 -11.44 8.53 9.28
N GLY A 70 -10.67 7.70 9.97
CA GLY A 70 -11.01 6.29 10.09
C GLY A 70 -10.60 5.70 11.42
N SER A 71 -11.48 4.90 12.01
CA SER A 71 -11.21 4.28 13.31
C SER A 71 -9.91 3.49 13.26
N GLU A 72 -9.44 3.07 14.43
CA GLU A 72 -8.20 2.31 14.53
C GLU A 72 -8.26 1.06 13.66
N ASN A 73 -9.44 0.43 13.63
CA ASN A 73 -9.62 -0.78 12.84
C ASN A 73 -9.30 -0.53 11.37
N LEU A 74 -9.40 0.73 10.96
CA LEU A 74 -9.11 1.11 9.58
C LEU A 74 -7.67 1.55 9.42
N LYS A 75 -7.10 2.06 10.50
CA LYS A 75 -5.71 2.53 10.49
C LYS A 75 -4.75 1.35 10.40
N SER A 76 -5.08 0.26 11.06
CA SER A 76 -4.25 -0.94 11.06
C SER A 76 -4.29 -1.63 9.70
N LEU A 77 -5.46 -1.60 9.07
CA LEU A 77 -5.63 -2.22 7.76
C LEU A 77 -4.85 -1.47 6.69
N PHE A 78 -4.56 -0.20 6.96
CA PHE A 78 -3.81 0.63 6.02
C PHE A 78 -2.31 0.38 6.14
N ASN A 79 -1.84 0.25 7.38
CA ASN A 79 -0.42 0.01 7.64
C ASN A 79 0.02 -1.33 7.04
N THR A 80 -0.91 -2.27 6.96
CA THR A 80 -0.62 -3.59 6.41
C THR A 80 -0.50 -3.54 4.88
N VAL A 81 -1.50 -2.94 4.25
CA VAL A 81 -1.51 -2.81 2.79
C VAL A 81 -0.27 -2.06 2.30
N CYS A 82 0.15 -1.06 3.05
CA CYS A 82 1.32 -0.26 2.70
C CYS A 82 2.56 -1.14 2.60
N VAL A 83 2.61 -2.19 3.42
CA VAL A 83 3.74 -3.09 3.43
C VAL A 83 3.68 -4.06 2.26
N ILE A 84 2.49 -4.56 1.97
CA ILE A 84 2.29 -5.50 0.87
C ILE A 84 2.71 -4.87 -0.46
N TRP A 85 2.16 -3.70 -0.76
CA TRP A 85 2.48 -3.00 -2.00
C TRP A 85 3.99 -2.88 -2.19
N CYS A 86 4.69 -2.51 -1.13
CA CYS A 86 6.14 -2.36 -1.18
C CYS A 86 6.80 -3.66 -1.66
N ILE A 87 6.39 -4.78 -1.07
CA ILE A 87 6.93 -6.08 -1.43
C ILE A 87 6.82 -6.32 -2.93
N HIS A 88 5.67 -5.96 -3.50
CA HIS A 88 5.44 -6.14 -4.92
C HIS A 88 6.20 -5.09 -5.74
N ALA A 89 6.16 -3.82 -5.37
CA ALA A 89 6.86 -2.79 -6.11
C ALA A 89 8.37 -3.04 -6.10
N GLU A 90 8.80 -3.94 -5.23
CA GLU A 90 10.22 -4.27 -5.11
C GLU A 90 10.98 -3.18 -4.36
N GLU A 91 10.35 -2.63 -3.33
CA GLU A 91 10.96 -1.57 -2.53
C GLU A 91 11.46 -2.11 -1.20
N LYS A 92 12.67 -1.72 -0.83
CA LYS A 92 13.27 -2.17 0.43
C LYS A 92 12.83 -1.28 1.59
N VAL A 93 12.35 -1.91 2.66
CA VAL A 93 11.90 -1.17 3.83
C VAL A 93 12.32 -1.87 5.12
N LYS A 94 12.66 -1.08 6.13
CA LYS A 94 13.08 -1.63 7.42
C LYS A 94 11.89 -1.83 8.33
N ASP A 95 10.98 -0.87 8.35
CA ASP A 95 9.79 -0.95 9.19
C ASP A 95 8.58 -0.39 8.46
N THR A 96 7.40 -0.51 9.08
CA THR A 96 6.16 -0.02 8.49
C THR A 96 6.26 1.47 8.19
N GLU A 97 6.64 2.25 9.19
CA GLU A 97 6.76 3.69 9.03
C GLU A 97 7.60 4.03 7.80
N GLY A 98 8.56 3.17 7.50
CA GLY A 98 9.42 3.39 6.35
C GLY A 98 8.73 3.07 5.04
N ALA A 99 7.94 2.01 5.03
CA ALA A 99 7.23 1.59 3.84
C ALA A 99 6.08 2.54 3.52
N LYS A 100 5.59 3.24 4.54
CA LYS A 100 4.49 4.19 4.38
C LYS A 100 4.97 5.43 3.64
N GLN A 101 6.08 6.00 4.09
CA GLN A 101 6.63 7.20 3.47
C GLN A 101 6.91 6.96 1.99
N ILE A 102 7.32 5.74 1.66
CA ILE A 102 7.62 5.39 0.28
C ILE A 102 6.35 5.34 -0.57
N VAL A 103 5.27 4.83 0.02
CA VAL A 103 3.99 4.74 -0.67
C VAL A 103 3.44 6.12 -1.01
N ARG A 104 3.37 6.98 0.01
CA ARG A 104 2.86 8.34 -0.18
C ARG A 104 3.75 9.12 -1.15
N ARG A 105 5.05 8.99 -0.97
CA ARG A 105 6.00 9.69 -1.84
C ARG A 105 5.71 9.43 -3.30
N HIS A 106 5.40 8.18 -3.64
CA HIS A 106 5.09 7.81 -5.01
C HIS A 106 3.74 8.37 -5.44
N LEU A 107 2.85 8.74 -4.51
CA LEU A 107 1.56 9.29 -4.87
C LEU A 107 1.63 10.81 -5.02
N VAL A 108 2.42 11.45 -4.17
CA VAL A 108 2.58 12.90 -4.21
C VAL A 108 3.42 13.33 -5.41
N ALA A 109 4.43 12.53 -5.72
CA ALA A 109 5.31 12.82 -6.84
C ALA A 109 4.51 13.03 -8.13
N GLU A 110 3.49 12.20 -8.32
CA GLU A 110 2.64 12.30 -9.50
C GLU A 110 2.04 13.70 -9.63
N THR A 111 1.82 14.35 -8.49
CA THR A 111 1.25 15.69 -8.48
C THR A 111 2.34 16.75 -8.50
N GLY A 112 3.49 16.42 -7.92
CA GLY A 112 4.60 17.37 -7.88
C GLY A 112 5.04 17.78 -9.27
N THR A 113 4.71 16.97 -10.27
CA THR A 113 5.08 17.27 -11.65
C THR A 113 3.94 17.96 -12.39
N ALA A 114 3.08 18.64 -11.64
CA ALA A 114 1.96 19.36 -12.23
C ALA A 114 2.19 20.86 -12.22
N GLU A 115 3.46 21.26 -12.25
CA GLU A 115 3.81 22.67 -12.24
C GLU A 115 5.32 22.85 -12.43
N LYS A 116 5.87 22.22 -13.47
CA LYS A 116 7.29 22.31 -13.76
C LYS A 116 7.54 23.14 -15.01
N MET A 117 6.73 24.17 -15.20
CA MET A 117 6.86 25.06 -16.36
C MET A 117 8.22 25.75 -16.35
N PRO A 118 8.66 26.17 -17.55
CA PRO A 118 9.96 26.85 -17.71
C PRO A 118 9.94 28.25 -17.12
N SER A 119 11.13 28.75 -16.78
CA SER A 119 11.26 30.08 -16.19
C SER A 119 12.64 30.67 -16.47
N THR A 120 12.89 31.85 -15.93
CA THR A 120 14.18 32.52 -16.12
C THR A 120 15.20 32.05 -15.09
N SER A 121 15.65 30.81 -15.23
CA SER A 121 16.64 30.25 -14.31
C SER A 121 17.24 28.97 -14.88
N ARG A 122 18.41 29.11 -15.50
CA ARG A 122 19.10 27.97 -16.10
C ARG A 122 20.13 27.39 -15.13
N PRO A 123 20.42 26.09 -15.29
CA PRO A 123 21.38 25.38 -14.43
C PRO A 123 22.82 25.84 -14.69
N THR A 124 23.76 25.18 -14.02
CA THR A 124 25.17 25.52 -14.17
C THR A 124 26.06 24.34 -13.82
N ALA A 125 26.47 23.59 -14.84
CA ALA A 125 27.33 22.42 -14.63
C ALA A 125 28.18 22.14 -15.87
N PRO A 126 29.42 21.68 -15.64
CA PRO A 126 30.36 21.37 -16.72
C PRO A 126 29.94 20.14 -17.52
N SER A 127 30.76 19.76 -18.49
CA SER A 127 30.47 18.59 -19.33
C SER A 127 31.72 17.74 -19.50
N SER A 128 31.51 16.46 -19.84
CA SER A 128 32.61 15.54 -20.04
C SER A 128 32.85 15.28 -21.52
N GLU A 129 34.08 14.92 -21.86
CA GLU A 129 34.45 14.65 -23.24
C GLU A 129 35.15 13.30 -23.37
N LYS A 130 36.24 13.13 -22.63
CA LYS A 130 37.00 11.89 -22.66
C LYS A 130 37.30 11.41 -21.25
N GLY A 131 37.27 10.08 -21.06
CA GLY A 131 37.53 9.52 -19.75
C GLY A 131 38.91 8.89 -19.66
N GLY A 132 38.95 7.58 -19.45
CA GLY A 132 40.21 6.88 -19.35
C GLY A 132 40.81 6.56 -20.70
N ASN A 133 41.62 5.51 -20.76
CA ASN A 133 42.25 5.10 -22.00
C ASN A 133 42.82 3.69 -21.89
N TYR A 134 42.17 2.85 -21.08
CA TYR A 134 42.62 1.48 -20.88
C TYR A 134 44.02 1.44 -20.30
N GLY A 1 -7.65 -18.25 -13.28
CA GLY A 1 -6.44 -18.94 -12.88
C GLY A 1 -6.68 -19.96 -11.78
N ALA A 2 -7.59 -19.62 -10.87
CA ALA A 2 -7.91 -20.51 -9.76
C ALA A 2 -6.71 -20.72 -8.84
N ARG A 3 -5.79 -19.76 -8.87
CA ARG A 3 -4.59 -19.84 -8.05
C ARG A 3 -4.61 -18.78 -6.95
N ASN A 4 -3.95 -19.07 -5.84
CA ASN A 4 -3.88 -18.14 -4.72
C ASN A 4 -2.49 -18.11 -4.10
N SER A 5 -1.65 -17.20 -4.58
CA SER A 5 -0.29 -17.07 -4.08
C SER A 5 0.07 -15.60 -3.86
N VAL A 6 -0.28 -15.09 -2.68
CA VAL A 6 0.01 -13.71 -2.33
C VAL A 6 1.52 -13.46 -2.23
N LEU A 7 2.20 -14.34 -1.50
CA LEU A 7 3.66 -14.22 -1.34
C LEU A 7 4.35 -15.54 -1.63
N ARG A 8 5.30 -15.51 -2.54
CA ARG A 8 6.05 -16.71 -2.92
C ARG A 8 7.15 -17.01 -1.90
N GLY A 9 8.03 -17.94 -2.24
CA GLY A 9 9.11 -18.30 -1.35
C GLY A 9 10.11 -17.17 -1.15
N LYS A 10 10.47 -16.51 -2.24
CA LYS A 10 11.41 -15.39 -2.19
C LYS A 10 10.76 -14.15 -1.57
N LYS A 11 9.44 -14.08 -1.68
CA LYS A 11 8.70 -12.95 -1.14
C LYS A 11 8.44 -13.13 0.34
N ALA A 12 8.12 -14.35 0.74
CA ALA A 12 7.86 -14.66 2.14
C ALA A 12 8.98 -14.15 3.04
N ASP A 13 10.21 -14.23 2.54
CA ASP A 13 11.37 -13.78 3.29
C ASP A 13 11.25 -12.30 3.64
N GLU A 14 11.11 -11.46 2.61
CA GLU A 14 10.99 -10.02 2.82
C GLU A 14 9.93 -9.71 3.86
N LEU A 15 8.86 -10.50 3.88
CA LEU A 15 7.77 -10.31 4.83
C LEU A 15 8.28 -10.43 6.26
N GLU A 16 8.92 -11.56 6.57
CA GLU A 16 9.45 -11.80 7.90
C GLU A 16 10.64 -10.88 8.19
N ARG A 17 11.18 -10.28 7.14
CA ARG A 17 12.31 -9.38 7.27
C ARG A 17 11.86 -7.99 7.73
N ILE A 18 10.71 -7.56 7.24
CA ILE A 18 10.16 -6.26 7.58
C ILE A 18 9.82 -6.19 9.07
N ARG A 19 10.21 -5.09 9.71
CA ARG A 19 9.94 -4.90 11.14
C ARG A 19 8.55 -4.32 11.35
N LEU A 20 7.82 -4.89 12.30
CA LEU A 20 6.47 -4.42 12.62
C LEU A 20 6.49 -2.98 13.10
N ARG A 21 7.48 -2.64 13.92
CA ARG A 21 7.62 -1.30 14.45
C ARG A 21 9.03 -0.76 14.23
N PRO A 22 9.18 0.58 14.30
CA PRO A 22 10.47 1.24 14.11
C PRO A 22 11.43 0.97 15.25
N GLY A 23 10.89 0.83 16.46
CA GLY A 23 11.72 0.57 17.62
C GLY A 23 11.38 -0.74 18.30
N GLY A 24 10.88 -1.69 17.53
CA GLY A 24 10.52 -2.98 18.08
C GLY A 24 11.45 -4.09 17.64
N LYS A 25 11.17 -5.31 18.08
CA LYS A 25 12.01 -6.46 17.73
C LYS A 25 11.17 -7.56 17.09
N LYS A 26 9.96 -7.21 16.66
CA LYS A 26 9.07 -8.18 16.03
C LYS A 26 8.84 -7.82 14.57
N LYS A 27 8.81 -8.84 13.71
CA LYS A 27 8.59 -8.64 12.28
C LYS A 27 7.23 -9.19 11.86
N TYR A 28 6.81 -8.84 10.66
CA TYR A 28 5.53 -9.28 10.13
C TYR A 28 5.53 -10.80 9.90
N ARG A 29 4.36 -11.40 9.98
CA ARG A 29 4.22 -12.84 9.78
C ARG A 29 2.95 -13.18 9.01
N LEU A 30 2.87 -14.40 8.50
CA LEU A 30 1.70 -14.85 7.75
C LEU A 30 0.41 -14.47 8.46
N LYS A 31 0.41 -14.59 9.79
CA LYS A 31 -0.75 -14.26 10.59
C LYS A 31 -1.31 -12.89 10.21
N HIS A 32 -0.40 -11.93 10.03
CA HIS A 32 -0.80 -10.57 9.66
C HIS A 32 -1.40 -10.54 8.26
N ILE A 33 -0.96 -11.39 7.34
CA ILE A 33 -1.51 -11.40 5.98
C ILE A 33 -2.96 -11.90 5.98
N VAL A 34 -3.25 -12.87 6.84
CA VAL A 34 -4.59 -13.43 6.93
C VAL A 34 -5.60 -12.35 7.32
N TRP A 35 -5.35 -11.70 8.46
CA TRP A 35 -6.24 -10.65 8.94
C TRP A 35 -6.53 -9.63 7.85
N ALA A 36 -5.49 -9.31 7.08
CA ALA A 36 -5.62 -8.33 5.99
C ALA A 36 -6.61 -8.82 4.94
N ALA A 37 -6.28 -9.92 4.27
CA ALA A 37 -7.13 -10.49 3.24
C ALA A 37 -8.53 -10.77 3.79
N ASN A 38 -8.59 -11.16 5.05
CA ASN A 38 -9.87 -11.46 5.69
C ASN A 38 -10.73 -10.21 5.83
N LYS A 39 -10.19 -9.20 6.52
CA LYS A 39 -10.91 -7.95 6.73
C LYS A 39 -11.47 -7.43 5.40
N LEU A 40 -10.75 -7.69 4.31
CA LEU A 40 -11.18 -7.25 3.00
C LEU A 40 -12.51 -7.89 2.61
N ASP A 41 -12.49 -9.21 2.43
CA ASP A 41 -13.70 -9.95 2.07
C ASP A 41 -14.87 -9.56 2.96
N ARG A 42 -14.62 -9.45 4.26
CA ARG A 42 -15.65 -9.08 5.22
C ARG A 42 -16.18 -7.68 4.93
N PHE A 43 -15.30 -6.69 5.06
CA PHE A 43 -15.68 -5.30 4.81
C PHE A 43 -16.41 -5.16 3.48
N GLY A 44 -15.87 -5.79 2.45
CA GLY A 44 -16.49 -5.73 1.14
C GLY A 44 -15.47 -5.82 0.02
N LEU A 45 -14.20 -5.63 0.36
CA LEU A 45 -13.13 -5.69 -0.63
C LEU A 45 -12.74 -7.13 -0.92
N ALA A 46 -12.18 -7.37 -2.10
CA ALA A 46 -11.75 -8.70 -2.50
C ALA A 46 -10.25 -8.89 -2.29
N GLU A 47 -9.79 -10.13 -2.40
CA GLU A 47 -8.37 -10.43 -2.23
C GLU A 47 -7.60 -10.20 -3.53
N SER A 48 -8.29 -9.68 -4.54
CA SER A 48 -7.68 -9.42 -5.83
C SER A 48 -6.69 -8.26 -5.74
N LEU A 49 -6.67 -7.61 -4.58
CA LEU A 49 -5.77 -6.47 -4.36
C LEU A 49 -4.61 -6.87 -3.47
N LEU A 50 -4.18 -8.12 -3.57
CA LEU A 50 -3.06 -8.62 -2.77
C LEU A 50 -2.03 -9.32 -3.65
N GLU A 51 -2.50 -9.98 -4.70
CA GLU A 51 -1.62 -10.69 -5.62
C GLU A 51 -0.89 -9.71 -6.54
N SER A 52 -1.66 -8.80 -7.14
CA SER A 52 -1.08 -7.81 -8.05
C SER A 52 -0.84 -6.49 -7.32
N LYS A 53 0.35 -5.93 -7.51
CA LYS A 53 0.71 -4.68 -6.88
C LYS A 53 -0.28 -3.57 -7.25
N GLU A 54 -0.75 -3.60 -8.50
CA GLU A 54 -1.70 -2.60 -8.98
C GLU A 54 -2.97 -2.62 -8.14
N GLY A 55 -3.41 -3.82 -7.75
CA GLY A 55 -4.60 -3.95 -6.94
C GLY A 55 -4.45 -3.35 -5.56
N CYS A 56 -3.34 -3.67 -4.90
CA CYS A 56 -3.07 -3.16 -3.56
C CYS A 56 -3.14 -1.63 -3.54
N GLN A 57 -2.77 -1.01 -4.65
CA GLN A 57 -2.80 0.45 -4.76
C GLN A 57 -4.22 0.97 -4.68
N LYS A 58 -5.19 0.10 -4.95
CA LYS A 58 -6.60 0.48 -4.90
C LYS A 58 -7.11 0.49 -3.47
N ILE A 59 -6.35 -0.12 -2.56
CA ILE A 59 -6.73 -0.18 -1.16
C ILE A 59 -6.17 1.02 -0.39
N LEU A 60 -4.87 1.26 -0.53
CA LEU A 60 -4.23 2.37 0.15
C LEU A 60 -4.76 3.71 -0.36
N THR A 61 -5.22 3.72 -1.59
CA THR A 61 -5.76 4.94 -2.20
C THR A 61 -7.07 5.33 -1.54
N VAL A 62 -7.91 4.34 -1.26
CA VAL A 62 -9.20 4.59 -0.62
C VAL A 62 -9.03 4.90 0.86
N LEU A 63 -8.19 4.12 1.52
CA LEU A 63 -7.94 4.31 2.95
C LEU A 63 -7.03 5.51 3.18
N ASP A 64 -6.41 6.00 2.12
CA ASP A 64 -5.51 7.15 2.21
C ASP A 64 -6.22 8.34 2.84
N PRO A 65 -7.28 8.82 2.19
CA PRO A 65 -8.06 9.96 2.68
C PRO A 65 -8.87 9.62 3.92
N MET A 66 -8.88 8.35 4.29
CA MET A 66 -9.60 7.89 5.47
C MET A 66 -8.66 7.70 6.65
N VAL A 67 -7.36 7.68 6.36
CA VAL A 67 -6.36 7.50 7.41
C VAL A 67 -6.60 8.45 8.58
N PRO A 68 -6.63 9.75 8.30
CA PRO A 68 -6.86 10.78 9.31
C PRO A 68 -8.29 10.77 9.83
N THR A 69 -9.25 10.56 8.93
CA THR A 69 -10.65 10.53 9.30
C THR A 69 -11.13 9.10 9.54
N GLY A 70 -10.24 8.28 10.09
CA GLY A 70 -10.59 6.89 10.38
C GLY A 70 -10.03 6.42 11.70
N SER A 71 -10.71 5.47 12.32
CA SER A 71 -10.29 4.92 13.61
C SER A 71 -9.15 3.91 13.42
N GLU A 72 -8.56 3.47 14.53
CA GLU A 72 -7.47 2.51 14.47
C GLU A 72 -7.84 1.31 13.62
N ASN A 73 -9.13 0.94 13.65
CA ASN A 73 -9.61 -0.19 12.87
C ASN A 73 -9.13 -0.12 11.43
N LEU A 74 -8.97 1.10 10.93
CA LEU A 74 -8.52 1.32 9.56
C LEU A 74 -7.00 1.50 9.51
N LYS A 75 -6.52 2.55 10.18
CA LYS A 75 -5.08 2.82 10.22
C LYS A 75 -4.28 1.55 10.41
N SER A 76 -4.81 0.64 11.23
CA SER A 76 -4.14 -0.63 11.50
C SER A 76 -3.87 -1.38 10.21
N LEU A 77 -4.93 -1.66 9.46
CA LEU A 77 -4.80 -2.38 8.20
C LEU A 77 -3.98 -1.59 7.19
N PHE A 78 -4.24 -0.28 7.12
CA PHE A 78 -3.53 0.60 6.20
C PHE A 78 -2.02 0.42 6.35
N ASN A 79 -1.57 0.21 7.58
CA ASN A 79 -0.15 0.03 7.85
C ASN A 79 0.36 -1.29 7.27
N THR A 80 -0.49 -2.32 7.33
CA THR A 80 -0.13 -3.62 6.81
C THR A 80 -0.20 -3.66 5.28
N VAL A 81 -1.18 -2.95 4.73
CA VAL A 81 -1.37 -2.90 3.29
C VAL A 81 -0.18 -2.24 2.61
N CYS A 82 0.37 -1.20 3.25
CA CYS A 82 1.51 -0.48 2.71
C CYS A 82 2.71 -1.40 2.53
N VAL A 83 2.83 -2.38 3.43
CA VAL A 83 3.93 -3.33 3.37
C VAL A 83 3.74 -4.32 2.23
N ILE A 84 2.50 -4.76 2.03
CA ILE A 84 2.19 -5.70 0.96
C ILE A 84 2.50 -5.11 -0.41
N TRP A 85 1.97 -3.92 -0.67
CA TRP A 85 2.20 -3.25 -1.94
C TRP A 85 3.69 -3.05 -2.19
N CYS A 86 4.41 -2.65 -1.14
CA CYS A 86 5.85 -2.42 -1.25
C CYS A 86 6.57 -3.68 -1.71
N ILE A 87 6.33 -4.78 -1.01
CA ILE A 87 6.97 -6.05 -1.35
C ILE A 87 6.80 -6.36 -2.83
N HIS A 88 5.63 -6.06 -3.37
CA HIS A 88 5.34 -6.31 -4.78
C HIS A 88 5.91 -5.21 -5.65
N ALA A 89 5.94 -3.95 -5.21
CA ALA A 89 6.48 -2.86 -6.00
C ALA A 89 8.00 -2.85 -5.95
N GLU A 90 8.58 -3.84 -5.27
CA GLU A 90 10.02 -3.94 -5.15
C GLU A 90 10.58 -2.72 -4.41
N GLU A 91 9.97 -2.39 -3.28
CA GLU A 91 10.41 -1.26 -2.48
C GLU A 91 11.01 -1.72 -1.16
N LYS A 92 12.28 -1.39 -0.94
CA LYS A 92 12.97 -1.77 0.29
C LYS A 92 12.44 -0.98 1.48
N VAL A 93 11.93 -1.70 2.48
CA VAL A 93 11.40 -1.06 3.68
C VAL A 93 11.96 -1.72 4.94
N LYS A 94 12.40 -0.89 5.88
CA LYS A 94 12.97 -1.38 7.13
C LYS A 94 11.86 -1.66 8.14
N ASP A 95 10.85 -0.79 8.18
CA ASP A 95 9.73 -0.95 9.10
C ASP A 95 8.44 -0.45 8.47
N THR A 96 7.34 -0.56 9.22
CA THR A 96 6.04 -0.12 8.74
C THR A 96 6.03 1.39 8.46
N GLU A 97 6.63 2.15 9.37
CA GLU A 97 6.69 3.60 9.23
C GLU A 97 7.34 3.98 7.90
N GLY A 98 8.36 3.22 7.51
CA GLY A 98 9.05 3.51 6.27
C GLY A 98 8.28 3.04 5.05
N ALA A 99 7.54 1.94 5.21
CA ALA A 99 6.74 1.39 4.12
C ALA A 99 5.67 2.37 3.68
N LYS A 100 5.13 3.13 4.63
CA LYS A 100 4.08 4.10 4.34
C LYS A 100 4.66 5.30 3.59
N GLN A 101 5.74 5.87 4.13
CA GLN A 101 6.38 7.02 3.52
C GLN A 101 6.62 6.79 2.03
N ILE A 102 7.11 5.60 1.70
CA ILE A 102 7.38 5.24 0.32
C ILE A 102 6.12 5.32 -0.54
N VAL A 103 5.01 4.84 0.01
CA VAL A 103 3.73 4.86 -0.70
C VAL A 103 3.26 6.28 -0.94
N ARG A 104 3.03 7.02 0.15
CA ARG A 104 2.58 8.39 0.05
C ARG A 104 3.51 9.22 -0.82
N ARG A 105 4.81 8.97 -0.70
CA ARG A 105 5.80 9.68 -1.49
C ARG A 105 5.46 9.64 -2.97
N HIS A 106 5.03 8.48 -3.45
CA HIS A 106 4.66 8.31 -4.85
C HIS A 106 3.35 9.01 -5.16
N LEU A 107 2.38 9.04 -4.24
CA LEU A 107 1.11 9.71 -4.49
C LEU A 107 1.29 11.22 -4.54
N VAL A 108 2.07 11.75 -3.61
CA VAL A 108 2.33 13.19 -3.55
C VAL A 108 3.18 13.64 -4.72
N ALA A 109 4.13 12.80 -5.12
CA ALA A 109 5.02 13.10 -6.23
C ALA A 109 4.23 13.35 -7.51
N GLU A 110 3.10 12.68 -7.64
CA GLU A 110 2.25 12.82 -8.82
C GLU A 110 1.59 14.19 -8.85
N THR A 111 1.22 14.69 -7.68
CA THR A 111 0.58 15.99 -7.56
C THR A 111 1.46 17.09 -8.12
N GLY A 112 2.76 16.86 -8.13
CA GLY A 112 3.70 17.84 -8.66
C GLY A 112 3.40 18.21 -10.09
N THR A 113 2.70 17.33 -10.79
CA THR A 113 2.36 17.57 -12.19
C THR A 113 1.61 18.89 -12.36
N ALA A 114 0.87 19.28 -11.33
CA ALA A 114 0.12 20.52 -11.36
C ALA A 114 0.87 21.65 -10.67
N GLU A 115 2.20 21.52 -10.64
CA GLU A 115 3.05 22.54 -10.01
C GLU A 115 4.48 22.42 -10.49
N LYS A 116 4.66 22.19 -11.79
CA LYS A 116 5.98 22.05 -12.37
C LYS A 116 6.04 22.72 -13.75
N MET A 117 5.65 23.98 -13.80
CA MET A 117 5.66 24.73 -15.06
C MET A 117 7.05 24.71 -15.69
N PRO A 118 7.09 24.81 -17.02
CA PRO A 118 8.35 24.81 -17.77
C PRO A 118 9.16 26.08 -17.55
N SER A 119 10.41 25.92 -17.12
CA SER A 119 11.28 27.05 -16.86
C SER A 119 12.74 26.69 -17.16
N THR A 120 13.63 27.64 -16.93
CA THR A 120 15.06 27.43 -17.16
C THR A 120 15.55 26.17 -16.46
N SER A 121 15.89 25.15 -17.24
CA SER A 121 16.38 23.89 -16.68
C SER A 121 17.86 23.71 -16.98
N ARG A 122 18.55 22.98 -16.11
CA ARG A 122 19.97 22.73 -16.27
C ARG A 122 20.26 21.23 -16.30
N PRO A 123 19.91 20.58 -17.43
CA PRO A 123 20.12 19.14 -17.61
C PRO A 123 21.60 18.79 -17.75
N THR A 124 21.97 17.61 -17.24
CA THR A 124 23.35 17.15 -17.31
C THR A 124 23.66 16.53 -18.67
N ALA A 125 24.87 16.01 -18.81
CA ALA A 125 25.29 15.39 -20.06
C ALA A 125 24.95 13.90 -20.07
N PRO A 126 24.66 13.36 -21.27
CA PRO A 126 24.31 11.94 -21.44
C PRO A 126 25.51 11.03 -21.20
N SER A 127 25.25 9.85 -20.63
CA SER A 127 26.30 8.89 -20.35
C SER A 127 25.72 7.49 -20.20
N SER A 128 26.02 6.63 -21.17
CA SER A 128 25.53 5.25 -21.15
C SER A 128 26.59 4.29 -21.66
N GLU A 129 26.28 2.99 -21.61
CA GLU A 129 27.21 1.96 -22.07
C GLU A 129 26.52 0.60 -22.15
N LYS A 130 26.38 0.10 -23.36
CA LYS A 130 25.75 -1.20 -23.58
C LYS A 130 26.75 -2.34 -23.42
N GLY A 131 26.25 -3.52 -23.08
CA GLY A 131 27.12 -4.67 -22.91
C GLY A 131 26.80 -5.46 -21.65
N GLY A 132 26.26 -6.65 -21.83
CA GLY A 132 25.92 -7.49 -20.70
C GLY A 132 25.64 -8.93 -21.09
N ASN A 133 24.37 -9.33 -21.00
CA ASN A 133 23.98 -10.69 -21.35
C ASN A 133 24.39 -11.02 -22.78
N TYR A 134 25.28 -12.01 -22.92
CA TYR A 134 25.76 -12.41 -24.23
C TYR A 134 26.40 -11.25 -24.97
N GLY A 1 -8.44 -22.74 -9.37
CA GLY A 1 -8.52 -23.61 -8.21
C GLY A 1 -8.59 -22.82 -6.91
N ALA A 2 -8.89 -23.51 -5.82
CA ALA A 2 -8.98 -22.87 -4.51
C ALA A 2 -7.64 -22.90 -3.79
N ARG A 3 -6.86 -21.83 -3.94
CA ARG A 3 -5.56 -21.74 -3.30
C ARG A 3 -5.00 -20.32 -3.39
N ASN A 4 -4.75 -19.70 -2.23
CA ASN A 4 -4.22 -18.35 -2.19
C ASN A 4 -2.71 -18.35 -2.42
N SER A 5 -2.23 -17.34 -3.15
CA SER A 5 -0.81 -17.23 -3.44
C SER A 5 -0.37 -15.76 -3.42
N VAL A 6 -0.72 -15.07 -2.35
CA VAL A 6 -0.36 -13.66 -2.19
C VAL A 6 1.14 -13.49 -2.15
N LEU A 7 1.82 -14.35 -1.39
CA LEU A 7 3.27 -14.28 -1.26
C LEU A 7 3.89 -15.67 -1.48
N ARG A 8 4.85 -15.75 -2.40
CA ARG A 8 5.53 -17.00 -2.68
C ARG A 8 6.61 -17.30 -1.66
N GLY A 9 7.44 -18.29 -1.94
CA GLY A 9 8.51 -18.65 -1.03
C GLY A 9 9.57 -17.56 -0.92
N LYS A 10 9.96 -17.00 -2.06
CA LYS A 10 10.97 -15.95 -2.09
C LYS A 10 10.40 -14.64 -1.57
N LYS A 11 9.09 -14.46 -1.73
CA LYS A 11 8.42 -13.24 -1.27
C LYS A 11 8.15 -13.31 0.24
N ALA A 12 7.78 -14.51 0.72
CA ALA A 12 7.49 -14.70 2.13
C ALA A 12 8.64 -14.21 2.99
N ASP A 13 9.87 -14.48 2.56
CA ASP A 13 11.05 -14.05 3.30
C ASP A 13 11.08 -12.54 3.49
N GLU A 14 11.04 -11.81 2.37
CA GLU A 14 11.06 -10.36 2.40
C GLU A 14 10.05 -9.82 3.41
N LEU A 15 8.92 -10.51 3.52
CA LEU A 15 7.86 -10.11 4.45
C LEU A 15 8.33 -10.24 5.89
N GLU A 16 8.80 -11.44 6.25
CA GLU A 16 9.28 -11.69 7.61
C GLU A 16 10.48 -10.82 7.93
N ARG A 17 11.16 -10.32 6.89
CA ARG A 17 12.32 -9.47 7.07
C ARG A 17 11.91 -8.08 7.53
N ILE A 18 10.71 -7.65 7.14
CA ILE A 18 10.21 -6.34 7.51
C ILE A 18 9.83 -6.29 8.99
N ARG A 19 10.18 -5.20 9.65
CA ARG A 19 9.88 -5.03 11.07
C ARG A 19 8.56 -4.30 11.26
N LEU A 20 7.75 -4.77 12.20
CA LEU A 20 6.46 -4.16 12.48
C LEU A 20 6.64 -2.71 12.91
N ARG A 21 7.66 -2.45 13.72
CA ARG A 21 7.93 -1.10 14.20
C ARG A 21 9.35 -0.67 13.83
N PRO A 22 9.59 0.65 13.83
CA PRO A 22 10.90 1.22 13.51
C PRO A 22 11.94 0.92 14.58
N GLY A 23 11.49 0.87 15.84
CA GLY A 23 12.40 0.60 16.94
C GLY A 23 11.99 -0.63 17.73
N GLY A 24 11.41 -1.61 17.05
CA GLY A 24 10.99 -2.82 17.72
C GLY A 24 11.83 -4.03 17.34
N LYS A 25 11.45 -5.20 17.84
CA LYS A 25 12.17 -6.43 17.55
C LYS A 25 11.22 -7.49 16.99
N LYS A 26 10.06 -7.06 16.53
CA LYS A 26 9.06 -7.98 15.98
C LYS A 26 8.82 -7.68 14.50
N LYS A 27 8.80 -8.74 13.69
CA LYS A 27 8.58 -8.61 12.26
C LYS A 27 7.22 -9.17 11.86
N TYR A 28 6.79 -8.86 10.64
CA TYR A 28 5.50 -9.34 10.15
C TYR A 28 5.51 -10.86 9.99
N ARG A 29 4.33 -11.46 10.06
CA ARG A 29 4.20 -12.91 9.92
C ARG A 29 2.94 -13.27 9.15
N LEU A 30 2.87 -14.52 8.70
CA LEU A 30 1.72 -14.99 7.94
C LEU A 30 0.41 -14.58 8.61
N LYS A 31 0.39 -14.63 9.94
CA LYS A 31 -0.80 -14.25 10.71
C LYS A 31 -1.32 -12.89 10.26
N HIS A 32 -0.40 -11.94 10.06
CA HIS A 32 -0.77 -10.60 9.63
C HIS A 32 -1.33 -10.62 8.21
N ILE A 33 -0.82 -11.44 7.32
CA ILE A 33 -1.33 -11.50 5.95
C ILE A 33 -2.79 -11.96 5.92
N VAL A 34 -3.11 -12.93 6.76
CA VAL A 34 -4.47 -13.45 6.84
C VAL A 34 -5.45 -12.37 7.26
N TRP A 35 -5.17 -11.75 8.40
CA TRP A 35 -6.04 -10.68 8.92
C TRP A 35 -6.29 -9.62 7.86
N ALA A 36 -5.25 -9.27 7.11
CA ALA A 36 -5.37 -8.26 6.06
C ALA A 36 -6.41 -8.68 5.03
N ALA A 37 -6.18 -9.81 4.38
CA ALA A 37 -7.10 -10.32 3.37
C ALA A 37 -8.50 -10.54 3.95
N ASN A 38 -8.54 -10.89 5.24
CA ASN A 38 -9.81 -11.12 5.91
C ASN A 38 -10.61 -9.84 6.06
N LYS A 39 -10.01 -8.84 6.71
CA LYS A 39 -10.67 -7.55 6.91
C LYS A 39 -11.25 -7.03 5.61
N LEU A 40 -10.57 -7.34 4.51
CA LEU A 40 -11.01 -6.89 3.19
C LEU A 40 -12.37 -7.50 2.83
N ASP A 41 -12.40 -8.82 2.66
CA ASP A 41 -13.62 -9.52 2.33
C ASP A 41 -14.77 -9.07 3.22
N ARG A 42 -14.50 -8.93 4.52
CA ARG A 42 -15.51 -8.51 5.48
C ARG A 42 -15.97 -7.09 5.18
N PHE A 43 -15.06 -6.13 5.30
CA PHE A 43 -15.39 -4.73 5.04
C PHE A 43 -16.13 -4.57 3.71
N GLY A 44 -15.65 -5.28 2.69
CA GLY A 44 -16.28 -5.21 1.38
C GLY A 44 -15.29 -5.41 0.26
N LEU A 45 -14.01 -5.18 0.55
CA LEU A 45 -12.96 -5.34 -0.46
C LEU A 45 -12.62 -6.81 -0.67
N ALA A 46 -12.11 -7.12 -1.86
CA ALA A 46 -11.74 -8.49 -2.19
C ALA A 46 -10.24 -8.71 -2.03
N GLU A 47 -9.80 -9.93 -2.28
CA GLU A 47 -8.38 -10.27 -2.17
C GLU A 47 -7.68 -10.14 -3.53
N SER A 48 -8.30 -9.38 -4.43
CA SER A 48 -7.73 -9.16 -5.76
C SER A 48 -6.72 -8.03 -5.74
N LEU A 49 -6.64 -7.33 -4.63
CA LEU A 49 -5.70 -6.21 -4.48
C LEU A 49 -4.57 -6.58 -3.53
N LEU A 50 -4.18 -7.84 -3.54
CA LEU A 50 -3.11 -8.32 -2.68
C LEU A 50 -2.04 -9.05 -3.49
N GLU A 51 -2.47 -9.74 -4.54
CA GLU A 51 -1.56 -10.49 -5.40
C GLU A 51 -0.78 -9.54 -6.31
N SER A 52 -1.50 -8.63 -6.95
CA SER A 52 -0.88 -7.66 -7.86
C SER A 52 -0.59 -6.36 -7.13
N LYS A 53 0.63 -5.85 -7.32
CA LYS A 53 1.04 -4.60 -6.69
C LYS A 53 0.11 -3.46 -7.08
N GLU A 54 -0.35 -3.48 -8.33
CA GLU A 54 -1.24 -2.44 -8.84
C GLU A 54 -2.53 -2.41 -8.02
N GLY A 55 -3.01 -3.59 -7.63
CA GLY A 55 -4.24 -3.66 -6.86
C GLY A 55 -4.10 -3.04 -5.49
N CYS A 56 -3.01 -3.35 -4.79
CA CYS A 56 -2.77 -2.82 -3.46
C CYS A 56 -2.88 -1.30 -3.46
N GLN A 57 -2.31 -0.67 -4.48
CA GLN A 57 -2.34 0.78 -4.60
C GLN A 57 -3.78 1.29 -4.63
N LYS A 58 -4.72 0.41 -4.95
CA LYS A 58 -6.13 0.77 -5.01
C LYS A 58 -6.76 0.72 -3.63
N ILE A 59 -6.07 0.10 -2.68
CA ILE A 59 -6.55 -0.02 -1.32
C ILE A 59 -6.12 1.19 -0.47
N LEU A 60 -4.82 1.46 -0.48
CA LEU A 60 -4.28 2.58 0.28
C LEU A 60 -4.83 3.90 -0.22
N THR A 61 -5.17 3.94 -1.50
CA THR A 61 -5.71 5.15 -2.11
C THR A 61 -7.12 5.44 -1.60
N VAL A 62 -7.90 4.39 -1.39
CA VAL A 62 -9.26 4.53 -0.89
C VAL A 62 -9.27 4.83 0.60
N LEU A 63 -8.48 4.08 1.36
CA LEU A 63 -8.40 4.26 2.80
C LEU A 63 -7.54 5.48 3.15
N ASP A 64 -6.84 6.01 2.15
CA ASP A 64 -5.99 7.18 2.34
C ASP A 64 -6.78 8.32 2.97
N PRO A 65 -7.81 8.80 2.24
CA PRO A 65 -8.66 9.90 2.71
C PRO A 65 -9.55 9.48 3.88
N MET A 66 -9.50 8.21 4.23
CA MET A 66 -10.31 7.68 5.33
C MET A 66 -9.45 7.49 6.58
N VAL A 67 -8.14 7.49 6.39
CA VAL A 67 -7.22 7.31 7.51
C VAL A 67 -7.59 8.22 8.68
N PRO A 68 -7.65 9.53 8.41
CA PRO A 68 -8.00 10.52 9.43
C PRO A 68 -9.46 10.44 9.86
N THR A 69 -10.34 10.13 8.90
CA THR A 69 -11.76 10.01 9.17
C THR A 69 -12.17 8.55 9.38
N GLY A 70 -11.27 7.77 9.97
CA GLY A 70 -11.56 6.37 10.21
C GLY A 70 -11.07 5.91 11.58
N SER A 71 -11.68 4.85 12.09
CA SER A 71 -11.30 4.32 13.39
C SER A 71 -9.98 3.57 13.32
N GLU A 72 -9.48 3.13 14.47
CA GLU A 72 -8.22 2.41 14.53
C GLU A 72 -8.24 1.20 13.61
N ASN A 73 -9.39 0.53 13.53
CA ASN A 73 -9.55 -0.64 12.68
C ASN A 73 -9.21 -0.32 11.24
N LEU A 74 -9.30 0.96 10.88
CA LEU A 74 -9.00 1.40 9.53
C LEU A 74 -7.55 1.85 9.40
N LYS A 75 -6.94 2.18 10.54
CA LYS A 75 -5.55 2.61 10.55
C LYS A 75 -4.61 1.42 10.63
N SER A 76 -5.01 0.39 11.38
CA SER A 76 -4.20 -0.81 11.53
C SER A 76 -4.01 -1.51 10.19
N LEU A 77 -5.11 -1.72 9.48
CA LEU A 77 -5.06 -2.39 8.18
C LEU A 77 -4.31 -1.54 7.16
N PHE A 78 -4.42 -0.22 7.31
CA PHE A 78 -3.75 0.70 6.40
C PHE A 78 -2.23 0.53 6.46
N ASN A 79 -1.70 0.44 7.67
CA ASN A 79 -0.26 0.26 7.86
C ASN A 79 0.19 -1.11 7.39
N THR A 80 -0.75 -2.05 7.33
CA THR A 80 -0.45 -3.41 6.89
C THR A 80 -0.52 -3.52 5.37
N VAL A 81 -1.46 -2.80 4.77
CA VAL A 81 -1.63 -2.82 3.32
C VAL A 81 -0.44 -2.17 2.62
N CYS A 82 0.17 -1.20 3.30
CA CYS A 82 1.32 -0.49 2.74
C CYS A 82 2.55 -1.40 2.68
N VAL A 83 2.56 -2.42 3.54
CA VAL A 83 3.67 -3.36 3.59
C VAL A 83 3.61 -4.35 2.43
N ILE A 84 2.41 -4.84 2.14
CA ILE A 84 2.22 -5.78 1.06
C ILE A 84 2.73 -5.22 -0.27
N TRP A 85 2.27 -4.02 -0.61
CA TRP A 85 2.68 -3.37 -1.84
C TRP A 85 4.20 -3.24 -1.91
N CYS A 86 4.82 -3.01 -0.77
CA CYS A 86 6.27 -2.86 -0.70
C CYS A 86 6.96 -4.18 -1.05
N ILE A 87 6.23 -5.28 -0.94
CA ILE A 87 6.77 -6.60 -1.24
C ILE A 87 6.80 -6.84 -2.75
N HIS A 88 5.71 -6.52 -3.42
CA HIS A 88 5.61 -6.70 -4.87
C HIS A 88 6.27 -5.54 -5.60
N ALA A 89 6.21 -4.31 -5.09
CA ALA A 89 6.84 -3.18 -5.76
C ALA A 89 8.34 -3.38 -5.90
N GLU A 90 8.89 -4.31 -5.13
CA GLU A 90 10.32 -4.60 -5.18
C GLU A 90 11.12 -3.48 -4.52
N GLU A 91 10.64 -3.00 -3.38
CA GLU A 91 11.31 -1.93 -2.66
C GLU A 91 11.79 -2.42 -1.29
N LYS A 92 12.98 -1.96 -0.90
CA LYS A 92 13.55 -2.34 0.39
C LYS A 92 13.09 -1.41 1.50
N VAL A 93 12.53 -1.99 2.56
CA VAL A 93 12.04 -1.20 3.68
C VAL A 93 12.54 -1.78 5.01
N LYS A 94 12.79 -0.91 5.97
CA LYS A 94 13.26 -1.32 7.29
C LYS A 94 12.10 -1.62 8.21
N ASP A 95 11.07 -0.77 8.18
CA ASP A 95 9.89 -0.95 9.01
C ASP A 95 8.64 -0.48 8.28
N THR A 96 7.49 -0.61 8.94
CA THR A 96 6.22 -0.21 8.37
C THR A 96 6.19 1.30 8.11
N GLU A 97 6.56 2.07 9.11
CA GLU A 97 6.58 3.52 9.00
C GLU A 97 7.28 3.96 7.71
N GLY A 98 8.38 3.28 7.37
CA GLY A 98 9.12 3.60 6.18
C GLY A 98 8.48 3.04 4.92
N ALA A 99 7.87 1.87 5.04
CA ALA A 99 7.21 1.23 3.92
C ALA A 99 6.06 2.08 3.40
N LYS A 100 5.41 2.80 4.29
CA LYS A 100 4.29 3.66 3.93
C LYS A 100 4.78 4.89 3.16
N GLN A 101 5.77 5.59 3.73
CA GLN A 101 6.32 6.77 3.10
C GLN A 101 6.67 6.51 1.64
N ILE A 102 7.26 5.34 1.38
CA ILE A 102 7.64 4.98 0.03
C ILE A 102 6.43 4.93 -0.89
N VAL A 103 5.30 4.49 -0.37
CA VAL A 103 4.06 4.40 -1.14
C VAL A 103 3.54 5.79 -1.48
N ARG A 104 3.23 6.57 -0.46
CA ARG A 104 2.71 7.92 -0.66
C ARG A 104 3.67 8.76 -1.50
N ARG A 105 4.96 8.63 -1.22
CA ARG A 105 5.98 9.37 -1.96
C ARG A 105 5.80 9.20 -3.46
N HIS A 106 5.63 7.95 -3.90
CA HIS A 106 5.44 7.65 -5.32
C HIS A 106 4.07 8.14 -5.80
N LEU A 107 3.10 8.30 -4.92
CA LEU A 107 1.77 8.76 -5.32
C LEU A 107 1.75 10.28 -5.50
N VAL A 108 2.30 11.00 -4.52
CA VAL A 108 2.34 12.44 -4.57
C VAL A 108 3.16 12.93 -5.76
N ALA A 109 4.26 12.25 -6.04
CA ALA A 109 5.12 12.61 -7.15
C ALA A 109 4.33 12.72 -8.45
N GLU A 110 3.46 11.74 -8.69
CA GLU A 110 2.64 11.73 -9.90
C GLU A 110 1.73 12.96 -9.95
N THR A 111 1.31 13.42 -8.78
CA THR A 111 0.44 14.59 -8.70
C THR A 111 1.21 15.82 -8.21
N GLY A 112 2.51 15.83 -8.47
CA GLY A 112 3.34 16.94 -8.04
C GLY A 112 4.23 17.46 -9.16
N THR A 113 3.82 17.21 -10.40
CA THR A 113 4.59 17.65 -11.56
C THR A 113 3.79 18.62 -12.42
N ALA A 114 2.83 19.30 -11.80
CA ALA A 114 1.99 20.26 -12.51
C ALA A 114 2.20 21.67 -11.98
N GLU A 115 3.43 21.99 -11.60
CA GLU A 115 3.75 23.30 -11.08
C GLU A 115 5.24 23.62 -11.27
N LYS A 116 5.84 23.01 -12.28
CA LYS A 116 7.25 23.23 -12.58
C LYS A 116 7.49 23.23 -14.08
N MET A 117 6.78 24.10 -14.79
CA MET A 117 6.93 24.21 -16.24
C MET A 117 8.30 24.74 -16.61
N PRO A 118 8.85 24.25 -17.73
CA PRO A 118 10.17 24.66 -18.22
C PRO A 118 10.18 26.10 -18.72
N SER A 119 11.28 26.80 -18.48
CA SER A 119 11.41 28.19 -18.91
C SER A 119 12.13 28.29 -20.25
N THR A 120 12.27 29.50 -20.76
CA THR A 120 12.93 29.73 -22.04
C THR A 120 14.45 29.73 -21.87
N SER A 121 15.10 28.73 -22.47
CA SER A 121 16.55 28.62 -22.37
C SER A 121 17.10 27.78 -23.53
N ARG A 122 18.37 27.98 -23.84
CA ARG A 122 19.02 27.23 -24.92
C ARG A 122 20.15 26.37 -24.37
N PRO A 123 19.79 25.21 -23.78
CA PRO A 123 20.75 24.27 -23.22
C PRO A 123 21.58 23.57 -24.30
N THR A 124 22.51 22.72 -23.87
CA THR A 124 23.37 21.99 -24.79
C THR A 124 23.44 20.52 -24.41
N ALA A 125 23.38 19.65 -25.42
CA ALA A 125 23.45 18.21 -25.20
C ALA A 125 24.88 17.77 -24.90
N PRO A 126 25.03 16.73 -24.07
CA PRO A 126 26.34 16.18 -23.70
C PRO A 126 27.02 15.47 -24.86
N SER A 127 28.25 15.04 -24.64
CA SER A 127 29.02 14.35 -25.66
C SER A 127 29.75 13.13 -25.09
N SER A 128 30.14 12.21 -25.95
CA SER A 128 30.84 11.01 -25.53
C SER A 128 31.42 10.27 -26.73
N GLU A 129 32.45 9.46 -26.47
CA GLU A 129 33.11 8.70 -27.53
C GLU A 129 33.60 7.36 -27.00
N LYS A 130 33.10 6.28 -27.60
CA LYS A 130 33.49 4.93 -27.19
C LYS A 130 34.43 4.30 -28.21
N GLY A 131 35.49 3.68 -27.73
CA GLY A 131 36.46 3.05 -28.61
C GLY A 131 37.08 1.80 -28.01
N GLY A 132 38.13 1.30 -28.64
CA GLY A 132 38.80 0.11 -28.14
C GLY A 132 40.00 -0.27 -28.98
N ASN A 133 40.71 -1.30 -28.55
CA ASN A 133 41.90 -1.77 -29.27
C ASN A 133 41.53 -2.85 -30.28
N TYR A 134 42.38 -3.03 -31.29
CA TYR A 134 42.14 -4.02 -32.32
C TYR A 134 43.19 -5.13 -32.28
N GLY A 1 -2.57 -20.77 -14.15
CA GLY A 1 -2.55 -19.44 -14.73
C GLY A 1 -3.26 -18.43 -13.85
N ALA A 2 -3.49 -18.79 -12.60
CA ALA A 2 -4.17 -17.91 -11.65
C ALA A 2 -3.48 -17.91 -10.30
N ARG A 3 -3.39 -19.09 -9.69
CA ARG A 3 -2.76 -19.23 -8.39
C ARG A 3 -3.51 -18.45 -7.32
N ASN A 4 -3.24 -18.76 -6.06
CA ASN A 4 -3.89 -18.08 -4.95
C ASN A 4 -2.89 -17.73 -3.85
N SER A 5 -1.71 -17.26 -4.27
CA SER A 5 -0.66 -16.89 -3.32
C SER A 5 -0.31 -15.41 -3.46
N VAL A 6 -0.08 -14.76 -2.32
CA VAL A 6 0.27 -13.34 -2.31
C VAL A 6 1.77 -13.15 -2.41
N LEU A 7 2.52 -13.77 -1.51
CA LEU A 7 3.97 -13.67 -1.49
C LEU A 7 4.61 -15.01 -1.83
N ARG A 8 5.58 -14.98 -2.74
CA ARG A 8 6.28 -16.19 -3.16
C ARG A 8 7.41 -16.53 -2.18
N GLY A 9 8.24 -17.49 -2.57
CA GLY A 9 9.35 -17.89 -1.72
C GLY A 9 10.30 -16.75 -1.42
N LYS A 10 10.68 -16.02 -2.46
CA LYS A 10 11.58 -14.89 -2.31
C LYS A 10 10.92 -13.75 -1.55
N LYS A 11 9.69 -13.42 -1.94
CA LYS A 11 8.94 -12.36 -1.30
C LYS A 11 8.71 -12.66 0.18
N ALA A 12 8.52 -13.95 0.49
CA ALA A 12 8.30 -14.37 1.87
C ALA A 12 9.40 -13.85 2.79
N ASP A 13 10.64 -13.90 2.31
CA ASP A 13 11.78 -13.44 3.10
C ASP A 13 11.59 -11.99 3.52
N GLU A 14 11.28 -11.13 2.56
CA GLU A 14 11.07 -9.71 2.83
C GLU A 14 10.01 -9.52 3.91
N LEU A 15 8.88 -10.18 3.74
CA LEU A 15 7.78 -10.08 4.72
C LEU A 15 8.27 -10.39 6.12
N GLU A 16 8.92 -11.54 6.27
CA GLU A 16 9.43 -11.96 7.57
C GLU A 16 10.55 -11.03 8.04
N ARG A 17 11.08 -10.25 7.11
CA ARG A 17 12.17 -9.32 7.42
C ARG A 17 11.60 -7.99 7.92
N ILE A 18 10.51 -7.54 7.31
CA ILE A 18 9.88 -6.29 7.69
C ILE A 18 9.52 -6.28 9.17
N ARG A 19 9.95 -5.24 9.87
CA ARG A 19 9.67 -5.11 11.30
C ARG A 19 8.29 -4.51 11.53
N LEU A 20 7.53 -5.10 12.45
CA LEU A 20 6.19 -4.63 12.76
C LEU A 20 6.22 -3.19 13.28
N ARG A 21 7.23 -2.89 14.10
CA ARG A 21 7.39 -1.56 14.65
C ARG A 21 8.80 -1.03 14.42
N PRO A 22 8.93 0.31 14.42
CA PRO A 22 10.22 0.98 14.20
C PRO A 22 11.18 0.77 15.36
N GLY A 23 10.64 0.67 16.57
CA GLY A 23 11.47 0.47 17.75
C GLY A 23 11.51 -0.98 18.19
N GLY A 24 10.36 -1.65 18.15
CA GLY A 24 10.30 -3.03 18.55
C GLY A 24 11.26 -3.92 17.76
N LYS A 25 11.26 -5.21 18.06
CA LYS A 25 12.14 -6.15 17.38
C LYS A 25 11.34 -7.29 16.77
N LYS A 26 10.05 -7.06 16.56
CA LYS A 26 9.17 -8.07 15.96
C LYS A 26 9.03 -7.85 14.46
N LYS A 27 8.82 -8.94 13.73
CA LYS A 27 8.66 -8.88 12.29
C LYS A 27 7.28 -9.35 11.86
N TYR A 28 6.91 -9.07 10.62
CA TYR A 28 5.61 -9.48 10.09
C TYR A 28 5.55 -10.98 9.88
N ARG A 29 4.35 -11.55 10.02
CA ARG A 29 4.16 -12.98 9.85
C ARG A 29 2.87 -13.27 9.10
N LEU A 30 2.74 -14.49 8.58
CA LEU A 30 1.55 -14.89 7.85
C LEU A 30 0.28 -14.42 8.56
N LYS A 31 0.25 -14.60 9.88
CA LYS A 31 -0.90 -14.20 10.67
C LYS A 31 -1.34 -12.78 10.31
N HIS A 32 -0.38 -11.87 10.19
CA HIS A 32 -0.68 -10.49 9.86
C HIS A 32 -1.23 -10.38 8.44
N ILE A 33 -0.82 -11.24 7.51
CA ILE A 33 -1.33 -11.18 6.14
C ILE A 33 -2.80 -11.57 6.08
N VAL A 34 -3.17 -12.54 6.90
CA VAL A 34 -4.56 -13.02 6.94
C VAL A 34 -5.50 -11.91 7.39
N TRP A 35 -5.25 -11.37 8.57
CA TRP A 35 -6.07 -10.29 9.12
C TRP A 35 -6.41 -9.27 8.04
N ALA A 36 -5.44 -8.96 7.18
CA ALA A 36 -5.63 -8.01 6.11
C ALA A 36 -6.58 -8.55 5.05
N ALA A 37 -6.25 -9.73 4.51
CA ALA A 37 -7.07 -10.35 3.49
C ALA A 37 -8.52 -10.49 3.96
N ASN A 38 -8.70 -10.88 5.22
CA ASN A 38 -10.03 -11.06 5.78
C ASN A 38 -10.76 -9.71 5.86
N LYS A 39 -10.16 -8.75 6.55
CA LYS A 39 -10.75 -7.43 6.70
C LYS A 39 -11.32 -6.94 5.38
N LEU A 40 -10.63 -7.25 4.28
CA LEU A 40 -11.08 -6.84 2.96
C LEU A 40 -12.42 -7.48 2.60
N ASP A 41 -12.41 -8.82 2.48
CA ASP A 41 -13.62 -9.56 2.15
C ASP A 41 -14.81 -9.03 2.94
N ARG A 42 -14.63 -8.86 4.25
CA ARG A 42 -15.69 -8.36 5.11
C ARG A 42 -16.12 -6.96 4.70
N PHE A 43 -15.16 -6.03 4.67
CA PHE A 43 -15.44 -4.66 4.30
C PHE A 43 -16.16 -4.60 2.96
N GLY A 44 -15.70 -5.39 2.01
CA GLY A 44 -16.30 -5.41 0.68
C GLY A 44 -15.28 -5.58 -0.42
N LEU A 45 -14.01 -5.57 -0.05
CA LEU A 45 -12.93 -5.72 -1.03
C LEU A 45 -12.50 -7.18 -1.15
N ALA A 46 -11.86 -7.51 -2.26
CA ALA A 46 -11.40 -8.87 -2.50
C ALA A 46 -9.95 -9.04 -2.06
N GLU A 47 -9.66 -10.18 -1.44
CA GLU A 47 -8.30 -10.46 -0.96
C GLU A 47 -7.38 -10.78 -2.13
N SER A 48 -7.96 -11.17 -3.26
CA SER A 48 -7.18 -11.50 -4.44
C SER A 48 -6.47 -10.26 -4.99
N LEU A 49 -6.89 -9.10 -4.52
CA LEU A 49 -6.29 -7.83 -4.96
C LEU A 49 -4.89 -7.67 -4.39
N LEU A 50 -4.57 -8.46 -3.37
CA LEU A 50 -3.25 -8.41 -2.74
C LEU A 50 -2.23 -9.19 -3.56
N GLU A 51 -2.69 -9.84 -4.61
CA GLU A 51 -1.81 -10.62 -5.48
C GLU A 51 -1.32 -9.78 -6.65
N SER A 52 -1.39 -8.45 -6.50
CA SER A 52 -0.96 -7.54 -7.55
C SER A 52 -0.76 -6.14 -6.99
N LYS A 53 0.39 -5.54 -7.29
CA LYS A 53 0.70 -4.20 -6.82
C LYS A 53 -0.33 -3.20 -7.31
N GLU A 54 -0.90 -3.46 -8.49
CA GLU A 54 -1.91 -2.58 -9.06
C GLU A 54 -3.18 -2.57 -8.22
N GLY A 55 -3.57 -3.75 -7.76
CA GLY A 55 -4.77 -3.88 -6.94
C GLY A 55 -4.63 -3.18 -5.60
N CYS A 56 -3.44 -3.27 -5.01
CA CYS A 56 -3.18 -2.65 -3.72
C CYS A 56 -3.33 -1.13 -3.81
N GLN A 57 -3.09 -0.59 -5.00
CA GLN A 57 -3.19 0.85 -5.22
C GLN A 57 -4.63 1.33 -5.04
N LYS A 58 -5.58 0.43 -5.27
CA LYS A 58 -6.99 0.76 -5.12
C LYS A 58 -7.44 0.63 -3.66
N ILE A 59 -6.68 -0.12 -2.88
CA ILE A 59 -6.99 -0.33 -1.47
C ILE A 59 -6.39 0.78 -0.61
N LEU A 60 -5.23 1.29 -1.02
CA LEU A 60 -4.56 2.35 -0.28
C LEU A 60 -5.20 3.71 -0.58
N THR A 61 -5.72 3.85 -1.79
CA THR A 61 -6.37 5.10 -2.21
C THR A 61 -7.65 5.33 -1.42
N VAL A 62 -8.35 4.26 -1.10
CA VAL A 62 -9.60 4.35 -0.33
C VAL A 62 -9.32 4.63 1.13
N LEU A 63 -8.39 3.88 1.72
CA LEU A 63 -8.03 4.04 3.11
C LEU A 63 -7.16 5.28 3.32
N ASP A 64 -6.64 5.81 2.22
CA ASP A 64 -5.79 7.00 2.27
C ASP A 64 -6.50 8.15 2.99
N PRO A 65 -7.62 8.60 2.40
CA PRO A 65 -8.41 9.70 2.97
C PRO A 65 -9.12 9.29 4.25
N MET A 66 -9.08 8.00 4.58
CA MET A 66 -9.72 7.48 5.78
C MET A 66 -8.77 7.58 6.98
N VAL A 67 -7.47 7.63 6.70
CA VAL A 67 -6.47 7.73 7.75
C VAL A 67 -6.77 8.87 8.71
N PRO A 68 -6.88 10.09 8.16
CA PRO A 68 -7.17 11.29 8.94
C PRO A 68 -8.60 11.30 9.49
N THR A 69 -9.34 10.23 9.20
CA THR A 69 -10.72 10.12 9.66
C THR A 69 -11.19 8.67 9.63
N GLY A 70 -10.51 7.82 10.40
CA GLY A 70 -10.87 6.41 10.45
C GLY A 70 -10.49 5.76 11.76
N SER A 71 -11.32 4.84 12.24
CA SER A 71 -11.05 4.15 13.49
C SER A 71 -9.63 3.61 13.53
N GLU A 72 -9.18 3.20 14.72
CA GLU A 72 -7.84 2.66 14.88
C GLU A 72 -7.64 1.42 14.02
N ASN A 73 -8.60 0.51 14.06
CA ASN A 73 -8.53 -0.72 13.28
C ASN A 73 -8.28 -0.42 11.81
N LEU A 74 -8.79 0.72 11.35
CA LEU A 74 -8.62 1.13 9.96
C LEU A 74 -7.18 1.57 9.69
N LYS A 75 -6.56 2.17 10.71
CA LYS A 75 -5.18 2.63 10.58
C LYS A 75 -4.22 1.46 10.42
N SER A 76 -4.50 0.37 11.13
CA SER A 76 -3.65 -0.82 11.06
C SER A 76 -3.68 -1.42 9.67
N LEU A 77 -4.87 -1.53 9.09
CA LEU A 77 -5.03 -2.10 7.76
C LEU A 77 -4.24 -1.30 6.73
N PHE A 78 -4.42 0.02 6.73
CA PHE A 78 -3.72 0.89 5.80
C PHE A 78 -2.21 0.71 5.93
N ASN A 79 -1.72 0.70 7.16
CA ASN A 79 -0.30 0.54 7.43
C ASN A 79 0.20 -0.81 6.94
N THR A 80 -0.66 -1.82 6.99
CA THR A 80 -0.31 -3.16 6.54
C THR A 80 -0.31 -3.25 5.03
N VAL A 81 -1.31 -2.63 4.40
CA VAL A 81 -1.41 -2.64 2.95
C VAL A 81 -0.18 -2.01 2.30
N CYS A 82 0.24 -0.88 2.83
CA CYS A 82 1.41 -0.18 2.30
C CYS A 82 2.63 -1.09 2.28
N VAL A 83 2.64 -2.07 3.17
CA VAL A 83 3.76 -3.02 3.25
C VAL A 83 3.69 -4.03 2.10
N ILE A 84 2.50 -4.54 1.83
CA ILE A 84 2.30 -5.50 0.76
C ILE A 84 2.70 -4.92 -0.60
N TRP A 85 2.21 -3.72 -0.87
CA TRP A 85 2.52 -3.04 -2.13
C TRP A 85 4.03 -2.91 -2.33
N CYS A 86 4.71 -2.43 -1.30
CA CYS A 86 6.16 -2.25 -1.36
C CYS A 86 6.85 -3.54 -1.78
N ILE A 87 6.53 -4.63 -1.10
CA ILE A 87 7.12 -5.93 -1.41
C ILE A 87 6.93 -6.28 -2.88
N HIS A 88 5.77 -5.93 -3.42
CA HIS A 88 5.45 -6.21 -4.82
C HIS A 88 6.21 -5.26 -5.75
N ALA A 89 6.26 -3.96 -5.45
CA ALA A 89 6.97 -3.02 -6.30
C ALA A 89 8.48 -3.24 -6.23
N GLU A 90 8.89 -4.16 -5.37
CA GLU A 90 10.31 -4.47 -5.21
C GLU A 90 11.02 -3.39 -4.39
N GLU A 91 10.32 -2.86 -3.40
CA GLU A 91 10.88 -1.82 -2.54
C GLU A 91 11.36 -2.40 -1.21
N LYS A 92 12.59 -2.07 -0.85
CA LYS A 92 13.17 -2.56 0.40
C LYS A 92 12.74 -1.69 1.57
N VAL A 93 12.30 -2.33 2.65
CA VAL A 93 11.87 -1.61 3.85
C VAL A 93 12.31 -2.33 5.11
N LYS A 94 12.52 -1.57 6.18
CA LYS A 94 12.94 -2.14 7.45
C LYS A 94 11.75 -2.25 8.42
N ASP A 95 10.88 -1.25 8.37
CA ASP A 95 9.70 -1.23 9.24
C ASP A 95 8.52 -0.58 8.53
N THR A 96 7.34 -0.66 9.14
CA THR A 96 6.13 -0.08 8.58
C THR A 96 6.34 1.38 8.23
N GLU A 97 6.84 2.15 9.19
CA GLU A 97 7.09 3.57 8.98
C GLU A 97 7.88 3.81 7.70
N GLY A 98 8.86 2.94 7.44
CA GLY A 98 9.68 3.07 6.25
C GLY A 98 8.92 2.72 4.98
N ALA A 99 8.02 1.74 5.10
CA ALA A 99 7.23 1.30 3.95
C ALA A 99 6.34 2.43 3.44
N LYS A 100 5.62 3.07 4.35
CA LYS A 100 4.73 4.17 3.99
C LYS A 100 5.50 5.28 3.29
N GLN A 101 6.64 5.66 3.85
CA GLN A 101 7.47 6.71 3.29
C GLN A 101 7.70 6.48 1.80
N ILE A 102 8.03 5.24 1.44
CA ILE A 102 8.26 4.89 0.05
C ILE A 102 6.99 4.98 -0.77
N VAL A 103 5.87 4.58 -0.16
CA VAL A 103 4.58 4.60 -0.83
C VAL A 103 4.14 6.04 -1.12
N ARG A 104 3.93 6.80 -0.05
CA ARG A 104 3.51 8.19 -0.18
C ARG A 104 4.41 8.94 -1.16
N ARG A 105 5.72 8.71 -1.04
CA ARG A 105 6.68 9.37 -1.91
C ARG A 105 6.30 9.22 -3.37
N HIS A 106 5.87 8.01 -3.75
CA HIS A 106 5.47 7.73 -5.11
C HIS A 106 4.17 8.46 -5.47
N LEU A 107 3.23 8.62 -4.53
CA LEU A 107 1.99 9.30 -4.82
C LEU A 107 2.21 10.80 -5.02
N VAL A 108 3.10 11.37 -4.20
CA VAL A 108 3.41 12.79 -4.27
C VAL A 108 4.17 13.11 -5.55
N ALA A 109 4.92 12.13 -6.06
CA ALA A 109 5.70 12.31 -7.27
C ALA A 109 4.80 12.29 -8.50
N GLU A 110 3.68 11.57 -8.40
CA GLU A 110 2.74 11.46 -9.51
C GLU A 110 1.91 12.74 -9.63
N THR A 111 1.64 13.38 -8.50
CA THR A 111 0.86 14.61 -8.48
C THR A 111 1.59 15.73 -9.20
N GLY A 112 2.92 15.67 -9.22
CA GLY A 112 3.70 16.68 -9.88
C GLY A 112 4.02 16.34 -11.32
N THR A 113 3.23 15.44 -11.90
CA THR A 113 3.43 15.03 -13.27
C THR A 113 2.13 14.51 -13.89
N ALA A 114 1.02 15.11 -13.47
CA ALA A 114 -0.29 14.72 -13.99
C ALA A 114 -1.18 15.94 -14.21
N GLU A 115 -0.59 17.00 -14.74
CA GLU A 115 -1.33 18.24 -15.00
C GLU A 115 -0.51 19.20 -15.83
N LYS A 116 0.25 18.67 -16.78
CA LYS A 116 1.10 19.48 -17.64
C LYS A 116 0.54 19.54 -19.06
N MET A 117 0.03 18.41 -19.53
CA MET A 117 -0.54 18.33 -20.87
C MET A 117 -2.07 18.27 -20.81
N PRO A 118 -2.72 18.75 -21.87
CA PRO A 118 -4.19 18.77 -21.96
C PRO A 118 -4.77 17.38 -22.11
N SER A 119 -5.86 17.11 -21.39
CA SER A 119 -6.50 15.80 -21.44
C SER A 119 -8.02 15.96 -21.54
N THR A 120 -8.54 15.93 -22.77
CA THR A 120 -9.97 16.07 -22.99
C THR A 120 -10.71 14.81 -22.57
N SER A 121 -11.92 15.00 -22.05
CA SER A 121 -12.74 13.87 -21.59
C SER A 121 -14.21 14.12 -21.92
N ARG A 122 -14.65 13.60 -23.06
CA ARG A 122 -16.03 13.76 -23.49
C ARG A 122 -16.68 12.41 -23.77
N PRO A 123 -17.99 12.31 -23.51
CA PRO A 123 -18.75 11.07 -23.73
C PRO A 123 -18.91 10.75 -25.21
N THR A 124 -19.63 9.66 -25.50
CA THR A 124 -19.86 9.24 -26.87
C THR A 124 -21.16 8.46 -26.99
N ALA A 125 -22.01 8.86 -27.94
CA ALA A 125 -23.28 8.20 -28.16
C ALA A 125 -23.61 8.12 -29.65
N PRO A 126 -24.34 7.07 -30.03
CA PRO A 126 -24.74 6.85 -31.43
C PRO A 126 -25.76 7.87 -31.91
N SER A 127 -26.15 7.76 -33.18
CA SER A 127 -27.13 8.68 -33.76
C SER A 127 -28.50 8.02 -33.87
N SER A 128 -29.54 8.81 -33.69
CA SER A 128 -30.91 8.31 -33.76
C SER A 128 -31.53 8.59 -35.13
N GLU A 129 -32.14 7.57 -35.72
CA GLU A 129 -32.77 7.72 -37.03
C GLU A 129 -34.29 7.86 -36.89
N LYS A 130 -34.94 8.19 -37.99
CA LYS A 130 -36.40 8.36 -38.01
C LYS A 130 -37.09 7.05 -37.65
N GLY A 131 -36.44 5.93 -37.95
CA GLY A 131 -37.01 4.64 -37.65
C GLY A 131 -37.86 4.10 -38.79
N GLY A 132 -37.71 2.82 -39.09
CA GLY A 132 -38.47 2.21 -40.15
C GLY A 132 -38.23 0.72 -40.27
N ASN A 133 -37.48 0.30 -41.27
CA ASN A 133 -37.18 -1.11 -41.49
C ASN A 133 -36.07 -1.29 -42.51
N TYR A 134 -36.16 -0.54 -43.61
CA TYR A 134 -35.16 -0.62 -44.67
C TYR A 134 -34.58 0.76 -44.97
N GLY A 1 -2.93 -20.44 7.34
CA GLY A 1 -2.89 -19.63 6.14
C GLY A 1 -3.46 -20.35 4.93
N ALA A 2 -4.71 -20.04 4.59
CA ALA A 2 -5.37 -20.66 3.45
C ALA A 2 -4.66 -20.31 2.15
N ARG A 3 -4.66 -21.24 1.21
CA ARG A 3 -4.02 -21.03 -0.08
C ARG A 3 -4.49 -19.72 -0.72
N ASN A 4 -3.62 -18.72 -0.70
CA ASN A 4 -3.95 -17.42 -1.27
C ASN A 4 -3.00 -17.08 -2.41
N SER A 5 -1.74 -17.50 -2.28
CA SER A 5 -0.75 -17.23 -3.31
C SER A 5 -0.48 -15.73 -3.43
N VAL A 6 -0.08 -15.11 -2.32
CA VAL A 6 0.21 -13.68 -2.31
C VAL A 6 1.70 -13.42 -2.31
N LEU A 7 2.45 -14.22 -1.54
CA LEU A 7 3.89 -14.08 -1.47
C LEU A 7 4.59 -15.41 -1.75
N ARG A 8 5.55 -15.38 -2.67
CA ARG A 8 6.29 -16.58 -3.03
C ARG A 8 7.41 -16.86 -2.03
N GLY A 9 8.30 -17.77 -2.39
CA GLY A 9 9.41 -18.11 -1.51
C GLY A 9 10.39 -16.97 -1.34
N LYS A 10 10.70 -16.29 -2.44
CA LYS A 10 11.63 -15.16 -2.41
C LYS A 10 10.98 -13.94 -1.78
N LYS A 11 9.65 -13.89 -1.84
CA LYS A 11 8.90 -12.77 -1.27
C LYS A 11 8.67 -12.97 0.22
N ALA A 12 8.34 -14.20 0.60
CA ALA A 12 8.08 -14.54 1.99
C ALA A 12 9.22 -14.05 2.90
N ASP A 13 10.45 -14.19 2.41
CA ASP A 13 11.62 -13.76 3.17
C ASP A 13 11.54 -12.27 3.49
N GLU A 14 11.47 -11.45 2.45
CA GLU A 14 11.40 -10.01 2.61
C GLU A 14 10.36 -9.63 3.66
N LEU A 15 9.29 -10.42 3.72
CA LEU A 15 8.21 -10.17 4.67
C LEU A 15 8.71 -10.33 6.10
N GLU A 16 9.26 -11.51 6.40
CA GLU A 16 9.77 -11.79 7.74
C GLU A 16 10.88 -10.81 8.11
N ARG A 17 11.50 -10.22 7.10
CA ARG A 17 12.59 -9.26 7.33
C ARG A 17 12.03 -7.91 7.81
N ILE A 18 10.85 -7.57 7.33
CA ILE A 18 10.21 -6.31 7.71
C ILE A 18 9.79 -6.33 9.18
N ARG A 19 10.14 -5.28 9.90
CA ARG A 19 9.80 -5.17 11.32
C ARG A 19 8.47 -4.46 11.51
N LEU A 20 7.64 -4.99 12.40
CA LEU A 20 6.34 -4.40 12.67
C LEU A 20 6.47 -2.96 13.14
N ARG A 21 7.49 -2.69 13.96
CA ARG A 21 7.74 -1.36 14.48
C ARG A 21 9.16 -0.92 14.19
N PRO A 22 9.40 0.40 14.25
CA PRO A 22 10.72 0.99 13.99
C PRO A 22 11.72 0.67 15.09
N GLY A 23 11.22 0.55 16.32
CA GLY A 23 12.09 0.25 17.44
C GLY A 23 11.66 -1.01 18.18
N GLY A 24 11.05 -1.94 17.45
CA GLY A 24 10.59 -3.17 18.07
C GLY A 24 11.48 -4.35 17.72
N LYS A 25 11.06 -5.55 18.11
CA LYS A 25 11.82 -6.76 17.83
C LYS A 25 10.95 -7.83 17.20
N LYS A 26 9.78 -7.41 16.71
CA LYS A 26 8.85 -8.34 16.07
C LYS A 26 8.67 -8.02 14.60
N LYS A 27 8.75 -9.04 13.75
CA LYS A 27 8.59 -8.87 12.32
C LYS A 27 7.25 -9.41 11.84
N TYR A 28 6.84 -8.99 10.65
CA TYR A 28 5.56 -9.44 10.08
C TYR A 28 5.56 -10.94 9.87
N ARG A 29 4.37 -11.54 9.94
CA ARG A 29 4.23 -12.98 9.76
C ARG A 29 2.92 -13.30 9.04
N LEU A 30 2.79 -14.56 8.60
CA LEU A 30 1.60 -14.99 7.89
C LEU A 30 0.34 -14.55 8.63
N LYS A 31 0.37 -14.61 9.95
CA LYS A 31 -0.76 -14.22 10.77
C LYS A 31 -1.27 -12.84 10.36
N HIS A 32 -0.35 -11.92 10.11
CA HIS A 32 -0.70 -10.57 9.72
C HIS A 32 -1.33 -10.56 8.32
N ILE A 33 -0.98 -11.48 7.43
CA ILE A 33 -1.56 -11.51 6.09
C ILE A 33 -3.02 -11.95 6.14
N VAL A 34 -3.31 -12.90 7.02
CA VAL A 34 -4.67 -13.42 7.16
C VAL A 34 -5.64 -12.29 7.53
N TRP A 35 -5.35 -11.59 8.62
CA TRP A 35 -6.19 -10.51 9.08
C TRP A 35 -6.44 -9.49 7.96
N ALA A 36 -5.40 -9.20 7.20
CA ALA A 36 -5.50 -8.26 6.09
C ALA A 36 -6.52 -8.73 5.05
N ALA A 37 -6.24 -9.87 4.44
CA ALA A 37 -7.13 -10.44 3.43
C ALA A 37 -8.52 -10.66 4.00
N ASN A 38 -8.59 -10.97 5.30
CA ASN A 38 -9.87 -11.21 5.96
C ASN A 38 -10.68 -9.92 6.06
N LYS A 39 -10.08 -8.91 6.68
CA LYS A 39 -10.75 -7.62 6.86
C LYS A 39 -11.32 -7.13 5.53
N LEU A 40 -10.63 -7.44 4.44
CA LEU A 40 -11.09 -7.04 3.11
C LEU A 40 -12.43 -7.68 2.77
N ASP A 41 -12.43 -9.00 2.63
CA ASP A 41 -13.65 -9.73 2.31
C ASP A 41 -14.80 -9.29 3.20
N ARG A 42 -14.52 -9.14 4.49
CA ARG A 42 -15.54 -8.72 5.44
C ARG A 42 -16.05 -7.32 5.13
N PHE A 43 -15.16 -6.34 5.21
CA PHE A 43 -15.51 -4.95 4.93
C PHE A 43 -16.27 -4.84 3.60
N GLY A 44 -15.76 -5.52 2.59
CA GLY A 44 -16.40 -5.49 1.28
C GLY A 44 -15.40 -5.64 0.14
N LEU A 45 -14.12 -5.45 0.44
CA LEU A 45 -13.08 -5.56 -0.56
C LEU A 45 -12.70 -7.02 -0.78
N ALA A 46 -12.15 -7.32 -1.96
CA ALA A 46 -11.74 -8.68 -2.28
C ALA A 46 -10.23 -8.85 -2.12
N GLU A 47 -9.76 -10.09 -2.25
CA GLU A 47 -8.34 -10.39 -2.10
C GLU A 47 -7.61 -10.23 -3.43
N SER A 48 -8.31 -9.67 -4.42
CA SER A 48 -7.74 -9.46 -5.74
C SER A 48 -6.73 -8.31 -5.72
N LEU A 49 -6.65 -7.63 -4.58
CA LEU A 49 -5.72 -6.50 -4.43
C LEU A 49 -4.57 -6.87 -3.50
N LEU A 50 -4.15 -8.13 -3.55
CA LEU A 50 -3.05 -8.60 -2.71
C LEU A 50 -1.99 -9.29 -3.56
N GLU A 51 -2.41 -9.97 -4.61
CA GLU A 51 -1.49 -10.67 -5.50
C GLU A 51 -0.77 -9.69 -6.42
N SER A 52 -1.55 -8.83 -7.09
CA SER A 52 -0.98 -7.85 -8.00
C SER A 52 -0.73 -6.53 -7.29
N LYS A 53 0.47 -5.99 -7.44
CA LYS A 53 0.85 -4.72 -6.82
C LYS A 53 -0.12 -3.61 -7.22
N GLU A 54 -0.58 -3.67 -8.47
CA GLU A 54 -1.52 -2.67 -8.97
C GLU A 54 -2.80 -2.64 -8.15
N GLY A 55 -3.26 -3.82 -7.75
CA GLY A 55 -4.47 -3.91 -6.96
C GLY A 55 -4.31 -3.30 -5.58
N CYS A 56 -3.22 -3.63 -4.91
CA CYS A 56 -2.95 -3.11 -3.57
C CYS A 56 -2.98 -1.59 -3.56
N GLN A 57 -2.66 -0.99 -4.71
CA GLN A 57 -2.65 0.46 -4.84
C GLN A 57 -4.07 1.02 -4.81
N LYS A 58 -5.03 0.18 -5.16
CA LYS A 58 -6.43 0.60 -5.19
C LYS A 58 -7.02 0.58 -3.78
N ILE A 59 -6.27 0.02 -2.83
CA ILE A 59 -6.72 -0.06 -1.45
C ILE A 59 -6.26 1.17 -0.66
N LEU A 60 -4.96 1.44 -0.71
CA LEU A 60 -4.39 2.58 0.00
C LEU A 60 -5.08 3.88 -0.42
N THR A 61 -5.54 3.93 -1.67
CA THR A 61 -6.21 5.11 -2.18
C THR A 61 -7.55 5.34 -1.48
N VAL A 62 -8.23 4.24 -1.16
CA VAL A 62 -9.52 4.32 -0.47
C VAL A 62 -9.35 4.70 0.99
N LEU A 63 -8.48 3.98 1.68
CA LEU A 63 -8.22 4.24 3.09
C LEU A 63 -7.38 5.50 3.27
N ASP A 64 -6.85 6.01 2.16
CA ASP A 64 -6.03 7.22 2.20
C ASP A 64 -6.80 8.36 2.84
N PRO A 65 -7.88 8.80 2.18
CA PRO A 65 -8.71 9.90 2.67
C PRO A 65 -9.50 9.52 3.92
N MET A 66 -9.39 8.26 4.32
CA MET A 66 -10.09 7.76 5.50
C MET A 66 -9.14 7.66 6.70
N VAL A 67 -7.84 7.66 6.42
CA VAL A 67 -6.83 7.57 7.47
C VAL A 67 -7.12 8.54 8.60
N PRO A 68 -7.21 9.84 8.26
CA PRO A 68 -7.49 10.90 9.24
C PRO A 68 -8.92 10.84 9.77
N THR A 69 -9.86 10.52 8.88
CA THR A 69 -11.26 10.43 9.27
C THR A 69 -11.68 8.97 9.51
N GLY A 70 -10.77 8.20 10.08
CA GLY A 70 -11.07 6.80 10.35
C GLY A 70 -10.49 6.34 11.68
N SER A 71 -11.14 5.36 12.30
CA SER A 71 -10.69 4.82 13.58
C SER A 71 -9.41 4.01 13.41
N GLU A 72 -8.87 3.53 14.52
CA GLU A 72 -7.66 2.73 14.50
C GLU A 72 -7.85 1.48 13.63
N ASN A 73 -9.03 0.87 13.73
CA ASN A 73 -9.34 -0.32 12.95
C ASN A 73 -9.11 -0.09 11.47
N LEU A 74 -9.19 1.17 11.05
CA LEU A 74 -8.99 1.54 9.65
C LEU A 74 -7.55 1.95 9.40
N LYS A 75 -6.84 2.30 10.46
CA LYS A 75 -5.45 2.72 10.35
C LYS A 75 -4.52 1.50 10.38
N SER A 76 -4.93 0.46 11.09
CA SER A 76 -4.14 -0.76 11.20
C SER A 76 -4.07 -1.48 9.86
N LEU A 77 -5.21 -1.59 9.19
CA LEU A 77 -5.27 -2.26 7.91
C LEU A 77 -4.59 -1.43 6.83
N PHE A 78 -4.50 -0.12 7.05
CA PHE A 78 -3.87 0.78 6.10
C PHE A 78 -2.35 0.62 6.12
N ASN A 79 -1.79 0.45 7.32
CA ASN A 79 -0.36 0.28 7.48
C ASN A 79 0.10 -1.07 6.92
N THR A 80 -0.78 -2.06 6.99
CA THR A 80 -0.47 -3.40 6.51
C THR A 80 -0.49 -3.44 4.98
N VAL A 81 -1.43 -2.71 4.39
CA VAL A 81 -1.55 -2.66 2.93
C VAL A 81 -0.30 -2.07 2.30
N CYS A 82 0.29 -1.08 2.96
CA CYS A 82 1.48 -0.43 2.45
C CYS A 82 2.65 -1.41 2.38
N VAL A 83 2.71 -2.31 3.35
CA VAL A 83 3.77 -3.31 3.39
C VAL A 83 3.61 -4.34 2.28
N ILE A 84 2.38 -4.77 2.04
CA ILE A 84 2.09 -5.75 1.00
C ILE A 84 2.40 -5.18 -0.38
N TRP A 85 2.03 -3.92 -0.59
CA TRP A 85 2.28 -3.26 -1.87
C TRP A 85 3.77 -3.08 -2.11
N CYS A 86 4.48 -2.63 -1.09
CA CYS A 86 5.92 -2.42 -1.20
C CYS A 86 6.64 -3.70 -1.63
N ILE A 87 6.37 -4.79 -0.91
CA ILE A 87 6.99 -6.07 -1.22
C ILE A 87 6.85 -6.41 -2.71
N HIS A 88 5.69 -6.10 -3.27
CA HIS A 88 5.43 -6.36 -4.68
C HIS A 88 6.01 -5.25 -5.56
N ALA A 89 6.02 -4.00 -5.12
CA ALA A 89 6.58 -2.92 -5.91
C ALA A 89 8.10 -2.99 -5.98
N GLU A 90 8.67 -3.93 -5.22
CA GLU A 90 10.11 -4.11 -5.18
C GLU A 90 10.79 -2.94 -4.49
N GLU A 91 10.25 -2.55 -3.34
CA GLU A 91 10.81 -1.43 -2.57
C GLU A 91 11.42 -1.92 -1.26
N LYS A 92 12.70 -1.64 -1.07
CA LYS A 92 13.41 -2.05 0.13
C LYS A 92 12.96 -1.22 1.34
N VAL A 93 12.49 -1.91 2.38
CA VAL A 93 12.03 -1.24 3.59
C VAL A 93 12.59 -1.92 4.84
N LYS A 94 12.58 -1.20 5.95
CA LYS A 94 13.09 -1.71 7.22
C LYS A 94 11.95 -1.96 8.20
N ASP A 95 10.98 -1.07 8.20
CA ASP A 95 9.83 -1.18 9.09
C ASP A 95 8.58 -0.60 8.46
N THR A 96 7.46 -0.68 9.17
CA THR A 96 6.19 -0.16 8.66
C THR A 96 6.31 1.31 8.29
N GLU A 97 6.76 2.12 9.24
CA GLU A 97 6.93 3.56 9.00
C GLU A 97 7.72 3.81 7.73
N GLY A 98 8.82 3.08 7.57
CA GLY A 98 9.66 3.24 6.39
C GLY A 98 8.93 2.87 5.11
N ALA A 99 8.13 1.81 5.18
CA ALA A 99 7.38 1.35 4.01
C ALA A 99 6.44 2.44 3.50
N LYS A 100 5.62 2.98 4.39
CA LYS A 100 4.68 4.02 4.03
C LYS A 100 5.39 5.18 3.33
N GLN A 101 6.46 5.66 3.94
CA GLN A 101 7.24 6.76 3.38
C GLN A 101 7.50 6.54 1.89
N ILE A 102 7.93 5.33 1.55
CA ILE A 102 8.22 4.98 0.17
C ILE A 102 6.96 5.07 -0.70
N VAL A 103 5.85 4.56 -0.17
CA VAL A 103 4.58 4.58 -0.89
C VAL A 103 4.11 6.01 -1.13
N ARG A 104 3.83 6.72 -0.04
CA ARG A 104 3.37 8.11 -0.13
C ARG A 104 4.29 8.92 -1.03
N ARG A 105 5.59 8.67 -0.93
CA ARG A 105 6.57 9.39 -1.73
C ARG A 105 6.21 9.34 -3.21
N HIS A 106 5.80 8.17 -3.68
CA HIS A 106 5.42 8.00 -5.07
C HIS A 106 4.06 8.64 -5.35
N LEU A 107 3.26 8.93 -4.34
CA LEU A 107 1.94 9.54 -4.56
C LEU A 107 2.06 11.06 -4.56
N VAL A 108 2.74 11.60 -3.57
CA VAL A 108 2.92 13.05 -3.46
C VAL A 108 3.67 13.60 -4.67
N ALA A 109 4.65 12.84 -5.15
CA ALA A 109 5.43 13.26 -6.30
C ALA A 109 4.56 13.42 -7.54
N GLU A 110 3.58 12.53 -7.68
CA GLU A 110 2.67 12.57 -8.82
C GLU A 110 1.74 13.77 -8.72
N THR A 111 1.49 14.23 -7.51
CA THR A 111 0.62 15.37 -7.28
C THR A 111 1.41 16.59 -6.80
N GLY A 112 2.69 16.63 -7.15
CA GLY A 112 3.53 17.73 -6.75
C GLY A 112 4.42 18.23 -7.87
N THR A 113 4.01 17.96 -9.10
CA THR A 113 4.78 18.38 -10.27
C THR A 113 3.95 19.27 -11.19
N ALA A 114 3.05 20.04 -10.59
CA ALA A 114 2.19 20.94 -11.35
C ALA A 114 2.73 22.37 -11.33
N GLU A 115 4.05 22.49 -11.23
CA GLU A 115 4.69 23.80 -11.19
C GLU A 115 6.09 23.74 -11.82
N LYS A 116 6.28 22.79 -12.73
CA LYS A 116 7.56 22.62 -13.40
C LYS A 116 7.37 22.06 -14.81
N MET A 117 6.65 22.79 -15.65
CA MET A 117 6.39 22.36 -17.01
C MET A 117 7.68 22.34 -17.83
N PRO A 118 7.78 21.37 -18.74
CA PRO A 118 8.96 21.22 -19.60
C PRO A 118 9.07 22.34 -20.64
N SER A 119 7.96 22.99 -20.91
CA SER A 119 7.92 24.09 -21.88
C SER A 119 8.30 23.58 -23.27
N THR A 120 8.11 24.44 -24.27
CA THR A 120 8.43 24.08 -25.65
C THR A 120 9.93 23.92 -25.84
N SER A 121 10.40 22.68 -25.68
CA SER A 121 11.82 22.38 -25.83
C SER A 121 12.10 21.75 -27.19
N ARG A 122 13.34 21.31 -27.39
CA ARG A 122 13.74 20.69 -28.65
C ARG A 122 13.14 19.28 -28.77
N PRO A 123 12.87 18.86 -30.01
CA PRO A 123 12.30 17.55 -30.29
C PRO A 123 13.29 16.41 -30.01
N THR A 124 12.81 15.36 -29.36
CA THR A 124 13.64 14.22 -29.03
C THR A 124 12.80 12.97 -28.81
N ALA A 125 13.30 11.83 -29.28
CA ALA A 125 12.60 10.56 -29.13
C ALA A 125 13.45 9.40 -29.61
N PRO A 126 13.17 8.19 -29.09
CA PRO A 126 13.91 6.98 -29.46
C PRO A 126 13.62 6.54 -30.89
N SER A 127 14.53 5.75 -31.45
CA SER A 127 14.38 5.27 -32.82
C SER A 127 14.15 3.76 -32.83
N SER A 128 13.04 3.32 -32.24
CA SER A 128 12.70 1.91 -32.17
C SER A 128 11.32 1.70 -31.58
N GLU A 129 10.32 1.54 -32.44
CA GLU A 129 8.95 1.33 -31.98
C GLU A 129 8.02 1.04 -33.16
N LYS A 130 8.46 0.11 -34.01
CA LYS A 130 7.67 -0.27 -35.19
C LYS A 130 7.11 -1.69 -35.03
N GLY A 131 6.41 -2.15 -36.06
CA GLY A 131 5.84 -3.48 -36.02
C GLY A 131 5.30 -3.92 -37.36
N GLY A 132 4.88 -5.19 -37.45
CA GLY A 132 4.34 -5.71 -38.69
C GLY A 132 2.88 -5.33 -38.90
N ASN A 133 2.66 -4.24 -39.63
CA ASN A 133 1.31 -3.77 -39.91
C ASN A 133 0.66 -4.58 -41.03
N TYR A 134 -0.51 -5.14 -40.75
CA TYR A 134 -1.23 -5.93 -41.73
C TYR A 134 -2.61 -5.33 -42.03
N GLY A 1 1.86 -12.51 -11.24
CA GLY A 1 1.79 -13.40 -10.09
C GLY A 1 0.37 -13.86 -9.78
N ALA A 2 -0.14 -14.77 -10.60
CA ALA A 2 -1.49 -15.28 -10.41
C ALA A 2 -1.49 -16.81 -10.34
N ARG A 3 -0.55 -17.36 -9.60
CA ARG A 3 -0.43 -18.80 -9.44
C ARG A 3 -1.49 -19.33 -8.47
N ASN A 4 -1.25 -19.14 -7.19
CA ASN A 4 -2.17 -19.58 -6.15
C ASN A 4 -1.72 -19.12 -4.77
N SER A 5 -1.07 -17.96 -4.73
CA SER A 5 -0.58 -17.40 -3.47
C SER A 5 -0.26 -15.92 -3.63
N VAL A 6 -0.15 -15.22 -2.50
CA VAL A 6 0.14 -13.79 -2.50
C VAL A 6 1.65 -13.55 -2.50
N LEU A 7 2.35 -14.21 -1.57
CA LEU A 7 3.79 -14.06 -1.45
C LEU A 7 4.49 -15.38 -1.72
N ARG A 8 5.45 -15.36 -2.65
CA ARG A 8 6.20 -16.56 -3.00
C ARG A 8 7.28 -16.85 -1.96
N GLY A 9 8.16 -17.79 -2.27
CA GLY A 9 9.22 -18.15 -1.35
C GLY A 9 10.20 -17.01 -1.13
N LYS A 10 10.64 -16.39 -2.22
CA LYS A 10 11.59 -15.29 -2.15
C LYS A 10 10.92 -14.04 -1.56
N LYS A 11 9.62 -13.94 -1.74
CA LYS A 11 8.86 -12.81 -1.23
C LYS A 11 8.57 -12.96 0.26
N ALA A 12 8.20 -14.16 0.66
CA ALA A 12 7.90 -14.45 2.06
C ALA A 12 9.04 -14.01 2.96
N ASP A 13 10.27 -14.21 2.50
CA ASP A 13 11.46 -13.83 3.26
C ASP A 13 11.46 -12.33 3.55
N GLU A 14 11.44 -11.53 2.49
CA GLU A 14 11.45 -10.08 2.63
C GLU A 14 10.38 -9.62 3.63
N LEU A 15 9.23 -10.27 3.59
CA LEU A 15 8.14 -9.94 4.50
C LEU A 15 8.54 -10.16 5.95
N GLU A 16 8.99 -11.37 6.26
CA GLU A 16 9.41 -11.71 7.61
C GLU A 16 10.57 -10.82 8.05
N ARG A 17 11.26 -10.23 7.09
CA ARG A 17 12.39 -9.36 7.38
C ARG A 17 11.92 -7.99 7.86
N ILE A 18 10.74 -7.58 7.40
CA ILE A 18 10.18 -6.30 7.78
C ILE A 18 9.75 -6.29 9.24
N ARG A 19 10.09 -5.22 9.96
CA ARG A 19 9.74 -5.11 11.37
C ARG A 19 8.43 -4.35 11.54
N LEU A 20 7.58 -4.84 12.43
CA LEU A 20 6.29 -4.21 12.69
C LEU A 20 6.47 -2.77 13.15
N ARG A 21 7.52 -2.53 13.92
CA ARG A 21 7.81 -1.18 14.43
C ARG A 21 9.24 -0.78 14.11
N PRO A 22 9.51 0.53 14.15
CA PRO A 22 10.84 1.08 13.87
C PRO A 22 11.86 0.74 14.96
N GLY A 23 11.37 0.66 16.20
CA GLY A 23 12.24 0.34 17.32
C GLY A 23 11.78 -0.88 18.08
N GLY A 24 11.06 -1.77 17.39
CA GLY A 24 10.58 -2.98 18.03
C GLY A 24 11.44 -4.19 17.72
N LYS A 25 10.98 -5.36 18.14
CA LYS A 25 11.71 -6.61 17.91
C LYS A 25 10.80 -7.67 17.28
N LYS A 26 9.67 -7.22 16.75
CA LYS A 26 8.72 -8.14 16.12
C LYS A 26 8.62 -7.88 14.62
N LYS A 27 8.64 -8.95 13.84
CA LYS A 27 8.55 -8.84 12.39
C LYS A 27 7.22 -9.37 11.88
N TYR A 28 6.82 -8.92 10.70
CA TYR A 28 5.56 -9.37 10.10
C TYR A 28 5.55 -10.87 9.87
N ARG A 29 4.38 -11.46 9.91
CA ARG A 29 4.23 -12.91 9.72
C ARG A 29 2.96 -13.23 8.95
N LEU A 30 2.86 -14.46 8.46
CA LEU A 30 1.69 -14.90 7.70
C LEU A 30 0.40 -14.49 8.42
N LYS A 31 0.40 -14.58 9.74
CA LYS A 31 -0.76 -14.22 10.53
C LYS A 31 -1.26 -12.84 10.16
N HIS A 32 -0.34 -11.89 10.03
CA HIS A 32 -0.68 -10.52 9.68
C HIS A 32 -1.25 -10.45 8.26
N ILE A 33 -0.93 -11.39 7.38
CA ILE A 33 -1.44 -11.38 6.01
C ILE A 33 -2.88 -11.86 5.96
N VAL A 34 -3.20 -12.85 6.80
CA VAL A 34 -4.55 -13.41 6.85
C VAL A 34 -5.57 -12.34 7.26
N TRP A 35 -5.32 -11.71 8.39
CA TRP A 35 -6.21 -10.67 8.90
C TRP A 35 -6.50 -9.63 7.82
N ALA A 36 -5.46 -9.25 7.08
CA ALA A 36 -5.60 -8.26 6.03
C ALA A 36 -6.62 -8.72 4.97
N ALA A 37 -6.33 -9.86 4.34
CA ALA A 37 -7.20 -10.41 3.32
C ALA A 37 -8.59 -10.70 3.89
N ASN A 38 -8.64 -11.06 5.17
CA ASN A 38 -9.90 -11.36 5.83
C ASN A 38 -10.77 -10.10 5.96
N LYS A 39 -10.25 -9.10 6.65
CA LYS A 39 -10.98 -7.85 6.84
C LYS A 39 -11.51 -7.32 5.51
N LEU A 40 -10.79 -7.60 4.44
CA LEU A 40 -11.18 -7.15 3.11
C LEU A 40 -12.51 -7.78 2.70
N ASP A 41 -12.50 -9.10 2.52
CA ASP A 41 -13.71 -9.82 2.13
C ASP A 41 -14.89 -9.43 3.01
N ARG A 42 -14.65 -9.31 4.32
CA ARG A 42 -15.69 -8.94 5.26
C ARG A 42 -16.19 -7.53 4.98
N PHE A 43 -15.30 -6.54 5.13
CA PHE A 43 -15.67 -5.15 4.89
C PHE A 43 -16.39 -5.00 3.56
N GLY A 44 -15.86 -5.64 2.52
CA GLY A 44 -16.47 -5.55 1.21
C GLY A 44 -15.45 -5.68 0.09
N LEU A 45 -14.19 -5.47 0.42
CA LEU A 45 -13.11 -5.56 -0.57
C LEU A 45 -12.73 -7.01 -0.84
N ALA A 46 -12.19 -7.27 -2.02
CA ALA A 46 -11.78 -8.61 -2.40
C ALA A 46 -10.29 -8.81 -2.18
N GLU A 47 -9.83 -10.05 -2.36
CA GLU A 47 -8.42 -10.38 -2.18
C GLU A 47 -7.64 -10.16 -3.48
N SER A 48 -8.33 -9.63 -4.49
CA SER A 48 -7.70 -9.37 -5.78
C SER A 48 -6.73 -8.20 -5.69
N LEU A 49 -6.71 -7.54 -4.54
CA LEU A 49 -5.83 -6.40 -4.33
C LEU A 49 -4.67 -6.78 -3.41
N LEU A 50 -4.22 -8.02 -3.51
CA LEU A 50 -3.11 -8.50 -2.69
C LEU A 50 -2.08 -9.23 -3.55
N GLU A 51 -2.55 -9.94 -4.57
CA GLU A 51 -1.67 -10.67 -5.47
C GLU A 51 -0.94 -9.72 -6.42
N SER A 52 -1.70 -8.83 -7.04
CA SER A 52 -1.13 -7.87 -7.98
C SER A 52 -0.88 -6.53 -7.29
N LYS A 53 0.31 -5.97 -7.52
CA LYS A 53 0.67 -4.69 -6.93
C LYS A 53 -0.34 -3.61 -7.30
N GLU A 54 -0.78 -3.61 -8.56
CA GLU A 54 -1.75 -2.64 -9.03
C GLU A 54 -3.00 -2.65 -8.16
N GLY A 55 -3.45 -3.85 -7.78
CA GLY A 55 -4.64 -3.97 -6.96
C GLY A 55 -4.46 -3.35 -5.59
N CYS A 56 -3.34 -3.67 -4.94
CA CYS A 56 -3.05 -3.15 -3.61
C CYS A 56 -3.13 -1.63 -3.60
N GLN A 57 -2.69 -1.00 -4.69
CA GLN A 57 -2.71 0.44 -4.80
C GLN A 57 -4.13 0.98 -4.74
N LYS A 58 -5.10 0.10 -4.99
CA LYS A 58 -6.51 0.48 -4.96
C LYS A 58 -7.03 0.51 -3.53
N ILE A 59 -6.28 -0.10 -2.61
CA ILE A 59 -6.67 -0.15 -1.22
C ILE A 59 -6.13 1.07 -0.46
N LEU A 60 -4.84 1.33 -0.60
CA LEU A 60 -4.21 2.46 0.07
C LEU A 60 -4.76 3.78 -0.45
N THR A 61 -5.19 3.78 -1.71
CA THR A 61 -5.75 4.98 -2.34
C THR A 61 -7.08 5.35 -1.70
N VAL A 62 -7.91 4.35 -1.43
CA VAL A 62 -9.22 4.58 -0.82
C VAL A 62 -9.08 4.88 0.67
N LEU A 63 -8.25 4.10 1.35
CA LEU A 63 -8.04 4.29 2.78
C LEU A 63 -7.15 5.51 3.04
N ASP A 64 -6.52 6.01 1.99
CA ASP A 64 -5.64 7.17 2.11
C ASP A 64 -6.37 8.34 2.77
N PRO A 65 -7.43 8.83 2.10
CA PRO A 65 -8.24 9.95 2.60
C PRO A 65 -9.06 9.56 3.83
N MET A 66 -9.04 8.27 4.16
CA MET A 66 -9.79 7.78 5.31
C MET A 66 -8.88 7.60 6.52
N VAL A 67 -7.58 7.60 6.27
CA VAL A 67 -6.60 7.44 7.34
C VAL A 67 -6.92 8.35 8.52
N PRO A 68 -6.98 9.66 8.25
CA PRO A 68 -7.28 10.68 9.27
C PRO A 68 -8.72 10.61 9.74
N THR A 69 -9.63 10.33 8.82
CA THR A 69 -11.05 10.24 9.14
C THR A 69 -11.47 8.80 9.38
N GLY A 70 -10.57 8.01 9.98
CA GLY A 70 -10.86 6.63 10.26
C GLY A 70 -10.33 6.17 11.61
N SER A 71 -11.05 5.27 12.25
CA SER A 71 -10.65 4.75 13.55
C SER A 71 -9.44 3.83 13.43
N GLU A 72 -8.85 3.49 14.58
CA GLU A 72 -7.68 2.62 14.59
C GLU A 72 -7.93 1.36 13.78
N ASN A 73 -9.16 0.85 13.83
CA ASN A 73 -9.52 -0.35 13.10
C ASN A 73 -9.04 -0.26 11.65
N LEU A 74 -9.03 0.94 11.11
CA LEU A 74 -8.60 1.16 9.73
C LEU A 74 -7.10 1.42 9.67
N LYS A 75 -6.65 2.50 10.30
CA LYS A 75 -5.24 2.86 10.32
C LYS A 75 -4.37 1.62 10.50
N SER A 76 -4.83 0.70 11.35
CA SER A 76 -4.10 -0.53 11.61
C SER A 76 -3.82 -1.29 10.33
N LEU A 77 -4.89 -1.63 9.60
CA LEU A 77 -4.76 -2.36 8.35
C LEU A 77 -3.99 -1.54 7.31
N PHE A 78 -4.27 -0.24 7.27
CA PHE A 78 -3.60 0.66 6.33
C PHE A 78 -2.09 0.50 6.41
N ASN A 79 -1.57 0.40 7.64
CA ASN A 79 -0.14 0.24 7.86
C ASN A 79 0.36 -1.09 7.28
N THR A 80 -0.49 -2.10 7.35
CA THR A 80 -0.13 -3.42 6.85
C THR A 80 -0.25 -3.48 5.32
N VAL A 81 -1.26 -2.80 4.79
CA VAL A 81 -1.48 -2.78 3.34
C VAL A 81 -0.30 -2.14 2.63
N CYS A 82 0.31 -1.14 3.26
CA CYS A 82 1.45 -0.45 2.69
C CYS A 82 2.64 -1.40 2.51
N VAL A 83 2.80 -2.31 3.46
CA VAL A 83 3.89 -3.29 3.41
C VAL A 83 3.70 -4.27 2.26
N ILE A 84 2.46 -4.71 2.07
CA ILE A 84 2.14 -5.66 1.01
C ILE A 84 2.50 -5.09 -0.37
N TRP A 85 1.93 -3.92 -0.68
CA TRP A 85 2.20 -3.26 -1.95
C TRP A 85 3.69 -3.09 -2.18
N CYS A 86 4.42 -2.80 -1.11
CA CYS A 86 5.86 -2.60 -1.20
C CYS A 86 6.55 -3.87 -1.68
N ILE A 87 6.22 -4.99 -1.05
CA ILE A 87 6.82 -6.27 -1.41
C ILE A 87 6.74 -6.52 -2.91
N HIS A 88 5.59 -6.19 -3.50
CA HIS A 88 5.39 -6.36 -4.94
C HIS A 88 6.00 -5.19 -5.71
N ALA A 89 5.95 -3.97 -5.20
CA ALA A 89 6.53 -2.82 -5.91
C ALA A 89 8.04 -2.95 -6.01
N GLU A 90 8.61 -3.90 -5.26
CA GLU A 90 10.05 -4.12 -5.28
C GLU A 90 10.77 -2.99 -4.54
N GLU A 91 10.22 -2.57 -3.41
CA GLU A 91 10.81 -1.51 -2.61
C GLU A 91 11.36 -2.04 -1.29
N LYS A 92 12.58 -1.63 -0.94
CA LYS A 92 13.20 -2.07 0.29
C LYS A 92 12.73 -1.23 1.47
N VAL A 93 12.26 -1.90 2.52
CA VAL A 93 11.77 -1.23 3.71
C VAL A 93 12.32 -1.88 4.98
N LYS A 94 12.53 -1.08 6.01
CA LYS A 94 13.05 -1.58 7.28
C LYS A 94 11.91 -1.78 8.29
N ASP A 95 10.95 -0.85 8.27
CA ASP A 95 9.81 -0.93 9.19
C ASP A 95 8.55 -0.41 8.51
N THR A 96 7.42 -0.54 9.20
CA THR A 96 6.14 -0.09 8.66
C THR A 96 6.15 1.41 8.38
N GLU A 97 6.50 2.19 9.39
CA GLU A 97 6.56 3.64 9.25
C GLU A 97 7.30 4.03 7.98
N GLY A 98 8.39 3.32 7.68
CA GLY A 98 9.16 3.60 6.49
C GLY A 98 8.49 3.13 5.22
N ALA A 99 7.86 1.96 5.29
CA ALA A 99 7.16 1.40 4.14
C ALA A 99 6.09 2.35 3.63
N LYS A 100 5.45 3.06 4.55
CA LYS A 100 4.40 4.01 4.20
C LYS A 100 4.97 5.21 3.46
N GLN A 101 6.02 5.80 4.02
CA GLN A 101 6.66 6.95 3.41
C GLN A 101 6.96 6.70 1.94
N ILE A 102 7.44 5.50 1.64
CA ILE A 102 7.77 5.12 0.26
C ILE A 102 6.53 5.17 -0.62
N VAL A 103 5.41 4.71 -0.09
CA VAL A 103 4.15 4.71 -0.83
C VAL A 103 3.64 6.12 -1.06
N ARG A 104 3.31 6.81 0.02
CA ARG A 104 2.80 8.17 -0.06
C ARG A 104 3.72 9.04 -0.93
N ARG A 105 5.02 8.87 -0.77
CA ARG A 105 5.99 9.62 -1.54
C ARG A 105 5.68 9.56 -3.03
N HIS A 106 5.39 8.35 -3.52
CA HIS A 106 5.08 8.16 -4.93
C HIS A 106 3.70 8.75 -5.26
N LEU A 107 2.79 8.86 -4.31
CA LEU A 107 1.46 9.41 -4.58
C LEU A 107 1.52 10.94 -4.63
N VAL A 108 2.16 11.54 -3.65
CA VAL A 108 2.29 12.99 -3.59
C VAL A 108 2.93 13.55 -4.86
N ALA A 109 3.79 12.74 -5.48
CA ALA A 109 4.47 13.15 -6.71
C ALA A 109 3.48 13.29 -7.85
N GLU A 110 2.42 12.48 -7.83
CA GLU A 110 1.40 12.53 -8.87
C GLU A 110 0.18 13.32 -8.41
N THR A 111 0.42 14.34 -7.61
CA THR A 111 -0.66 15.18 -7.09
C THR A 111 -0.50 16.63 -7.54
N GLY A 112 0.20 16.83 -8.65
CA GLY A 112 0.42 18.16 -9.17
C GLY A 112 0.36 18.22 -10.68
N THR A 113 -0.41 17.32 -11.28
CA THR A 113 -0.54 17.26 -12.73
C THR A 113 -1.90 16.68 -13.13
N ALA A 114 -2.92 16.97 -12.33
CA ALA A 114 -4.27 16.48 -12.61
C ALA A 114 -5.26 17.02 -11.58
N GLU A 115 -5.21 18.32 -11.33
CA GLU A 115 -6.10 18.96 -10.38
C GLU A 115 -7.56 18.74 -10.78
N LYS A 116 -7.91 19.13 -12.00
CA LYS A 116 -9.26 18.98 -12.51
C LYS A 116 -10.25 19.73 -11.61
N MET A 117 -9.77 20.77 -10.95
CA MET A 117 -10.63 21.57 -10.07
C MET A 117 -10.45 23.06 -10.35
N PRO A 118 -10.82 23.48 -11.58
CA PRO A 118 -10.70 24.88 -11.99
C PRO A 118 -11.70 25.78 -11.27
N SER A 119 -11.68 27.07 -11.60
CA SER A 119 -12.58 28.03 -10.99
C SER A 119 -13.97 27.95 -11.61
N THR A 120 -14.97 27.62 -10.79
CA THR A 120 -16.34 27.52 -11.25
C THR A 120 -17.32 28.18 -10.28
N SER A 121 -18.53 28.43 -10.75
CA SER A 121 -19.55 29.05 -9.92
C SER A 121 -20.52 28.02 -9.36
N ARG A 122 -20.58 27.93 -8.04
CA ARG A 122 -21.46 26.98 -7.37
C ARG A 122 -21.44 27.18 -5.85
N PRO A 123 -22.56 26.86 -5.20
CA PRO A 123 -22.69 26.99 -3.74
C PRO A 123 -21.83 25.97 -2.99
N THR A 124 -20.84 26.47 -2.25
CA THR A 124 -19.96 25.60 -1.49
C THR A 124 -20.72 24.87 -0.39
N ALA A 125 -21.27 25.63 0.56
CA ALA A 125 -22.02 25.06 1.67
C ALA A 125 -23.11 24.12 1.16
N PRO A 126 -23.36 23.03 1.90
CA PRO A 126 -24.38 22.05 1.55
C PRO A 126 -25.79 22.59 1.70
N SER A 127 -26.77 21.82 1.22
CA SER A 127 -28.17 22.23 1.31
C SER A 127 -29.03 21.10 1.86
N SER A 128 -29.21 20.05 1.07
CA SER A 128 -30.01 18.90 1.47
C SER A 128 -29.42 18.23 2.71
N GLU A 129 -30.20 18.17 3.78
CA GLU A 129 -29.76 17.56 5.02
C GLU A 129 -30.71 16.45 5.46
N LYS A 130 -30.15 15.28 5.76
CA LYS A 130 -30.95 14.13 6.19
C LYS A 130 -30.66 13.79 7.64
N GLY A 131 -31.55 14.21 8.53
CA GLY A 131 -31.37 13.92 9.94
C GLY A 131 -32.26 12.79 10.44
N GLY A 132 -33.56 13.03 10.43
CA GLY A 132 -34.50 12.01 10.88
C GLY A 132 -35.54 12.56 11.83
N ASN A 133 -36.47 11.71 12.25
CA ASN A 133 -37.53 12.10 13.16
C ASN A 133 -37.83 11.01 14.17
N TYR A 134 -38.35 9.89 13.67
CA TYR A 134 -38.69 8.75 14.52
C TYR A 134 -38.51 7.44 13.77
N GLY A 1 2.24 -25.73 -8.08
CA GLY A 1 2.36 -24.49 -8.81
C GLY A 1 1.17 -24.25 -9.73
N ALA A 2 0.00 -24.03 -9.13
CA ALA A 2 -1.21 -23.78 -9.90
C ALA A 2 -2.05 -22.67 -9.27
N ARG A 3 -2.33 -22.81 -7.98
CA ARG A 3 -3.12 -21.82 -7.26
C ARG A 3 -2.36 -20.50 -7.15
N ASN A 4 -3.08 -19.43 -6.83
CA ASN A 4 -2.49 -18.11 -6.70
C ASN A 4 -2.43 -17.68 -5.23
N SER A 5 -1.23 -17.33 -4.77
CA SER A 5 -1.05 -16.90 -3.38
C SER A 5 -0.65 -15.43 -3.31
N VAL A 6 -0.70 -14.86 -2.11
CA VAL A 6 -0.35 -13.46 -1.91
C VAL A 6 1.16 -13.25 -2.03
N LEU A 7 1.92 -14.05 -1.29
CA LEU A 7 3.37 -13.95 -1.31
C LEU A 7 4.00 -15.32 -1.56
N ARG A 8 4.94 -15.37 -2.49
CA ARG A 8 5.63 -16.61 -2.82
C ARG A 8 6.83 -16.85 -1.90
N GLY A 9 7.63 -17.85 -2.23
CA GLY A 9 8.80 -18.15 -1.41
C GLY A 9 9.79 -16.99 -1.36
N LYS A 10 10.04 -16.37 -2.51
CA LYS A 10 10.96 -15.25 -2.59
C LYS A 10 10.37 -14.01 -1.92
N LYS A 11 9.13 -13.68 -2.28
CA LYS A 11 8.45 -12.52 -1.71
C LYS A 11 8.31 -12.66 -0.20
N ALA A 12 8.09 -13.88 0.26
CA ALA A 12 7.94 -14.14 1.69
C ALA A 12 9.11 -13.55 2.48
N ASP A 13 10.31 -13.64 1.92
CA ASP A 13 11.50 -13.11 2.57
C ASP A 13 11.30 -11.64 2.94
N GLU A 14 10.71 -10.87 2.03
CA GLU A 14 10.47 -9.46 2.26
C GLU A 14 9.50 -9.25 3.41
N LEU A 15 8.42 -10.05 3.43
CA LEU A 15 7.42 -9.95 4.48
C LEU A 15 8.04 -10.20 5.86
N GLU A 16 8.71 -11.35 5.99
CA GLU A 16 9.35 -11.70 7.25
C GLU A 16 10.52 -10.77 7.56
N ARG A 17 10.97 -10.06 6.54
CA ARG A 17 12.09 -9.13 6.68
C ARG A 17 11.65 -7.85 7.38
N ILE A 18 10.50 -7.32 6.97
CA ILE A 18 9.97 -6.10 7.56
C ILE A 18 9.68 -6.30 9.05
N ARG A 19 10.18 -5.38 9.87
CA ARG A 19 9.98 -5.44 11.31
C ARG A 19 8.64 -4.82 11.70
N LEU A 20 8.01 -5.37 12.73
CA LEU A 20 6.73 -4.88 13.20
C LEU A 20 6.80 -3.40 13.54
N ARG A 21 7.87 -3.00 14.23
CA ARG A 21 8.06 -1.61 14.61
C ARG A 21 9.49 -1.16 14.31
N PRO A 22 9.70 0.16 14.31
CA PRO A 22 11.01 0.76 14.03
C PRO A 22 12.01 0.51 15.16
N GLY A 23 11.50 0.42 16.38
CA GLY A 23 12.36 0.19 17.53
C GLY A 23 12.17 -1.20 18.12
N GLY A 24 11.72 -2.13 17.29
CA GLY A 24 11.51 -3.50 17.75
C GLY A 24 12.25 -4.52 16.92
N LYS A 25 11.85 -5.78 17.05
CA LYS A 25 12.49 -6.86 16.30
C LYS A 25 11.45 -7.70 15.57
N LYS A 26 10.58 -8.35 16.35
CA LYS A 26 9.53 -9.19 15.78
C LYS A 26 9.06 -8.64 14.43
N LYS A 27 9.11 -9.48 13.41
CA LYS A 27 8.69 -9.09 12.06
C LYS A 27 7.27 -9.57 11.78
N TYR A 28 6.79 -9.26 10.58
CA TYR A 28 5.44 -9.66 10.18
C TYR A 28 5.36 -11.16 9.96
N ARG A 29 4.18 -11.73 10.20
CA ARG A 29 3.97 -13.16 10.02
C ARG A 29 2.67 -13.44 9.29
N LEU A 30 2.51 -14.67 8.82
CA LEU A 30 1.30 -15.06 8.09
C LEU A 30 0.05 -14.58 8.82
N LYS A 31 0.04 -14.74 10.15
CA LYS A 31 -1.09 -14.31 10.95
C LYS A 31 -1.51 -12.88 10.61
N HIS A 32 -0.53 -11.99 10.52
CA HIS A 32 -0.80 -10.60 10.20
C HIS A 32 -1.39 -10.47 8.80
N ILE A 33 -1.05 -11.34 7.85
CA ILE A 33 -1.60 -11.27 6.50
C ILE A 33 -3.06 -11.67 6.48
N VAL A 34 -3.42 -12.65 7.30
CA VAL A 34 -4.79 -13.12 7.37
C VAL A 34 -5.75 -12.00 7.76
N TRP A 35 -5.51 -11.41 8.93
CA TRP A 35 -6.35 -10.31 9.42
C TRP A 35 -6.62 -9.30 8.31
N ALA A 36 -5.59 -8.99 7.53
CA ALA A 36 -5.72 -8.04 6.44
C ALA A 36 -6.61 -8.60 5.33
N ALA A 37 -6.20 -9.73 4.77
CA ALA A 37 -6.96 -10.37 3.71
C ALA A 37 -8.43 -10.51 4.08
N ASN A 38 -8.68 -10.86 5.34
CA ASN A 38 -10.04 -11.03 5.83
C ASN A 38 -10.78 -9.70 5.86
N LYS A 39 -10.21 -8.72 6.54
CA LYS A 39 -10.81 -7.39 6.63
C LYS A 39 -11.35 -6.93 5.27
N LEU A 40 -10.62 -7.27 4.22
CA LEU A 40 -11.01 -6.91 2.86
C LEU A 40 -12.33 -7.58 2.47
N ASP A 41 -12.29 -8.90 2.36
CA ASP A 41 -13.47 -9.67 2.00
C ASP A 41 -14.70 -9.18 2.76
N ARG A 42 -14.55 -9.02 4.07
CA ARG A 42 -15.64 -8.56 4.91
C ARG A 42 -16.10 -7.16 4.49
N PHE A 43 -15.18 -6.21 4.52
CA PHE A 43 -15.49 -4.83 4.14
C PHE A 43 -16.18 -4.79 2.77
N GLY A 44 -15.67 -5.59 1.84
CA GLY A 44 -16.24 -5.63 0.50
C GLY A 44 -15.18 -5.77 -0.57
N LEU A 45 -13.92 -5.70 -0.18
CA LEU A 45 -12.81 -5.82 -1.12
C LEU A 45 -12.33 -7.26 -1.21
N ALA A 46 -11.71 -7.61 -2.33
CA ALA A 46 -11.19 -8.96 -2.54
C ALA A 46 -9.76 -9.07 -2.05
N GLU A 47 -9.47 -10.14 -1.30
CA GLU A 47 -8.13 -10.36 -0.78
C GLU A 47 -7.16 -10.72 -1.89
N SER A 48 -7.70 -11.17 -3.02
CA SER A 48 -6.88 -11.55 -4.17
C SER A 48 -6.18 -10.33 -4.75
N LEU A 49 -6.60 -9.15 -4.34
CA LEU A 49 -6.02 -7.91 -4.84
C LEU A 49 -4.68 -7.63 -4.16
N LEU A 50 -4.33 -8.48 -3.19
CA LEU A 50 -3.08 -8.33 -2.46
C LEU A 50 -1.92 -8.99 -3.22
N GLU A 51 -2.27 -9.69 -4.30
CA GLU A 51 -1.27 -10.38 -5.11
C GLU A 51 -0.52 -9.39 -6.00
N SER A 52 -1.25 -8.67 -6.84
CA SER A 52 -0.66 -7.69 -7.74
C SER A 52 -0.57 -6.33 -7.07
N LYS A 53 0.57 -5.65 -7.24
CA LYS A 53 0.79 -4.34 -6.67
C LYS A 53 -0.25 -3.35 -7.17
N GLU A 54 -0.69 -3.54 -8.42
CA GLU A 54 -1.68 -2.66 -9.01
C GLU A 54 -2.99 -2.69 -8.24
N GLY A 55 -3.48 -3.91 -7.98
CA GLY A 55 -4.72 -4.07 -7.24
C GLY A 55 -4.66 -3.43 -5.86
N CYS A 56 -3.51 -3.56 -5.20
CA CYS A 56 -3.33 -3.01 -3.86
C CYS A 56 -3.45 -1.48 -3.90
N GLN A 57 -3.18 -0.89 -5.05
CA GLN A 57 -3.26 0.56 -5.20
C GLN A 57 -4.68 1.05 -5.01
N LYS A 58 -5.65 0.17 -5.25
CA LYS A 58 -7.06 0.51 -5.10
C LYS A 58 -7.48 0.45 -3.64
N ILE A 59 -6.74 -0.33 -2.85
CA ILE A 59 -7.04 -0.47 -1.43
C ILE A 59 -6.38 0.64 -0.61
N LEU A 60 -5.19 1.05 -1.04
CA LEU A 60 -4.46 2.11 -0.35
C LEU A 60 -5.04 3.49 -0.68
N THR A 61 -5.55 3.62 -1.90
CA THR A 61 -6.14 4.88 -2.34
C THR A 61 -7.39 5.21 -1.54
N VAL A 62 -8.16 4.19 -1.20
CA VAL A 62 -9.39 4.36 -0.44
C VAL A 62 -9.09 4.65 1.03
N LEU A 63 -8.14 3.91 1.59
CA LEU A 63 -7.75 4.08 2.99
C LEU A 63 -6.91 5.34 3.16
N ASP A 64 -6.35 5.82 2.08
CA ASP A 64 -5.52 7.03 2.11
C ASP A 64 -6.28 8.19 2.74
N PRO A 65 -7.39 8.58 2.11
CA PRO A 65 -8.23 9.68 2.60
C PRO A 65 -8.96 9.33 3.89
N MET A 66 -9.02 8.04 4.20
CA MET A 66 -9.70 7.57 5.40
C MET A 66 -8.77 7.66 6.61
N VAL A 67 -7.46 7.71 6.34
CA VAL A 67 -6.48 7.80 7.42
C VAL A 67 -6.76 8.99 8.33
N PRO A 68 -6.79 10.20 7.74
CA PRO A 68 -7.05 11.43 8.49
C PRO A 68 -8.49 11.52 8.97
N THR A 69 -9.30 10.51 8.63
CA THR A 69 -10.69 10.48 9.03
C THR A 69 -11.21 9.05 9.13
N GLY A 70 -10.57 8.26 9.99
CA GLY A 70 -10.97 6.88 10.18
C GLY A 70 -10.52 6.31 11.50
N SER A 71 -11.38 5.53 12.14
CA SER A 71 -11.06 4.92 13.43
C SER A 71 -9.78 4.10 13.34
N GLU A 72 -9.34 3.57 14.47
CA GLU A 72 -8.13 2.76 14.51
C GLU A 72 -8.29 1.50 13.68
N ASN A 73 -9.51 0.98 13.62
CA ASN A 73 -9.80 -0.22 12.85
C ASN A 73 -9.28 -0.10 11.42
N LEU A 74 -9.17 1.13 10.94
CA LEU A 74 -8.68 1.39 9.59
C LEU A 74 -7.17 1.59 9.59
N LYS A 75 -6.71 2.55 10.40
CA LYS A 75 -5.28 2.85 10.50
C LYS A 75 -4.46 1.56 10.58
N SER A 76 -5.00 0.57 11.27
CA SER A 76 -4.32 -0.71 11.42
C SER A 76 -4.16 -1.41 10.08
N LEU A 77 -5.27 -1.55 9.36
CA LEU A 77 -5.25 -2.20 8.05
C LEU A 77 -4.38 -1.43 7.07
N PHE A 78 -4.55 -0.12 7.04
CA PHE A 78 -3.77 0.74 6.15
C PHE A 78 -2.28 0.46 6.29
N ASN A 79 -1.84 0.19 7.52
CA ASN A 79 -0.44 -0.08 7.78
C ASN A 79 -0.03 -1.42 7.16
N THR A 80 -0.95 -2.38 7.17
CA THR A 80 -0.68 -3.69 6.61
C THR A 80 -0.55 -3.63 5.09
N VAL A 81 -1.53 -3.00 4.45
CA VAL A 81 -1.52 -2.86 2.98
C VAL A 81 -0.28 -2.12 2.51
N CYS A 82 0.04 -1.03 3.20
CA CYS A 82 1.19 -0.21 2.84
C CYS A 82 2.45 -1.07 2.77
N VAL A 83 2.47 -2.15 3.54
CA VAL A 83 3.61 -3.05 3.56
C VAL A 83 3.57 -4.04 2.39
N ILE A 84 2.39 -4.57 2.12
CA ILE A 84 2.21 -5.53 1.04
C ILE A 84 2.61 -4.91 -0.30
N TRP A 85 2.01 -3.78 -0.64
CA TRP A 85 2.31 -3.09 -1.89
C TRP A 85 3.81 -2.86 -2.03
N CYS A 86 4.43 -2.35 -0.97
CA CYS A 86 5.86 -2.08 -0.98
C CYS A 86 6.65 -3.32 -1.39
N ILE A 87 6.40 -4.43 -0.69
CA ILE A 87 7.08 -5.69 -0.99
C ILE A 87 6.99 -6.03 -2.48
N HIS A 88 5.82 -5.77 -3.07
CA HIS A 88 5.61 -6.05 -4.49
C HIS A 88 6.31 -5.00 -5.36
N ALA A 89 6.23 -3.72 -5.04
CA ALA A 89 6.88 -2.69 -5.84
C ALA A 89 8.39 -2.76 -5.70
N GLU A 90 8.86 -3.66 -4.83
CA GLU A 90 10.30 -3.82 -4.60
C GLU A 90 10.88 -2.62 -3.89
N GLU A 91 10.17 -2.14 -2.86
CA GLU A 91 10.62 -0.98 -2.10
C GLU A 91 11.30 -1.42 -0.80
N LYS A 92 12.62 -1.25 -0.75
CA LYS A 92 13.38 -1.63 0.44
C LYS A 92 12.90 -0.86 1.66
N VAL A 93 12.48 -1.60 2.69
CA VAL A 93 12.00 -0.99 3.92
C VAL A 93 12.51 -1.75 5.14
N LYS A 94 12.65 -1.03 6.26
CA LYS A 94 13.12 -1.64 7.50
C LYS A 94 11.96 -1.89 8.46
N ASP A 95 11.06 -0.92 8.55
CA ASP A 95 9.90 -1.03 9.43
C ASP A 95 8.63 -0.58 8.73
N THR A 96 7.49 -0.70 9.41
CA THR A 96 6.21 -0.29 8.85
C THR A 96 6.21 1.19 8.52
N GLU A 97 6.58 2.02 9.49
CA GLU A 97 6.62 3.47 9.28
C GLU A 97 7.40 3.82 8.02
N GLY A 98 8.41 3.01 7.71
CA GLY A 98 9.22 3.26 6.54
C GLY A 98 8.51 2.88 5.25
N ALA A 99 7.75 1.79 5.30
CA ALA A 99 7.01 1.33 4.13
C ALA A 99 5.89 2.30 3.77
N LYS A 100 5.38 3.01 4.77
CA LYS A 100 4.30 3.96 4.56
C LYS A 100 4.81 5.22 3.85
N GLN A 101 5.87 5.81 4.40
CA GLN A 101 6.45 7.01 3.83
C GLN A 101 6.75 6.81 2.35
N ILE A 102 7.19 5.61 2.00
CA ILE A 102 7.51 5.29 0.61
C ILE A 102 6.25 5.19 -0.24
N VAL A 103 5.19 4.66 0.35
CA VAL A 103 3.92 4.51 -0.35
C VAL A 103 3.31 5.87 -0.68
N ARG A 104 3.10 6.69 0.35
CA ARG A 104 2.52 8.02 0.16
C ARG A 104 3.30 8.80 -0.89
N ARG A 105 4.62 8.69 -0.86
CA ARG A 105 5.48 9.38 -1.81
C ARG A 105 5.04 9.12 -3.24
N HIS A 106 4.72 7.86 -3.54
CA HIS A 106 4.27 7.47 -4.87
C HIS A 106 2.89 8.04 -5.16
N LEU A 107 2.00 8.15 -4.18
CA LEU A 107 0.66 8.68 -4.42
C LEU A 107 0.73 10.17 -4.74
N VAL A 108 1.46 10.91 -3.94
CA VAL A 108 1.60 12.35 -4.14
C VAL A 108 2.14 12.66 -5.54
N ALA A 109 2.92 11.74 -6.08
CA ALA A 109 3.50 11.91 -7.41
C ALA A 109 2.44 11.77 -8.49
N GLU A 110 1.38 11.03 -8.18
CA GLU A 110 0.29 10.82 -9.13
C GLU A 110 -0.96 11.61 -8.71
N THR A 111 -0.73 12.72 -8.01
CA THR A 111 -1.84 13.56 -7.55
C THR A 111 -2.05 14.74 -8.48
N GLY A 112 -0.97 15.18 -9.13
CA GLY A 112 -1.06 16.31 -10.04
C GLY A 112 -2.10 16.10 -11.13
N THR A 113 -2.41 14.84 -11.41
CA THR A 113 -3.39 14.51 -12.43
C THR A 113 -4.82 14.76 -11.93
N ALA A 114 -5.00 14.68 -10.62
CA ALA A 114 -6.30 14.91 -10.01
C ALA A 114 -6.37 16.27 -9.32
N GLU A 115 -5.64 17.24 -9.88
CA GLU A 115 -5.62 18.59 -9.32
C GLU A 115 -6.54 19.52 -10.11
N LYS A 116 -7.57 18.95 -10.73
CA LYS A 116 -8.52 19.72 -11.52
C LYS A 116 -9.13 20.84 -10.68
N MET A 117 -9.23 20.61 -9.38
CA MET A 117 -9.80 21.59 -8.47
C MET A 117 -11.26 21.88 -8.82
N PRO A 118 -12.12 20.89 -8.61
CA PRO A 118 -13.56 21.01 -8.89
C PRO A 118 -14.26 21.97 -7.93
N SER A 119 -15.58 22.04 -8.05
CA SER A 119 -16.38 22.92 -7.20
C SER A 119 -16.73 22.22 -5.88
N THR A 120 -15.94 22.48 -4.84
CA THR A 120 -16.16 21.87 -3.54
C THR A 120 -15.54 22.72 -2.43
N SER A 121 -15.70 22.27 -1.19
CA SER A 121 -15.17 22.98 -0.04
C SER A 121 -13.70 22.63 0.18
N ARG A 122 -12.82 23.55 -0.18
CA ARG A 122 -11.38 23.34 -0.02
C ARG A 122 -10.60 24.63 -0.24
N PRO A 123 -9.51 24.80 0.50
CA PRO A 123 -8.66 25.99 0.41
C PRO A 123 -7.89 26.05 -0.91
N THR A 124 -7.47 27.25 -1.29
CA THR A 124 -6.72 27.43 -2.53
C THR A 124 -5.36 26.74 -2.47
N ALA A 125 -4.82 26.41 -3.63
CA ALA A 125 -3.53 25.73 -3.71
C ALA A 125 -2.94 25.84 -5.11
N PRO A 126 -2.51 27.04 -5.48
CA PRO A 126 -1.92 27.32 -6.80
C PRO A 126 -0.55 26.68 -6.96
N SER A 127 -0.44 25.75 -7.92
CA SER A 127 0.83 25.07 -8.17
C SER A 127 0.84 24.42 -9.55
N SER A 128 0.37 25.18 -10.54
CA SER A 128 0.32 24.69 -11.91
C SER A 128 1.57 25.11 -12.68
N GLU A 129 2.19 24.15 -13.35
CA GLU A 129 3.40 24.41 -14.13
C GLU A 129 3.05 24.68 -15.60
N LYS A 130 3.68 25.70 -16.16
CA LYS A 130 3.43 26.06 -17.56
C LYS A 130 4.74 26.46 -18.25
N GLY A 131 5.53 25.46 -18.63
CA GLY A 131 6.79 25.72 -19.30
C GLY A 131 6.60 26.22 -20.71
N GLY A 132 5.74 25.55 -21.47
CA GLY A 132 5.50 25.95 -22.85
C GLY A 132 5.38 24.75 -23.78
N ASN A 133 4.83 24.99 -24.98
CA ASN A 133 4.67 23.94 -25.96
C ASN A 133 4.33 24.51 -27.33
N TYR A 134 5.14 24.20 -28.34
CA TYR A 134 4.92 24.70 -29.68
C TYR A 134 3.59 24.18 -30.23
N GLY A 1 -7.47 -21.61 -14.21
CA GLY A 1 -7.59 -22.58 -13.13
C GLY A 1 -7.91 -21.94 -11.80
N ALA A 2 -6.99 -22.06 -10.84
CA ALA A 2 -7.18 -21.49 -9.53
C ALA A 2 -5.86 -21.08 -8.91
N ARG A 3 -5.63 -19.77 -8.80
CA ARG A 3 -4.39 -19.25 -8.22
C ARG A 3 -4.68 -18.45 -6.96
N ASN A 4 -4.02 -18.82 -5.87
CA ASN A 4 -4.20 -18.14 -4.59
C ASN A 4 -2.87 -18.00 -3.85
N SER A 5 -1.87 -17.45 -4.54
CA SER A 5 -0.55 -17.26 -3.94
C SER A 5 -0.20 -15.78 -3.86
N VAL A 6 -0.13 -15.27 -2.63
CA VAL A 6 0.20 -13.87 -2.42
C VAL A 6 1.71 -13.67 -2.33
N LEU A 7 2.35 -14.38 -1.40
CA LEU A 7 3.79 -14.28 -1.22
C LEU A 7 4.46 -15.63 -1.43
N ARG A 8 5.46 -15.67 -2.32
CA ARG A 8 6.18 -16.90 -2.61
C ARG A 8 7.23 -17.18 -1.54
N GLY A 9 8.09 -18.15 -1.81
CA GLY A 9 9.14 -18.50 -0.87
C GLY A 9 10.15 -17.39 -0.68
N LYS A 10 10.56 -16.78 -1.78
CA LYS A 10 11.53 -15.68 -1.74
C LYS A 10 10.90 -14.41 -1.18
N LYS A 11 9.60 -14.25 -1.45
CA LYS A 11 8.87 -13.07 -0.97
C LYS A 11 8.56 -13.19 0.52
N ALA A 12 8.23 -14.40 0.95
CA ALA A 12 7.91 -14.65 2.35
C ALA A 12 9.02 -14.14 3.27
N ASP A 13 10.26 -14.37 2.86
CA ASP A 13 11.42 -13.94 3.65
C ASP A 13 11.38 -12.42 3.86
N GLU A 14 11.36 -11.67 2.77
CA GLU A 14 11.33 -10.21 2.83
C GLU A 14 10.26 -9.74 3.81
N LEU A 15 9.12 -10.42 3.81
CA LEU A 15 8.02 -10.07 4.70
C LEU A 15 8.42 -10.23 6.17
N GLU A 16 8.89 -11.43 6.52
CA GLU A 16 9.31 -11.71 7.88
C GLU A 16 10.53 -10.87 8.26
N ARG A 17 11.24 -10.38 7.24
CA ARG A 17 12.42 -9.57 7.48
C ARG A 17 12.04 -8.16 7.94
N ILE A 18 10.89 -7.69 7.46
CA ILE A 18 10.41 -6.36 7.83
C ILE A 18 9.88 -6.34 9.26
N ARG A 19 10.14 -5.25 9.97
CA ARG A 19 9.70 -5.10 11.35
C ARG A 19 8.45 -4.23 11.42
N LEU A 20 7.53 -4.59 12.32
CA LEU A 20 6.30 -3.85 12.50
C LEU A 20 6.58 -2.42 12.95
N ARG A 21 7.56 -2.26 13.83
CA ARG A 21 7.93 -0.96 14.34
C ARG A 21 9.37 -0.61 13.97
N PRO A 22 9.69 0.69 13.95
CA PRO A 22 11.02 1.18 13.60
C PRO A 22 12.04 0.86 14.69
N GLY A 23 11.59 0.85 15.94
CA GLY A 23 12.49 0.56 17.05
C GLY A 23 12.01 -0.62 17.88
N GLY A 24 11.27 -1.53 17.25
CA GLY A 24 10.77 -2.69 17.95
C GLY A 24 11.53 -3.96 17.62
N LYS A 25 11.04 -5.09 18.11
CA LYS A 25 11.68 -6.38 17.86
C LYS A 25 10.68 -7.39 17.33
N LYS A 26 9.59 -6.89 16.74
CA LYS A 26 8.55 -7.76 16.19
C LYS A 26 8.47 -7.62 14.67
N LYS A 27 8.43 -8.74 13.98
CA LYS A 27 8.36 -8.74 12.52
C LYS A 27 7.02 -9.30 12.05
N TYR A 28 6.63 -8.92 10.83
CA TYR A 28 5.36 -9.38 10.27
C TYR A 28 5.36 -10.89 10.09
N ARG A 29 4.17 -11.48 10.12
CA ARG A 29 4.02 -12.92 9.97
C ARG A 29 2.77 -13.25 9.15
N LEU A 30 2.68 -14.50 8.69
CA LEU A 30 1.55 -14.94 7.90
C LEU A 30 0.23 -14.51 8.56
N LYS A 31 0.19 -14.57 9.88
CA LYS A 31 -1.00 -14.19 10.62
C LYS A 31 -1.49 -12.81 10.20
N HIS A 32 -0.57 -11.87 10.06
CA HIS A 32 -0.91 -10.51 9.64
C HIS A 32 -1.44 -10.50 8.22
N ILE A 33 -1.03 -11.42 7.34
CA ILE A 33 -1.51 -11.44 5.97
C ILE A 33 -2.98 -11.89 5.92
N VAL A 34 -3.33 -12.86 6.76
CA VAL A 34 -4.69 -13.38 6.80
C VAL A 34 -5.68 -12.27 7.18
N TRP A 35 -5.42 -11.62 8.31
CA TRP A 35 -6.29 -10.55 8.78
C TRP A 35 -6.57 -9.54 7.67
N ALA A 36 -5.53 -9.20 6.90
CA ALA A 36 -5.67 -8.26 5.81
C ALA A 36 -6.69 -8.74 4.79
N ALA A 37 -6.43 -9.90 4.21
CA ALA A 37 -7.33 -10.49 3.21
C ALA A 37 -8.72 -10.69 3.79
N ASN A 38 -8.78 -11.06 5.07
CA ASN A 38 -10.06 -11.29 5.74
C ASN A 38 -10.86 -10.01 5.83
N LYS A 39 -10.29 -9.01 6.51
CA LYS A 39 -10.96 -7.71 6.67
C LYS A 39 -11.52 -7.22 5.34
N LEU A 40 -10.80 -7.50 4.25
CA LEU A 40 -11.23 -7.09 2.93
C LEU A 40 -12.56 -7.73 2.56
N ASP A 41 -12.56 -9.05 2.43
CA ASP A 41 -13.76 -9.79 2.09
C ASP A 41 -14.93 -9.37 2.96
N ARG A 42 -14.69 -9.27 4.26
CA ARG A 42 -15.73 -8.88 5.21
C ARG A 42 -16.23 -7.46 4.91
N PHE A 43 -15.33 -6.50 5.01
CA PHE A 43 -15.67 -5.10 4.77
C PHE A 43 -16.42 -4.96 3.44
N GLY A 44 -15.97 -5.68 2.43
CA GLY A 44 -16.61 -5.63 1.12
C GLY A 44 -15.62 -5.74 -0.01
N LEU A 45 -14.35 -5.47 0.27
CA LEU A 45 -13.31 -5.55 -0.74
C LEU A 45 -12.89 -6.99 -0.99
N ALA A 46 -12.28 -7.25 -2.14
CA ALA A 46 -11.83 -8.59 -2.49
C ALA A 46 -10.34 -8.75 -2.21
N GLU A 47 -9.82 -9.94 -2.53
CA GLU A 47 -8.40 -10.22 -2.31
C GLU A 47 -7.61 -10.01 -3.59
N SER A 48 -8.26 -9.47 -4.61
CA SER A 48 -7.61 -9.22 -5.89
C SER A 48 -6.60 -8.07 -5.78
N LEU A 49 -6.60 -7.41 -4.62
CA LEU A 49 -5.68 -6.30 -4.38
C LEU A 49 -4.58 -6.70 -3.42
N LEU A 50 -4.17 -7.96 -3.49
CA LEU A 50 -3.11 -8.47 -2.63
C LEU A 50 -2.03 -9.18 -3.44
N GLU A 51 -2.45 -9.86 -4.51
CA GLU A 51 -1.52 -10.57 -5.38
C GLU A 51 -0.69 -9.59 -6.20
N SER A 52 -1.37 -8.65 -6.85
CA SER A 52 -0.68 -7.66 -7.68
C SER A 52 -0.45 -6.38 -6.89
N LYS A 53 0.57 -5.61 -7.31
CA LYS A 53 0.91 -4.37 -6.65
C LYS A 53 -0.08 -3.26 -7.03
N GLU A 54 -0.46 -3.23 -8.30
CA GLU A 54 -1.40 -2.24 -8.79
C GLU A 54 -2.72 -2.30 -8.02
N GLY A 55 -3.15 -3.51 -7.71
CA GLY A 55 -4.40 -3.68 -6.98
C GLY A 55 -4.35 -3.08 -5.59
N CYS A 56 -3.26 -3.35 -4.88
CA CYS A 56 -3.09 -2.82 -3.52
C CYS A 56 -3.24 -1.31 -3.50
N GLN A 57 -2.93 -0.67 -4.62
CA GLN A 57 -3.03 0.77 -4.73
C GLN A 57 -4.46 1.24 -4.55
N LYS A 58 -5.41 0.31 -4.68
CA LYS A 58 -6.81 0.62 -4.53
C LYS A 58 -7.20 0.71 -3.06
N ILE A 59 -6.67 -0.21 -2.26
CA ILE A 59 -6.95 -0.24 -0.83
C ILE A 59 -6.27 0.93 -0.10
N LEU A 60 -5.14 1.38 -0.65
CA LEU A 60 -4.41 2.48 -0.07
C LEU A 60 -5.06 3.82 -0.41
N THR A 61 -5.51 3.96 -1.64
CA THR A 61 -6.17 5.18 -2.09
C THR A 61 -7.50 5.39 -1.37
N VAL A 62 -8.17 4.29 -1.03
CA VAL A 62 -9.45 4.35 -0.34
C VAL A 62 -9.26 4.70 1.13
N LEU A 63 -8.40 3.97 1.80
CA LEU A 63 -8.13 4.20 3.22
C LEU A 63 -7.28 5.45 3.41
N ASP A 64 -6.71 5.95 2.31
CA ASP A 64 -5.88 7.14 2.35
C ASP A 64 -6.61 8.30 3.00
N PRO A 65 -7.69 8.76 2.35
CA PRO A 65 -8.51 9.87 2.84
C PRO A 65 -9.31 9.50 4.08
N MET A 66 -9.28 8.22 4.44
CA MET A 66 -9.99 7.73 5.61
C MET A 66 -9.08 7.67 6.83
N VAL A 67 -7.77 7.60 6.58
CA VAL A 67 -6.79 7.52 7.65
C VAL A 67 -7.15 8.48 8.78
N PRO A 68 -7.29 9.77 8.45
CA PRO A 68 -7.64 10.81 9.43
C PRO A 68 -9.06 10.68 9.92
N THR A 69 -9.96 10.23 9.04
CA THR A 69 -11.36 10.06 9.40
C THR A 69 -11.73 8.59 9.52
N GLY A 70 -10.86 7.82 10.18
CA GLY A 70 -11.12 6.40 10.37
C GLY A 70 -10.67 5.91 11.72
N SER A 71 -11.35 4.87 12.23
CA SER A 71 -11.01 4.31 13.53
C SER A 71 -9.66 3.62 13.49
N GLU A 72 -9.23 3.10 14.64
CA GLU A 72 -7.96 2.41 14.75
C GLU A 72 -7.90 1.24 13.77
N ASN A 73 -8.99 0.49 13.69
CA ASN A 73 -9.05 -0.66 12.79
C ASN A 73 -8.79 -0.25 11.35
N LEU A 74 -9.01 1.03 11.05
CA LEU A 74 -8.79 1.56 9.72
C LEU A 74 -7.33 1.91 9.50
N LYS A 75 -6.66 2.33 10.56
CA LYS A 75 -5.24 2.70 10.48
C LYS A 75 -4.36 1.46 10.48
N SER A 76 -4.74 0.46 11.28
CA SER A 76 -3.96 -0.77 11.37
C SER A 76 -3.83 -1.42 10.00
N LEU A 77 -4.94 -1.56 9.30
CA LEU A 77 -4.95 -2.16 7.97
C LEU A 77 -4.15 -1.33 6.99
N PHE A 78 -4.36 -0.01 7.04
CA PHE A 78 -3.65 0.91 6.16
C PHE A 78 -2.16 0.66 6.17
N ASN A 79 -1.64 0.28 7.34
CA ASN A 79 -0.22 0.00 7.49
C ASN A 79 0.17 -1.29 6.79
N THR A 80 -0.46 -2.39 7.21
CA THR A 80 -0.20 -3.70 6.62
C THR A 80 -0.26 -3.64 5.10
N VAL A 81 -1.22 -2.88 4.58
CA VAL A 81 -1.40 -2.74 3.13
C VAL A 81 -0.15 -2.14 2.50
N CYS A 82 0.45 -1.17 3.18
CA CYS A 82 1.65 -0.51 2.68
C CYS A 82 2.79 -1.50 2.53
N VAL A 83 2.87 -2.46 3.44
CA VAL A 83 3.91 -3.47 3.42
C VAL A 83 3.71 -4.45 2.26
N ILE A 84 2.47 -4.91 2.10
CA ILE A 84 2.15 -5.85 1.03
C ILE A 84 2.49 -5.27 -0.33
N TRP A 85 2.14 -4.00 -0.54
CA TRP A 85 2.43 -3.33 -1.80
C TRP A 85 3.93 -3.21 -2.04
N CYS A 86 4.66 -2.89 -0.98
CA CYS A 86 6.11 -2.74 -1.07
C CYS A 86 6.75 -4.04 -1.56
N ILE A 87 6.38 -5.16 -0.94
CA ILE A 87 6.93 -6.46 -1.32
C ILE A 87 6.84 -6.68 -2.83
N HIS A 88 5.67 -6.36 -3.40
CA HIS A 88 5.45 -6.52 -4.83
C HIS A 88 6.14 -5.40 -5.61
N ALA A 89 6.06 -4.15 -5.16
CA ALA A 89 6.70 -3.04 -5.87
C ALA A 89 8.21 -3.26 -5.98
N GLU A 90 8.73 -4.16 -5.16
CA GLU A 90 10.16 -4.46 -5.18
C GLU A 90 10.97 -3.27 -4.68
N GLU A 91 10.60 -2.75 -3.51
CA GLU A 91 11.30 -1.61 -2.93
C GLU A 91 11.90 -1.98 -1.57
N LYS A 92 13.21 -1.76 -1.44
CA LYS A 92 13.91 -2.07 -0.20
C LYS A 92 13.42 -1.17 0.93
N VAL A 93 12.92 -1.79 2.00
CA VAL A 93 12.43 -1.05 3.15
C VAL A 93 13.08 -1.52 4.44
N LYS A 94 12.60 -1.01 5.57
CA LYS A 94 13.13 -1.40 6.87
C LYS A 94 12.01 -1.76 7.84
N ASP A 95 11.01 -0.89 7.93
CA ASP A 95 9.88 -1.13 8.82
C ASP A 95 8.59 -0.59 8.20
N THR A 96 7.51 -0.63 8.98
CA THR A 96 6.22 -0.16 8.51
C THR A 96 6.28 1.32 8.13
N GLU A 97 6.83 2.14 9.03
CA GLU A 97 6.95 3.57 8.78
C GLU A 97 7.76 3.84 7.52
N GLY A 98 8.84 3.09 7.34
CA GLY A 98 9.69 3.26 6.18
C GLY A 98 9.00 2.83 4.89
N ALA A 99 8.30 1.70 4.95
CA ALA A 99 7.60 1.19 3.78
C ALA A 99 6.38 2.04 3.45
N LYS A 100 5.94 2.83 4.42
CA LYS A 100 4.79 3.71 4.23
C LYS A 100 5.19 4.97 3.48
N GLN A 101 6.14 5.71 4.02
CA GLN A 101 6.61 6.94 3.40
C GLN A 101 6.98 6.71 1.94
N ILE A 102 7.55 5.54 1.66
CA ILE A 102 7.94 5.20 0.30
C ILE A 102 6.73 5.03 -0.60
N VAL A 103 5.63 4.53 -0.03
CA VAL A 103 4.40 4.32 -0.77
C VAL A 103 3.80 5.64 -1.22
N ARG A 104 3.58 6.54 -0.26
CA ARG A 104 3.01 7.85 -0.56
C ARG A 104 3.84 8.58 -1.61
N ARG A 105 5.16 8.50 -1.48
CA ARG A 105 6.06 9.16 -2.42
C ARG A 105 5.70 8.79 -3.87
N HIS A 106 5.33 7.54 -4.08
CA HIS A 106 4.96 7.06 -5.41
C HIS A 106 3.53 7.46 -5.75
N LEU A 107 2.63 7.58 -4.78
CA LEU A 107 1.26 7.96 -5.06
C LEU A 107 1.16 9.44 -5.41
N VAL A 108 1.90 10.27 -4.68
CA VAL A 108 1.90 11.71 -4.91
C VAL A 108 2.53 12.05 -6.26
N ALA A 109 3.49 11.24 -6.67
CA ALA A 109 4.17 11.44 -7.95
C ALA A 109 3.31 10.98 -9.11
N GLU A 110 2.52 9.94 -8.88
CA GLU A 110 1.65 9.39 -9.91
C GLU A 110 0.46 10.31 -10.17
N THR A 111 0.08 11.06 -9.14
CA THR A 111 -1.06 11.98 -9.23
C THR A 111 -0.75 13.12 -10.21
N GLY A 112 0.40 13.75 -10.02
CA GLY A 112 0.79 14.85 -10.91
C GLY A 112 0.74 14.47 -12.37
N THR A 113 1.22 13.26 -12.68
CA THR A 113 1.23 12.78 -14.05
C THR A 113 -0.19 12.53 -14.56
N ALA A 114 -1.10 12.24 -13.64
CA ALA A 114 -2.49 11.98 -13.99
C ALA A 114 -3.38 13.14 -13.60
N GLU A 115 -2.78 14.33 -13.52
CA GLU A 115 -3.53 15.54 -13.14
C GLU A 115 -3.87 16.37 -14.38
N LYS A 116 -3.97 15.70 -15.52
CA LYS A 116 -4.29 16.37 -16.78
C LYS A 116 -5.72 16.04 -17.22
N MET A 117 -6.19 14.86 -16.84
CA MET A 117 -7.54 14.42 -17.19
C MET A 117 -7.68 14.30 -18.71
N PRO A 118 -7.11 13.22 -19.27
CA PRO A 118 -7.16 12.96 -20.71
C PRO A 118 -8.57 12.58 -21.18
N SER A 119 -8.87 12.87 -22.44
CA SER A 119 -10.17 12.55 -23.00
C SER A 119 -10.09 12.45 -24.53
N THR A 120 -9.69 11.29 -25.02
CA THR A 120 -9.58 11.06 -26.46
C THR A 120 -9.76 9.59 -26.80
N SER A 121 -10.96 9.24 -27.27
CA SER A 121 -11.27 7.87 -27.64
C SER A 121 -11.43 7.73 -29.14
N ARG A 122 -11.51 6.48 -29.62
CA ARG A 122 -11.66 6.21 -31.03
C ARG A 122 -12.72 5.14 -31.28
N PRO A 123 -13.44 5.26 -32.40
CA PRO A 123 -14.49 4.32 -32.76
C PRO A 123 -13.94 2.96 -33.17
N THR A 124 -14.49 1.89 -32.58
CA THR A 124 -14.04 0.53 -32.88
C THR A 124 -15.14 -0.27 -33.56
N ALA A 125 -14.79 -1.45 -34.05
CA ALA A 125 -15.75 -2.32 -34.72
C ALA A 125 -16.30 -1.66 -35.98
N PRO A 126 -15.40 -1.39 -36.94
CA PRO A 126 -15.77 -0.75 -38.21
C PRO A 126 -16.59 -1.69 -39.10
N SER A 127 -17.32 -1.11 -40.06
CA SER A 127 -18.14 -1.88 -40.97
C SER A 127 -17.27 -2.66 -41.96
N SER A 128 -17.68 -3.88 -42.26
CA SER A 128 -16.93 -4.72 -43.20
C SER A 128 -17.85 -5.76 -43.84
N GLU A 129 -18.54 -5.36 -44.90
CA GLU A 129 -19.45 -6.26 -45.61
C GLU A 129 -18.76 -6.89 -46.81
N LYS A 130 -19.13 -8.14 -47.10
CA LYS A 130 -18.55 -8.87 -48.23
C LYS A 130 -19.39 -10.10 -48.56
N GLY A 131 -20.35 -9.92 -49.45
CA GLY A 131 -21.20 -11.02 -49.86
C GLY A 131 -20.86 -11.55 -51.23
N GLY A 132 -21.35 -12.75 -51.54
CA GLY A 132 -21.07 -13.36 -52.83
C GLY A 132 -20.86 -14.85 -52.75
N ASN A 133 -21.42 -15.59 -53.68
CA ASN A 133 -21.28 -17.05 -53.70
C ASN A 133 -20.10 -17.46 -54.57
N TYR A 134 -19.70 -18.73 -54.45
CA TYR A 134 -18.58 -19.26 -55.23
C TYR A 134 -19.03 -19.64 -56.64
N GLY A 1 3.83 -19.27 -16.22
CA GLY A 1 3.74 -20.21 -15.11
C GLY A 1 3.43 -19.52 -13.79
N ALA A 2 2.23 -18.95 -13.69
CA ALA A 2 1.82 -18.26 -12.48
C ALA A 2 0.81 -19.10 -11.69
N ARG A 3 0.98 -19.12 -10.37
CA ARG A 3 0.09 -19.89 -9.51
C ARG A 3 -0.57 -18.99 -8.47
N ASN A 4 -1.76 -19.37 -8.03
CA ASN A 4 -2.50 -18.59 -7.04
C ASN A 4 -1.75 -18.55 -5.71
N SER A 5 -1.21 -17.38 -5.38
CA SER A 5 -0.46 -17.21 -4.14
C SER A 5 -0.13 -15.75 -3.91
N VAL A 6 -0.22 -15.31 -2.66
CA VAL A 6 0.08 -13.93 -2.30
C VAL A 6 1.58 -13.67 -2.33
N LEU A 7 2.33 -14.44 -1.55
CA LEU A 7 3.78 -14.30 -1.49
C LEU A 7 4.47 -15.63 -1.73
N ARG A 8 5.46 -15.64 -2.61
CA ARG A 8 6.21 -16.85 -2.93
C ARG A 8 7.26 -17.13 -1.87
N GLY A 9 8.16 -18.07 -2.16
CA GLY A 9 9.21 -18.42 -1.22
C GLY A 9 10.18 -17.28 -1.00
N LYS A 10 10.62 -16.65 -2.08
CA LYS A 10 11.56 -15.54 -2.01
C LYS A 10 10.88 -14.30 -1.43
N LYS A 11 9.58 -14.19 -1.64
CA LYS A 11 8.82 -13.05 -1.14
C LYS A 11 8.53 -13.20 0.35
N ALA A 12 8.22 -14.42 0.77
CA ALA A 12 7.93 -14.70 2.17
C ALA A 12 9.04 -14.18 3.08
N ASP A 13 10.29 -14.38 2.66
CA ASP A 13 11.43 -13.92 3.44
C ASP A 13 11.39 -12.41 3.65
N GLU A 14 11.36 -11.66 2.55
CA GLU A 14 11.32 -10.21 2.62
C GLU A 14 10.26 -9.75 3.62
N LEU A 15 9.17 -10.50 3.71
CA LEU A 15 8.09 -10.16 4.63
C LEU A 15 8.54 -10.30 6.08
N GLU A 16 9.14 -11.45 6.40
CA GLU A 16 9.61 -11.71 7.75
C GLU A 16 10.76 -10.77 8.12
N ARG A 17 11.42 -10.23 7.09
CA ARG A 17 12.54 -9.31 7.30
C ARG A 17 12.04 -7.94 7.74
N ILE A 18 10.87 -7.56 7.25
CA ILE A 18 10.28 -6.27 7.59
C ILE A 18 9.92 -6.21 9.07
N ARG A 19 10.27 -5.10 9.72
CA ARG A 19 9.97 -4.92 11.14
C ARG A 19 8.62 -4.26 11.33
N LEU A 20 7.83 -4.80 12.26
CA LEU A 20 6.51 -4.27 12.55
C LEU A 20 6.59 -2.83 13.03
N ARG A 21 7.56 -2.56 13.90
CA ARG A 21 7.74 -1.21 14.44
C ARG A 21 9.17 -0.71 14.17
N PRO A 22 9.35 0.62 14.24
CA PRO A 22 10.66 1.24 14.02
C PRO A 22 11.65 0.95 15.14
N GLY A 23 11.14 0.81 16.35
CA GLY A 23 12.00 0.52 17.48
C GLY A 23 11.59 -0.76 18.21
N GLY A 24 11.13 -1.74 17.44
CA GLY A 24 10.72 -3.00 18.04
C GLY A 24 11.57 -4.17 17.57
N LYS A 25 11.26 -5.36 18.08
CA LYS A 25 12.00 -6.56 17.70
C LYS A 25 11.07 -7.62 17.14
N LYS A 26 9.92 -7.18 16.62
CA LYS A 26 8.95 -8.09 16.04
C LYS A 26 8.72 -7.78 14.57
N LYS A 27 8.74 -8.81 13.73
CA LYS A 27 8.53 -8.64 12.30
C LYS A 27 7.16 -9.18 11.88
N TYR A 28 6.75 -8.83 10.67
CA TYR A 28 5.46 -9.29 10.15
C TYR A 28 5.44 -10.81 10.00
N ARG A 29 4.24 -11.39 10.09
CA ARG A 29 4.08 -12.83 9.98
C ARG A 29 2.82 -13.18 9.18
N LEU A 30 2.74 -14.41 8.72
CA LEU A 30 1.59 -14.87 7.94
C LEU A 30 0.29 -14.44 8.60
N LYS A 31 0.25 -14.47 9.93
CA LYS A 31 -0.93 -14.08 10.68
C LYS A 31 -1.43 -12.71 10.22
N HIS A 32 -0.52 -11.77 10.05
CA HIS A 32 -0.87 -10.42 9.62
C HIS A 32 -1.42 -10.43 8.19
N ILE A 33 -0.95 -11.34 7.32
CA ILE A 33 -1.44 -11.39 5.96
C ILE A 33 -2.91 -11.83 5.91
N VAL A 34 -3.25 -12.82 6.71
CA VAL A 34 -4.61 -13.33 6.77
C VAL A 34 -5.58 -12.25 7.23
N TRP A 35 -5.28 -11.63 8.37
CA TRP A 35 -6.13 -10.58 8.91
C TRP A 35 -6.46 -9.54 7.85
N ALA A 36 -5.46 -9.19 7.03
CA ALA A 36 -5.65 -8.20 5.97
C ALA A 36 -6.67 -8.69 4.95
N ALA A 37 -6.39 -9.82 4.32
CA ALA A 37 -7.28 -10.39 3.32
C ALA A 37 -8.68 -10.61 3.90
N ASN A 38 -8.73 -10.94 5.18
CA ASN A 38 -10.01 -11.19 5.85
C ASN A 38 -10.84 -9.90 5.93
N LYS A 39 -10.28 -8.89 6.59
CA LYS A 39 -10.96 -7.61 6.73
C LYS A 39 -11.51 -7.13 5.39
N LEU A 40 -10.80 -7.45 4.32
CA LEU A 40 -11.23 -7.05 2.98
C LEU A 40 -12.56 -7.70 2.62
N ASP A 41 -12.55 -9.02 2.50
CA ASP A 41 -13.77 -9.76 2.16
C ASP A 41 -14.93 -9.32 3.04
N ARG A 42 -14.68 -9.19 4.33
CA ARG A 42 -15.71 -8.78 5.27
C ARG A 42 -16.21 -7.37 4.95
N PHE A 43 -15.31 -6.39 5.05
CA PHE A 43 -15.66 -5.00 4.79
C PHE A 43 -16.41 -4.88 3.45
N GLY A 44 -15.94 -5.62 2.45
CA GLY A 44 -16.58 -5.58 1.15
C GLY A 44 -15.58 -5.71 0.02
N LEU A 45 -14.32 -5.44 0.31
CA LEU A 45 -13.27 -5.54 -0.70
C LEU A 45 -12.85 -6.98 -0.93
N ALA A 46 -12.29 -7.25 -2.10
CA ALA A 46 -11.84 -8.59 -2.46
C ALA A 46 -10.36 -8.78 -2.16
N GLU A 47 -9.85 -9.98 -2.43
CA GLU A 47 -8.44 -10.28 -2.20
C GLU A 47 -7.63 -10.08 -3.46
N SER A 48 -8.29 -9.60 -4.52
CA SER A 48 -7.63 -9.37 -5.80
C SER A 48 -6.67 -8.19 -5.70
N LEU A 49 -6.70 -7.50 -4.56
CA LEU A 49 -5.84 -6.35 -4.34
C LEU A 49 -4.70 -6.70 -3.39
N LEU A 50 -4.24 -7.94 -3.46
CA LEU A 50 -3.15 -8.41 -2.61
C LEU A 50 -2.09 -9.13 -3.43
N GLU A 51 -2.52 -9.88 -4.43
CA GLU A 51 -1.61 -10.62 -5.29
C GLU A 51 -0.77 -9.67 -6.14
N SER A 52 -1.44 -8.77 -6.84
CA SER A 52 -0.76 -7.81 -7.70
C SER A 52 -0.49 -6.50 -6.95
N LYS A 53 0.51 -5.76 -7.41
CA LYS A 53 0.87 -4.49 -6.79
C LYS A 53 -0.14 -3.40 -7.15
N GLU A 54 -0.58 -3.41 -8.40
CA GLU A 54 -1.55 -2.42 -8.88
C GLU A 54 -2.84 -2.48 -8.06
N GLY A 55 -3.23 -3.69 -7.67
CA GLY A 55 -4.45 -3.85 -6.89
C GLY A 55 -4.33 -3.25 -5.51
N CYS A 56 -3.25 -3.57 -4.80
CA CYS A 56 -3.02 -3.06 -3.46
C CYS A 56 -3.09 -1.52 -3.45
N GLN A 57 -2.69 -0.92 -4.55
CA GLN A 57 -2.71 0.55 -4.66
C GLN A 57 -4.13 1.08 -4.49
N LYS A 58 -5.11 0.21 -4.68
CA LYS A 58 -6.50 0.59 -4.56
C LYS A 58 -6.92 0.67 -3.09
N ILE A 59 -6.39 -0.25 -2.28
CA ILE A 59 -6.71 -0.28 -0.87
C ILE A 59 -6.02 0.85 -0.12
N LEU A 60 -4.90 1.31 -0.65
CA LEU A 60 -4.14 2.40 -0.04
C LEU A 60 -4.74 3.75 -0.40
N THR A 61 -5.19 3.88 -1.66
CA THR A 61 -5.78 5.12 -2.13
C THR A 61 -7.14 5.37 -1.48
N VAL A 62 -7.84 4.28 -1.17
CA VAL A 62 -9.16 4.38 -0.54
C VAL A 62 -9.02 4.73 0.95
N LEU A 63 -8.19 3.97 1.65
CA LEU A 63 -7.97 4.20 3.07
C LEU A 63 -7.11 5.42 3.31
N ASP A 64 -6.47 5.91 2.24
CA ASP A 64 -5.61 7.08 2.33
C ASP A 64 -6.36 8.26 2.95
N PRO A 65 -7.40 8.73 2.25
CA PRO A 65 -8.22 9.86 2.71
C PRO A 65 -9.08 9.50 3.92
N MET A 66 -9.10 8.22 4.26
CA MET A 66 -9.88 7.73 5.39
C MET A 66 -9.02 7.62 6.64
N VAL A 67 -7.71 7.61 6.44
CA VAL A 67 -6.77 7.49 7.55
C VAL A 67 -7.17 8.42 8.69
N PRO A 68 -7.27 9.72 8.41
CA PRO A 68 -7.65 10.73 9.40
C PRO A 68 -9.12 10.60 9.83
N THR A 69 -9.97 10.21 8.89
CA THR A 69 -11.39 10.05 9.16
C THR A 69 -11.76 8.59 9.33
N GLY A 70 -10.88 7.83 9.99
CA GLY A 70 -11.12 6.42 10.21
C GLY A 70 -10.63 5.94 11.56
N SER A 71 -11.30 4.94 12.12
CA SER A 71 -10.92 4.39 13.41
C SER A 71 -9.58 3.68 13.33
N GLU A 72 -9.08 3.25 14.49
CA GLU A 72 -7.80 2.55 14.55
C GLU A 72 -7.82 1.31 13.67
N ASN A 73 -8.95 0.60 13.67
CA ASN A 73 -9.09 -0.60 12.87
C ASN A 73 -8.84 -0.31 11.40
N LEU A 74 -9.00 0.94 11.00
CA LEU A 74 -8.79 1.35 9.62
C LEU A 74 -7.35 1.79 9.40
N LYS A 75 -6.70 2.25 10.47
CA LYS A 75 -5.32 2.69 10.38
C LYS A 75 -4.36 1.51 10.44
N SER A 76 -4.68 0.54 11.30
CA SER A 76 -3.84 -0.64 11.45
C SER A 76 -3.67 -1.37 10.11
N LEU A 77 -4.77 -1.58 9.42
CA LEU A 77 -4.74 -2.26 8.13
C LEU A 77 -3.99 -1.43 7.10
N PHE A 78 -4.20 -0.12 7.13
CA PHE A 78 -3.54 0.78 6.20
C PHE A 78 -2.02 0.63 6.26
N ASN A 79 -1.51 0.47 7.49
CA ASN A 79 -0.07 0.31 7.68
C ASN A 79 0.41 -1.03 7.11
N THR A 80 -0.46 -2.04 7.17
CA THR A 80 -0.12 -3.36 6.66
C THR A 80 -0.22 -3.41 5.14
N VAL A 81 -1.22 -2.71 4.60
CA VAL A 81 -1.42 -2.68 3.15
C VAL A 81 -0.18 -2.12 2.44
N CYS A 82 0.41 -1.08 3.01
CA CYS A 82 1.59 -0.46 2.43
C CYS A 82 2.72 -1.47 2.29
N VAL A 83 2.84 -2.37 3.27
CA VAL A 83 3.88 -3.39 3.25
C VAL A 83 3.65 -4.39 2.13
N ILE A 84 2.42 -4.87 2.02
CA ILE A 84 2.07 -5.84 0.98
C ILE A 84 2.35 -5.27 -0.41
N TRP A 85 2.10 -3.98 -0.58
CA TRP A 85 2.32 -3.31 -1.85
C TRP A 85 3.81 -3.17 -2.15
N CYS A 86 4.57 -2.79 -1.12
CA CYS A 86 6.01 -2.61 -1.27
C CYS A 86 6.67 -3.90 -1.74
N ILE A 87 6.35 -5.01 -1.07
CA ILE A 87 6.92 -6.30 -1.43
C ILE A 87 6.79 -6.56 -2.93
N HIS A 88 5.62 -6.25 -3.48
CA HIS A 88 5.36 -6.45 -4.90
C HIS A 88 5.99 -5.33 -5.73
N ALA A 89 5.90 -4.07 -5.31
CA ALA A 89 6.49 -2.98 -6.07
C ALA A 89 8.01 -3.12 -6.16
N GLU A 90 8.57 -4.00 -5.33
CA GLU A 90 10.00 -4.24 -5.31
C GLU A 90 10.73 -3.08 -4.63
N GLU A 91 10.26 -2.71 -3.45
CA GLU A 91 10.86 -1.62 -2.68
C GLU A 91 11.38 -2.11 -1.34
N LYS A 92 12.61 -1.73 -1.01
CA LYS A 92 13.23 -2.14 0.25
C LYS A 92 12.72 -1.27 1.40
N VAL A 93 12.25 -1.92 2.46
CA VAL A 93 11.74 -1.21 3.63
C VAL A 93 12.28 -1.82 4.92
N LYS A 94 12.62 -0.97 5.87
CA LYS A 94 13.15 -1.42 7.16
C LYS A 94 12.01 -1.74 8.13
N ASP A 95 11.01 -0.86 8.16
CA ASP A 95 9.86 -1.04 9.04
C ASP A 95 8.58 -0.60 8.36
N THR A 96 7.48 -0.63 9.10
CA THR A 96 6.17 -0.24 8.56
C THR A 96 6.14 1.26 8.27
N GLU A 97 6.58 2.06 9.24
CA GLU A 97 6.59 3.51 9.09
C GLU A 97 7.29 3.91 7.78
N GLY A 98 8.36 3.20 7.46
CA GLY A 98 9.10 3.50 6.24
C GLY A 98 8.41 2.98 5.00
N ALA A 99 7.75 1.84 5.13
CA ALA A 99 7.04 1.23 4.00
C ALA A 99 5.89 2.12 3.54
N LYS A 100 5.37 2.93 4.46
CA LYS A 100 4.27 3.83 4.14
C LYS A 100 4.77 5.08 3.42
N GLN A 101 5.73 5.76 4.03
CA GLN A 101 6.30 6.97 3.45
C GLN A 101 6.67 6.75 1.98
N ILE A 102 7.27 5.59 1.71
CA ILE A 102 7.68 5.26 0.35
C ILE A 102 6.49 5.26 -0.60
N VAL A 103 5.35 4.79 -0.11
CA VAL A 103 4.13 4.74 -0.91
C VAL A 103 3.65 6.15 -1.27
N ARG A 104 3.35 6.93 -0.23
CA ARG A 104 2.88 8.30 -0.43
C ARG A 104 3.83 9.08 -1.32
N ARG A 105 5.13 8.88 -1.13
CA ARG A 105 6.14 9.57 -1.91
C ARG A 105 5.86 9.42 -3.41
N HIS A 106 5.62 8.18 -3.84
CA HIS A 106 5.34 7.90 -5.25
C HIS A 106 4.04 8.57 -5.68
N LEU A 107 3.06 8.73 -4.80
CA LEU A 107 1.79 9.36 -5.17
C LEU A 107 1.98 10.85 -5.43
N VAL A 108 2.70 11.52 -4.53
CA VAL A 108 2.96 12.95 -4.66
C VAL A 108 3.78 13.24 -5.91
N ALA A 109 4.58 12.26 -6.34
CA ALA A 109 5.41 12.42 -7.52
C ALA A 109 4.56 12.42 -8.80
N GLU A 110 3.42 11.75 -8.73
CA GLU A 110 2.52 11.66 -9.88
C GLU A 110 1.55 12.85 -9.89
N THR A 111 1.28 13.39 -8.71
CA THR A 111 0.37 14.53 -8.59
C THR A 111 1.13 15.84 -8.49
N GLY A 112 2.35 15.85 -9.02
CA GLY A 112 3.16 17.05 -8.97
C GLY A 112 3.92 17.29 -10.28
N THR A 113 3.44 16.67 -11.35
CA THR A 113 4.07 16.82 -12.65
C THR A 113 3.06 16.65 -13.78
N ALA A 114 1.85 17.15 -13.56
CA ALA A 114 0.79 17.06 -14.56
C ALA A 114 0.44 18.44 -15.12
N GLU A 115 1.46 19.28 -15.26
CA GLU A 115 1.26 20.63 -15.78
C GLU A 115 1.60 20.69 -17.28
N LYS A 116 1.45 19.55 -17.95
CA LYS A 116 1.74 19.47 -19.38
C LYS A 116 0.46 19.24 -20.19
N MET A 117 -0.51 18.57 -19.56
CA MET A 117 -1.78 18.30 -20.22
C MET A 117 -1.57 17.47 -21.48
N PRO A 118 -1.32 16.16 -21.30
CA PRO A 118 -1.09 15.23 -22.41
C PRO A 118 -2.37 14.98 -23.20
N SER A 119 -2.20 14.69 -24.50
CA SER A 119 -3.34 14.44 -25.37
C SER A 119 -4.24 13.35 -24.78
N THR A 120 -5.48 13.31 -25.25
CA THR A 120 -6.44 12.33 -24.77
C THR A 120 -7.48 12.00 -25.85
N SER A 121 -8.14 10.86 -25.70
CA SER A 121 -9.14 10.42 -26.66
C SER A 121 -9.98 9.28 -26.09
N ARG A 122 -11.21 9.60 -25.70
CA ARG A 122 -12.12 8.60 -25.14
C ARG A 122 -12.79 7.79 -26.24
N PRO A 123 -13.09 6.52 -25.94
CA PRO A 123 -13.73 5.61 -26.89
C PRO A 123 -15.18 6.00 -27.16
N THR A 124 -15.84 5.24 -28.05
CA THR A 124 -17.23 5.51 -28.39
C THR A 124 -18.13 4.36 -27.95
N ALA A 125 -19.40 4.42 -28.34
CA ALA A 125 -20.36 3.38 -27.98
C ALA A 125 -20.19 2.15 -28.87
N PRO A 126 -20.53 0.97 -28.32
CA PRO A 126 -20.42 -0.31 -29.03
C PRO A 126 -21.44 -0.42 -30.16
N SER A 127 -20.95 -0.73 -31.36
CA SER A 127 -21.81 -0.87 -32.53
C SER A 127 -22.12 -2.34 -32.80
N SER A 128 -23.40 -2.62 -33.06
CA SER A 128 -23.84 -3.99 -33.33
C SER A 128 -23.92 -4.25 -34.82
N GLU A 129 -24.17 -5.50 -35.20
CA GLU A 129 -24.28 -5.88 -36.60
C GLU A 129 -25.53 -6.70 -36.85
N LYS A 130 -26.08 -6.58 -38.05
CA LYS A 130 -27.29 -7.32 -38.42
C LYS A 130 -27.20 -7.83 -39.85
N GLY A 131 -28.09 -8.75 -40.21
CA GLY A 131 -28.10 -9.30 -41.55
C GLY A 131 -28.97 -10.55 -41.65
N GLY A 132 -28.94 -11.18 -42.82
CA GLY A 132 -29.73 -12.38 -43.03
C GLY A 132 -29.21 -13.23 -44.18
N ASN A 133 -30.11 -13.68 -45.03
CA ASN A 133 -29.75 -14.51 -46.17
C ASN A 133 -29.83 -13.72 -47.47
N TYR A 134 -28.76 -13.75 -48.26
CA TYR A 134 -28.72 -13.03 -49.52
C TYR A 134 -29.42 -13.83 -50.62
N GLY A 1 -8.64 -23.37 -0.65
CA GLY A 1 -8.52 -22.38 -1.70
C GLY A 1 -7.10 -22.26 -2.22
N ALA A 2 -6.21 -21.73 -1.39
CA ALA A 2 -4.81 -21.56 -1.78
C ALA A 2 -3.90 -21.60 -0.55
N ARG A 3 -2.64 -21.95 -0.77
CA ARG A 3 -1.66 -22.03 0.31
C ARG A 3 -0.61 -20.94 0.16
N ASN A 4 -0.17 -20.71 -1.07
CA ASN A 4 0.85 -19.70 -1.34
C ASN A 4 0.58 -19.02 -2.69
N SER A 5 -0.36 -18.09 -2.70
CA SER A 5 -0.70 -17.36 -3.92
C SER A 5 -0.27 -15.90 -3.83
N VAL A 6 -0.42 -15.33 -2.65
CA VAL A 6 -0.04 -13.93 -2.42
C VAL A 6 1.47 -13.77 -2.39
N LEU A 7 2.12 -14.50 -1.49
CA LEU A 7 3.58 -14.43 -1.37
C LEU A 7 4.21 -15.81 -1.52
N ARG A 8 5.18 -15.92 -2.42
CA ARG A 8 5.85 -17.18 -2.66
C ARG A 8 6.94 -17.43 -1.62
N GLY A 9 7.76 -18.44 -1.86
CA GLY A 9 8.83 -18.77 -0.93
C GLY A 9 9.84 -17.65 -0.79
N LYS A 10 10.27 -17.09 -1.91
CA LYS A 10 11.24 -16.00 -1.92
C LYS A 10 10.62 -14.72 -1.38
N LYS A 11 9.33 -14.53 -1.66
CA LYS A 11 8.62 -13.34 -1.21
C LYS A 11 8.37 -13.40 0.30
N ALA A 12 8.07 -14.59 0.79
CA ALA A 12 7.82 -14.77 2.22
C ALA A 12 8.93 -14.16 3.06
N ASP A 13 10.17 -14.33 2.61
CA ASP A 13 11.32 -13.80 3.33
C ASP A 13 11.21 -12.29 3.47
N GLU A 14 10.99 -11.60 2.35
CA GLU A 14 10.86 -10.14 2.35
C GLU A 14 9.85 -9.69 3.39
N LEU A 15 8.83 -10.49 3.62
CA LEU A 15 7.79 -10.18 4.60
C LEU A 15 8.33 -10.29 6.02
N GLU A 16 8.90 -11.44 6.34
CA GLU A 16 9.45 -11.67 7.67
C GLU A 16 10.61 -10.71 7.95
N ARG A 17 11.16 -10.14 6.89
CA ARG A 17 12.27 -9.21 7.02
C ARG A 17 11.79 -7.85 7.52
N ILE A 18 10.60 -7.45 7.07
CA ILE A 18 10.02 -6.18 7.46
C ILE A 18 9.68 -6.16 8.95
N ARG A 19 10.02 -5.07 9.63
CA ARG A 19 9.75 -4.93 11.05
C ARG A 19 8.37 -4.33 11.28
N LEU A 20 7.67 -4.85 12.29
CA LEU A 20 6.33 -4.37 12.62
C LEU A 20 6.37 -2.90 13.02
N ARG A 21 7.36 -2.54 13.84
CA ARG A 21 7.50 -1.17 14.30
C ARG A 21 8.93 -0.66 14.06
N PRO A 22 9.09 0.66 14.00
CA PRO A 22 10.39 1.30 13.77
C PRO A 22 11.31 1.16 14.98
N GLY A 23 10.73 1.14 16.18
CA GLY A 23 11.52 1.01 17.39
C GLY A 23 11.59 -0.43 17.86
N GLY A 24 10.46 -1.13 17.83
CA GLY A 24 10.43 -2.51 18.27
C GLY A 24 11.43 -3.38 17.53
N LYS A 25 11.44 -4.67 17.85
CA LYS A 25 12.36 -5.61 17.22
C LYS A 25 11.60 -6.83 16.68
N LYS A 26 10.30 -6.65 16.43
CA LYS A 26 9.48 -7.74 15.92
C LYS A 26 9.21 -7.56 14.42
N LYS A 27 9.02 -8.67 13.73
CA LYS A 27 8.76 -8.64 12.29
C LYS A 27 7.35 -9.13 11.99
N TYR A 28 6.92 -8.94 10.75
CA TYR A 28 5.58 -9.36 10.34
C TYR A 28 5.50 -10.88 10.22
N ARG A 29 4.29 -11.42 10.33
CA ARG A 29 4.09 -12.85 10.24
C ARG A 29 2.86 -13.18 9.39
N LEU A 30 2.80 -14.40 8.88
CA LEU A 30 1.68 -14.83 8.05
C LEU A 30 0.35 -14.43 8.68
N LYS A 31 0.28 -14.51 10.00
CA LYS A 31 -0.94 -14.15 10.73
C LYS A 31 -1.47 -12.79 10.26
N HIS A 32 -0.55 -11.84 10.07
CA HIS A 32 -0.92 -10.51 9.63
C HIS A 32 -1.42 -10.52 8.19
N ILE A 33 -0.88 -11.37 7.32
CA ILE A 33 -1.34 -11.43 5.93
C ILE A 33 -2.78 -11.91 5.84
N VAL A 34 -3.15 -12.85 6.71
CA VAL A 34 -4.50 -13.38 6.73
C VAL A 34 -5.52 -12.30 7.11
N TRP A 35 -5.29 -11.67 8.25
CA TRP A 35 -6.18 -10.61 8.73
C TRP A 35 -6.45 -9.59 7.63
N ALA A 36 -5.40 -9.23 6.90
CA ALA A 36 -5.53 -8.25 5.82
C ALA A 36 -6.57 -8.71 4.80
N ALA A 37 -6.36 -9.90 4.23
CA ALA A 37 -7.28 -10.44 3.24
C ALA A 37 -8.69 -10.58 3.81
N ASN A 38 -8.76 -10.89 5.11
CA ASN A 38 -10.05 -11.05 5.77
C ASN A 38 -10.80 -9.73 5.85
N LYS A 39 -10.17 -8.73 6.48
CA LYS A 39 -10.78 -7.42 6.62
C LYS A 39 -11.36 -6.95 5.30
N LEU A 40 -10.68 -7.28 4.21
CA LEU A 40 -11.14 -6.89 2.87
C LEU A 40 -12.50 -7.50 2.56
N ASP A 41 -12.53 -8.83 2.46
CA ASP A 41 -13.78 -9.53 2.17
C ASP A 41 -14.91 -9.05 3.06
N ARG A 42 -14.62 -8.94 4.35
CA ARG A 42 -15.62 -8.48 5.31
C ARG A 42 -16.09 -7.06 4.99
N PHE A 43 -15.15 -6.12 5.06
CA PHE A 43 -15.47 -4.72 4.78
C PHE A 43 -16.24 -4.59 3.47
N GLY A 44 -15.83 -5.35 2.46
CA GLY A 44 -16.50 -5.31 1.18
C GLY A 44 -15.54 -5.49 0.01
N LEU A 45 -14.26 -5.26 0.27
CA LEU A 45 -13.23 -5.39 -0.76
C LEU A 45 -12.87 -6.86 -0.97
N ALA A 46 -12.29 -7.17 -2.13
CA ALA A 46 -11.89 -8.53 -2.44
C ALA A 46 -10.40 -8.73 -2.17
N GLU A 47 -9.91 -9.92 -2.50
CA GLU A 47 -8.49 -10.25 -2.30
C GLU A 47 -7.70 -10.08 -3.58
N SER A 48 -8.35 -9.54 -4.61
CA SER A 48 -7.71 -9.33 -5.91
C SER A 48 -6.68 -8.21 -5.82
N LEU A 49 -6.65 -7.53 -4.68
CA LEU A 49 -5.70 -6.44 -4.46
C LEU A 49 -4.59 -6.86 -3.50
N LEU A 50 -4.21 -8.13 -3.57
CA LEU A 50 -3.15 -8.65 -2.72
C LEU A 50 -2.07 -9.34 -3.54
N GLU A 51 -2.49 -9.98 -4.63
CA GLU A 51 -1.55 -10.68 -5.51
C GLU A 51 -0.74 -9.68 -6.34
N SER A 52 -1.44 -8.75 -6.97
CA SER A 52 -0.79 -7.75 -7.80
C SER A 52 -0.52 -6.48 -7.00
N LYS A 53 0.53 -5.76 -7.37
CA LYS A 53 0.90 -4.52 -6.70
C LYS A 53 -0.07 -3.40 -7.05
N GLU A 54 -0.47 -3.34 -8.33
CA GLU A 54 -1.39 -2.31 -8.79
C GLU A 54 -2.70 -2.35 -7.99
N GLY A 55 -3.15 -3.56 -7.66
CA GLY A 55 -4.38 -3.71 -6.90
C GLY A 55 -4.27 -3.12 -5.51
N CYS A 56 -3.19 -3.47 -4.81
CA CYS A 56 -2.98 -2.97 -3.45
C CYS A 56 -3.00 -1.45 -3.41
N GLN A 57 -2.59 -0.84 -4.51
CA GLN A 57 -2.57 0.62 -4.61
C GLN A 57 -3.98 1.20 -4.51
N LYS A 58 -4.98 0.34 -4.71
CA LYS A 58 -6.37 0.76 -4.65
C LYS A 58 -6.87 0.76 -3.21
N ILE A 59 -6.27 -0.09 -2.38
CA ILE A 59 -6.67 -0.18 -0.98
C ILE A 59 -6.07 0.96 -0.16
N LEU A 60 -4.95 1.48 -0.61
CA LEU A 60 -4.28 2.58 0.07
C LEU A 60 -4.92 3.92 -0.29
N THR A 61 -5.32 4.06 -1.55
CA THR A 61 -5.95 5.28 -2.02
C THR A 61 -7.32 5.48 -1.36
N VAL A 62 -8.00 4.38 -1.08
CA VAL A 62 -9.32 4.44 -0.45
C VAL A 62 -9.21 4.76 1.03
N LEU A 63 -8.36 4.01 1.73
CA LEU A 63 -8.16 4.23 3.17
C LEU A 63 -7.32 5.47 3.42
N ASP A 64 -6.71 5.99 2.36
CA ASP A 64 -5.87 7.18 2.47
C ASP A 64 -6.66 8.33 3.11
N PRO A 65 -7.70 8.80 2.41
CA PRO A 65 -8.55 9.90 2.89
C PRO A 65 -9.40 9.49 4.09
N MET A 66 -9.36 8.20 4.42
CA MET A 66 -10.14 7.69 5.55
C MET A 66 -9.26 7.59 6.81
N VAL A 67 -7.95 7.54 6.60
CA VAL A 67 -7.01 7.45 7.72
C VAL A 67 -7.43 8.36 8.86
N PRO A 68 -7.56 9.66 8.56
CA PRO A 68 -7.96 10.66 9.56
C PRO A 68 -9.42 10.50 9.99
N THR A 69 -10.26 10.05 9.07
CA THR A 69 -11.68 9.85 9.36
C THR A 69 -12.02 8.37 9.45
N GLY A 70 -11.16 7.61 10.12
CA GLY A 70 -11.38 6.19 10.27
C GLY A 70 -10.97 5.68 11.63
N SER A 71 -11.62 4.61 12.08
CA SER A 71 -11.32 4.02 13.39
C SER A 71 -9.90 3.44 13.40
N GLU A 72 -9.50 2.95 14.57
CA GLU A 72 -8.17 2.36 14.73
C GLU A 72 -7.98 1.18 13.79
N ASN A 73 -9.04 0.39 13.61
CA ASN A 73 -8.99 -0.78 12.74
C ASN A 73 -8.70 -0.37 11.30
N LEU A 74 -8.91 0.91 11.00
CA LEU A 74 -8.67 1.43 9.66
C LEU A 74 -7.20 1.85 9.49
N LYS A 75 -6.59 2.28 10.59
CA LYS A 75 -5.20 2.71 10.56
C LYS A 75 -4.26 1.50 10.62
N SER A 76 -4.64 0.49 11.40
CA SER A 76 -3.84 -0.71 11.53
C SER A 76 -3.64 -1.40 10.19
N LEU A 77 -4.75 -1.61 9.47
CA LEU A 77 -4.70 -2.26 8.17
C LEU A 77 -3.94 -1.39 7.16
N PHE A 78 -4.16 -0.08 7.23
CA PHE A 78 -3.49 0.86 6.33
C PHE A 78 -1.98 0.69 6.39
N ASN A 79 -1.46 0.46 7.59
CA ASN A 79 -0.03 0.28 7.77
C ASN A 79 0.44 -1.04 7.19
N THR A 80 -0.44 -2.05 7.23
CA THR A 80 -0.12 -3.36 6.70
C THR A 80 -0.20 -3.38 5.18
N VAL A 81 -1.18 -2.65 4.63
CA VAL A 81 -1.36 -2.59 3.20
C VAL A 81 -0.10 -2.07 2.49
N CYS A 82 0.48 -1.02 3.05
CA CYS A 82 1.68 -0.43 2.47
C CYS A 82 2.81 -1.46 2.41
N VAL A 83 2.81 -2.40 3.36
CA VAL A 83 3.82 -3.44 3.41
C VAL A 83 3.67 -4.42 2.25
N ILE A 84 2.47 -5.00 2.14
CA ILE A 84 2.19 -5.96 1.08
C ILE A 84 2.54 -5.39 -0.29
N TRP A 85 2.14 -4.15 -0.53
CA TRP A 85 2.42 -3.47 -1.79
C TRP A 85 3.92 -3.39 -2.04
N CYS A 86 4.67 -3.03 -1.00
CA CYS A 86 6.11 -2.91 -1.11
C CYS A 86 6.74 -4.21 -1.61
N ILE A 87 6.35 -5.32 -0.98
CA ILE A 87 6.87 -6.62 -1.35
C ILE A 87 6.79 -6.84 -2.86
N HIS A 88 5.64 -6.54 -3.44
CA HIS A 88 5.42 -6.69 -4.87
C HIS A 88 6.12 -5.58 -5.65
N ALA A 89 6.04 -4.33 -5.20
CA ALA A 89 6.70 -3.23 -5.91
C ALA A 89 8.20 -3.45 -6.01
N GLU A 90 8.71 -4.34 -5.17
CA GLU A 90 10.14 -4.65 -5.16
C GLU A 90 10.94 -3.50 -4.57
N GLU A 91 10.53 -3.03 -3.40
CA GLU A 91 11.20 -1.92 -2.73
C GLU A 91 11.71 -2.36 -1.35
N LYS A 92 12.98 -2.05 -1.07
CA LYS A 92 13.60 -2.40 0.19
C LYS A 92 13.09 -1.50 1.31
N VAL A 93 12.61 -2.11 2.39
CA VAL A 93 12.10 -1.34 3.53
C VAL A 93 12.60 -1.93 4.85
N LYS A 94 12.89 -1.06 5.80
CA LYS A 94 13.38 -1.48 7.11
C LYS A 94 12.22 -1.88 8.02
N ASP A 95 11.20 -1.03 8.07
CA ASP A 95 10.03 -1.30 8.90
C ASP A 95 8.76 -0.76 8.24
N THR A 96 7.66 -0.82 8.97
CA THR A 96 6.37 -0.34 8.44
C THR A 96 6.41 1.17 8.21
N GLU A 97 6.83 1.91 9.23
CA GLU A 97 6.91 3.36 9.13
C GLU A 97 7.67 3.78 7.87
N GLY A 98 8.67 3.00 7.50
CA GLY A 98 9.47 3.30 6.33
C GLY A 98 8.80 2.82 5.05
N ALA A 99 8.13 1.68 5.12
CA ALA A 99 7.45 1.12 3.97
C ALA A 99 6.27 1.97 3.56
N LYS A 100 5.75 2.76 4.49
CA LYS A 100 4.62 3.63 4.22
C LYS A 100 5.06 4.89 3.49
N GLN A 101 6.00 5.62 4.09
CA GLN A 101 6.51 6.85 3.50
C GLN A 101 6.96 6.63 2.06
N ILE A 102 7.59 5.47 1.82
CA ILE A 102 8.06 5.14 0.49
C ILE A 102 6.90 5.00 -0.50
N VAL A 103 5.81 4.40 -0.04
CA VAL A 103 4.63 4.20 -0.87
C VAL A 103 4.01 5.54 -1.26
N ARG A 104 3.61 6.31 -0.25
CA ARG A 104 3.00 7.62 -0.49
C ARG A 104 3.88 8.47 -1.41
N ARG A 105 5.18 8.45 -1.14
CA ARG A 105 6.13 9.23 -1.94
C ARG A 105 5.93 8.96 -3.43
N HIS A 106 5.79 7.69 -3.78
CA HIS A 106 5.59 7.30 -5.18
C HIS A 106 4.20 7.68 -5.66
N LEU A 107 3.22 7.82 -4.76
CA LEU A 107 1.86 8.18 -5.17
C LEU A 107 1.75 9.68 -5.44
N VAL A 108 2.34 10.47 -4.57
CA VAL A 108 2.31 11.92 -4.71
C VAL A 108 3.03 12.36 -5.97
N ALA A 109 4.06 11.61 -6.37
CA ALA A 109 4.81 11.92 -7.57
C ALA A 109 4.02 11.59 -8.83
N GLU A 110 3.17 10.58 -8.74
CA GLU A 110 2.35 10.17 -9.87
C GLU A 110 1.11 11.03 -9.99
N THR A 111 0.66 11.59 -8.86
CA THR A 111 -0.51 12.45 -8.84
C THR A 111 -0.14 13.90 -9.08
N GLY A 112 1.09 14.26 -8.72
CA GLY A 112 1.56 15.62 -8.91
C GLY A 112 2.30 15.81 -10.21
N THR A 113 2.02 14.95 -11.19
CA THR A 113 2.67 15.02 -12.49
C THR A 113 1.71 15.54 -13.55
N ALA A 114 0.43 15.25 -13.37
CA ALA A 114 -0.60 15.69 -14.31
C ALA A 114 -0.63 17.21 -14.42
N GLU A 115 -0.20 17.88 -13.36
CA GLU A 115 -0.19 19.33 -13.34
C GLU A 115 1.20 19.87 -13.67
N LYS A 116 1.96 19.09 -14.43
CA LYS A 116 3.31 19.48 -14.83
C LYS A 116 3.56 19.15 -16.30
N MET A 117 3.31 17.91 -16.68
CA MET A 117 3.50 17.47 -18.05
C MET A 117 2.19 17.56 -18.84
N PRO A 118 2.31 17.62 -20.17
CA PRO A 118 1.14 17.71 -21.06
C PRO A 118 0.35 16.40 -21.09
N SER A 119 -0.97 16.52 -21.08
CA SER A 119 -1.85 15.35 -21.10
C SER A 119 -2.72 15.35 -22.36
N THR A 120 -3.07 14.16 -22.82
CA THR A 120 -3.89 14.01 -24.02
C THR A 120 -5.11 13.13 -23.74
N SER A 121 -6.29 13.62 -24.14
CA SER A 121 -7.52 12.87 -23.93
C SER A 121 -7.81 11.97 -25.12
N ARG A 122 -8.74 11.03 -24.92
CA ARG A 122 -9.11 10.09 -25.98
C ARG A 122 -10.14 10.72 -26.91
N PRO A 123 -10.09 10.32 -28.20
CA PRO A 123 -11.01 10.83 -29.21
C PRO A 123 -12.44 10.33 -29.02
N THR A 124 -13.35 10.84 -29.82
CA THR A 124 -14.75 10.43 -29.73
C THR A 124 -15.15 9.56 -30.92
N ALA A 125 -16.25 8.82 -30.77
CA ALA A 125 -16.74 7.96 -31.83
C ALA A 125 -17.70 8.69 -32.75
N PRO A 126 -17.69 8.31 -34.04
CA PRO A 126 -18.56 8.93 -35.05
C PRO A 126 -20.02 8.58 -34.84
N SER A 127 -20.87 9.08 -35.74
CA SER A 127 -22.31 8.83 -35.65
C SER A 127 -22.98 9.06 -37.00
N SER A 128 -23.94 8.19 -37.33
CA SER A 128 -24.66 8.30 -38.59
C SER A 128 -25.77 7.25 -38.68
N GLU A 129 -26.72 7.49 -39.56
CA GLU A 129 -27.85 6.56 -39.74
C GLU A 129 -27.44 5.37 -40.61
N LYS A 130 -27.12 5.65 -41.87
CA LYS A 130 -26.71 4.61 -42.80
C LYS A 130 -25.25 4.77 -43.20
N GLY A 131 -24.62 3.67 -43.62
CA GLY A 131 -23.23 3.72 -44.03
C GLY A 131 -22.71 2.36 -44.46
N GLY A 132 -22.00 2.34 -45.58
CA GLY A 132 -21.45 1.09 -46.08
C GLY A 132 -19.99 0.91 -45.73
N ASN A 133 -19.59 1.47 -44.58
CA ASN A 133 -18.20 1.37 -44.13
C ASN A 133 -18.15 1.08 -42.64
N TYR A 134 -18.90 0.08 -42.20
CA TYR A 134 -18.93 -0.30 -40.79
C TYR A 134 -17.56 -0.76 -40.31
N GLY A 1 4.50 -14.01 -8.12
CA GLY A 1 3.27 -13.38 -8.56
C GLY A 1 2.83 -13.87 -9.93
N ALA A 2 2.37 -15.12 -9.99
CA ALA A 2 1.92 -15.71 -11.25
C ALA A 2 0.54 -16.33 -11.09
N ARG A 3 -0.34 -15.63 -10.37
CA ARG A 3 -1.70 -16.11 -10.15
C ARG A 3 -1.69 -17.48 -9.46
N ASN A 4 -1.24 -17.50 -8.21
CA ASN A 4 -1.18 -18.74 -7.44
C ASN A 4 -1.26 -18.45 -5.95
N SER A 5 -0.56 -17.42 -5.51
CA SER A 5 -0.57 -17.04 -4.09
C SER A 5 -0.17 -15.58 -3.92
N VAL A 6 -0.34 -15.07 -2.71
CA VAL A 6 -0.01 -13.68 -2.41
C VAL A 6 1.51 -13.47 -2.37
N LEU A 7 2.18 -14.24 -1.53
CA LEU A 7 3.63 -14.15 -1.41
C LEU A 7 4.30 -15.48 -1.71
N ARG A 8 5.28 -15.46 -2.61
CA ARG A 8 5.99 -16.67 -2.99
C ARG A 8 7.08 -17.00 -1.97
N GLY A 9 7.93 -17.95 -2.32
CA GLY A 9 9.01 -18.36 -1.43
C GLY A 9 10.03 -17.26 -1.23
N LYS A 10 10.38 -16.57 -2.32
CA LYS A 10 11.36 -15.49 -2.26
C LYS A 10 10.75 -14.23 -1.64
N LYS A 11 9.43 -14.11 -1.75
CA LYS A 11 8.73 -12.96 -1.20
C LYS A 11 8.46 -13.15 0.29
N ALA A 12 8.09 -14.37 0.67
CA ALA A 12 7.81 -14.67 2.07
C ALA A 12 8.95 -14.21 2.97
N ASP A 13 10.18 -14.37 2.49
CA ASP A 13 11.35 -13.97 3.26
C ASP A 13 11.33 -12.48 3.54
N GLU A 14 11.25 -11.68 2.48
CA GLU A 14 11.22 -10.22 2.63
C GLU A 14 10.21 -9.79 3.67
N LEU A 15 9.08 -10.50 3.72
CA LEU A 15 8.03 -10.20 4.69
C LEU A 15 8.52 -10.40 6.11
N GLU A 16 9.04 -11.59 6.39
CA GLU A 16 9.55 -11.91 7.72
C GLU A 16 10.71 -10.99 8.10
N ARG A 17 11.32 -10.37 7.09
CA ARG A 17 12.44 -9.47 7.31
C ARG A 17 11.95 -8.10 7.79
N ILE A 18 10.78 -7.70 7.30
CA ILE A 18 10.21 -6.41 7.67
C ILE A 18 9.82 -6.39 9.15
N ARG A 19 10.16 -5.29 9.83
CA ARG A 19 9.85 -5.15 11.25
C ARG A 19 8.54 -4.39 11.44
N LEU A 20 7.73 -4.83 12.40
CA LEU A 20 6.45 -4.19 12.69
C LEU A 20 6.66 -2.73 13.10
N ARG A 21 7.73 -2.49 13.84
CA ARG A 21 8.05 -1.14 14.30
C ARG A 21 9.48 -0.76 13.95
N PRO A 22 9.77 0.56 13.95
CA PRO A 22 11.10 1.08 13.63
C PRO A 22 12.13 0.75 14.70
N GLY A 23 11.68 0.68 15.96
CA GLY A 23 12.57 0.37 17.05
C GLY A 23 12.10 -0.82 17.87
N GLY A 24 11.28 -1.67 17.25
CA GLY A 24 10.78 -2.84 17.94
C GLY A 24 11.60 -4.08 17.67
N LYS A 25 11.09 -5.22 18.10
CA LYS A 25 11.78 -6.49 17.90
C LYS A 25 10.86 -7.53 17.27
N LYS A 26 9.66 -7.09 16.90
CA LYS A 26 8.68 -7.97 16.28
C LYS A 26 8.63 -7.76 14.77
N LYS A 27 8.65 -8.85 14.01
CA LYS A 27 8.61 -8.78 12.56
C LYS A 27 7.28 -9.31 12.03
N TYR A 28 6.87 -8.83 10.86
CA TYR A 28 5.62 -9.26 10.24
C TYR A 28 5.61 -10.77 10.04
N ARG A 29 4.42 -11.36 10.09
CA ARG A 29 4.27 -12.79 9.91
C ARG A 29 3.03 -13.11 9.09
N LEU A 30 2.98 -14.32 8.55
CA LEU A 30 1.84 -14.75 7.74
C LEU A 30 0.52 -14.41 8.43
N LYS A 31 0.49 -14.53 9.75
CA LYS A 31 -0.70 -14.22 10.53
C LYS A 31 -1.24 -12.84 10.17
N HIS A 32 -0.34 -11.87 10.08
CA HIS A 32 -0.73 -10.50 9.75
C HIS A 32 -1.27 -10.42 8.32
N ILE A 33 -0.86 -11.31 7.41
CA ILE A 33 -1.35 -11.27 6.04
C ILE A 33 -2.79 -11.77 5.95
N VAL A 34 -3.08 -12.81 6.73
CA VAL A 34 -4.43 -13.38 6.75
C VAL A 34 -5.47 -12.34 7.16
N TRP A 35 -5.25 -11.72 8.30
CA TRP A 35 -6.17 -10.70 8.80
C TRP A 35 -6.48 -9.67 7.73
N ALA A 36 -5.46 -9.28 6.97
CA ALA A 36 -5.63 -8.30 5.90
C ALA A 36 -6.62 -8.79 4.86
N ALA A 37 -6.31 -9.93 4.24
CA ALA A 37 -7.19 -10.50 3.23
C ALA A 37 -8.56 -10.82 3.80
N ASN A 38 -8.60 -11.19 5.07
CA ASN A 38 -9.85 -11.52 5.74
C ASN A 38 -10.73 -10.28 5.89
N LYS A 39 -10.22 -9.29 6.62
CA LYS A 39 -10.95 -8.05 6.85
C LYS A 39 -11.49 -7.49 5.54
N LEU A 40 -10.77 -7.73 4.45
CA LEU A 40 -11.17 -7.25 3.13
C LEU A 40 -12.50 -7.86 2.72
N ASP A 41 -12.51 -9.16 2.51
CA ASP A 41 -13.73 -9.86 2.11
C ASP A 41 -14.90 -9.46 3.01
N ARG A 42 -14.65 -9.34 4.30
CA ARG A 42 -15.68 -8.97 5.25
C ARG A 42 -16.17 -7.55 4.99
N PHE A 43 -15.28 -6.58 5.15
CA PHE A 43 -15.62 -5.18 4.93
C PHE A 43 -16.37 -5.00 3.60
N GLY A 44 -15.86 -5.64 2.56
CA GLY A 44 -16.48 -5.54 1.24
C GLY A 44 -15.48 -5.67 0.12
N LEU A 45 -14.20 -5.48 0.44
CA LEU A 45 -13.15 -5.57 -0.57
C LEU A 45 -12.77 -7.02 -0.83
N ALA A 46 -12.22 -7.30 -2.01
CA ALA A 46 -11.82 -8.65 -2.37
C ALA A 46 -10.30 -8.82 -2.22
N GLU A 47 -9.84 -10.04 -2.42
CA GLU A 47 -8.41 -10.35 -2.30
C GLU A 47 -7.69 -10.13 -3.63
N SER A 48 -8.38 -9.49 -4.57
CA SER A 48 -7.81 -9.24 -5.89
C SER A 48 -6.80 -8.09 -5.83
N LEU A 49 -6.72 -7.44 -4.66
CA LEU A 49 -5.80 -6.33 -4.48
C LEU A 49 -4.65 -6.73 -3.54
N LEU A 50 -4.24 -7.98 -3.64
CA LEU A 50 -3.15 -8.48 -2.80
C LEU A 50 -2.10 -9.19 -3.65
N GLU A 51 -2.55 -9.85 -4.72
CA GLU A 51 -1.64 -10.57 -5.61
C GLU A 51 -0.87 -9.60 -6.49
N SER A 52 -1.60 -8.73 -7.19
CA SER A 52 -0.98 -7.75 -8.08
C SER A 52 -0.73 -6.44 -7.35
N LYS A 53 0.46 -5.88 -7.53
CA LYS A 53 0.85 -4.63 -6.90
C LYS A 53 -0.12 -3.51 -7.29
N GLU A 54 -0.61 -3.57 -8.52
CA GLU A 54 -1.54 -2.55 -9.01
C GLU A 54 -2.82 -2.55 -8.20
N GLY A 55 -3.28 -3.73 -7.81
CA GLY A 55 -4.50 -3.84 -7.03
C GLY A 55 -4.35 -3.25 -5.64
N CYS A 56 -3.24 -3.58 -4.97
CA CYS A 56 -2.99 -3.08 -3.62
C CYS A 56 -3.03 -1.55 -3.60
N GLN A 57 -2.72 -0.93 -4.74
CA GLN A 57 -2.73 0.52 -4.84
C GLN A 57 -4.15 1.07 -4.73
N LYS A 58 -5.13 0.20 -4.97
CA LYS A 58 -6.54 0.59 -4.90
C LYS A 58 -7.03 0.61 -3.46
N ILE A 59 -6.27 -0.04 -2.58
CA ILE A 59 -6.64 -0.09 -1.16
C ILE A 59 -6.10 1.11 -0.40
N LEU A 60 -4.80 1.37 -0.56
CA LEU A 60 -4.17 2.51 0.10
C LEU A 60 -4.76 3.82 -0.37
N THR A 61 -5.18 3.86 -1.63
CA THR A 61 -5.77 5.06 -2.21
C THR A 61 -7.13 5.36 -1.57
N VAL A 62 -7.92 4.32 -1.34
CA VAL A 62 -9.24 4.48 -0.74
C VAL A 62 -9.12 4.78 0.75
N LEU A 63 -8.24 4.06 1.44
CA LEU A 63 -8.04 4.24 2.87
C LEU A 63 -7.25 5.51 3.14
N ASP A 64 -6.56 6.00 2.12
CA ASP A 64 -5.75 7.21 2.25
C ASP A 64 -6.57 8.34 2.88
N PRO A 65 -7.64 8.76 2.19
CA PRO A 65 -8.52 9.83 2.67
C PRO A 65 -9.35 9.40 3.87
N MET A 66 -9.29 8.11 4.20
CA MET A 66 -10.03 7.58 5.34
C MET A 66 -9.16 7.58 6.61
N VAL A 67 -7.85 7.70 6.41
CA VAL A 67 -6.91 7.71 7.54
C VAL A 67 -7.22 8.87 8.49
N PRO A 68 -7.21 10.09 7.95
CA PRO A 68 -7.48 11.30 8.74
C PRO A 68 -8.93 11.40 9.17
N THR A 69 -9.71 10.36 8.86
CA THR A 69 -11.12 10.32 9.23
C THR A 69 -11.58 8.90 9.48
N GLY A 70 -10.72 8.10 10.08
CA GLY A 70 -11.06 6.71 10.36
C GLY A 70 -10.51 6.25 11.70
N SER A 71 -11.22 5.31 12.33
CA SER A 71 -10.80 4.78 13.62
C SER A 71 -9.61 3.84 13.48
N GLU A 72 -9.04 3.43 14.60
CA GLU A 72 -7.90 2.52 14.59
C GLU A 72 -8.18 1.29 13.74
N ASN A 73 -9.43 0.84 13.76
CA ASN A 73 -9.84 -0.33 12.98
C ASN A 73 -9.35 -0.22 11.55
N LEU A 74 -9.25 1.01 11.04
CA LEU A 74 -8.79 1.24 9.68
C LEU A 74 -7.27 1.46 9.64
N LYS A 75 -6.82 2.51 10.32
CA LYS A 75 -5.40 2.83 10.36
C LYS A 75 -4.56 1.57 10.53
N SER A 76 -5.06 0.64 11.34
CA SER A 76 -4.36 -0.61 11.59
C SER A 76 -4.07 -1.34 10.28
N LEU A 77 -5.12 -1.65 9.54
CA LEU A 77 -4.97 -2.34 8.27
C LEU A 77 -4.18 -1.51 7.27
N PHE A 78 -4.46 -0.22 7.23
CA PHE A 78 -3.76 0.69 6.33
C PHE A 78 -2.25 0.55 6.48
N ASN A 79 -1.80 0.30 7.70
CA ASN A 79 -0.38 0.14 7.97
C ASN A 79 0.16 -1.17 7.38
N THR A 80 -0.69 -2.19 7.37
CA THR A 80 -0.31 -3.49 6.83
C THR A 80 -0.37 -3.50 5.31
N VAL A 81 -1.36 -2.80 4.76
CA VAL A 81 -1.52 -2.71 3.31
C VAL A 81 -0.30 -2.07 2.66
N CYS A 82 0.25 -1.06 3.31
CA CYS A 82 1.42 -0.36 2.79
C CYS A 82 2.62 -1.31 2.68
N VAL A 83 2.67 -2.29 3.56
CA VAL A 83 3.76 -3.26 3.56
C VAL A 83 3.61 -4.24 2.40
N ILE A 84 2.39 -4.69 2.16
CA ILE A 84 2.11 -5.63 1.08
C ILE A 84 2.49 -5.04 -0.27
N TRP A 85 1.91 -3.90 -0.60
CA TRP A 85 2.19 -3.22 -1.87
C TRP A 85 3.69 -3.06 -2.07
N CYS A 86 4.40 -2.79 -0.98
CA CYS A 86 5.85 -2.61 -1.04
C CYS A 86 6.55 -3.87 -1.53
N ILE A 87 6.24 -5.00 -0.89
CA ILE A 87 6.83 -6.28 -1.26
C ILE A 87 6.74 -6.50 -2.77
N HIS A 88 5.59 -6.18 -3.34
CA HIS A 88 5.37 -6.35 -4.77
C HIS A 88 5.99 -5.19 -5.55
N ALA A 89 5.95 -3.96 -5.05
CA ALA A 89 6.53 -2.82 -5.74
C ALA A 89 8.04 -2.95 -5.88
N GLU A 90 8.60 -3.90 -5.13
CA GLU A 90 10.05 -4.12 -5.16
C GLU A 90 10.79 -2.97 -4.48
N GLU A 91 10.27 -2.54 -3.34
CA GLU A 91 10.89 -1.44 -2.60
C GLU A 91 11.46 -1.93 -1.27
N LYS A 92 12.71 -1.59 -1.01
CA LYS A 92 13.38 -2.00 0.22
C LYS A 92 12.84 -1.21 1.41
N VAL A 93 12.41 -1.94 2.45
CA VAL A 93 11.88 -1.31 3.64
C VAL A 93 12.42 -1.98 4.90
N LYS A 94 12.70 -1.17 5.92
CA LYS A 94 13.22 -1.68 7.18
C LYS A 94 12.09 -1.90 8.18
N ASP A 95 11.12 -1.01 8.18
CA ASP A 95 9.98 -1.12 9.09
C ASP A 95 8.71 -0.57 8.43
N THR A 96 7.60 -0.70 9.14
CA THR A 96 6.32 -0.22 8.63
C THR A 96 6.36 1.29 8.37
N GLU A 97 6.85 2.04 9.34
CA GLU A 97 6.94 3.49 9.22
C GLU A 97 7.65 3.88 7.93
N GLY A 98 8.70 3.14 7.59
CA GLY A 98 9.45 3.42 6.37
C GLY A 98 8.73 2.97 5.12
N ALA A 99 8.04 1.83 5.23
CA ALA A 99 7.30 1.29 4.10
C ALA A 99 6.13 2.19 3.72
N LYS A 100 5.64 2.95 4.70
CA LYS A 100 4.52 3.85 4.47
C LYS A 100 4.98 5.10 3.72
N GLN A 101 6.00 5.76 4.26
CA GLN A 101 6.53 6.97 3.63
C GLN A 101 6.81 6.75 2.15
N ILE A 102 7.35 5.57 1.82
CA ILE A 102 7.67 5.23 0.44
C ILE A 102 6.42 5.28 -0.44
N VAL A 103 5.29 4.86 0.12
CA VAL A 103 4.03 4.85 -0.61
C VAL A 103 3.54 6.28 -0.85
N ARG A 104 3.28 7.00 0.23
CA ARG A 104 2.79 8.38 0.14
C ARG A 104 3.71 9.20 -0.76
N ARG A 105 5.01 9.02 -0.60
CA ARG A 105 6.00 9.76 -1.40
C ARG A 105 5.67 9.65 -2.88
N HIS A 106 5.31 8.45 -3.33
CA HIS A 106 4.98 8.22 -4.73
C HIS A 106 3.60 8.77 -5.06
N LEU A 107 2.68 8.87 -4.09
CA LEU A 107 1.35 9.39 -4.36
C LEU A 107 1.35 10.91 -4.42
N VAL A 108 2.28 11.52 -3.69
CA VAL A 108 2.40 12.97 -3.66
C VAL A 108 2.99 13.51 -4.97
N ALA A 109 3.87 12.71 -5.57
CA ALA A 109 4.50 13.10 -6.83
C ALA A 109 3.50 13.06 -7.99
N GLU A 110 2.49 12.22 -7.86
CA GLU A 110 1.46 12.08 -8.89
C GLU A 110 0.31 13.04 -8.64
N THR A 111 -0.05 13.22 -7.37
CA THR A 111 -1.13 14.11 -6.99
C THR A 111 -0.60 15.46 -6.51
N GLY A 112 0.60 15.81 -6.98
CA GLY A 112 1.19 17.08 -6.58
C GLY A 112 1.71 17.87 -7.77
N THR A 113 1.20 17.55 -8.96
CA THR A 113 1.63 18.22 -10.18
C THR A 113 0.42 18.61 -11.03
N ALA A 114 -0.73 18.80 -10.38
CA ALA A 114 -1.94 19.18 -11.07
C ALA A 114 -2.99 19.70 -10.10
N GLU A 115 -2.63 20.71 -9.33
CA GLU A 115 -3.54 21.30 -8.35
C GLU A 115 -4.13 22.61 -8.87
N LYS A 116 -4.29 22.71 -10.19
CA LYS A 116 -4.83 23.91 -10.81
C LYS A 116 -5.63 23.55 -12.06
N MET A 117 -6.17 22.34 -12.09
CA MET A 117 -6.96 21.88 -13.23
C MET A 117 -8.30 22.62 -13.29
N PRO A 118 -8.79 22.84 -14.53
CA PRO A 118 -10.05 23.54 -14.76
C PRO A 118 -11.25 22.71 -14.32
N SER A 119 -12.26 23.40 -13.77
CA SER A 119 -13.46 22.73 -13.30
C SER A 119 -14.62 22.93 -14.28
N THR A 120 -15.53 21.97 -14.32
CA THR A 120 -16.68 22.04 -15.22
C THR A 120 -17.98 21.75 -14.47
N SER A 121 -19.08 21.70 -15.21
CA SER A 121 -20.39 21.42 -14.62
C SER A 121 -20.79 19.97 -14.85
N ARG A 122 -21.35 19.34 -13.82
CA ARG A 122 -21.78 17.96 -13.91
C ARG A 122 -22.91 17.80 -14.92
N PRO A 123 -23.01 16.60 -15.52
CA PRO A 123 -24.04 16.29 -16.52
C PRO A 123 -25.43 16.23 -15.91
N THR A 124 -26.45 16.35 -16.76
CA THR A 124 -27.83 16.31 -16.30
C THR A 124 -28.22 14.91 -15.86
N ALA A 125 -29.19 14.82 -14.96
CA ALA A 125 -29.66 13.53 -14.45
C ALA A 125 -30.29 12.70 -15.55
N PRO A 126 -30.19 11.38 -15.43
CA PRO A 126 -30.74 10.44 -16.40
C PRO A 126 -32.26 10.42 -16.40
N SER A 127 -32.86 9.77 -17.39
CA SER A 127 -34.30 9.68 -17.51
C SER A 127 -34.71 8.60 -18.49
N SER A 128 -36.00 8.24 -18.47
CA SER A 128 -36.51 7.20 -19.36
C SER A 128 -37.16 7.82 -20.59
N GLU A 129 -37.26 7.03 -21.66
CA GLU A 129 -37.85 7.51 -22.91
C GLU A 129 -39.20 6.84 -23.15
N LYS A 130 -40.14 7.61 -23.68
CA LYS A 130 -41.48 7.10 -23.96
C LYS A 130 -41.53 6.42 -25.33
N GLY A 131 -41.49 5.09 -25.33
CA GLY A 131 -41.53 4.35 -26.57
C GLY A 131 -42.94 4.12 -27.07
N GLY A 132 -43.07 3.41 -28.18
CA GLY A 132 -44.38 3.13 -28.74
C GLY A 132 -44.95 1.81 -28.26
N ASN A 133 -45.57 1.07 -29.17
CA ASN A 133 -46.15 -0.22 -28.84
C ASN A 133 -45.08 -1.20 -28.37
N TYR A 134 -45.42 -2.00 -27.36
CA TYR A 134 -44.49 -2.98 -26.82
C TYR A 134 -44.18 -4.07 -27.85
N GLY A 1 -3.11 -26.79 6.11
CA GLY A 1 -4.31 -26.31 5.46
C GLY A 1 -4.08 -25.93 4.01
N ALA A 2 -4.77 -24.89 3.54
CA ALA A 2 -4.63 -24.44 2.17
C ALA A 2 -3.34 -23.64 1.98
N ARG A 3 -3.16 -23.08 0.78
CA ARG A 3 -1.97 -22.30 0.48
C ARG A 3 -2.35 -20.99 -0.21
N ASN A 4 -1.45 -20.01 -0.14
CA ASN A 4 -1.69 -18.71 -0.75
C ASN A 4 -0.51 -18.29 -1.61
N SER A 5 -0.79 -17.59 -2.71
CA SER A 5 0.26 -17.13 -3.61
C SER A 5 0.50 -15.63 -3.44
N VAL A 6 0.51 -15.18 -2.20
CA VAL A 6 0.73 -13.77 -1.88
C VAL A 6 2.21 -13.42 -1.99
N LEU A 7 3.05 -14.19 -1.30
CA LEU A 7 4.49 -13.95 -1.32
C LEU A 7 5.24 -15.21 -1.73
N ARG A 8 6.14 -15.07 -2.70
CA ARG A 8 6.93 -16.20 -3.19
C ARG A 8 8.10 -16.48 -2.26
N GLY A 9 9.00 -17.36 -2.70
CA GLY A 9 10.15 -17.72 -1.89
C GLY A 9 11.04 -16.52 -1.62
N LYS A 10 11.33 -15.74 -2.65
CA LYS A 10 12.18 -14.57 -2.51
C LYS A 10 11.47 -13.47 -1.73
N LYS A 11 10.19 -13.28 -2.02
CA LYS A 11 9.40 -12.26 -1.34
C LYS A 11 9.25 -12.58 0.14
N ALA A 12 9.13 -13.87 0.46
CA ALA A 12 9.00 -14.31 1.84
C ALA A 12 10.09 -13.71 2.71
N ASP A 13 11.31 -13.65 2.18
CA ASP A 13 12.44 -13.10 2.91
C ASP A 13 12.16 -11.67 3.35
N GLU A 14 11.75 -10.84 2.39
CA GLU A 14 11.46 -9.44 2.67
C GLU A 14 10.42 -9.32 3.78
N LEU A 15 9.39 -10.15 3.70
CA LEU A 15 8.32 -10.13 4.69
C LEU A 15 8.86 -10.41 6.10
N GLU A 16 9.54 -11.55 6.25
CA GLU A 16 10.12 -11.93 7.53
C GLU A 16 11.12 -10.89 8.00
N ARG A 17 11.62 -10.09 7.06
CA ARG A 17 12.60 -9.05 7.39
C ARG A 17 11.91 -7.82 7.97
N ILE A 18 10.82 -7.40 7.34
CA ILE A 18 10.07 -6.24 7.79
C ILE A 18 9.71 -6.36 9.26
N ARG A 19 10.03 -5.32 10.03
CA ARG A 19 9.73 -5.32 11.47
C ARG A 19 8.37 -4.69 11.74
N LEU A 20 7.60 -5.32 12.62
CA LEU A 20 6.28 -4.81 12.97
C LEU A 20 6.36 -3.41 13.54
N ARG A 21 7.41 -3.15 14.31
CA ARG A 21 7.59 -1.84 14.92
C ARG A 21 8.99 -1.30 14.62
N PRO A 22 9.17 0.02 14.79
CA PRO A 22 10.44 0.68 14.55
C PRO A 22 11.50 0.31 15.57
N GLY A 23 11.08 0.06 16.79
CA GLY A 23 12.01 -0.31 17.84
C GLY A 23 11.65 -1.64 18.50
N GLY A 24 11.08 -2.55 17.73
CA GLY A 24 10.69 -3.84 18.26
C GLY A 24 11.58 -4.96 17.76
N LYS A 25 11.26 -6.19 18.16
CA LYS A 25 12.04 -7.35 17.75
C LYS A 25 11.16 -8.38 17.04
N LYS A 26 9.97 -7.95 16.63
CA LYS A 26 9.03 -8.83 15.95
C LYS A 26 8.89 -8.43 14.47
N LYS A 27 8.85 -9.43 13.60
CA LYS A 27 8.71 -9.18 12.17
C LYS A 27 7.35 -9.67 11.66
N TYR A 28 6.96 -9.20 10.48
CA TYR A 28 5.69 -9.59 9.89
C TYR A 28 5.69 -11.08 9.55
N ARG A 29 4.51 -11.69 9.62
CA ARG A 29 4.37 -13.11 9.32
C ARG A 29 3.02 -13.39 8.64
N LEU A 30 2.88 -14.61 8.12
CA LEU A 30 1.64 -15.00 7.44
C LEU A 30 0.42 -14.58 8.26
N LYS A 31 0.48 -14.80 9.56
CA LYS A 31 -0.62 -14.43 10.45
C LYS A 31 -1.11 -13.02 10.15
N HIS A 32 -0.17 -12.09 9.97
CA HIS A 32 -0.50 -10.70 9.68
C HIS A 32 -1.12 -10.57 8.29
N ILE A 33 -0.70 -11.35 7.30
CA ILE A 33 -1.27 -11.27 5.97
C ILE A 33 -2.74 -11.66 5.96
N VAL A 34 -3.08 -12.64 6.78
CA VAL A 34 -4.46 -13.11 6.87
C VAL A 34 -5.38 -12.00 7.35
N TRP A 35 -5.08 -11.44 8.52
CA TRP A 35 -5.88 -10.37 9.09
C TRP A 35 -6.20 -9.31 8.03
N ALA A 36 -5.20 -8.94 7.25
CA ALA A 36 -5.38 -7.94 6.19
C ALA A 36 -6.44 -8.38 5.19
N ALA A 37 -6.20 -9.53 4.57
CA ALA A 37 -7.14 -10.06 3.58
C ALA A 37 -8.55 -10.15 4.15
N ASN A 38 -8.65 -10.49 5.44
CA ASN A 38 -9.94 -10.60 6.10
C ASN A 38 -10.62 -9.24 6.22
N LYS A 39 -9.91 -8.28 6.82
CA LYS A 39 -10.44 -6.93 7.00
C LYS A 39 -11.04 -6.42 5.71
N LEU A 40 -10.45 -6.79 4.58
CA LEU A 40 -10.94 -6.36 3.28
C LEU A 40 -12.31 -6.96 2.99
N ASP A 41 -12.35 -8.27 2.80
CA ASP A 41 -13.61 -8.97 2.53
C ASP A 41 -14.73 -8.43 3.41
N ARG A 42 -14.45 -8.28 4.69
CA ARG A 42 -15.43 -7.78 5.65
C ARG A 42 -15.88 -6.37 5.27
N PHE A 43 -14.93 -5.43 5.27
CA PHE A 43 -15.23 -4.04 4.94
C PHE A 43 -15.99 -3.95 3.61
N GLY A 44 -15.52 -4.72 2.62
CA GLY A 44 -16.17 -4.71 1.32
C GLY A 44 -15.17 -4.89 0.18
N LEU A 45 -13.89 -4.89 0.52
CA LEU A 45 -12.84 -5.06 -0.48
C LEU A 45 -12.48 -6.53 -0.66
N ALA A 46 -11.93 -6.87 -1.82
CA ALA A 46 -11.53 -8.24 -2.11
C ALA A 46 -10.29 -8.63 -1.32
N GLU A 47 -9.85 -9.87 -1.48
CA GLU A 47 -8.67 -10.36 -0.78
C GLU A 47 -7.58 -10.75 -1.78
N SER A 48 -7.99 -11.20 -2.96
CA SER A 48 -7.05 -11.60 -4.00
C SER A 48 -6.37 -10.39 -4.62
N LEU A 49 -6.82 -9.20 -4.23
CA LEU A 49 -6.27 -7.96 -4.76
C LEU A 49 -4.92 -7.65 -4.10
N LEU A 50 -4.55 -8.47 -3.13
CA LEU A 50 -3.28 -8.29 -2.42
C LEU A 50 -2.16 -9.06 -3.10
N GLU A 51 -2.51 -9.88 -4.07
CA GLU A 51 -1.54 -10.68 -4.81
C GLU A 51 -0.73 -9.80 -5.77
N SER A 52 -1.42 -8.90 -6.46
CA SER A 52 -0.77 -8.00 -7.41
C SER A 52 -0.58 -6.61 -6.80
N LYS A 53 0.42 -5.90 -7.29
CA LYS A 53 0.72 -4.56 -6.79
C LYS A 53 -0.37 -3.57 -7.22
N GLU A 54 -0.82 -3.69 -8.46
CA GLU A 54 -1.86 -2.81 -8.99
C GLU A 54 -3.11 -2.88 -8.12
N GLY A 55 -3.55 -4.10 -7.83
CA GLY A 55 -4.74 -4.28 -7.02
C GLY A 55 -4.66 -3.53 -5.71
N CYS A 56 -3.48 -3.51 -5.10
CA CYS A 56 -3.28 -2.83 -3.83
C CYS A 56 -3.42 -1.32 -4.00
N GLN A 57 -3.06 -0.82 -5.18
CA GLN A 57 -3.15 0.60 -5.47
C GLN A 57 -4.57 1.11 -5.28
N LYS A 58 -5.55 0.27 -5.62
CA LYS A 58 -6.95 0.63 -5.50
C LYS A 58 -7.41 0.56 -4.04
N ILE A 59 -6.58 -0.06 -3.20
CA ILE A 59 -6.90 -0.20 -1.79
C ILE A 59 -6.31 0.96 -0.97
N LEU A 60 -5.05 1.31 -1.28
CA LEU A 60 -4.38 2.40 -0.59
C LEU A 60 -4.99 3.74 -0.95
N THR A 61 -5.58 3.82 -2.15
CA THR A 61 -6.21 5.05 -2.62
C THR A 61 -7.46 5.38 -1.80
N VAL A 62 -8.25 4.35 -1.52
CA VAL A 62 -9.48 4.52 -0.76
C VAL A 62 -9.18 4.69 0.73
N LEU A 63 -8.25 3.90 1.23
CA LEU A 63 -7.87 3.96 2.64
C LEU A 63 -7.05 5.22 2.93
N ASP A 64 -6.45 5.78 1.88
CA ASP A 64 -5.65 6.98 2.02
C ASP A 64 -6.44 8.08 2.71
N PRO A 65 -7.53 8.53 2.06
CA PRO A 65 -8.40 9.59 2.60
C PRO A 65 -9.19 9.13 3.81
N MET A 66 -9.19 7.82 4.06
CA MET A 66 -9.91 7.26 5.20
C MET A 66 -9.03 7.26 6.45
N VAL A 67 -7.73 7.49 6.26
CA VAL A 67 -6.79 7.52 7.37
C VAL A 67 -7.17 8.60 8.38
N PRO A 68 -7.22 9.85 7.91
CA PRO A 68 -7.57 11.00 8.76
C PRO A 68 -9.03 10.99 9.17
N THR A 69 -9.78 10.01 8.67
CA THR A 69 -11.20 9.89 8.99
C THR A 69 -11.60 8.43 9.15
N GLY A 70 -10.79 7.66 9.85
CA GLY A 70 -11.08 6.26 10.07
C GLY A 70 -10.50 5.73 11.37
N SER A 71 -11.34 5.07 12.17
CA SER A 71 -10.90 4.52 13.45
C SER A 71 -9.63 3.69 13.27
N GLU A 72 -9.02 3.31 14.40
CA GLU A 72 -7.80 2.51 14.38
C GLU A 72 -8.01 1.23 13.57
N ASN A 73 -9.24 0.72 13.59
CA ASN A 73 -9.57 -0.51 12.86
C ASN A 73 -9.20 -0.37 11.38
N LEU A 74 -9.12 0.86 10.91
CA LEU A 74 -8.77 1.12 9.52
C LEU A 74 -7.28 1.40 9.36
N LYS A 75 -6.79 2.38 10.10
CA LYS A 75 -5.37 2.75 10.05
C LYS A 75 -4.49 1.51 10.15
N SER A 76 -4.85 0.60 11.05
CA SER A 76 -4.09 -0.63 11.24
C SER A 76 -3.89 -1.36 9.91
N LEU A 77 -4.98 -1.59 9.20
CA LEU A 77 -4.93 -2.28 7.92
C LEU A 77 -4.15 -1.46 6.89
N PHE A 78 -4.45 -0.16 6.83
CA PHE A 78 -3.77 0.73 5.89
C PHE A 78 -2.26 0.61 6.02
N ASN A 79 -1.78 0.54 7.26
CA ASN A 79 -0.35 0.43 7.52
C ASN A 79 0.21 -0.88 6.95
N THR A 80 -0.60 -1.93 7.01
CA THR A 80 -0.20 -3.23 6.50
C THR A 80 -0.17 -3.24 4.98
N VAL A 81 -1.14 -2.59 4.36
CA VAL A 81 -1.23 -2.52 2.92
C VAL A 81 0.04 -1.90 2.32
N CYS A 82 0.45 -0.76 2.87
CA CYS A 82 1.63 -0.07 2.39
C CYS A 82 2.83 -1.01 2.31
N VAL A 83 2.85 -2.00 3.21
CA VAL A 83 3.93 -2.98 3.23
C VAL A 83 3.78 -4.00 2.11
N ILE A 84 2.57 -4.49 1.92
CA ILE A 84 2.28 -5.46 0.88
C ILE A 84 2.59 -4.90 -0.50
N TRP A 85 2.00 -3.75 -0.81
CA TRP A 85 2.21 -3.11 -2.10
C TRP A 85 3.70 -2.87 -2.35
N CYS A 86 4.41 -2.44 -1.32
CA CYS A 86 5.84 -2.18 -1.44
C CYS A 86 6.58 -3.43 -1.87
N ILE A 87 6.48 -4.49 -1.06
CA ILE A 87 7.16 -5.75 -1.37
C ILE A 87 6.88 -6.17 -2.81
N HIS A 88 5.67 -5.93 -3.28
CA HIS A 88 5.28 -6.29 -4.64
C HIS A 88 5.87 -5.30 -5.65
N ALA A 89 5.89 -4.00 -5.36
CA ALA A 89 6.44 -3.02 -6.29
C ALA A 89 7.96 -3.00 -6.22
N GLU A 90 8.54 -4.04 -5.64
CA GLU A 90 9.99 -4.15 -5.52
C GLU A 90 10.53 -3.04 -4.59
N GLU A 91 9.82 -2.79 -3.50
CA GLU A 91 10.22 -1.77 -2.55
C GLU A 91 10.62 -2.40 -1.22
N LYS A 92 11.77 -1.97 -0.70
CA LYS A 92 12.28 -2.49 0.57
C LYS A 92 11.94 -1.54 1.72
N VAL A 93 11.42 -2.09 2.81
CA VAL A 93 11.07 -1.30 3.97
C VAL A 93 11.57 -1.93 5.26
N LYS A 94 12.14 -1.11 6.14
CA LYS A 94 12.67 -1.60 7.40
C LYS A 94 11.55 -1.89 8.39
N ASP A 95 10.61 -0.95 8.51
CA ASP A 95 9.48 -1.12 9.41
C ASP A 95 8.21 -0.51 8.82
N THR A 96 7.10 -0.62 9.54
CA THR A 96 5.83 -0.10 9.08
C THR A 96 5.96 1.37 8.69
N GLU A 97 6.52 2.18 9.58
CA GLU A 97 6.70 3.60 9.33
C GLU A 97 7.42 3.83 8.00
N GLY A 98 8.40 2.99 7.71
CA GLY A 98 9.15 3.10 6.47
C GLY A 98 8.29 2.85 5.25
N ALA A 99 7.37 1.91 5.35
CA ALA A 99 6.48 1.57 4.26
C ALA A 99 5.65 2.79 3.84
N LYS A 100 5.06 3.46 4.82
CA LYS A 100 4.24 4.64 4.55
C LYS A 100 5.09 5.80 4.09
N GLN A 101 6.41 5.61 4.09
CA GLN A 101 7.33 6.65 3.67
C GLN A 101 7.67 6.51 2.18
N ILE A 102 8.01 5.30 1.78
CA ILE A 102 8.35 5.02 0.38
C ILE A 102 7.12 5.13 -0.51
N VAL A 103 5.98 4.67 -0.01
CA VAL A 103 4.73 4.71 -0.76
C VAL A 103 4.29 6.15 -0.98
N ARG A 104 4.04 6.87 0.11
CA ARG A 104 3.61 8.25 0.03
C ARG A 104 4.54 9.07 -0.87
N ARG A 105 5.84 8.87 -0.69
CA ARG A 105 6.84 9.59 -1.48
C ARG A 105 6.54 9.46 -2.97
N HIS A 106 6.04 8.30 -3.37
CA HIS A 106 5.71 8.05 -4.77
C HIS A 106 4.45 8.80 -5.17
N LEU A 107 3.46 8.92 -4.30
CA LEU A 107 2.23 9.64 -4.64
C LEU A 107 2.44 11.14 -4.62
N VAL A 108 3.03 11.64 -3.53
CA VAL A 108 3.29 13.07 -3.40
C VAL A 108 4.17 13.58 -4.54
N ALA A 109 5.07 12.72 -5.02
CA ALA A 109 5.97 13.09 -6.11
C ALA A 109 5.21 13.20 -7.43
N GLU A 110 4.14 12.43 -7.55
CA GLU A 110 3.33 12.44 -8.76
C GLU A 110 2.26 13.53 -8.69
N THR A 111 1.82 13.84 -7.48
CA THR A 111 0.80 14.86 -7.26
C THR A 111 1.42 16.17 -6.80
N GLY A 112 2.66 16.42 -7.24
CA GLY A 112 3.34 17.64 -6.86
C GLY A 112 3.93 18.36 -8.05
N THR A 113 3.32 18.17 -9.22
CA THR A 113 3.79 18.82 -10.44
C THR A 113 2.79 19.85 -10.94
N ALA A 114 2.01 20.41 -10.02
CA ALA A 114 1.02 21.41 -10.36
C ALA A 114 0.92 22.48 -9.28
N GLU A 115 2.07 22.92 -8.78
CA GLU A 115 2.11 23.95 -7.74
C GLU A 115 2.58 25.28 -8.31
N LYS A 116 3.36 25.23 -9.38
CA LYS A 116 3.87 26.43 -10.02
C LYS A 116 3.05 26.78 -11.26
N MET A 117 1.78 26.40 -11.25
CA MET A 117 0.88 26.66 -12.37
C MET A 117 0.77 28.17 -12.61
N PRO A 118 0.54 28.54 -13.89
CA PRO A 118 0.39 29.95 -14.28
C PRO A 118 -0.90 30.56 -13.76
N SER A 119 -1.94 29.74 -13.66
CA SER A 119 -3.24 30.21 -13.19
C SER A 119 -3.16 30.66 -11.74
N THR A 120 -2.96 29.70 -10.83
CA THR A 120 -2.86 29.99 -9.41
C THR A 120 -1.73 30.98 -9.13
N SER A 121 -1.63 31.43 -7.88
CA SER A 121 -0.60 32.37 -7.49
C SER A 121 0.69 31.65 -7.12
N ARG A 122 1.67 32.40 -6.64
CA ARG A 122 2.96 31.83 -6.25
C ARG A 122 2.96 31.45 -4.77
N PRO A 123 3.67 30.36 -4.45
CA PRO A 123 3.77 29.87 -3.07
C PRO A 123 4.61 30.79 -2.19
N THR A 124 4.28 30.82 -0.90
CA THR A 124 5.00 31.66 0.05
C THR A 124 6.05 30.85 0.81
N ALA A 125 5.64 29.70 1.33
CA ALA A 125 6.54 28.84 2.08
C ALA A 125 7.18 29.59 3.24
N PRO A 126 6.39 29.82 4.30
CA PRO A 126 6.85 30.54 5.50
C PRO A 126 7.85 29.71 6.31
N SER A 127 7.52 28.44 6.52
CA SER A 127 8.40 27.55 7.29
C SER A 127 7.93 26.10 7.16
N SER A 128 8.84 25.17 7.41
CA SER A 128 8.52 23.75 7.33
C SER A 128 9.40 22.94 8.29
N GLU A 129 10.71 23.12 8.17
CA GLU A 129 11.66 22.41 9.02
C GLU A 129 12.69 23.36 9.61
N LYS A 130 13.63 22.83 10.38
CA LYS A 130 14.67 23.62 11.00
C LYS A 130 16.05 23.02 10.75
N GLY A 131 16.16 21.71 10.94
CA GLY A 131 17.42 21.03 10.72
C GLY A 131 17.38 19.59 11.18
N GLY A 132 18.47 19.14 11.82
CA GLY A 132 18.54 17.77 12.28
C GLY A 132 19.25 16.86 11.31
N ASN A 133 20.53 16.60 11.58
CA ASN A 133 21.34 15.74 10.71
C ASN A 133 20.64 14.40 10.48
N TYR A 134 20.42 13.65 11.56
CA TYR A 134 19.77 12.35 11.47
C TYR A 134 18.40 12.39 12.15
N GLY A 1 -5.33 -23.89 -7.55
CA GLY A 1 -5.24 -22.71 -8.39
C GLY A 1 -4.23 -22.87 -9.50
N ALA A 2 -3.44 -21.83 -9.74
CA ALA A 2 -2.43 -21.85 -10.78
C ALA A 2 -1.11 -21.27 -10.29
N ARG A 3 -0.58 -21.86 -9.21
CA ARG A 3 0.67 -21.39 -8.63
C ARG A 3 0.65 -19.89 -8.38
N ASN A 4 -0.39 -19.42 -7.71
CA ASN A 4 -0.54 -18.00 -7.42
C ASN A 4 -0.77 -17.77 -5.93
N SER A 5 0.25 -17.28 -5.25
CA SER A 5 0.16 -17.02 -3.82
C SER A 5 0.47 -15.55 -3.50
N VAL A 6 0.25 -15.16 -2.25
CA VAL A 6 0.52 -13.79 -1.83
C VAL A 6 2.01 -13.48 -1.85
N LEU A 7 2.80 -14.37 -1.28
CA LEU A 7 4.26 -14.19 -1.24
C LEU A 7 4.97 -15.50 -1.57
N ARG A 8 5.91 -15.44 -2.51
CA ARG A 8 6.67 -16.61 -2.91
C ARG A 8 7.86 -16.84 -1.96
N GLY A 9 8.72 -17.77 -2.34
CA GLY A 9 9.88 -18.07 -1.51
C GLY A 9 10.82 -16.88 -1.37
N LYS A 10 11.06 -16.19 -2.48
CA LYS A 10 11.94 -15.03 -2.47
C LYS A 10 11.28 -13.84 -1.76
N LYS A 11 9.99 -13.67 -2.01
CA LYS A 11 9.25 -12.58 -1.39
C LYS A 11 9.13 -12.79 0.13
N ALA A 12 8.95 -14.04 0.53
CA ALA A 12 8.81 -14.37 1.94
C ALA A 12 9.96 -13.77 2.75
N ASP A 13 11.16 -13.79 2.19
CA ASP A 13 12.33 -13.24 2.86
C ASP A 13 12.11 -11.78 3.22
N GLU A 14 11.51 -11.03 2.30
CA GLU A 14 11.24 -9.62 2.52
C GLU A 14 10.20 -9.42 3.64
N LEU A 15 9.19 -10.27 3.64
CA LEU A 15 8.13 -10.20 4.64
C LEU A 15 8.67 -10.47 6.03
N GLU A 16 9.38 -11.59 6.18
CA GLU A 16 9.97 -11.96 7.46
C GLU A 16 10.99 -10.92 7.92
N ARG A 17 11.43 -10.08 6.98
CA ARG A 17 12.41 -9.05 7.28
C ARG A 17 11.73 -7.81 7.84
N ILE A 18 10.59 -7.44 7.25
CA ILE A 18 9.85 -6.27 7.69
C ILE A 18 9.50 -6.36 9.17
N ARG A 19 9.84 -5.31 9.93
CA ARG A 19 9.57 -5.27 11.35
C ARG A 19 8.17 -4.71 11.62
N LEU A 20 7.46 -5.33 12.54
CA LEU A 20 6.11 -4.89 12.90
C LEU A 20 6.14 -3.46 13.42
N ARG A 21 7.13 -3.15 14.26
CA ARG A 21 7.26 -1.82 14.83
C ARG A 21 8.67 -1.28 14.63
N PRO A 22 8.81 0.06 14.69
CA PRO A 22 10.11 0.73 14.52
C PRO A 22 11.05 0.47 15.68
N GLY A 23 10.49 0.33 16.87
CA GLY A 23 11.30 0.09 18.05
C GLY A 23 11.40 -1.39 18.39
N GLY A 24 10.27 -2.09 18.31
CA GLY A 24 10.26 -3.51 18.61
C GLY A 24 11.25 -4.30 17.78
N LYS A 25 11.28 -5.61 17.97
CA LYS A 25 12.19 -6.48 17.23
C LYS A 25 11.43 -7.63 16.58
N LYS A 26 10.13 -7.45 16.40
CA LYS A 26 9.30 -8.47 15.78
C LYS A 26 9.10 -8.20 14.30
N LYS A 27 8.94 -9.27 13.52
CA LYS A 27 8.76 -9.15 12.09
C LYS A 27 7.38 -9.65 11.67
N TYR A 28 6.94 -9.26 10.48
CA TYR A 28 5.63 -9.67 9.98
C TYR A 28 5.60 -11.17 9.71
N ARG A 29 4.41 -11.76 9.84
CA ARG A 29 4.24 -13.19 9.62
C ARG A 29 2.91 -13.48 8.92
N LEU A 30 2.78 -14.69 8.40
CA LEU A 30 1.57 -15.09 7.69
C LEU A 30 0.33 -14.65 8.46
N LYS A 31 0.36 -14.82 9.77
CA LYS A 31 -0.77 -14.44 10.62
C LYS A 31 -1.24 -13.02 10.29
N HIS A 32 -0.29 -12.10 10.14
CA HIS A 32 -0.61 -10.72 9.81
C HIS A 32 -1.20 -10.61 8.41
N ILE A 33 -0.75 -11.39 7.44
CA ILE A 33 -1.29 -11.32 6.09
C ILE A 33 -2.77 -11.71 6.06
N VAL A 34 -3.13 -12.69 6.89
CA VAL A 34 -4.51 -13.16 6.97
C VAL A 34 -5.44 -12.03 7.43
N TRP A 35 -5.13 -11.45 8.58
CA TRP A 35 -5.94 -10.36 9.13
C TRP A 35 -6.24 -9.32 8.07
N ALA A 36 -5.23 -8.96 7.29
CA ALA A 36 -5.38 -7.97 6.23
C ALA A 36 -6.41 -8.43 5.20
N ALA A 37 -6.16 -9.57 4.57
CA ALA A 37 -7.06 -10.12 3.57
C ALA A 37 -8.49 -10.22 4.12
N ASN A 38 -8.60 -10.54 5.41
CA ASN A 38 -9.90 -10.67 6.05
C ASN A 38 -10.57 -9.30 6.21
N LYS A 39 -9.85 -8.38 6.83
CA LYS A 39 -10.37 -7.03 7.06
C LYS A 39 -10.97 -6.46 5.77
N LEU A 40 -10.36 -6.79 4.63
CA LEU A 40 -10.84 -6.32 3.34
C LEU A 40 -12.22 -6.90 3.03
N ASP A 41 -12.28 -8.20 2.83
CA ASP A 41 -13.53 -8.88 2.52
C ASP A 41 -14.65 -8.36 3.42
N ARG A 42 -14.37 -8.23 4.70
CA ARG A 42 -15.36 -7.75 5.67
C ARG A 42 -15.82 -6.34 5.31
N PHE A 43 -14.87 -5.41 5.29
CA PHE A 43 -15.19 -4.02 4.97
C PHE A 43 -15.93 -3.92 3.64
N GLY A 44 -15.47 -4.68 2.66
CA GLY A 44 -16.10 -4.67 1.35
C GLY A 44 -15.11 -4.83 0.22
N LEU A 45 -13.82 -4.77 0.56
CA LEU A 45 -12.76 -4.92 -0.44
C LEU A 45 -12.36 -6.37 -0.61
N ALA A 46 -11.75 -6.69 -1.75
CA ALA A 46 -11.32 -8.04 -2.04
C ALA A 46 -10.06 -8.39 -1.26
N GLU A 47 -9.62 -9.64 -1.36
CA GLU A 47 -8.41 -10.09 -0.67
C GLU A 47 -7.38 -10.60 -1.66
N SER A 48 -7.84 -11.13 -2.78
CA SER A 48 -6.95 -11.66 -3.81
C SER A 48 -6.21 -10.53 -4.51
N LEU A 49 -6.61 -9.30 -4.24
CA LEU A 49 -5.99 -8.13 -4.84
C LEU A 49 -4.70 -7.77 -4.12
N LEU A 50 -4.34 -8.58 -3.13
CA LEU A 50 -3.11 -8.35 -2.36
C LEU A 50 -1.92 -9.05 -3.01
N GLU A 51 -2.20 -9.86 -4.02
CA GLU A 51 -1.14 -10.57 -4.73
C GLU A 51 -0.45 -9.68 -5.74
N SER A 52 -1.22 -8.79 -6.36
CA SER A 52 -0.69 -7.88 -7.36
C SER A 52 -0.51 -6.48 -6.77
N LYS A 53 0.40 -5.71 -7.35
CA LYS A 53 0.68 -4.35 -6.88
C LYS A 53 -0.44 -3.40 -7.30
N GLU A 54 -0.97 -3.60 -8.51
CA GLU A 54 -2.04 -2.76 -9.03
C GLU A 54 -3.26 -2.83 -8.12
N GLY A 55 -3.67 -4.04 -7.77
CA GLY A 55 -4.83 -4.22 -6.91
C GLY A 55 -4.69 -3.49 -5.59
N CYS A 56 -3.48 -3.48 -5.05
CA CYS A 56 -3.21 -2.80 -3.78
C CYS A 56 -3.33 -1.29 -3.94
N GLN A 57 -3.04 -0.80 -5.14
CA GLN A 57 -3.10 0.64 -5.42
C GLN A 57 -4.50 1.18 -5.18
N LYS A 58 -5.50 0.35 -5.45
CA LYS A 58 -6.89 0.74 -5.26
C LYS A 58 -7.28 0.67 -3.78
N ILE A 59 -6.50 -0.06 -3.01
CA ILE A 59 -6.76 -0.22 -1.58
C ILE A 59 -6.11 0.91 -0.78
N LEU A 60 -5.00 1.43 -1.29
CA LEU A 60 -4.28 2.52 -0.63
C LEU A 60 -4.93 3.86 -0.93
N THR A 61 -5.60 3.95 -2.07
CA THR A 61 -6.27 5.19 -2.47
C THR A 61 -7.55 5.40 -1.67
N VAL A 62 -8.26 4.31 -1.40
CA VAL A 62 -9.51 4.38 -0.63
C VAL A 62 -9.23 4.62 0.85
N LEU A 63 -8.25 3.89 1.39
CA LEU A 63 -7.88 4.03 2.79
C LEU A 63 -7.11 5.31 3.03
N ASP A 64 -6.55 5.86 1.97
CA ASP A 64 -5.78 7.11 2.07
C ASP A 64 -6.59 8.19 2.76
N PRO A 65 -7.73 8.57 2.16
CA PRO A 65 -8.61 9.60 2.71
C PRO A 65 -9.33 9.14 3.97
N MET A 66 -9.25 7.85 4.25
CA MET A 66 -9.89 7.28 5.42
C MET A 66 -8.96 7.34 6.63
N VAL A 67 -7.67 7.50 6.36
CA VAL A 67 -6.68 7.57 7.43
C VAL A 67 -7.01 8.68 8.43
N PRO A 68 -7.11 9.90 7.92
CA PRO A 68 -7.43 11.08 8.75
C PRO A 68 -8.87 11.06 9.25
N THR A 69 -9.61 10.02 8.87
CA THR A 69 -11.00 9.88 9.28
C THR A 69 -11.41 8.42 9.33
N GLY A 70 -10.67 7.62 10.09
CA GLY A 70 -10.98 6.20 10.21
C GLY A 70 -10.50 5.61 11.52
N SER A 71 -11.31 4.72 12.08
CA SER A 71 -10.96 4.07 13.35
C SER A 71 -9.61 3.37 13.25
N GLU A 72 -9.12 2.90 14.40
CA GLU A 72 -7.84 2.21 14.44
C GLU A 72 -7.83 1.01 13.50
N ASN A 73 -8.95 0.30 13.45
CA ASN A 73 -9.08 -0.87 12.60
C ASN A 73 -8.83 -0.51 11.13
N LEU A 74 -9.00 0.77 10.82
CA LEU A 74 -8.80 1.25 9.46
C LEU A 74 -7.36 1.72 9.25
N LYS A 75 -6.71 2.11 10.34
CA LYS A 75 -5.33 2.58 10.29
C LYS A 75 -4.37 1.41 10.14
N SER A 76 -4.63 0.34 10.88
CA SER A 76 -3.79 -0.85 10.82
C SER A 76 -3.75 -1.43 9.41
N LEU A 77 -4.90 -1.48 8.76
CA LEU A 77 -5.00 -2.02 7.41
C LEU A 77 -4.16 -1.19 6.44
N PHE A 78 -4.31 0.12 6.51
CA PHE A 78 -3.57 1.03 5.64
C PHE A 78 -2.06 0.83 5.81
N ASN A 79 -1.64 0.62 7.06
CA ASN A 79 -0.23 0.41 7.35
C ASN A 79 0.27 -0.92 6.81
N THR A 80 -0.59 -1.94 6.90
CA THR A 80 -0.24 -3.27 6.41
C THR A 80 -0.19 -3.30 4.88
N VAL A 81 -1.14 -2.62 4.25
CA VAL A 81 -1.19 -2.57 2.79
C VAL A 81 0.09 -1.98 2.21
N CYS A 82 0.52 -0.86 2.76
CA CYS A 82 1.73 -0.19 2.30
C CYS A 82 2.90 -1.16 2.25
N VAL A 83 2.87 -2.17 3.13
CA VAL A 83 3.93 -3.16 3.19
C VAL A 83 3.79 -4.17 2.05
N ILE A 84 2.57 -4.64 1.81
CA ILE A 84 2.31 -5.60 0.76
C ILE A 84 2.62 -5.01 -0.62
N TRP A 85 2.02 -3.85 -0.91
CA TRP A 85 2.24 -3.18 -2.18
C TRP A 85 3.73 -2.96 -2.44
N CYS A 86 4.46 -2.62 -1.39
CA CYS A 86 5.89 -2.39 -1.50
C CYS A 86 6.62 -3.65 -1.97
N ILE A 87 6.44 -4.73 -1.24
CA ILE A 87 7.08 -6.00 -1.58
C ILE A 87 6.85 -6.34 -3.04
N HIS A 88 5.67 -6.04 -3.55
CA HIS A 88 5.33 -6.32 -4.93
C HIS A 88 5.93 -5.26 -5.86
N ALA A 89 5.89 -3.97 -5.51
CA ALA A 89 6.46 -2.93 -6.36
C ALA A 89 7.98 -2.97 -6.33
N GLU A 90 8.53 -3.93 -5.59
CA GLU A 90 9.98 -4.06 -5.48
C GLU A 90 10.56 -2.97 -4.58
N GLU A 91 9.86 -2.67 -3.49
CA GLU A 91 10.30 -1.63 -2.56
C GLU A 91 10.75 -2.26 -1.25
N LYS A 92 11.94 -1.87 -0.79
CA LYS A 92 12.48 -2.38 0.46
C LYS A 92 12.08 -1.49 1.64
N VAL A 93 11.60 -2.12 2.71
CA VAL A 93 11.19 -1.38 3.90
C VAL A 93 11.70 -2.05 5.17
N LYS A 94 12.16 -1.24 6.12
CA LYS A 94 12.67 -1.76 7.37
C LYS A 94 11.54 -2.07 8.35
N ASP A 95 10.59 -1.15 8.44
CA ASP A 95 9.44 -1.32 9.34
C ASP A 95 8.18 -0.73 8.72
N THR A 96 7.07 -0.82 9.45
CA THR A 96 5.79 -0.31 8.97
C THR A 96 5.89 1.17 8.64
N GLU A 97 6.32 1.97 9.62
CA GLU A 97 6.47 3.40 9.43
C GLU A 97 7.24 3.71 8.16
N GLY A 98 8.30 2.93 7.90
CA GLY A 98 9.11 3.14 6.72
C GLY A 98 8.34 2.91 5.44
N ALA A 99 7.45 1.92 5.45
CA ALA A 99 6.65 1.60 4.28
C ALA A 99 5.82 2.80 3.85
N LYS A 100 5.10 3.40 4.80
CA LYS A 100 4.26 4.55 4.52
C LYS A 100 5.11 5.76 4.11
N GLN A 101 6.43 5.62 4.23
CA GLN A 101 7.35 6.69 3.88
C GLN A 101 7.74 6.62 2.42
N ILE A 102 8.16 5.42 1.98
CA ILE A 102 8.56 5.22 0.60
C ILE A 102 7.37 5.32 -0.35
N VAL A 103 6.24 4.76 0.08
CA VAL A 103 5.03 4.78 -0.73
C VAL A 103 4.51 6.20 -0.92
N ARG A 104 4.20 6.86 0.20
CA ARG A 104 3.71 8.23 0.16
C ARG A 104 4.60 9.11 -0.69
N ARG A 105 5.92 8.94 -0.54
CA ARG A 105 6.88 9.73 -1.30
C ARG A 105 6.55 9.68 -2.79
N HIS A 106 6.07 8.54 -3.26
CA HIS A 106 5.72 8.37 -4.66
C HIS A 106 4.38 9.02 -4.97
N LEU A 107 3.47 9.14 -4.01
CA LEU A 107 2.17 9.76 -4.26
C LEU A 107 2.27 11.28 -4.24
N VAL A 108 2.95 11.80 -3.22
CA VAL A 108 3.12 13.25 -3.10
C VAL A 108 3.80 13.83 -4.32
N ALA A 109 4.60 13.01 -5.00
CA ALA A 109 5.31 13.44 -6.19
C ALA A 109 4.37 13.56 -7.38
N GLU A 110 3.35 12.69 -7.40
CA GLU A 110 2.39 12.69 -8.49
C GLU A 110 1.31 13.75 -8.27
N THR A 111 1.05 14.07 -7.00
CA THR A 111 0.04 15.07 -6.65
C THR A 111 0.67 16.45 -6.57
N GLY A 112 1.96 16.51 -6.28
CA GLY A 112 2.65 17.78 -6.19
C GLY A 112 2.72 18.51 -7.51
N THR A 113 2.67 17.76 -8.61
CA THR A 113 2.73 18.33 -9.94
C THR A 113 1.34 18.53 -10.52
N ALA A 114 0.35 18.67 -9.64
CA ALA A 114 -1.03 18.88 -10.07
C ALA A 114 -1.88 19.41 -8.92
N GLU A 115 -1.26 20.21 -8.05
CA GLU A 115 -1.97 20.78 -6.91
C GLU A 115 -1.12 21.87 -6.25
N LYS A 116 -0.92 22.97 -6.96
CA LYS A 116 -0.13 24.08 -6.44
C LYS A 116 -1.04 25.18 -5.89
N MET A 117 -2.20 24.78 -5.38
CA MET A 117 -3.16 25.74 -4.83
C MET A 117 -3.75 25.22 -3.53
N PRO A 118 -2.89 25.08 -2.50
CA PRO A 118 -3.31 24.59 -1.18
C PRO A 118 -4.18 25.60 -0.45
N SER A 119 -4.69 25.19 0.71
CA SER A 119 -5.55 26.05 1.52
C SER A 119 -5.14 26.02 2.98
N THR A 120 -3.86 25.73 3.23
CA THR A 120 -3.34 25.67 4.58
C THR A 120 -1.82 25.84 4.60
N SER A 121 -1.25 25.97 5.80
CA SER A 121 0.18 26.16 5.94
C SER A 121 0.92 24.82 5.77
N ARG A 122 1.74 24.74 4.74
CA ARG A 122 2.50 23.52 4.46
C ARG A 122 3.55 23.28 5.55
N PRO A 123 3.82 22.00 5.82
CA PRO A 123 4.80 21.60 6.84
C PRO A 123 6.23 21.91 6.41
N THR A 124 7.17 21.76 7.35
CA THR A 124 8.57 22.02 7.07
C THR A 124 9.48 21.14 7.92
N ALA A 125 10.58 20.69 7.34
CA ALA A 125 11.53 19.84 8.05
C ALA A 125 12.95 20.39 7.93
N PRO A 126 13.78 20.10 8.95
CA PRO A 126 15.18 20.56 8.99
C PRO A 126 16.04 19.86 7.95
N SER A 127 17.33 20.20 7.93
CA SER A 127 18.26 19.60 6.99
C SER A 127 19.71 19.81 7.43
N SER A 128 20.42 18.71 7.64
CA SER A 128 21.81 18.79 8.08
C SER A 128 22.53 17.48 7.80
N GLU A 129 23.61 17.56 7.03
CA GLU A 129 24.39 16.38 6.69
C GLU A 129 25.71 16.35 7.46
N LYS A 130 25.82 15.42 8.41
CA LYS A 130 27.02 15.29 9.22
C LYS A 130 27.15 13.88 9.78
N GLY A 131 28.29 13.59 10.39
CA GLY A 131 28.52 12.26 10.96
C GLY A 131 29.90 11.75 10.67
N GLY A 132 30.74 11.66 11.70
CA GLY A 132 32.10 11.18 11.54
C GLY A 132 32.21 9.68 11.78
N ASN A 133 31.38 8.91 11.09
CA ASN A 133 31.39 7.46 11.22
C ASN A 133 32.44 6.83 10.32
N TYR A 134 32.56 5.51 10.40
CA TYR A 134 33.54 4.79 9.58
C TYR A 134 32.88 4.22 8.33
N GLY A 1 -10.44 -20.07 -8.47
CA GLY A 1 -9.20 -20.68 -8.03
C GLY A 1 -8.04 -19.70 -8.05
N ALA A 2 -6.82 -20.23 -8.07
CA ALA A 2 -5.63 -19.39 -8.08
C ALA A 2 -4.41 -20.18 -8.57
N ARG A 3 -3.49 -19.48 -9.22
CA ARG A 3 -2.28 -20.12 -9.74
C ARG A 3 -1.15 -20.03 -8.73
N ASN A 4 -0.96 -18.84 -8.16
CA ASN A 4 0.10 -18.62 -7.17
C ASN A 4 -0.45 -17.93 -5.92
N SER A 5 0.34 -17.91 -4.87
CA SER A 5 -0.06 -17.28 -3.61
C SER A 5 0.30 -15.80 -3.60
N VAL A 6 0.00 -15.12 -2.50
CA VAL A 6 0.29 -13.71 -2.36
C VAL A 6 1.79 -13.46 -2.36
N LEU A 7 2.52 -14.23 -1.55
CA LEU A 7 3.97 -14.09 -1.46
C LEU A 7 4.66 -15.43 -1.75
N ARG A 8 5.65 -15.39 -2.64
CA ARG A 8 6.40 -16.60 -2.98
C ARG A 8 7.50 -16.88 -1.97
N GLY A 9 8.38 -17.81 -2.30
CA GLY A 9 9.47 -18.16 -1.41
C GLY A 9 10.46 -17.02 -1.23
N LYS A 10 10.79 -16.36 -2.33
CA LYS A 10 11.73 -15.24 -2.29
C LYS A 10 11.09 -14.01 -1.66
N LYS A 11 9.77 -13.94 -1.74
CA LYS A 11 9.03 -12.81 -1.17
C LYS A 11 8.79 -13.01 0.31
N ALA A 12 8.45 -14.24 0.70
CA ALA A 12 8.21 -14.56 2.10
C ALA A 12 9.34 -14.08 2.98
N ASP A 13 10.57 -14.17 2.48
CA ASP A 13 11.74 -13.74 3.23
C ASP A 13 11.66 -12.25 3.56
N GLU A 14 11.59 -11.42 2.53
CA GLU A 14 11.51 -9.98 2.71
C GLU A 14 10.45 -9.62 3.75
N LEU A 15 9.37 -10.40 3.78
CA LEU A 15 8.29 -10.16 4.72
C LEU A 15 8.76 -10.36 6.15
N GLU A 16 9.36 -11.51 6.43
CA GLU A 16 9.86 -11.82 7.76
C GLU A 16 10.94 -10.82 8.18
N ARG A 17 11.51 -10.14 7.20
CA ARG A 17 12.56 -9.16 7.47
C ARG A 17 11.96 -7.83 7.93
N ILE A 18 10.78 -7.52 7.42
CA ILE A 18 10.10 -6.27 7.78
C ILE A 18 9.70 -6.29 9.25
N ARG A 19 10.04 -5.22 9.95
CA ARG A 19 9.72 -5.10 11.37
C ARG A 19 8.40 -4.36 11.57
N LEU A 20 7.56 -4.88 12.46
CA LEU A 20 6.26 -4.26 12.74
C LEU A 20 6.44 -2.83 13.24
N ARG A 21 7.47 -2.62 14.05
CA ARG A 21 7.74 -1.29 14.60
C ARG A 21 9.17 -0.86 14.28
N PRO A 22 9.42 0.45 14.37
CA PRO A 22 10.75 1.03 14.09
C PRO A 22 11.77 0.66 15.15
N GLY A 23 11.30 0.52 16.39
CA GLY A 23 12.19 0.17 17.49
C GLY A 23 11.77 -1.09 18.21
N GLY A 24 11.19 -2.03 17.46
CA GLY A 24 10.73 -3.27 18.05
C GLY A 24 11.59 -4.45 17.64
N LYS A 25 11.16 -5.65 18.02
CA LYS A 25 11.90 -6.87 17.69
C LYS A 25 10.98 -7.90 17.07
N LYS A 26 9.81 -7.45 16.61
CA LYS A 26 8.84 -8.35 15.99
C LYS A 26 8.65 -8.00 14.52
N LYS A 27 8.69 -9.02 13.66
CA LYS A 27 8.52 -8.82 12.23
C LYS A 27 7.19 -9.39 11.75
N TYR A 28 6.76 -8.96 10.57
CA TYR A 28 5.50 -9.43 10.00
C TYR A 28 5.54 -10.94 9.75
N ARG A 29 4.37 -11.58 9.83
CA ARG A 29 4.27 -13.01 9.60
C ARG A 29 2.99 -13.35 8.86
N LEU A 30 2.91 -14.60 8.38
CA LEU A 30 1.73 -15.05 7.64
C LEU A 30 0.45 -14.66 8.36
N LYS A 31 0.49 -14.73 9.70
CA LYS A 31 -0.67 -14.37 10.51
C LYS A 31 -1.21 -13.00 10.13
N HIS A 32 -0.30 -12.04 9.99
CA HIS A 32 -0.68 -10.67 9.62
C HIS A 32 -1.28 -10.63 8.21
N ILE A 33 -0.82 -11.46 7.28
CA ILE A 33 -1.36 -11.45 5.93
C ILE A 33 -2.82 -11.90 5.93
N VAL A 34 -3.14 -12.86 6.78
CA VAL A 34 -4.50 -13.37 6.87
C VAL A 34 -5.47 -12.28 7.34
N TRP A 35 -5.13 -11.64 8.46
CA TRP A 35 -5.97 -10.58 9.01
C TRP A 35 -6.34 -9.57 7.94
N ALA A 36 -5.35 -9.16 7.16
CA ALA A 36 -5.57 -8.19 6.09
C ALA A 36 -6.58 -8.71 5.07
N ALA A 37 -6.22 -9.81 4.42
CA ALA A 37 -7.10 -10.42 3.42
C ALA A 37 -8.49 -10.67 3.98
N ASN A 38 -8.55 -10.99 5.28
CA ASN A 38 -9.82 -11.26 5.93
C ASN A 38 -10.66 -9.98 6.05
N LYS A 39 -10.08 -8.96 6.67
CA LYS A 39 -10.77 -7.69 6.86
C LYS A 39 -11.35 -7.19 5.53
N LEU A 40 -10.67 -7.53 4.43
CA LEU A 40 -11.12 -7.12 3.11
C LEU A 40 -12.45 -7.77 2.75
N ASP A 41 -12.43 -9.10 2.59
CA ASP A 41 -13.65 -9.83 2.25
C ASP A 41 -14.80 -9.41 3.16
N ARG A 42 -14.52 -9.25 4.44
CA ARG A 42 -15.55 -8.85 5.41
C ARG A 42 -16.08 -7.45 5.08
N PHE A 43 -15.20 -6.45 5.15
CA PHE A 43 -15.59 -5.08 4.87
C PHE A 43 -16.35 -4.99 3.55
N GLY A 44 -15.83 -5.64 2.52
CA GLY A 44 -16.48 -5.63 1.22
C GLY A 44 -15.49 -5.78 0.08
N LEU A 45 -14.22 -5.58 0.37
CA LEU A 45 -13.17 -5.68 -0.64
C LEU A 45 -12.74 -7.13 -0.83
N ALA A 46 -12.19 -7.43 -1.99
CA ALA A 46 -11.74 -8.78 -2.30
C ALA A 46 -10.22 -8.90 -2.13
N GLU A 47 -9.71 -10.13 -2.25
CA GLU A 47 -8.28 -10.37 -2.11
C GLU A 47 -7.56 -10.18 -3.44
N SER A 48 -8.29 -9.66 -4.43
CA SER A 48 -7.72 -9.43 -5.75
C SER A 48 -6.73 -8.27 -5.73
N LEU A 49 -6.64 -7.61 -4.58
CA LEU A 49 -5.72 -6.48 -4.42
C LEU A 49 -4.59 -6.83 -3.47
N LEU A 50 -4.13 -8.08 -3.54
CA LEU A 50 -3.04 -8.55 -2.69
C LEU A 50 -1.95 -9.22 -3.52
N GLU A 51 -2.36 -9.90 -4.58
CA GLU A 51 -1.42 -10.59 -5.45
C GLU A 51 -0.69 -9.61 -6.36
N SER A 52 -1.46 -8.74 -7.03
CA SER A 52 -0.89 -7.75 -7.93
C SER A 52 -0.67 -6.42 -7.20
N LYS A 53 0.52 -5.84 -7.39
CA LYS A 53 0.85 -4.57 -6.75
C LYS A 53 -0.12 -3.47 -7.18
N GLU A 54 -0.56 -3.53 -8.43
CA GLU A 54 -1.49 -2.54 -8.97
C GLU A 54 -2.80 -2.54 -8.17
N GLY A 55 -3.22 -3.73 -7.75
CA GLY A 55 -4.45 -3.85 -6.98
C GLY A 55 -4.34 -3.24 -5.60
N CYS A 56 -3.22 -3.51 -4.94
CA CYS A 56 -2.99 -2.99 -3.59
C CYS A 56 -3.14 -1.48 -3.56
N GLN A 57 -2.92 -0.84 -4.70
CA GLN A 57 -3.03 0.61 -4.81
C GLN A 57 -4.48 1.05 -4.72
N LYS A 58 -5.39 0.17 -5.15
CA LYS A 58 -6.82 0.48 -5.11
C LYS A 58 -7.34 0.49 -3.68
N ILE A 59 -6.55 -0.08 -2.77
CA ILE A 59 -6.94 -0.13 -1.36
C ILE A 59 -6.45 1.11 -0.61
N LEU A 60 -5.17 1.42 -0.75
CA LEU A 60 -4.59 2.57 -0.10
C LEU A 60 -5.29 3.86 -0.51
N THR A 61 -5.81 3.87 -1.74
CA THR A 61 -6.51 5.03 -2.26
C THR A 61 -7.84 5.25 -1.54
N VAL A 62 -8.52 4.15 -1.22
CA VAL A 62 -9.79 4.22 -0.51
C VAL A 62 -9.59 4.59 0.96
N LEU A 63 -8.66 3.92 1.61
CA LEU A 63 -8.37 4.18 3.02
C LEU A 63 -7.59 5.49 3.18
N ASP A 64 -7.03 5.97 2.08
CA ASP A 64 -6.25 7.21 2.11
C ASP A 64 -7.05 8.33 2.75
N PRO A 65 -8.18 8.71 2.11
CA PRO A 65 -9.06 9.77 2.61
C PRO A 65 -9.79 9.37 3.89
N MET A 66 -9.65 8.10 4.27
CA MET A 66 -10.30 7.60 5.47
C MET A 66 -9.34 7.62 6.66
N VAL A 67 -8.05 7.76 6.37
CA VAL A 67 -7.03 7.80 7.41
C VAL A 67 -7.21 9.02 8.31
N PRO A 68 -7.20 10.22 7.70
CA PRO A 68 -7.36 11.48 8.43
C PRO A 68 -8.77 11.66 8.97
N THR A 69 -9.61 10.64 8.78
CA THR A 69 -10.99 10.69 9.25
C THR A 69 -11.51 9.29 9.57
N GLY A 70 -10.63 8.46 10.12
CA GLY A 70 -11.02 7.10 10.47
C GLY A 70 -10.43 6.65 11.79
N SER A 71 -11.10 5.72 12.45
CA SER A 71 -10.63 5.21 13.73
C SER A 71 -9.38 4.37 13.56
N GLU A 72 -8.84 3.88 14.68
CA GLU A 72 -7.63 3.07 14.65
C GLU A 72 -7.87 1.77 13.88
N ASN A 73 -9.08 1.24 13.98
CA ASN A 73 -9.44 0.00 13.30
C ASN A 73 -9.21 0.13 11.79
N LEU A 74 -9.19 1.37 11.30
CA LEU A 74 -8.98 1.63 9.88
C LEU A 74 -7.53 1.99 9.61
N LYS A 75 -6.79 2.32 10.67
CA LYS A 75 -5.38 2.68 10.54
C LYS A 75 -4.50 1.44 10.48
N SER A 76 -4.91 0.39 11.19
CA SER A 76 -4.16 -0.86 11.22
C SER A 76 -4.25 -1.57 9.87
N LEU A 77 -5.45 -1.66 9.33
CA LEU A 77 -5.68 -2.32 8.05
C LEU A 77 -5.09 -1.50 6.90
N PHE A 78 -4.84 -0.22 7.17
CA PHE A 78 -4.27 0.67 6.16
C PHE A 78 -2.75 0.60 6.16
N ASN A 79 -2.17 0.53 7.35
CA ASN A 79 -0.71 0.44 7.49
C ASN A 79 -0.19 -0.89 6.97
N THR A 80 -1.01 -1.93 7.10
CA THR A 80 -0.63 -3.26 6.64
C THR A 80 -0.60 -3.34 5.12
N VAL A 81 -1.53 -2.65 4.47
CA VAL A 81 -1.61 -2.62 3.01
C VAL A 81 -0.29 -2.16 2.40
N CYS A 82 0.14 -0.96 2.79
CA CYS A 82 1.37 -0.40 2.27
C CYS A 82 2.49 -1.43 2.28
N VAL A 83 2.60 -2.18 3.38
CA VAL A 83 3.63 -3.21 3.51
C VAL A 83 3.54 -4.21 2.37
N ILE A 84 2.34 -4.68 2.08
CA ILE A 84 2.13 -5.64 1.00
C ILE A 84 2.52 -5.04 -0.35
N TRP A 85 2.00 -3.86 -0.65
CA TRP A 85 2.30 -3.19 -1.91
C TRP A 85 3.80 -3.01 -2.08
N CYS A 86 4.49 -2.73 -0.99
CA CYS A 86 5.93 -2.52 -1.02
C CYS A 86 6.65 -3.79 -1.50
N ILE A 87 6.37 -4.91 -0.86
CA ILE A 87 6.98 -6.18 -1.22
C ILE A 87 6.90 -6.41 -2.73
N HIS A 88 5.74 -6.11 -3.30
CA HIS A 88 5.53 -6.28 -4.74
C HIS A 88 6.14 -5.12 -5.52
N ALA A 89 6.10 -3.90 -5.00
CA ALA A 89 6.67 -2.75 -5.72
C ALA A 89 8.17 -2.93 -5.91
N GLU A 90 8.76 -3.88 -5.19
CA GLU A 90 10.19 -4.13 -5.28
C GLU A 90 10.99 -3.03 -4.59
N GLU A 91 10.51 -2.60 -3.43
CA GLU A 91 11.18 -1.54 -2.67
C GLU A 91 11.78 -2.10 -1.39
N LYS A 92 12.99 -1.66 -1.06
CA LYS A 92 13.66 -2.10 0.15
C LYS A 92 13.18 -1.32 1.37
N VAL A 93 12.75 -2.04 2.39
CA VAL A 93 12.26 -1.42 3.63
C VAL A 93 12.84 -2.10 4.86
N LYS A 94 12.83 -1.39 5.98
CA LYS A 94 13.35 -1.92 7.23
C LYS A 94 12.22 -2.21 8.22
N ASP A 95 11.22 -1.34 8.22
CA ASP A 95 10.07 -1.50 9.12
C ASP A 95 8.82 -0.88 8.51
N THR A 96 7.71 -0.97 9.23
CA THR A 96 6.44 -0.42 8.77
C THR A 96 6.59 1.05 8.40
N GLU A 97 7.10 1.84 9.33
CA GLU A 97 7.28 3.26 9.11
C GLU A 97 8.03 3.52 7.80
N GLY A 98 9.10 2.77 7.58
CA GLY A 98 9.89 2.93 6.37
C GLY A 98 9.10 2.55 5.13
N ALA A 99 8.30 1.50 5.24
CA ALA A 99 7.50 1.04 4.11
C ALA A 99 6.54 2.12 3.62
N LYS A 100 5.71 2.62 4.54
CA LYS A 100 4.74 3.66 4.20
C LYS A 100 5.44 4.84 3.52
N GLN A 101 6.52 5.32 4.12
CA GLN A 101 7.27 6.43 3.56
C GLN A 101 7.49 6.25 2.06
N ILE A 102 7.88 5.04 1.68
CA ILE A 102 8.14 4.73 0.27
C ILE A 102 6.87 4.87 -0.56
N VAL A 103 5.74 4.40 -0.01
CA VAL A 103 4.46 4.46 -0.70
C VAL A 103 4.02 5.91 -0.88
N ARG A 104 3.77 6.60 0.24
CA ARG A 104 3.34 7.99 0.21
C ARG A 104 4.26 8.82 -0.66
N ARG A 105 5.56 8.56 -0.56
CA ARG A 105 6.55 9.30 -1.35
C ARG A 105 6.17 9.30 -2.82
N HIS A 106 5.75 8.14 -3.33
CA HIS A 106 5.36 8.02 -4.73
C HIS A 106 3.99 8.63 -4.97
N LEU A 107 3.06 8.58 -4.02
CA LEU A 107 1.73 9.15 -4.19
C LEU A 107 1.81 10.67 -4.23
N VAL A 108 2.68 11.24 -3.40
CA VAL A 108 2.85 12.69 -3.33
C VAL A 108 3.34 13.25 -4.66
N ALA A 109 4.20 12.50 -5.34
CA ALA A 109 4.74 12.92 -6.62
C ALA A 109 3.67 12.85 -7.71
N GLU A 110 2.69 11.98 -7.52
CA GLU A 110 1.61 11.82 -8.49
C GLU A 110 0.53 12.87 -8.28
N THR A 111 0.30 13.22 -7.01
CA THR A 111 -0.72 14.21 -6.66
C THR A 111 -0.09 15.59 -6.46
N GLY A 112 1.06 15.81 -7.09
CA GLY A 112 1.75 17.08 -6.96
C GLY A 112 2.20 17.63 -8.28
N THR A 113 1.59 17.15 -9.36
CA THR A 113 1.94 17.61 -10.71
C THR A 113 0.74 18.20 -11.42
N ALA A 114 -0.20 18.73 -10.65
CA ALA A 114 -1.40 19.34 -11.21
C ALA A 114 -1.24 20.85 -11.36
N GLU A 115 0.01 21.30 -11.50
CA GLU A 115 0.31 22.71 -11.65
C GLU A 115 0.59 23.06 -13.11
N LYS A 116 0.03 22.28 -14.02
CA LYS A 116 0.23 22.49 -15.45
C LYS A 116 -1.10 22.81 -16.14
N MET A 117 -2.19 22.27 -15.60
CA MET A 117 -3.51 22.50 -16.16
C MET A 117 -3.61 21.93 -17.58
N PRO A 118 -4.85 21.69 -18.04
CA PRO A 118 -5.11 21.15 -19.37
C PRO A 118 -4.78 22.15 -20.48
N SER A 119 -4.17 21.66 -21.55
CA SER A 119 -3.79 22.51 -22.67
C SER A 119 -4.73 22.28 -23.86
N THR A 120 -4.64 23.16 -24.85
CA THR A 120 -5.47 23.05 -26.05
C THR A 120 -4.83 22.13 -27.08
N SER A 121 -5.67 21.37 -27.78
CA SER A 121 -5.19 20.44 -28.80
C SER A 121 -6.35 19.87 -29.60
N ARG A 122 -6.09 19.56 -30.87
CA ARG A 122 -7.10 19.00 -31.75
C ARG A 122 -6.69 17.64 -32.27
N PRO A 123 -7.69 16.76 -32.48
CA PRO A 123 -7.45 15.40 -32.99
C PRO A 123 -6.99 15.39 -34.44
N THR A 124 -6.53 14.23 -34.90
CA THR A 124 -6.07 14.09 -36.27
C THR A 124 -7.20 13.62 -37.19
N ALA A 125 -6.93 13.62 -38.50
CA ALA A 125 -7.92 13.20 -39.48
C ALA A 125 -7.25 12.81 -40.79
N PRO A 126 -7.95 11.97 -41.57
CA PRO A 126 -7.45 11.51 -42.87
C PRO A 126 -7.41 12.62 -43.91
N SER A 127 -7.10 12.25 -45.16
CA SER A 127 -7.03 13.21 -46.24
C SER A 127 -7.17 12.53 -47.60
N SER A 128 -7.36 13.32 -48.65
CA SER A 128 -7.52 12.79 -49.99
C SER A 128 -7.37 13.89 -51.03
N GLU A 129 -6.20 13.95 -51.67
CA GLU A 129 -5.94 14.96 -52.69
C GLU A 129 -5.55 14.30 -54.01
N LYS A 130 -4.58 13.40 -53.95
CA LYS A 130 -4.10 12.70 -55.14
C LYS A 130 -4.64 11.27 -55.17
N GLY A 131 -5.28 10.91 -56.28
CA GLY A 131 -5.83 9.57 -56.43
C GLY A 131 -5.69 9.04 -57.84
N GLY A 132 -6.81 9.00 -58.56
CA GLY A 132 -6.79 8.50 -59.93
C GLY A 132 -7.72 9.27 -60.84
N ASN A 133 -7.74 8.89 -62.11
CA ASN A 133 -8.59 9.56 -63.09
C ASN A 133 -9.73 8.63 -63.54
N TYR A 134 -10.50 9.10 -64.51
CA TYR A 134 -11.63 8.32 -65.04
C TYR A 134 -11.14 6.99 -65.60
#